data_2M0V
#
_entry.id   2M0V
#
loop_
_entity.id
_entity.type
_entity.pdbx_description
1 polymer 'Na(+)/H(+) exchange regulatory cofactor NHE-RF1'
2 polymer 'C-terminal CFTR peptide'
#
loop_
_entity_poly.entity_id
_entity_poly.type
_entity_poly.pdbx_seq_one_letter_code
_entity_poly.pdbx_strand_id
1 'polypeptide(L)'
;GIDPFTMLRPRLCTMKKGPSGYGFNLHSDKSKPGQFIRSVDPDSPAEASGLRAQDRIVEVNGVCMEGKQHGDVVSAIRAG
GDETKLLVVDRETDEFFKKCRVIPSQEHLNGPLPVPFTNGEIQKENSR
;
A
2 'polypeptide(L)' QDTRL B
#
# COMPACT_ATOMS: atom_id res chain seq x y z
N GLY A 1 -24.71 -13.38 -5.39
CA GLY A 1 -24.92 -12.01 -4.88
C GLY A 1 -23.74 -11.11 -5.22
N ILE A 2 -23.67 -9.97 -4.56
CA ILE A 2 -22.55 -9.06 -4.74
C ILE A 2 -21.48 -9.32 -3.70
N ASP A 3 -20.24 -9.44 -4.16
CA ASP A 3 -19.13 -9.72 -3.27
C ASP A 3 -18.31 -8.45 -3.02
N PRO A 4 -18.23 -8.02 -1.75
CA PRO A 4 -17.61 -6.74 -1.38
C PRO A 4 -16.13 -6.66 -1.73
N PHE A 5 -15.47 -7.81 -1.81
CA PHE A 5 -14.03 -7.83 -2.07
C PHE A 5 -13.71 -8.73 -3.26
N THR A 6 -14.59 -8.78 -4.24
CA THR A 6 -14.32 -9.54 -5.45
C THR A 6 -13.36 -8.77 -6.35
N MET A 7 -13.37 -7.44 -6.19
CA MET A 7 -12.39 -6.58 -6.83
C MET A 7 -11.18 -6.45 -5.91
N LEU A 8 -10.37 -7.49 -5.87
CA LEU A 8 -9.28 -7.55 -4.93
C LEU A 8 -8.05 -6.81 -5.47
N ARG A 9 -8.08 -5.50 -5.32
CA ARG A 9 -6.99 -4.64 -5.75
C ARG A 9 -6.63 -3.67 -4.63
N PRO A 10 -5.34 -3.30 -4.50
CA PRO A 10 -4.88 -2.37 -3.46
C PRO A 10 -5.48 -0.99 -3.63
N ARG A 11 -5.82 -0.35 -2.51
CA ARG A 11 -6.42 0.97 -2.54
C ARG A 11 -5.34 2.04 -2.60
N LEU A 12 -5.59 3.07 -3.40
CA LEU A 12 -4.61 4.13 -3.61
C LEU A 12 -5.07 5.43 -2.97
N CYS A 13 -4.32 5.89 -1.98
CA CYS A 13 -4.63 7.13 -1.30
C CYS A 13 -3.65 8.21 -1.70
N THR A 14 -4.16 9.37 -2.09
CA THR A 14 -3.30 10.47 -2.51
C THR A 14 -3.47 11.66 -1.59
N MET A 15 -2.40 12.03 -0.90
CA MET A 15 -2.45 13.11 0.07
C MET A 15 -1.24 14.04 -0.09
N LYS A 16 -1.42 15.29 0.33
CA LYS A 16 -0.37 16.30 0.23
C LYS A 16 -0.14 16.96 1.59
N LYS A 17 1.05 17.54 1.76
CA LYS A 17 1.47 18.14 3.02
C LYS A 17 0.47 19.18 3.53
N GLY A 18 -0.09 18.90 4.69
CA GLY A 18 -1.02 19.83 5.32
C GLY A 18 -0.41 20.51 6.53
N PRO A 19 -0.34 19.83 7.68
CA PRO A 19 0.21 20.39 8.90
C PRO A 19 1.72 20.18 9.02
N SER A 20 2.12 18.98 9.43
CA SER A 20 3.54 18.65 9.56
C SER A 20 3.86 17.49 8.63
N GLY A 21 3.01 17.29 7.63
CA GLY A 21 3.17 16.19 6.73
C GLY A 21 1.86 15.84 6.06
N TYR A 22 1.60 14.55 5.92
CA TYR A 22 0.45 14.07 5.17
C TYR A 22 -0.65 13.60 6.11
N GLY A 23 -0.30 13.43 7.37
CA GLY A 23 -1.31 13.15 8.39
C GLY A 23 -1.38 11.69 8.79
N PHE A 24 -0.31 10.95 8.60
CA PHE A 24 -0.28 9.56 9.04
C PHE A 24 0.97 9.26 9.86
N ASN A 25 0.86 8.25 10.70
CA ASN A 25 1.94 7.88 11.61
C ASN A 25 2.50 6.51 11.21
N LEU A 26 3.78 6.46 10.90
CA LEU A 26 4.45 5.21 10.57
C LEU A 26 5.13 4.64 11.81
N HIS A 27 4.90 3.37 12.07
CA HIS A 27 5.52 2.72 13.22
C HIS A 27 6.63 1.78 12.73
N SER A 28 7.69 1.71 13.50
CA SER A 28 8.82 0.86 13.18
C SER A 28 9.14 0.01 14.41
N ASP A 29 9.49 -1.25 14.18
CA ASP A 29 9.72 -2.16 15.30
C ASP A 29 10.93 -3.03 15.07
N LYS A 30 11.41 -3.63 16.15
CA LYS A 30 12.47 -4.62 16.08
C LYS A 30 11.84 -6.00 16.04
N SER A 31 10.84 -6.10 15.18
CA SER A 31 10.07 -7.31 14.98
C SER A 31 9.33 -7.17 13.65
N LYS A 32 8.69 -6.02 13.47
CA LYS A 32 8.18 -5.59 12.18
C LYS A 32 9.14 -4.58 11.56
N PRO A 33 10.02 -5.04 10.66
CA PRO A 33 11.03 -4.20 10.03
C PRO A 33 10.47 -3.36 8.89
N GLY A 34 9.29 -3.73 8.41
CA GLY A 34 8.63 -2.96 7.38
C GLY A 34 7.76 -1.89 7.97
N GLN A 35 7.32 -0.95 7.17
CA GLN A 35 6.53 0.16 7.68
C GLN A 35 5.04 -0.06 7.48
N PHE A 36 4.29 0.33 8.49
CA PHE A 36 2.84 0.19 8.51
C PHE A 36 2.23 1.43 9.13
N ILE A 37 1.00 1.73 8.76
CA ILE A 37 0.31 2.90 9.28
C ILE A 37 -0.17 2.62 10.70
N ARG A 38 0.37 3.35 11.66
CA ARG A 38 0.00 3.16 13.05
C ARG A 38 -1.27 3.92 13.37
N SER A 39 -1.33 5.16 12.92
CA SER A 39 -2.46 6.02 13.23
C SER A 39 -2.70 7.00 12.10
N VAL A 40 -3.95 7.40 11.94
CA VAL A 40 -4.31 8.48 11.04
C VAL A 40 -5.13 9.49 11.83
N ASP A 41 -4.93 10.77 11.57
CA ASP A 41 -5.62 11.79 12.34
C ASP A 41 -6.81 12.32 11.56
N PRO A 42 -7.98 12.42 12.20
CA PRO A 42 -9.23 12.84 11.55
C PRO A 42 -9.03 14.01 10.56
N ASP A 43 -8.36 15.05 11.04
CA ASP A 43 -8.12 16.23 10.23
C ASP A 43 -6.81 16.11 9.47
N SER A 44 -6.76 15.14 8.57
CA SER A 44 -5.59 14.93 7.73
C SER A 44 -6.01 14.58 6.31
N PRO A 45 -5.18 14.95 5.34
CA PRO A 45 -5.37 14.55 3.94
C PRO A 45 -5.26 13.04 3.77
N ALA A 46 -4.53 12.38 4.67
CA ALA A 46 -4.41 10.92 4.67
C ALA A 46 -5.77 10.28 4.96
N GLU A 47 -6.41 10.75 6.02
CA GLU A 47 -7.72 10.24 6.41
C GLU A 47 -8.76 10.55 5.33
N ALA A 48 -8.67 11.75 4.76
CA ALA A 48 -9.61 12.18 3.73
C ALA A 48 -9.50 11.33 2.46
N SER A 49 -8.30 10.89 2.13
CA SER A 49 -8.07 10.13 0.91
C SER A 49 -8.45 8.65 1.09
N GLY A 50 -8.76 8.27 2.32
CA GLY A 50 -9.22 6.92 2.58
C GLY A 50 -8.15 6.02 3.16
N LEU A 51 -7.17 6.60 3.83
CA LEU A 51 -6.17 5.80 4.53
C LEU A 51 -6.68 5.45 5.93
N ARG A 52 -6.27 4.31 6.44
CA ARG A 52 -6.66 3.90 7.79
C ARG A 52 -5.45 3.42 8.57
N ALA A 53 -5.68 3.07 9.82
CA ALA A 53 -4.63 2.53 10.66
C ALA A 53 -4.54 1.03 10.46
N GLN A 54 -3.35 0.49 10.70
CA GLN A 54 -3.06 -0.94 10.60
C GLN A 54 -2.97 -1.39 9.14
N ASP A 55 -3.08 -0.43 8.22
CA ASP A 55 -2.85 -0.69 6.81
C ASP A 55 -1.34 -0.80 6.55
N ARG A 56 -0.97 -1.70 5.65
CA ARG A 56 0.44 -1.89 5.32
C ARG A 56 0.75 -1.37 3.93
N ILE A 57 1.95 -0.84 3.77
CA ILE A 57 2.36 -0.20 2.53
C ILE A 57 3.12 -1.17 1.63
N VAL A 58 2.64 -1.34 0.40
CA VAL A 58 3.33 -2.16 -0.59
C VAL A 58 4.10 -1.28 -1.57
N GLU A 59 3.54 -0.12 -1.86
CA GLU A 59 4.21 0.91 -2.66
C GLU A 59 3.87 2.26 -2.10
N VAL A 60 4.82 3.16 -2.09
CA VAL A 60 4.52 4.52 -1.72
C VAL A 60 5.17 5.50 -2.68
N ASN A 61 4.33 6.36 -3.25
CA ASN A 61 4.76 7.43 -4.14
C ASN A 61 5.48 6.89 -5.37
N GLY A 62 5.02 5.75 -5.87
CA GLY A 62 5.56 5.22 -7.11
C GLY A 62 6.75 4.31 -6.91
N VAL A 63 7.18 4.15 -5.67
CA VAL A 63 8.32 3.31 -5.37
C VAL A 63 7.84 2.01 -4.74
N CYS A 64 8.50 0.92 -5.10
CA CYS A 64 8.09 -0.40 -4.68
C CYS A 64 8.78 -0.81 -3.39
N MET A 65 7.99 -1.21 -2.40
CA MET A 65 8.53 -1.59 -1.11
C MET A 65 8.88 -3.08 -1.09
N GLU A 66 9.76 -3.47 -2.00
CA GLU A 66 10.21 -4.84 -2.11
C GLU A 66 11.39 -5.10 -1.19
N GLY A 67 11.10 -5.34 0.09
CA GLY A 67 12.16 -5.57 1.05
C GLY A 67 12.89 -4.28 1.39
N LYS A 68 12.22 -3.16 1.21
CA LYS A 68 12.80 -1.86 1.47
C LYS A 68 12.90 -1.59 2.97
N GLN A 69 13.87 -0.76 3.33
CA GLN A 69 14.13 -0.44 4.73
C GLN A 69 13.45 0.88 5.12
N HIS A 70 13.68 1.32 6.35
CA HIS A 70 13.08 2.53 6.86
C HIS A 70 13.48 3.74 6.01
N GLY A 71 14.77 3.81 5.68
CA GLY A 71 15.24 4.91 4.85
C GLY A 71 14.64 4.91 3.46
N ASP A 72 14.36 3.71 2.95
CA ASP A 72 13.82 3.57 1.61
C ASP A 72 12.39 4.10 1.53
N VAL A 73 11.57 3.72 2.50
CA VAL A 73 10.17 4.15 2.50
C VAL A 73 10.06 5.66 2.67
N VAL A 74 10.93 6.23 3.50
CA VAL A 74 10.97 7.67 3.69
C VAL A 74 11.43 8.36 2.41
N SER A 75 12.44 7.78 1.77
CA SER A 75 12.96 8.30 0.52
C SER A 75 11.88 8.39 -0.54
N ALA A 76 11.06 7.34 -0.62
CA ALA A 76 9.96 7.29 -1.59
C ALA A 76 8.97 8.44 -1.36
N ILE A 77 8.61 8.65 -0.11
CA ILE A 77 7.63 9.67 0.26
C ILE A 77 8.20 11.08 0.10
N ARG A 78 9.42 11.28 0.58
CA ARG A 78 10.07 12.58 0.53
C ARG A 78 10.35 13.00 -0.91
N ALA A 79 10.64 12.03 -1.76
CA ALA A 79 10.93 12.28 -3.17
C ALA A 79 9.70 12.77 -3.91
N GLY A 80 8.53 12.60 -3.30
CA GLY A 80 7.30 13.05 -3.91
C GLY A 80 7.10 14.55 -3.73
N GLY A 81 8.02 15.17 -3.00
CA GLY A 81 7.97 16.61 -2.83
C GLY A 81 7.07 17.02 -1.68
N ASP A 82 5.81 17.27 -2.00
CA ASP A 82 4.88 17.82 -1.02
C ASP A 82 3.60 17.03 -1.04
N GLU A 83 3.64 15.94 -1.77
CA GLU A 83 2.49 15.10 -1.95
C GLU A 83 2.95 13.66 -2.14
N THR A 84 2.10 12.71 -1.75
CA THR A 84 2.48 11.32 -1.81
C THR A 84 1.28 10.43 -2.12
N LYS A 85 1.56 9.27 -2.66
CA LYS A 85 0.54 8.27 -2.97
C LYS A 85 0.81 7.01 -2.16
N LEU A 86 -0.19 6.58 -1.41
CA LEU A 86 -0.02 5.42 -0.52
C LEU A 86 -0.81 4.22 -1.03
N LEU A 87 -0.10 3.12 -1.24
CA LEU A 87 -0.74 1.86 -1.57
C LEU A 87 -0.77 0.95 -0.36
N VAL A 88 -1.96 0.59 0.07
CA VAL A 88 -2.11 -0.28 1.21
C VAL A 88 -3.00 -1.47 0.88
N VAL A 89 -2.71 -2.59 1.52
CA VAL A 89 -3.44 -3.83 1.28
C VAL A 89 -3.80 -4.51 2.60
N ASP A 90 -4.98 -5.12 2.60
CA ASP A 90 -5.39 -5.93 3.75
C ASP A 90 -4.95 -7.37 3.47
N ARG A 91 -4.95 -8.23 4.50
CA ARG A 91 -4.40 -9.59 4.34
C ARG A 91 -5.02 -10.33 3.16
N GLU A 92 -6.31 -10.09 2.90
CA GLU A 92 -7.01 -10.72 1.80
C GLU A 92 -6.36 -10.38 0.46
N THR A 93 -6.01 -9.11 0.29
CA THR A 93 -5.42 -8.62 -0.94
C THR A 93 -3.97 -9.03 -1.05
N ASP A 94 -3.27 -8.97 0.09
CA ASP A 94 -1.84 -9.25 0.15
C ASP A 94 -1.53 -10.66 -0.36
N GLU A 95 -2.26 -11.63 0.17
CA GLU A 95 -2.04 -13.04 -0.16
C GLU A 95 -2.27 -13.34 -1.64
N PHE A 96 -3.23 -12.64 -2.25
CA PHE A 96 -3.57 -12.89 -3.65
C PHE A 96 -2.40 -12.57 -4.57
N PHE A 97 -1.78 -11.42 -4.37
CA PHE A 97 -0.67 -11.01 -5.21
C PHE A 97 0.53 -11.91 -5.02
N LYS A 98 0.75 -12.35 -3.79
CA LYS A 98 1.84 -13.27 -3.47
C LYS A 98 1.68 -14.58 -4.23
N LYS A 99 0.48 -15.13 -4.17
CA LYS A 99 0.20 -16.42 -4.79
C LYS A 99 0.22 -16.31 -6.31
N CYS A 100 0.13 -15.09 -6.82
CA CYS A 100 0.17 -14.84 -8.26
C CYS A 100 1.56 -14.36 -8.67
N ARG A 101 2.48 -14.37 -7.70
CA ARG A 101 3.89 -14.08 -7.93
C ARG A 101 4.11 -12.62 -8.35
N VAL A 102 3.32 -11.70 -7.84
CA VAL A 102 3.45 -10.30 -8.24
C VAL A 102 3.39 -9.35 -7.05
N ILE A 103 4.07 -8.21 -7.20
CA ILE A 103 3.97 -7.13 -6.24
C ILE A 103 2.73 -6.31 -6.57
N PRO A 104 1.90 -5.97 -5.56
CA PRO A 104 0.68 -5.20 -5.75
C PRO A 104 0.94 -3.75 -6.14
N SER A 105 1.61 -3.57 -7.27
CA SER A 105 1.91 -2.25 -7.80
C SER A 105 0.65 -1.56 -8.34
N GLN A 106 0.72 -0.23 -8.43
CA GLN A 106 -0.40 0.62 -8.87
C GLN A 106 -0.92 0.21 -10.25
N GLU A 107 -0.05 -0.38 -11.05
CA GLU A 107 -0.41 -0.78 -12.40
C GLU A 107 -1.52 -1.84 -12.38
N HIS A 108 -1.58 -2.61 -11.31
CA HIS A 108 -2.55 -3.69 -11.18
C HIS A 108 -3.93 -3.16 -10.82
N LEU A 109 -3.97 -2.12 -10.00
CA LEU A 109 -5.25 -1.59 -9.54
C LEU A 109 -5.93 -0.80 -10.66
N ASN A 110 -5.11 -0.20 -11.52
CA ASN A 110 -5.62 0.61 -12.61
C ASN A 110 -5.83 -0.22 -13.86
N GLY A 111 -4.88 -1.11 -14.14
CA GLY A 111 -4.93 -1.88 -15.37
C GLY A 111 -5.18 -3.37 -15.14
N PRO A 112 -4.22 -4.22 -15.51
CA PRO A 112 -4.40 -5.67 -15.52
C PRO A 112 -4.10 -6.36 -14.20
N LEU A 113 -4.80 -7.46 -13.97
CA LEU A 113 -4.59 -8.31 -12.81
C LEU A 113 -4.02 -9.66 -13.26
N PRO A 114 -3.18 -10.28 -12.43
CA PRO A 114 -2.57 -11.58 -12.75
C PRO A 114 -3.58 -12.73 -12.66
N VAL A 115 -3.15 -13.92 -13.04
CA VAL A 115 -4.04 -15.07 -13.12
C VAL A 115 -3.51 -16.23 -12.27
N PRO A 116 -4.42 -17.09 -11.77
CA PRO A 116 -4.04 -18.33 -11.08
C PRO A 116 -3.42 -19.33 -12.04
N PHE A 117 -2.85 -20.41 -11.48
CA PHE A 117 -2.06 -21.34 -12.27
C PHE A 117 -0.94 -20.59 -12.96
N THR A 118 -0.25 -19.78 -12.17
CA THR A 118 0.78 -18.87 -12.66
C THR A 118 2.05 -19.64 -13.10
N ASN A 119 1.86 -20.77 -13.75
CA ASN A 119 2.95 -21.49 -14.39
C ASN A 119 3.03 -21.03 -15.84
N GLY A 120 1.91 -20.49 -16.33
CA GLY A 120 1.86 -19.96 -17.67
C GLY A 120 2.57 -18.63 -17.77
N GLU A 121 2.45 -17.82 -16.72
CA GLU A 121 3.18 -16.57 -16.64
C GLU A 121 4.62 -16.86 -16.24
N ILE A 122 5.54 -16.59 -17.14
CA ILE A 122 6.93 -16.96 -16.96
C ILE A 122 7.64 -16.00 -16.03
N GLN A 123 7.57 -16.29 -14.74
CA GLN A 123 8.27 -15.49 -13.74
C GLN A 123 9.77 -15.68 -13.92
N LYS A 124 10.50 -14.56 -13.92
CA LYS A 124 11.91 -14.57 -14.24
C LYS A 124 12.75 -14.88 -13.00
N GLU A 125 12.62 -16.10 -12.50
CA GLU A 125 13.44 -16.57 -11.40
C GLU A 125 14.54 -17.48 -11.93
N ASN A 126 15.78 -17.09 -11.69
CA ASN A 126 16.93 -17.90 -12.10
C ASN A 126 17.99 -17.87 -11.01
N SER A 127 18.77 -18.95 -10.94
CA SER A 127 19.79 -19.13 -9.90
C SER A 127 19.09 -19.40 -8.56
N ARG A 128 19.88 -19.79 -7.57
CA ARG A 128 19.36 -20.06 -6.25
C ARG A 128 19.88 -19.01 -5.28
N GLN B 1 8.90 6.35 19.60
CA GLN B 1 9.88 6.71 18.54
C GLN B 1 9.13 7.02 17.24
N ASP B 2 8.84 5.98 16.47
CA ASP B 2 7.97 6.09 15.29
C ASP B 2 8.54 7.04 14.23
N THR B 3 7.72 7.27 13.22
CA THR B 3 7.98 8.27 12.20
C THR B 3 6.65 8.87 11.76
N ARG B 4 6.48 10.15 11.94
CA ARG B 4 5.22 10.79 11.57
C ARG B 4 5.38 11.60 10.30
N LEU B 5 4.39 11.50 9.44
CA LEU B 5 4.34 12.25 8.20
C LEU B 5 2.93 12.74 7.96
N GLY A 1 -20.14 -3.18 -16.14
CA GLY A 1 -21.03 -2.84 -15.00
C GLY A 1 -20.88 -3.82 -13.86
N ILE A 2 -21.38 -5.03 -14.07
CA ILE A 2 -21.22 -6.09 -13.09
C ILE A 2 -19.95 -6.86 -13.40
N ASP A 3 -18.83 -6.28 -13.05
CA ASP A 3 -17.52 -6.83 -13.37
C ASP A 3 -16.94 -7.59 -12.17
N PRO A 4 -16.80 -8.92 -12.29
CA PRO A 4 -16.27 -9.76 -11.23
C PRO A 4 -14.80 -9.46 -10.94
N PHE A 5 -14.09 -8.97 -11.95
CA PHE A 5 -12.68 -8.65 -11.82
C PHE A 5 -12.49 -7.23 -11.31
N THR A 6 -13.26 -6.87 -10.30
CA THR A 6 -13.19 -5.54 -9.72
C THR A 6 -12.45 -5.56 -8.38
N MET A 7 -12.47 -6.71 -7.71
CA MET A 7 -11.91 -6.82 -6.36
C MET A 7 -10.45 -7.26 -6.39
N LEU A 8 -9.87 -7.42 -5.20
CA LEU A 8 -8.45 -7.77 -5.06
C LEU A 8 -7.56 -6.72 -5.69
N ARG A 9 -7.80 -5.47 -5.33
CA ARG A 9 -7.02 -4.35 -5.83
C ARG A 9 -6.64 -3.43 -4.68
N PRO A 10 -5.37 -2.97 -4.67
CA PRO A 10 -4.86 -2.07 -3.63
C PRO A 10 -5.50 -0.69 -3.70
N ARG A 11 -5.65 -0.06 -2.54
CA ARG A 11 -6.21 1.27 -2.49
C ARG A 11 -5.12 2.32 -2.61
N LEU A 12 -5.32 3.28 -3.49
CA LEU A 12 -4.34 4.33 -3.69
C LEU A 12 -4.71 5.55 -2.89
N CYS A 13 -3.96 5.77 -1.83
CA CYS A 13 -4.19 6.89 -0.95
C CYS A 13 -3.24 8.02 -1.31
N THR A 14 -3.77 9.07 -1.91
CA THR A 14 -2.95 10.19 -2.33
C THR A 14 -3.20 11.38 -1.42
N MET A 15 -2.21 11.75 -0.64
CA MET A 15 -2.34 12.84 0.30
C MET A 15 -1.25 13.86 0.10
N LYS A 16 -1.62 15.11 0.24
CA LYS A 16 -0.67 16.21 0.15
C LYS A 16 -0.45 16.81 1.53
N LYS A 17 0.78 17.23 1.82
CA LYS A 17 1.10 17.73 3.14
C LYS A 17 0.73 19.20 3.28
N GLY A 18 -0.14 19.47 4.24
CA GLY A 18 -0.65 20.82 4.42
C GLY A 18 0.01 21.53 5.58
N PRO A 19 -0.54 21.41 6.79
CA PRO A 19 -0.03 22.10 7.98
C PRO A 19 1.47 21.86 8.21
N SER A 20 1.83 20.62 8.51
CA SER A 20 3.22 20.27 8.68
C SER A 20 3.44 18.79 8.35
N GLY A 21 2.53 18.23 7.57
CA GLY A 21 2.62 16.83 7.25
C GLY A 21 1.41 16.32 6.49
N TYR A 22 1.36 15.02 6.30
CA TYR A 22 0.30 14.38 5.52
C TYR A 22 -0.78 13.84 6.43
N GLY A 23 -0.39 13.47 7.65
CA GLY A 23 -1.38 13.12 8.65
C GLY A 23 -1.27 11.69 9.14
N PHE A 24 -0.17 11.03 8.87
CA PHE A 24 0.00 9.64 9.30
C PHE A 24 1.33 9.44 10.01
N ASN A 25 1.44 8.33 10.71
CA ASN A 25 2.68 7.97 11.40
C ASN A 25 3.09 6.56 11.04
N LEU A 26 4.35 6.38 10.66
CA LEU A 26 4.86 5.08 10.28
C LEU A 26 5.60 4.45 11.45
N HIS A 27 5.14 3.29 11.89
CA HIS A 27 5.85 2.57 12.92
C HIS A 27 6.60 1.41 12.30
N SER A 28 7.79 1.16 12.81
CA SER A 28 8.60 0.06 12.34
C SER A 28 9.15 -0.69 13.54
N ASP A 29 9.18 -2.01 13.44
CA ASP A 29 9.52 -2.83 14.58
C ASP A 29 10.42 -3.98 14.16
N LYS A 30 11.09 -4.56 15.14
CA LYS A 30 12.05 -5.63 14.89
C LYS A 30 11.33 -6.97 14.92
N SER A 31 10.13 -6.97 15.47
CA SER A 31 9.32 -8.17 15.56
C SER A 31 8.16 -8.13 14.57
N LYS A 32 8.01 -7.00 13.89
CA LYS A 32 6.93 -6.81 12.92
C LYS A 32 7.49 -6.68 11.50
N PRO A 33 6.84 -7.32 10.51
CA PRO A 33 7.33 -7.39 9.14
C PRO A 33 7.03 -6.14 8.33
N GLY A 34 8.07 -5.36 8.09
CA GLY A 34 7.95 -4.21 7.22
C GLY A 34 7.42 -2.98 7.92
N GLN A 35 7.15 -1.93 7.15
CA GLN A 35 6.63 -0.69 7.69
C GLN A 35 5.12 -0.64 7.52
N PHE A 36 4.44 -0.12 8.52
CA PHE A 36 2.99 -0.09 8.55
C PHE A 36 2.50 1.24 9.11
N ILE A 37 1.28 1.62 8.75
CA ILE A 37 0.69 2.85 9.27
C ILE A 37 0.30 2.66 10.72
N ARG A 38 0.97 3.38 11.61
CA ARG A 38 0.73 3.29 13.03
C ARG A 38 -0.59 3.93 13.40
N SER A 39 -0.80 5.15 12.90
CA SER A 39 -2.01 5.89 13.19
C SER A 39 -2.24 6.97 12.14
N VAL A 40 -3.51 7.32 11.93
CA VAL A 40 -3.88 8.42 11.05
C VAL A 40 -4.75 9.40 11.83
N ASP A 41 -4.57 10.68 11.58
CA ASP A 41 -5.26 11.71 12.33
C ASP A 41 -6.59 12.04 11.68
N PRO A 42 -7.69 12.10 12.46
CA PRO A 42 -9.04 12.30 11.94
C PRO A 42 -9.12 13.37 10.84
N ASP A 43 -8.55 14.54 11.14
CA ASP A 43 -8.55 15.64 10.19
C ASP A 43 -7.20 15.72 9.47
N SER A 44 -6.95 14.74 8.61
CA SER A 44 -5.74 14.72 7.83
C SER A 44 -6.05 14.32 6.40
N PRO A 45 -5.27 14.86 5.45
CA PRO A 45 -5.37 14.51 4.04
C PRO A 45 -5.10 13.02 3.81
N ALA A 46 -4.30 12.43 4.69
CA ALA A 46 -4.04 11.00 4.65
C ALA A 46 -5.33 10.21 4.92
N GLU A 47 -6.01 10.60 6.00
CA GLU A 47 -7.29 9.99 6.35
C GLU A 47 -8.30 10.23 5.23
N ALA A 48 -8.30 11.44 4.70
CA ALA A 48 -9.21 11.83 3.63
C ALA A 48 -9.03 10.96 2.38
N SER A 49 -7.80 10.53 2.11
CA SER A 49 -7.52 9.75 0.91
C SER A 49 -7.86 8.27 1.10
N GLY A 50 -8.33 7.92 2.30
CA GLY A 50 -8.74 6.56 2.55
C GLY A 50 -7.65 5.71 3.18
N LEU A 51 -6.71 6.36 3.86
CA LEU A 51 -5.66 5.65 4.57
C LEU A 51 -6.12 5.35 5.99
N ARG A 52 -5.69 4.22 6.53
CA ARG A 52 -6.05 3.84 7.89
C ARG A 52 -4.85 3.31 8.65
N ALA A 53 -5.07 3.00 9.92
CA ALA A 53 -4.03 2.45 10.77
C ALA A 53 -4.06 0.93 10.72
N GLN A 54 -2.89 0.32 10.91
CA GLN A 54 -2.72 -1.14 10.86
C GLN A 54 -2.76 -1.66 9.42
N ASP A 55 -2.74 -0.73 8.47
CA ASP A 55 -2.59 -1.11 7.07
C ASP A 55 -1.12 -0.98 6.66
N ARG A 56 -0.71 -1.76 5.68
CA ARG A 56 0.67 -1.73 5.21
C ARG A 56 0.77 -1.10 3.84
N ILE A 57 1.92 -0.50 3.59
CA ILE A 57 2.17 0.16 2.32
C ILE A 57 2.97 -0.76 1.41
N VAL A 58 2.47 -0.99 0.20
CA VAL A 58 3.15 -1.87 -0.75
C VAL A 58 3.87 -1.07 -1.83
N GLU A 59 3.47 0.20 -1.98
CA GLU A 59 4.03 1.09 -3.01
C GLU A 59 3.88 2.54 -2.57
N VAL A 60 4.90 3.35 -2.81
CA VAL A 60 4.85 4.77 -2.48
C VAL A 60 5.29 5.61 -3.66
N ASN A 61 4.36 6.41 -4.19
CA ASN A 61 4.67 7.34 -5.30
C ASN A 61 5.20 6.61 -6.52
N GLY A 62 4.88 5.32 -6.62
CA GLY A 62 5.36 4.53 -7.73
C GLY A 62 6.75 4.00 -7.49
N VAL A 63 7.23 4.15 -6.28
CA VAL A 63 8.54 3.65 -5.88
C VAL A 63 8.38 2.24 -5.35
N CYS A 64 9.34 1.40 -5.70
CA CYS A 64 9.24 -0.03 -5.49
C CYS A 64 9.52 -0.40 -4.03
N MET A 65 8.51 -0.97 -3.37
CA MET A 65 8.66 -1.41 -2.00
C MET A 65 8.95 -2.90 -1.93
N GLU A 66 9.96 -3.32 -2.68
CA GLU A 66 10.40 -4.71 -2.66
C GLU A 66 11.72 -4.83 -1.92
N GLY A 67 11.66 -5.27 -0.68
CA GLY A 67 12.86 -5.37 0.14
C GLY A 67 13.25 -4.03 0.72
N LYS A 68 12.31 -3.11 0.76
CA LYS A 68 12.55 -1.76 1.24
C LYS A 68 12.78 -1.75 2.76
N GLN A 69 13.53 -0.77 3.21
CA GLN A 69 13.82 -0.60 4.62
C GLN A 69 13.22 0.69 5.13
N HIS A 70 13.57 1.06 6.36
CA HIS A 70 13.07 2.28 6.99
C HIS A 70 13.34 3.51 6.12
N GLY A 71 14.57 3.62 5.62
CA GLY A 71 14.96 4.77 4.83
C GLY A 71 14.28 4.83 3.48
N ASP A 72 14.11 3.65 2.85
CA ASP A 72 13.56 3.57 1.50
C ASP A 72 12.15 4.13 1.44
N VAL A 73 11.31 3.72 2.39
CA VAL A 73 9.92 4.13 2.41
C VAL A 73 9.79 5.63 2.69
N VAL A 74 10.62 6.14 3.58
CA VAL A 74 10.61 7.55 3.93
C VAL A 74 11.06 8.40 2.76
N SER A 75 12.15 7.98 2.11
CA SER A 75 12.71 8.72 0.99
C SER A 75 11.70 8.79 -0.15
N ALA A 76 10.99 7.69 -0.39
CA ALA A 76 9.96 7.63 -1.41
C ALA A 76 8.89 8.71 -1.20
N ILE A 77 8.48 8.87 0.05
CA ILE A 77 7.48 9.86 0.40
C ILE A 77 8.04 11.28 0.32
N ARG A 78 9.25 11.45 0.84
CA ARG A 78 9.92 12.76 0.84
C ARG A 78 10.12 13.27 -0.57
N ALA A 79 10.38 12.35 -1.50
CA ALA A 79 10.59 12.68 -2.90
C ALA A 79 9.32 13.24 -3.54
N GLY A 80 8.18 13.01 -2.89
CA GLY A 80 6.92 13.50 -3.41
C GLY A 80 6.79 15.00 -3.31
N GLY A 81 7.64 15.62 -2.50
CA GLY A 81 7.64 17.06 -2.37
C GLY A 81 6.60 17.56 -1.39
N ASP A 82 5.35 17.61 -1.83
CA ASP A 82 4.26 18.14 -1.02
C ASP A 82 3.08 17.21 -1.09
N GLU A 83 3.29 16.10 -1.75
CA GLU A 83 2.25 15.13 -2.00
C GLU A 83 2.85 13.75 -2.06
N THR A 84 2.10 12.75 -1.65
CA THR A 84 2.57 11.38 -1.68
C THR A 84 1.42 10.41 -1.93
N LYS A 85 1.74 9.32 -2.58
CA LYS A 85 0.76 8.32 -2.95
C LYS A 85 1.10 6.99 -2.29
N LEU A 86 0.24 6.55 -1.37
CA LEU A 86 0.48 5.33 -0.62
C LEU A 86 -0.48 4.22 -1.04
N LEU A 87 0.06 3.06 -1.35
CA LEU A 87 -0.76 1.92 -1.70
C LEU A 87 -0.90 0.95 -0.54
N VAL A 88 -2.13 0.73 -0.11
CA VAL A 88 -2.41 -0.24 0.95
C VAL A 88 -3.31 -1.34 0.43
N VAL A 89 -3.16 -2.54 0.98
CA VAL A 89 -3.92 -3.70 0.52
C VAL A 89 -4.71 -4.32 1.65
N ASP A 90 -5.85 -4.92 1.30
CA ASP A 90 -6.64 -5.67 2.26
C ASP A 90 -5.85 -6.87 2.71
N ARG A 91 -6.12 -7.41 3.88
CA ARG A 91 -5.35 -8.53 4.41
C ARG A 91 -5.38 -9.73 3.45
N GLU A 92 -6.55 -10.01 2.87
CA GLU A 92 -6.65 -11.10 1.89
C GLU A 92 -5.99 -10.70 0.57
N THR A 93 -6.11 -9.43 0.21
CA THR A 93 -5.47 -8.90 -0.98
C THR A 93 -3.95 -9.06 -0.89
N ASP A 94 -3.42 -8.79 0.31
CA ASP A 94 -2.01 -9.01 0.60
C ASP A 94 -1.63 -10.46 0.35
N GLU A 95 -2.44 -11.37 0.89
CA GLU A 95 -2.21 -12.81 0.75
C GLU A 95 -2.18 -13.23 -0.72
N PHE A 96 -3.06 -12.64 -1.52
CA PHE A 96 -3.19 -13.01 -2.92
C PHE A 96 -1.96 -12.60 -3.73
N PHE A 97 -1.53 -11.37 -3.57
CA PHE A 97 -0.37 -10.88 -4.31
C PHE A 97 0.92 -11.55 -3.84
N LYS A 98 1.06 -11.74 -2.54
CA LYS A 98 2.29 -12.29 -1.98
C LYS A 98 2.48 -13.76 -2.41
N LYS A 99 1.36 -14.47 -2.55
CA LYS A 99 1.40 -15.89 -2.88
C LYS A 99 1.78 -16.10 -4.36
N CYS A 100 1.65 -15.04 -5.15
CA CYS A 100 1.99 -15.09 -6.55
C CYS A 100 3.35 -14.45 -6.80
N ARG A 101 3.96 -13.96 -5.72
CA ARG A 101 5.27 -13.32 -5.77
C ARG A 101 5.23 -12.03 -6.58
N VAL A 102 4.06 -11.42 -6.63
CA VAL A 102 3.87 -10.21 -7.42
C VAL A 102 3.59 -9.01 -6.52
N ILE A 103 3.68 -7.83 -7.09
CA ILE A 103 3.57 -6.60 -6.34
C ILE A 103 2.32 -5.83 -6.75
N PRO A 104 1.42 -5.53 -5.80
CA PRO A 104 0.19 -4.81 -6.07
C PRO A 104 0.43 -3.32 -6.32
N SER A 105 1.16 -3.00 -7.38
CA SER A 105 1.42 -1.63 -7.74
C SER A 105 0.21 -1.00 -8.43
N GLN A 106 0.33 0.26 -8.81
CA GLN A 106 -0.80 1.00 -9.38
C GLN A 106 -1.29 0.36 -10.69
N GLU A 107 -0.40 -0.35 -11.36
CA GLU A 107 -0.71 -0.95 -12.65
C GLU A 107 -1.81 -2.01 -12.51
N HIS A 108 -1.92 -2.60 -11.34
CA HIS A 108 -2.89 -3.67 -11.12
C HIS A 108 -4.25 -3.10 -10.73
N LEU A 109 -4.25 -2.00 -10.00
CA LEU A 109 -5.50 -1.35 -9.60
C LEU A 109 -6.11 -0.59 -10.78
N ASN A 110 -5.24 -0.11 -11.65
CA ASN A 110 -5.66 0.66 -12.82
C ASN A 110 -6.00 -0.26 -13.97
N GLY A 111 -5.13 -1.24 -14.21
CA GLY A 111 -5.33 -2.13 -15.34
C GLY A 111 -5.64 -3.55 -14.93
N PRO A 112 -4.99 -4.54 -15.57
CA PRO A 112 -5.31 -5.95 -15.36
C PRO A 112 -4.67 -6.54 -14.11
N LEU A 113 -5.30 -7.59 -13.59
CA LEU A 113 -4.78 -8.33 -12.46
C LEU A 113 -3.92 -9.50 -12.95
N PRO A 114 -2.92 -9.89 -12.16
CA PRO A 114 -1.99 -10.96 -12.55
C PRO A 114 -2.59 -12.34 -12.34
N VAL A 115 -2.26 -13.26 -13.24
CA VAL A 115 -2.71 -14.64 -13.12
C VAL A 115 -2.06 -15.32 -11.93
N PRO A 116 -2.87 -15.98 -11.08
CA PRO A 116 -2.38 -16.59 -9.84
C PRO A 116 -1.61 -17.89 -10.10
N PHE A 117 -1.01 -18.41 -9.03
CA PHE A 117 -0.20 -19.63 -9.10
C PHE A 117 0.99 -19.44 -10.03
N THR A 118 1.53 -18.24 -10.01
CA THR A 118 2.65 -17.89 -10.88
C THR A 118 3.98 -17.86 -10.13
N ASN A 119 4.41 -19.01 -9.63
CA ASN A 119 5.74 -19.13 -9.04
C ASN A 119 6.76 -19.20 -10.17
N GLY A 120 6.33 -19.80 -11.28
CA GLY A 120 7.13 -19.81 -12.49
C GLY A 120 8.41 -20.62 -12.38
N GLU A 121 9.47 -19.96 -11.97
CA GLU A 121 10.80 -20.55 -11.95
C GLU A 121 10.90 -21.70 -10.95
N ILE A 122 11.51 -22.79 -11.38
CA ILE A 122 11.83 -23.89 -10.49
C ILE A 122 13.17 -23.55 -9.82
N GLN A 123 13.07 -22.80 -8.74
CA GLN A 123 14.26 -22.29 -8.07
C GLN A 123 14.69 -23.21 -6.93
N LYS A 124 15.99 -23.20 -6.65
CA LYS A 124 16.57 -23.98 -5.57
C LYS A 124 16.35 -25.48 -5.77
N GLU A 125 17.31 -26.10 -6.44
CA GLU A 125 17.31 -27.55 -6.64
C GLU A 125 16.22 -28.01 -7.58
N ASN A 126 16.60 -28.18 -8.82
CA ASN A 126 15.71 -28.73 -9.84
C ASN A 126 16.17 -30.14 -10.22
N SER A 127 17.39 -30.46 -9.83
CA SER A 127 17.97 -31.77 -10.09
C SER A 127 18.68 -32.28 -8.85
N ARG A 128 18.82 -33.59 -8.75
CA ARG A 128 19.56 -34.19 -7.65
C ARG A 128 19.98 -35.59 -8.05
N GLN B 1 10.85 3.11 17.25
CA GLN B 1 11.38 3.48 15.92
C GLN B 1 10.22 3.83 14.99
N ASP B 2 9.88 5.10 14.95
CA ASP B 2 8.75 5.57 14.18
C ASP B 2 9.15 6.73 13.29
N THR B 3 8.27 7.09 12.39
CA THR B 3 8.43 8.29 11.58
C THR B 3 7.06 8.81 11.18
N ARG B 4 6.72 10.00 11.62
CA ARG B 4 5.42 10.56 11.30
C ARG B 4 5.53 11.60 10.21
N LEU B 5 4.50 11.66 9.39
CA LEU B 5 4.47 12.53 8.22
C LEU B 5 3.09 13.15 8.11
N GLY A 1 -23.67 -9.15 -8.92
CA GLY A 1 -24.71 -8.16 -8.53
C GLY A 1 -24.09 -6.89 -8.03
N ILE A 2 -24.68 -6.28 -7.01
CA ILE A 2 -24.08 -5.10 -6.40
C ILE A 2 -23.06 -5.55 -5.36
N ASP A 3 -21.92 -6.01 -5.85
CA ASP A 3 -20.86 -6.53 -5.00
C ASP A 3 -19.85 -5.44 -4.71
N PRO A 4 -19.87 -4.86 -3.50
CA PRO A 4 -18.94 -3.80 -3.12
C PRO A 4 -17.53 -4.33 -2.88
N PHE A 5 -17.43 -5.63 -2.58
CA PHE A 5 -16.16 -6.24 -2.28
C PHE A 5 -15.71 -7.19 -3.38
N THR A 6 -16.11 -6.88 -4.61
CA THR A 6 -15.62 -7.63 -5.77
C THR A 6 -14.33 -6.96 -6.27
N MET A 7 -14.04 -5.80 -5.70
CA MET A 7 -12.85 -5.04 -6.06
C MET A 7 -11.69 -5.39 -5.13
N LEU A 8 -11.17 -6.59 -5.28
CA LEU A 8 -10.07 -7.05 -4.45
C LEU A 8 -8.75 -6.50 -5.00
N ARG A 9 -8.47 -5.27 -4.65
CA ARG A 9 -7.32 -4.54 -5.17
C ARG A 9 -6.68 -3.69 -4.08
N PRO A 10 -5.37 -3.41 -4.22
CA PRO A 10 -4.65 -2.51 -3.32
C PRO A 10 -5.21 -1.09 -3.40
N ARG A 11 -5.17 -0.38 -2.29
CA ARG A 11 -5.78 0.93 -2.25
C ARG A 11 -4.73 2.01 -2.46
N LEU A 12 -5.02 2.93 -3.37
CA LEU A 12 -4.12 4.04 -3.63
C LEU A 12 -4.52 5.23 -2.77
N CYS A 13 -3.68 5.55 -1.80
CA CYS A 13 -3.93 6.66 -0.90
C CYS A 13 -3.16 7.88 -1.35
N THR A 14 -3.86 8.87 -1.86
CA THR A 14 -3.23 10.08 -2.35
C THR A 14 -3.54 11.25 -1.45
N MET A 15 -2.50 11.86 -0.92
CA MET A 15 -2.66 12.88 0.10
C MET A 15 -1.62 13.97 -0.08
N LYS A 16 -1.93 15.15 0.43
CA LYS A 16 -1.01 16.28 0.39
C LYS A 16 -0.63 16.65 1.82
N LYS A 17 0.53 17.26 1.99
CA LYS A 17 0.97 17.60 3.34
C LYS A 17 0.68 19.06 3.65
N GLY A 18 0.22 19.31 4.88
CA GLY A 18 -0.01 20.66 5.33
C GLY A 18 1.29 21.30 5.80
N PRO A 19 1.36 21.74 7.06
CA PRO A 19 2.59 22.30 7.62
C PRO A 19 3.71 21.27 7.64
N SER A 20 3.52 20.21 8.41
CA SER A 20 4.50 19.15 8.50
C SER A 20 3.80 17.81 8.65
N GLY A 21 2.67 17.65 7.99
CA GLY A 21 1.90 16.44 8.15
C GLY A 21 1.06 16.08 6.94
N TYR A 22 1.04 14.79 6.62
CA TYR A 22 0.16 14.24 5.60
C TYR A 22 -1.08 13.69 6.28
N GLY A 23 -0.91 13.24 7.52
CA GLY A 23 -2.05 12.85 8.31
C GLY A 23 -1.94 11.45 8.89
N PHE A 24 -0.77 10.86 8.82
CA PHE A 24 -0.58 9.51 9.34
C PHE A 24 0.69 9.42 10.17
N ASN A 25 0.95 8.24 10.70
CA ASN A 25 2.12 8.00 11.51
C ASN A 25 2.77 6.71 11.09
N LEU A 26 4.06 6.76 10.77
CA LEU A 26 4.79 5.56 10.40
C LEU A 26 5.50 5.00 11.62
N HIS A 27 5.22 3.73 11.91
CA HIS A 27 5.85 3.06 13.04
C HIS A 27 6.93 2.13 12.52
N SER A 28 8.05 2.09 13.21
CA SER A 28 9.15 1.23 12.81
C SER A 28 9.30 0.14 13.87
N ASP A 29 9.56 -1.07 13.42
CA ASP A 29 9.64 -2.20 14.31
C ASP A 29 10.50 -3.28 13.68
N LYS A 30 10.84 -4.30 14.43
CA LYS A 30 11.70 -5.37 13.94
C LYS A 30 10.92 -6.67 13.82
N SER A 31 9.67 -6.66 14.30
CA SER A 31 8.83 -7.85 14.25
C SER A 31 8.12 -7.95 12.90
N LYS A 32 7.41 -6.90 12.52
CA LYS A 32 6.66 -6.89 11.26
C LYS A 32 7.57 -6.60 10.07
N PRO A 33 7.44 -7.37 8.99
CA PRO A 33 8.23 -7.20 7.79
C PRO A 33 7.62 -6.18 6.83
N GLY A 34 8.16 -4.97 6.86
CA GLY A 34 7.68 -3.92 6.01
C GLY A 34 7.29 -2.70 6.80
N GLN A 35 6.91 -1.63 6.11
CA GLN A 35 6.47 -0.42 6.79
C GLN A 35 4.96 -0.43 6.93
N PHE A 36 4.50 0.04 8.08
CA PHE A 36 3.09 -0.04 8.43
C PHE A 36 2.61 1.24 9.08
N ILE A 37 1.35 1.57 8.85
CA ILE A 37 0.75 2.76 9.42
C ILE A 37 0.41 2.52 10.89
N ARG A 38 0.90 3.41 11.74
CA ARG A 38 0.68 3.29 13.18
C ARG A 38 -0.73 3.75 13.53
N SER A 39 -1.09 4.93 13.05
CA SER A 39 -2.42 5.48 13.22
C SER A 39 -2.67 6.57 12.19
N VAL A 40 -3.94 6.90 11.96
CA VAL A 40 -4.31 7.96 11.05
C VAL A 40 -5.06 9.04 11.80
N ASP A 41 -4.82 10.28 11.44
CA ASP A 41 -5.37 11.42 12.16
C ASP A 41 -6.75 11.77 11.60
N PRO A 42 -7.75 11.97 12.48
CA PRO A 42 -9.15 12.19 12.07
C PRO A 42 -9.31 13.16 10.92
N ASP A 43 -8.83 14.39 11.10
CA ASP A 43 -8.95 15.41 10.07
C ASP A 43 -7.68 15.49 9.23
N SER A 44 -7.41 14.42 8.50
CA SER A 44 -6.22 14.35 7.66
C SER A 44 -6.59 13.91 6.26
N PRO A 45 -5.82 14.40 5.27
CA PRO A 45 -5.95 13.95 3.88
C PRO A 45 -5.60 12.47 3.75
N ALA A 46 -4.81 11.94 4.68
CA ALA A 46 -4.53 10.51 4.74
C ALA A 46 -5.81 9.74 5.05
N GLU A 47 -6.51 10.18 6.08
CA GLU A 47 -7.78 9.58 6.47
C GLU A 47 -8.83 9.80 5.38
N ALA A 48 -8.78 10.97 4.76
CA ALA A 48 -9.70 11.31 3.68
C ALA A 48 -9.47 10.47 2.44
N SER A 49 -8.22 10.07 2.20
CA SER A 49 -7.89 9.27 1.02
C SER A 49 -8.18 7.79 1.28
N GLY A 50 -8.45 7.45 2.54
CA GLY A 50 -8.82 6.10 2.87
C GLY A 50 -7.67 5.27 3.42
N LEU A 51 -6.67 5.95 3.98
CA LEU A 51 -5.55 5.24 4.58
C LEU A 51 -5.93 4.74 5.96
N ARG A 52 -5.54 3.52 6.29
CA ARG A 52 -5.87 2.93 7.57
C ARG A 52 -4.63 2.44 8.27
N ALA A 53 -4.67 2.43 9.60
CA ALA A 53 -3.56 1.93 10.40
C ALA A 53 -3.45 0.42 10.30
N GLN A 54 -2.25 -0.09 10.58
CA GLN A 54 -1.95 -1.53 10.56
C GLN A 54 -1.79 -2.06 9.13
N ASP A 55 -2.11 -1.24 8.15
CA ASP A 55 -1.91 -1.63 6.76
C ASP A 55 -0.47 -1.42 6.36
N ARG A 56 0.01 -2.26 5.45
CA ARG A 56 1.41 -2.24 5.04
C ARG A 56 1.56 -1.58 3.67
N ILE A 57 2.63 -0.84 3.50
CA ILE A 57 2.89 -0.13 2.26
C ILE A 57 3.82 -0.95 1.36
N VAL A 58 3.46 -1.06 0.08
CA VAL A 58 4.30 -1.80 -0.87
C VAL A 58 5.15 -0.85 -1.72
N GLU A 59 4.61 0.31 -2.04
CA GLU A 59 5.34 1.31 -2.82
C GLU A 59 4.80 2.70 -2.55
N VAL A 60 5.66 3.69 -2.70
CA VAL A 60 5.28 5.08 -2.47
C VAL A 60 5.72 5.95 -3.64
N ASN A 61 4.76 6.58 -4.31
CA ASN A 61 5.06 7.51 -5.42
C ASN A 61 5.76 6.79 -6.57
N GLY A 62 5.61 5.47 -6.63
CA GLY A 62 6.28 4.69 -7.65
C GLY A 62 7.63 4.20 -7.19
N VAL A 63 7.97 4.51 -5.95
CA VAL A 63 9.26 4.11 -5.39
C VAL A 63 9.10 2.78 -4.69
N CYS A 64 9.97 1.86 -5.04
CA CYS A 64 9.87 0.50 -4.56
C CYS A 64 10.61 0.32 -3.25
N MET A 65 9.88 -0.06 -2.22
CA MET A 65 10.47 -0.27 -0.91
C MET A 65 10.51 -1.75 -0.57
N GLU A 66 10.68 -2.55 -1.62
CA GLU A 66 10.82 -3.99 -1.49
C GLU A 66 12.17 -4.36 -0.89
N GLY A 67 12.28 -4.26 0.43
CA GLY A 67 13.52 -4.59 1.09
C GLY A 67 14.32 -3.37 1.45
N LYS A 68 13.70 -2.21 1.30
CA LYS A 68 14.35 -0.94 1.65
C LYS A 68 14.15 -0.66 3.13
N GLN A 69 14.82 0.36 3.64
CA GLN A 69 14.76 0.67 5.06
C GLN A 69 13.79 1.81 5.33
N HIS A 70 13.64 2.17 6.60
CA HIS A 70 12.68 3.21 7.00
C HIS A 70 13.02 4.55 6.34
N GLY A 71 14.31 4.86 6.29
CA GLY A 71 14.74 6.11 5.67
C GLY A 71 14.39 6.17 4.19
N ASP A 72 14.38 5.02 3.53
CA ASP A 72 14.05 4.94 2.11
C ASP A 72 12.58 5.26 1.88
N VAL A 73 11.71 4.70 2.71
CA VAL A 73 10.27 4.87 2.53
C VAL A 73 9.86 6.31 2.84
N VAL A 74 10.49 6.91 3.84
CA VAL A 74 10.25 8.31 4.17
C VAL A 74 10.74 9.20 3.04
N SER A 75 11.89 8.84 2.48
CA SER A 75 12.45 9.55 1.34
C SER A 75 11.52 9.45 0.14
N ALA A 76 10.92 8.27 -0.05
CA ALA A 76 9.96 8.05 -1.13
C ALA A 76 8.79 9.02 -1.02
N ILE A 77 8.30 9.20 0.20
CA ILE A 77 7.18 10.09 0.45
C ILE A 77 7.60 11.55 0.29
N ARG A 78 8.72 11.91 0.88
CA ARG A 78 9.22 13.27 0.84
C ARG A 78 9.62 13.69 -0.57
N ALA A 79 10.09 12.74 -1.37
CA ALA A 79 10.45 13.00 -2.75
C ALA A 79 9.24 13.42 -3.58
N GLY A 80 8.05 13.24 -3.01
CA GLY A 80 6.84 13.69 -3.67
C GLY A 80 6.61 15.17 -3.46
N GLY A 81 7.43 15.78 -2.61
CA GLY A 81 7.35 17.20 -2.37
C GLY A 81 6.31 17.56 -1.33
N ASP A 82 5.10 17.81 -1.80
CA ASP A 82 4.01 18.19 -0.92
C ASP A 82 2.91 17.15 -0.99
N GLU A 83 3.15 16.13 -1.80
CA GLU A 83 2.17 15.08 -2.03
C GLU A 83 2.83 13.72 -1.98
N THR A 84 2.03 12.69 -1.86
CA THR A 84 2.54 11.33 -1.85
C THR A 84 1.44 10.32 -2.17
N LYS A 85 1.83 9.25 -2.84
CA LYS A 85 0.94 8.15 -3.17
C LYS A 85 1.35 6.92 -2.38
N LEU A 86 0.48 6.45 -1.51
CA LEU A 86 0.76 5.27 -0.70
C LEU A 86 -0.11 4.10 -1.13
N LEU A 87 0.54 2.99 -1.46
CA LEU A 87 -0.19 1.77 -1.76
C LEU A 87 -0.21 0.86 -0.54
N VAL A 88 -1.41 0.58 -0.06
CA VAL A 88 -1.58 -0.34 1.04
C VAL A 88 -2.53 -1.46 0.62
N VAL A 89 -2.37 -2.61 1.23
CA VAL A 89 -3.18 -3.77 0.87
C VAL A 89 -3.95 -4.29 2.07
N ASP A 90 -5.23 -4.53 1.86
CA ASP A 90 -6.11 -5.07 2.88
C ASP A 90 -5.69 -6.48 3.27
N ARG A 91 -6.12 -6.93 4.43
CA ARG A 91 -5.83 -8.29 4.90
C ARG A 91 -6.21 -9.33 3.84
N GLU A 92 -7.36 -9.13 3.20
CA GLU A 92 -7.83 -10.04 2.17
C GLU A 92 -7.00 -9.89 0.90
N THR A 93 -6.62 -8.65 0.60
CA THR A 93 -5.87 -8.34 -0.61
C THR A 93 -4.45 -8.92 -0.56
N ASP A 94 -3.81 -8.78 0.59
CA ASP A 94 -2.46 -9.30 0.82
C ASP A 94 -2.44 -10.80 0.52
N GLU A 95 -3.40 -11.51 1.10
CA GLU A 95 -3.53 -12.95 0.90
C GLU A 95 -3.78 -13.28 -0.57
N PHE A 96 -4.62 -12.49 -1.23
CA PHE A 96 -5.01 -12.75 -2.60
C PHE A 96 -3.82 -12.62 -3.55
N PHE A 97 -3.07 -11.54 -3.43
CA PHE A 97 -1.93 -11.31 -4.31
C PHE A 97 -0.82 -12.31 -4.04
N LYS A 98 -0.62 -12.66 -2.77
CA LYS A 98 0.42 -13.60 -2.40
C LYS A 98 0.09 -15.01 -2.92
N LYS A 99 -1.20 -15.33 -3.07
CA LYS A 99 -1.59 -16.63 -3.61
C LYS A 99 -1.31 -16.68 -5.12
N CYS A 100 -1.23 -15.51 -5.74
CA CYS A 100 -0.95 -15.42 -7.16
C CYS A 100 0.55 -15.22 -7.39
N ARG A 101 1.27 -15.06 -6.28
CA ARG A 101 2.72 -14.90 -6.28
C ARG A 101 3.14 -13.65 -7.04
N VAL A 102 2.39 -12.58 -6.88
CA VAL A 102 2.66 -11.32 -7.55
C VAL A 102 2.48 -10.16 -6.58
N ILE A 103 3.18 -9.06 -6.85
CA ILE A 103 3.16 -7.91 -5.97
C ILE A 103 2.18 -6.86 -6.46
N PRO A 104 1.28 -6.39 -5.58
CA PRO A 104 0.23 -5.43 -5.93
C PRO A 104 0.75 -4.01 -6.14
N SER A 105 1.57 -3.83 -7.15
CA SER A 105 2.08 -2.52 -7.53
C SER A 105 1.01 -1.68 -8.23
N GLN A 106 1.31 -0.40 -8.45
CA GLN A 106 0.38 0.52 -9.12
C GLN A 106 -0.03 0.01 -10.49
N GLU A 107 0.81 -0.84 -11.08
CA GLU A 107 0.56 -1.38 -12.40
C GLU A 107 -0.73 -2.20 -12.42
N HIS A 108 -1.11 -2.73 -11.27
CA HIS A 108 -2.29 -3.59 -11.17
C HIS A 108 -3.58 -2.78 -11.08
N LEU A 109 -3.46 -1.50 -10.77
CA LEU A 109 -4.64 -0.63 -10.65
C LEU A 109 -5.17 -0.30 -12.03
N ASN A 110 -4.25 0.02 -12.93
CA ASN A 110 -4.59 0.32 -14.31
C ASN A 110 -4.38 -0.91 -15.17
N GLY A 111 -3.94 -1.99 -14.53
CA GLY A 111 -3.68 -3.21 -15.25
C GLY A 111 -4.62 -4.33 -14.88
N PRO A 112 -4.43 -5.54 -15.44
CA PRO A 112 -5.26 -6.69 -15.15
C PRO A 112 -4.89 -7.36 -13.85
N LEU A 113 -5.88 -7.93 -13.18
CA LEU A 113 -5.66 -8.64 -11.92
C LEU A 113 -5.27 -10.09 -12.19
N PRO A 114 -4.36 -10.63 -11.38
CA PRO A 114 -3.81 -11.98 -11.58
C PRO A 114 -4.78 -13.09 -11.15
N VAL A 115 -5.06 -13.99 -12.09
CA VAL A 115 -5.99 -15.12 -11.93
C VAL A 115 -7.44 -14.64 -11.69
N PRO A 116 -8.39 -15.25 -12.40
CA PRO A 116 -9.78 -14.88 -12.30
C PRO A 116 -10.46 -15.41 -11.05
N PHE A 117 -10.88 -14.49 -10.20
CA PHE A 117 -11.60 -14.84 -8.98
C PHE A 117 -13.09 -14.62 -9.18
N THR A 118 -13.49 -14.54 -10.43
CA THR A 118 -14.89 -14.38 -10.79
C THR A 118 -15.68 -15.62 -10.37
N ASN A 119 -16.86 -15.41 -9.79
CA ASN A 119 -17.70 -16.48 -9.25
C ASN A 119 -17.14 -16.98 -7.91
N GLY A 120 -15.86 -16.73 -7.69
CA GLY A 120 -15.25 -17.00 -6.41
C GLY A 120 -15.19 -15.74 -5.57
N GLU A 121 -16.10 -14.82 -5.88
CA GLU A 121 -16.18 -13.53 -5.22
C GLU A 121 -16.69 -13.69 -3.79
N ILE A 122 -16.41 -12.68 -2.97
CA ILE A 122 -16.79 -12.68 -1.57
C ILE A 122 -18.31 -12.53 -1.43
N GLN A 123 -18.96 -13.59 -0.98
CA GLN A 123 -20.39 -13.56 -0.77
C GLN A 123 -20.72 -12.86 0.55
N LYS A 124 -21.92 -12.33 0.65
CA LYS A 124 -22.29 -11.45 1.74
C LYS A 124 -23.34 -12.06 2.66
N GLU A 125 -23.10 -11.96 3.96
CA GLU A 125 -24.10 -12.29 4.96
C GLU A 125 -23.97 -11.33 6.13
N ASN A 126 -25.09 -10.70 6.49
CA ASN A 126 -25.15 -9.77 7.62
C ASN A 126 -24.28 -8.55 7.38
N SER A 127 -24.87 -7.52 6.81
CA SER A 127 -24.17 -6.28 6.53
C SER A 127 -25.06 -5.09 6.85
N ARG A 128 -24.95 -4.60 8.07
CA ARG A 128 -25.73 -3.46 8.50
C ARG A 128 -24.88 -2.21 8.43
N GLN B 1 10.82 4.40 18.03
CA GLN B 1 11.31 4.76 16.68
C GLN B 1 10.15 4.94 15.71
N ASP B 2 9.66 6.17 15.62
CA ASP B 2 8.53 6.48 14.76
C ASP B 2 8.80 7.70 13.93
N THR B 3 7.96 7.89 12.93
CA THR B 3 8.00 9.09 12.11
C THR B 3 6.58 9.59 11.86
N ARG B 4 6.31 10.81 12.29
CA ARG B 4 4.99 11.39 12.11
C ARG B 4 4.93 12.16 10.80
N LEU B 5 3.91 11.87 10.01
CA LEU B 5 3.70 12.51 8.74
C LEU B 5 2.21 12.80 8.57
N GLY A 1 -22.01 -15.66 -6.38
CA GLY A 1 -22.57 -15.22 -7.67
C GLY A 1 -22.88 -13.74 -7.66
N ILE A 2 -22.33 -13.01 -8.63
CA ILE A 2 -22.45 -11.56 -8.68
C ILE A 2 -21.84 -10.95 -7.42
N ASP A 3 -20.61 -11.36 -7.14
CA ASP A 3 -19.94 -10.99 -5.91
C ASP A 3 -19.04 -9.79 -6.13
N PRO A 4 -19.23 -8.71 -5.36
CA PRO A 4 -18.38 -7.52 -5.44
C PRO A 4 -17.00 -7.76 -4.83
N PHE A 5 -16.86 -8.86 -4.12
CA PHE A 5 -15.61 -9.19 -3.46
C PHE A 5 -14.80 -10.19 -4.28
N THR A 6 -15.13 -10.31 -5.56
CA THR A 6 -14.38 -11.18 -6.46
C THR A 6 -13.13 -10.44 -6.92
N MET A 7 -13.11 -9.14 -6.67
CA MET A 7 -11.98 -8.29 -7.03
C MET A 7 -11.54 -7.47 -5.82
N LEU A 8 -10.56 -8.00 -5.09
CA LEU A 8 -10.03 -7.34 -3.90
C LEU A 8 -9.41 -6.00 -4.27
N ARG A 9 -8.29 -6.05 -4.99
CA ARG A 9 -7.66 -4.86 -5.58
C ARG A 9 -7.08 -3.91 -4.52
N PRO A 10 -5.80 -3.53 -4.66
CA PRO A 10 -5.17 -2.54 -3.79
C PRO A 10 -5.67 -1.13 -4.10
N ARG A 11 -5.67 -0.25 -3.12
CA ARG A 11 -6.13 1.11 -3.34
C ARG A 11 -4.97 2.09 -3.20
N LEU A 12 -5.07 3.19 -3.91
CA LEU A 12 -4.01 4.18 -3.97
C LEU A 12 -4.47 5.48 -3.33
N CYS A 13 -3.92 5.78 -2.17
CA CYS A 13 -4.27 6.99 -1.44
C CYS A 13 -3.28 8.10 -1.74
N THR A 14 -3.79 9.27 -2.10
CA THR A 14 -2.93 10.40 -2.41
C THR A 14 -3.18 11.54 -1.44
N MET A 15 -2.19 11.85 -0.62
CA MET A 15 -2.33 12.88 0.39
C MET A 15 -1.24 13.94 0.23
N LYS A 16 -1.52 15.14 0.72
CA LYS A 16 -0.62 16.27 0.55
C LYS A 16 -0.18 16.80 1.90
N LYS A 17 0.96 17.48 1.92
CA LYS A 17 1.47 18.10 3.13
C LYS A 17 0.53 19.21 3.59
N GLY A 18 -0.01 19.05 4.79
CA GLY A 18 -0.91 20.03 5.34
C GLY A 18 -0.55 20.42 6.76
N PRO A 19 -0.80 19.55 7.75
CA PRO A 19 -0.53 19.85 9.16
C PRO A 19 0.96 19.86 9.48
N SER A 20 1.56 18.67 9.55
CA SER A 20 2.98 18.53 9.81
C SER A 20 3.54 17.50 8.83
N GLY A 21 2.80 17.33 7.75
CA GLY A 21 3.08 16.29 6.80
C GLY A 21 1.82 15.88 6.08
N TYR A 22 1.60 14.59 5.96
CA TYR A 22 0.49 14.08 5.18
C TYR A 22 -0.67 13.64 6.07
N GLY A 23 -0.40 13.47 7.35
CA GLY A 23 -1.46 13.21 8.29
C GLY A 23 -1.40 11.83 8.91
N PHE A 24 -0.29 11.14 8.75
CA PHE A 24 -0.15 9.80 9.30
C PHE A 24 1.15 9.66 10.08
N ASN A 25 1.38 8.48 10.64
CA ASN A 25 2.55 8.22 11.44
C ASN A 25 3.12 6.85 11.07
N LEU A 26 4.40 6.81 10.70
CA LEU A 26 5.06 5.55 10.39
C LEU A 26 5.78 5.01 11.61
N HIS A 27 5.45 3.80 11.99
CA HIS A 27 6.10 3.15 13.11
C HIS A 27 6.98 2.01 12.59
N SER A 28 8.13 1.84 13.18
CA SER A 28 9.04 0.79 12.75
C SER A 28 9.37 -0.11 13.93
N ASP A 29 9.60 -1.37 13.65
CA ASP A 29 9.84 -2.35 14.70
C ASP A 29 10.78 -3.41 14.18
N LYS A 30 11.43 -4.11 15.10
CA LYS A 30 12.47 -5.06 14.76
C LYS A 30 11.90 -6.46 14.55
N SER A 31 10.64 -6.63 14.93
CA SER A 31 10.00 -7.93 14.85
C SER A 31 8.67 -7.86 14.10
N LYS A 32 8.48 -6.80 13.34
CA LYS A 32 7.28 -6.65 12.52
C LYS A 32 7.63 -6.82 11.05
N PRO A 33 6.83 -7.59 10.31
CA PRO A 33 7.07 -7.86 8.89
C PRO A 33 6.63 -6.72 7.99
N GLY A 34 7.58 -5.88 7.61
CA GLY A 34 7.29 -4.81 6.67
C GLY A 34 7.03 -3.49 7.35
N GLN A 35 6.81 -2.45 6.55
CA GLN A 35 6.51 -1.13 7.06
C GLN A 35 5.01 -0.92 7.11
N PHE A 36 4.54 -0.26 8.16
CA PHE A 36 3.11 -0.16 8.40
C PHE A 36 2.72 1.23 8.89
N ILE A 37 1.50 1.63 8.58
CA ILE A 37 0.94 2.87 9.12
C ILE A 37 0.51 2.62 10.55
N ARG A 38 0.96 3.47 11.46
CA ARG A 38 0.68 3.28 12.87
C ARG A 38 -0.56 4.03 13.30
N SER A 39 -0.73 5.24 12.77
CA SER A 39 -1.88 6.06 13.14
C SER A 39 -2.24 7.03 12.03
N VAL A 40 -3.51 7.38 11.98
CA VAL A 40 -4.01 8.41 11.07
C VAL A 40 -4.88 9.37 11.86
N ASP A 41 -4.80 10.66 11.54
CA ASP A 41 -5.47 11.67 12.35
C ASP A 41 -6.81 12.03 11.72
N PRO A 42 -7.87 12.16 12.55
CA PRO A 42 -9.24 12.44 12.08
C PRO A 42 -9.31 13.43 10.92
N ASP A 43 -8.68 14.58 11.08
CA ASP A 43 -8.67 15.59 10.03
C ASP A 43 -7.29 15.66 9.39
N SER A 44 -6.98 14.63 8.61
CA SER A 44 -5.72 14.56 7.90
C SER A 44 -5.95 14.18 6.45
N PRO A 45 -5.10 14.69 5.55
CA PRO A 45 -5.08 14.31 4.13
C PRO A 45 -5.05 12.79 3.96
N ALA A 46 -4.26 12.13 4.79
CA ALA A 46 -4.18 10.67 4.79
C ALA A 46 -5.55 10.06 5.04
N GLU A 47 -6.24 10.55 6.06
CA GLU A 47 -7.59 10.10 6.38
C GLU A 47 -8.55 10.47 5.25
N ALA A 48 -8.35 11.66 4.68
CA ALA A 48 -9.17 12.15 3.60
C ALA A 48 -9.10 11.26 2.36
N SER A 49 -7.92 10.71 2.10
CA SER A 49 -7.72 9.83 0.95
C SER A 49 -8.17 8.40 1.27
N GLY A 50 -8.25 8.08 2.56
CA GLY A 50 -8.75 6.79 2.97
C GLY A 50 -7.66 5.85 3.46
N LEU A 51 -6.58 6.41 3.98
CA LEU A 51 -5.52 5.60 4.57
C LEU A 51 -5.95 5.07 5.93
N ARG A 52 -5.38 3.95 6.35
CA ARG A 52 -5.74 3.36 7.64
C ARG A 52 -4.49 2.90 8.39
N ALA A 53 -4.65 2.62 9.68
CA ALA A 53 -3.51 2.42 10.58
C ALA A 53 -3.22 0.93 10.84
N GLN A 54 -3.58 0.08 9.90
CA GLN A 54 -3.28 -1.34 10.01
C GLN A 54 -2.85 -1.88 8.66
N ASP A 55 -2.51 -0.98 7.76
CA ASP A 55 -2.21 -1.34 6.39
C ASP A 55 -0.72 -1.21 6.11
N ARG A 56 -0.25 -1.98 5.14
CA ARG A 56 1.13 -1.91 4.71
C ARG A 56 1.20 -1.35 3.30
N ILE A 57 2.31 -0.71 3.00
CA ILE A 57 2.48 -0.01 1.73
C ILE A 57 3.36 -0.83 0.79
N VAL A 58 2.92 -0.99 -0.45
CA VAL A 58 3.67 -1.75 -1.43
C VAL A 58 4.36 -0.83 -2.44
N GLU A 59 3.81 0.37 -2.61
CA GLU A 59 4.41 1.39 -3.47
C GLU A 59 4.19 2.78 -2.91
N VAL A 60 5.26 3.55 -2.86
CA VAL A 60 5.17 4.96 -2.50
C VAL A 60 5.67 5.84 -3.64
N ASN A 61 4.77 6.62 -4.23
CA ASN A 61 5.13 7.60 -5.27
C ASN A 61 5.81 6.92 -6.46
N GLY A 62 5.57 5.63 -6.64
CA GLY A 62 6.17 4.91 -7.75
C GLY A 62 7.41 4.18 -7.33
N VAL A 63 7.83 4.40 -6.08
CA VAL A 63 8.98 3.70 -5.54
C VAL A 63 8.54 2.40 -4.92
N CYS A 64 9.25 1.34 -5.26
CA CYS A 64 8.86 0.01 -4.84
C CYS A 64 9.14 -0.18 -3.36
N MET A 65 8.07 -0.42 -2.61
CA MET A 65 8.17 -0.48 -1.17
C MET A 65 8.26 -1.93 -0.73
N GLU A 66 9.34 -2.58 -1.17
CA GLU A 66 9.58 -4.00 -0.93
C GLU A 66 10.06 -4.25 0.49
N GLY A 67 9.38 -3.65 1.46
CA GLY A 67 9.87 -3.68 2.83
C GLY A 67 11.23 -3.01 2.93
N LYS A 68 11.29 -1.80 2.41
CA LYS A 68 12.55 -1.07 2.28
C LYS A 68 12.98 -0.49 3.63
N GLN A 69 14.21 0.00 3.68
CA GLN A 69 14.79 0.47 4.93
C GLN A 69 14.09 1.73 5.42
N HIS A 70 14.41 2.16 6.64
CA HIS A 70 13.74 3.30 7.25
C HIS A 70 13.93 4.55 6.39
N GLY A 71 15.17 4.80 5.99
CA GLY A 71 15.46 5.95 5.16
C GLY A 71 14.79 5.87 3.81
N ASP A 72 14.77 4.67 3.24
CA ASP A 72 14.20 4.47 1.90
C ASP A 72 12.72 4.81 1.86
N VAL A 73 11.95 4.34 2.84
CA VAL A 73 10.51 4.58 2.85
C VAL A 73 10.22 6.07 3.00
N VAL A 74 10.98 6.75 3.84
CA VAL A 74 10.82 8.17 4.05
C VAL A 74 11.21 8.95 2.80
N SER A 75 12.31 8.53 2.18
CA SER A 75 12.81 9.18 0.98
C SER A 75 11.81 9.07 -0.17
N ALA A 76 11.18 7.90 -0.28
CA ALA A 76 10.18 7.65 -1.30
C ALA A 76 9.01 8.62 -1.14
N ILE A 77 8.57 8.80 0.10
CA ILE A 77 7.44 9.66 0.41
C ILE A 77 7.77 11.13 0.20
N ARG A 78 8.92 11.53 0.69
CA ARG A 78 9.37 12.92 0.56
C ARG A 78 9.61 13.30 -0.90
N ALA A 79 10.03 12.31 -1.69
CA ALA A 79 10.30 12.52 -3.12
C ALA A 79 9.04 12.94 -3.88
N GLY A 80 7.88 12.84 -3.25
CA GLY A 80 6.65 13.28 -3.87
C GLY A 80 6.53 14.80 -3.88
N GLY A 81 7.39 15.46 -3.11
CA GLY A 81 7.37 16.90 -3.04
C GLY A 81 6.55 17.39 -1.86
N ASP A 82 5.30 17.71 -2.13
CA ASP A 82 4.36 18.10 -1.09
C ASP A 82 3.18 17.14 -1.11
N GLU A 83 3.40 15.99 -1.70
CA GLU A 83 2.39 14.97 -1.87
C GLU A 83 3.01 13.60 -1.76
N THR A 84 2.18 12.59 -1.60
CA THR A 84 2.66 11.24 -1.61
C THR A 84 1.53 10.28 -1.99
N LYS A 85 1.86 9.31 -2.80
CA LYS A 85 0.94 8.27 -3.19
C LYS A 85 1.26 7.00 -2.43
N LEU A 86 0.36 6.59 -1.57
CA LEU A 86 0.58 5.41 -0.74
C LEU A 86 -0.33 4.28 -1.21
N LEU A 87 0.28 3.22 -1.70
CA LEU A 87 -0.46 2.07 -2.17
C LEU A 87 -0.52 1.02 -1.09
N VAL A 88 -1.72 0.70 -0.65
CA VAL A 88 -1.90 -0.23 0.46
C VAL A 88 -2.78 -1.41 0.08
N VAL A 89 -2.64 -2.48 0.83
CA VAL A 89 -3.41 -3.70 0.59
C VAL A 89 -4.07 -4.19 1.87
N ASP A 90 -5.35 -4.54 1.77
CA ASP A 90 -6.07 -5.17 2.87
C ASP A 90 -5.51 -6.55 3.13
N ARG A 91 -5.82 -7.13 4.28
CA ARG A 91 -5.26 -8.43 4.67
C ARG A 91 -5.48 -9.49 3.59
N GLU A 92 -6.71 -9.57 3.05
CA GLU A 92 -7.01 -10.52 1.99
C GLU A 92 -6.28 -10.15 0.69
N THR A 93 -6.10 -8.86 0.47
CA THR A 93 -5.43 -8.39 -0.74
C THR A 93 -3.94 -8.77 -0.71
N ASP A 94 -3.35 -8.69 0.48
CA ASP A 94 -1.96 -9.08 0.68
C ASP A 94 -1.74 -10.55 0.32
N GLU A 95 -2.60 -11.40 0.87
CA GLU A 95 -2.48 -12.84 0.66
C GLU A 95 -2.80 -13.21 -0.79
N PHE A 96 -3.73 -12.47 -1.39
CA PHE A 96 -4.15 -12.74 -2.77
C PHE A 96 -2.97 -12.60 -3.74
N PHE A 97 -2.23 -11.50 -3.61
CA PHE A 97 -1.10 -11.25 -4.50
C PHE A 97 0.05 -12.23 -4.24
N LYS A 98 0.26 -12.61 -2.99
CA LYS A 98 1.39 -13.46 -2.64
C LYS A 98 1.25 -14.86 -3.23
N LYS A 99 0.01 -15.30 -3.47
CA LYS A 99 -0.23 -16.64 -3.99
C LYS A 99 0.26 -16.77 -5.43
N CYS A 100 0.34 -15.64 -6.13
CA CYS A 100 0.85 -15.61 -7.49
C CYS A 100 2.28 -15.06 -7.50
N ARG A 101 2.78 -14.79 -6.28
CA ARG A 101 4.11 -14.22 -6.07
C ARG A 101 4.33 -12.95 -6.89
N VAL A 102 3.33 -12.08 -6.89
CA VAL A 102 3.41 -10.85 -7.66
C VAL A 102 3.15 -9.64 -6.76
N ILE A 103 3.92 -8.60 -6.99
CA ILE A 103 3.79 -7.36 -6.23
C ILE A 103 2.57 -6.58 -6.72
N PRO A 104 1.73 -6.10 -5.79
CA PRO A 104 0.52 -5.34 -6.12
C PRO A 104 0.81 -3.94 -6.65
N SER A 105 1.64 -3.87 -7.68
CA SER A 105 2.00 -2.60 -8.30
C SER A 105 0.77 -1.88 -8.86
N GLN A 106 0.91 -0.56 -8.98
CA GLN A 106 -0.20 0.35 -9.30
C GLN A 106 -0.98 -0.08 -10.54
N GLU A 107 -0.33 -0.82 -11.43
CA GLU A 107 -0.97 -1.28 -12.66
C GLU A 107 -2.14 -2.21 -12.35
N HIS A 108 -2.05 -2.90 -11.22
CA HIS A 108 -3.07 -3.88 -10.85
C HIS A 108 -4.35 -3.20 -10.40
N LEU A 109 -4.21 -2.07 -9.74
CA LEU A 109 -5.38 -1.30 -9.33
C LEU A 109 -5.95 -0.59 -10.55
N ASN A 110 -5.06 -0.22 -11.46
CA ASN A 110 -5.42 0.51 -12.66
C ASN A 110 -6.20 -0.37 -13.63
N GLY A 111 -5.73 -1.61 -13.80
CA GLY A 111 -6.38 -2.50 -14.75
C GLY A 111 -6.36 -3.95 -14.34
N PRO A 112 -5.34 -4.72 -14.75
CA PRO A 112 -5.33 -6.16 -14.64
C PRO A 112 -4.95 -6.72 -13.28
N LEU A 113 -5.55 -7.83 -12.94
CA LEU A 113 -5.21 -8.61 -11.76
C LEU A 113 -4.73 -9.98 -12.20
N PRO A 114 -3.82 -10.61 -11.44
CA PRO A 114 -3.22 -11.87 -11.84
C PRO A 114 -4.13 -13.08 -11.61
N VAL A 115 -3.93 -14.08 -12.44
CA VAL A 115 -4.75 -15.29 -12.38
C VAL A 115 -4.06 -16.38 -11.56
N PRO A 116 -4.83 -17.18 -10.81
CA PRO A 116 -4.30 -18.30 -10.06
C PRO A 116 -4.16 -19.56 -10.92
N PHE A 117 -2.92 -19.90 -11.23
CA PHE A 117 -2.64 -21.12 -11.97
C PHE A 117 -1.97 -22.12 -11.02
N THR A 118 -2.79 -22.74 -10.20
CA THR A 118 -2.30 -23.59 -9.13
C THR A 118 -1.86 -24.96 -9.65
N ASN A 119 -0.70 -24.99 -10.30
CA ASN A 119 -0.08 -26.25 -10.70
C ASN A 119 0.55 -26.91 -9.48
N GLY A 120 1.06 -26.08 -8.58
CA GLY A 120 1.57 -26.58 -7.32
C GLY A 120 3.01 -27.06 -7.39
N GLU A 121 3.30 -27.90 -8.37
CA GLU A 121 4.60 -28.55 -8.47
C GLU A 121 5.67 -27.62 -9.02
N ILE A 122 5.31 -26.37 -9.18
CA ILE A 122 6.24 -25.35 -9.62
C ILE A 122 6.85 -24.68 -8.41
N GLN A 123 7.99 -25.21 -7.97
CA GLN A 123 8.65 -24.71 -6.78
C GLN A 123 9.96 -24.03 -7.15
N LYS A 124 10.55 -23.34 -6.19
CA LYS A 124 11.80 -22.64 -6.41
C LYS A 124 12.62 -22.56 -5.12
N GLU A 125 13.60 -23.45 -5.01
CA GLU A 125 14.53 -23.41 -3.90
C GLU A 125 15.68 -22.45 -4.21
N ASN A 126 16.57 -22.28 -3.24
CA ASN A 126 17.69 -21.35 -3.36
C ASN A 126 17.19 -19.95 -3.69
N SER A 127 16.14 -19.55 -2.99
CA SER A 127 15.53 -18.26 -3.20
C SER A 127 15.65 -17.40 -1.94
N ARG A 128 15.31 -16.12 -2.06
CA ARG A 128 15.41 -15.17 -0.96
C ARG A 128 16.86 -14.99 -0.52
N GLN B 1 12.97 7.74 17.24
CA GLN B 1 12.26 6.52 16.79
C GLN B 1 11.04 6.89 15.95
N ASP B 2 10.83 6.13 14.88
CA ASP B 2 9.67 6.28 14.01
C ASP B 2 9.73 7.55 13.19
N THR B 3 8.71 7.76 12.38
CA THR B 3 8.64 8.95 11.56
C THR B 3 7.19 9.41 11.42
N ARG B 4 6.92 10.66 11.76
CA ARG B 4 5.59 11.21 11.56
C ARG B 4 5.53 11.95 10.24
N LEU B 5 4.41 11.80 9.55
CA LEU B 5 4.21 12.46 8.27
C LEU B 5 2.76 12.89 8.16
N GLY A 1 -24.72 -16.09 -5.47
CA GLY A 1 -24.84 -15.30 -6.71
C GLY A 1 -23.49 -14.80 -7.19
N ILE A 2 -23.45 -13.58 -7.70
CA ILE A 2 -22.21 -13.01 -8.20
C ILE A 2 -21.33 -12.54 -7.04
N ASP A 3 -20.04 -12.52 -7.27
CA ASP A 3 -19.08 -12.14 -6.24
C ASP A 3 -18.45 -10.79 -6.56
N PRO A 4 -18.88 -9.73 -5.87
CA PRO A 4 -18.35 -8.38 -6.08
C PRO A 4 -16.92 -8.27 -5.55
N PHE A 5 -16.57 -9.20 -4.66
CA PHE A 5 -15.26 -9.21 -4.03
C PHE A 5 -14.21 -9.85 -4.95
N THR A 6 -14.52 -9.91 -6.24
CA THR A 6 -13.57 -10.35 -7.24
C THR A 6 -12.59 -9.22 -7.56
N MET A 7 -12.98 -8.00 -7.18
CA MET A 7 -12.19 -6.82 -7.45
C MET A 7 -11.13 -6.61 -6.38
N LEU A 8 -10.31 -7.62 -6.17
CA LEU A 8 -9.23 -7.53 -5.19
C LEU A 8 -8.03 -6.82 -5.78
N ARG A 9 -8.08 -5.51 -5.67
CA ARG A 9 -7.00 -4.64 -6.14
C ARG A 9 -6.54 -3.75 -5.00
N PRO A 10 -5.23 -3.41 -4.97
CA PRO A 10 -4.66 -2.60 -3.90
C PRO A 10 -5.24 -1.19 -3.86
N ARG A 11 -5.29 -0.63 -2.68
CA ARG A 11 -5.85 0.69 -2.46
C ARG A 11 -4.76 1.74 -2.67
N LEU A 12 -5.06 2.76 -3.46
CA LEU A 12 -4.09 3.82 -3.70
C LEU A 12 -4.57 5.11 -3.05
N CYS A 13 -3.93 5.48 -1.95
CA CYS A 13 -4.30 6.69 -1.23
C CYS A 13 -3.36 7.82 -1.60
N THR A 14 -3.92 8.96 -1.96
CA THR A 14 -3.11 10.10 -2.35
C THR A 14 -3.37 11.26 -1.41
N MET A 15 -2.35 11.63 -0.64
CA MET A 15 -2.49 12.70 0.33
C MET A 15 -1.40 13.74 0.14
N LYS A 16 -1.77 14.99 0.31
CA LYS A 16 -0.83 16.10 0.17
C LYS A 16 -0.52 16.65 1.55
N LYS A 17 0.64 17.28 1.69
CA LYS A 17 1.11 17.72 2.99
C LYS A 17 0.26 18.89 3.51
N GLY A 18 0.00 18.89 4.80
CA GLY A 18 -0.74 19.97 5.43
C GLY A 18 0.12 20.78 6.36
N PRO A 19 0.00 20.57 7.68
CA PRO A 19 0.79 21.31 8.68
C PRO A 19 2.29 21.12 8.48
N SER A 20 2.78 19.90 8.71
CA SER A 20 4.18 19.59 8.47
C SER A 20 4.31 18.13 8.05
N GLY A 21 3.26 17.63 7.42
CA GLY A 21 3.21 16.23 7.06
C GLY A 21 1.93 15.90 6.31
N TYR A 22 1.62 14.62 6.18
CA TYR A 22 0.50 14.17 5.37
C TYR A 22 -0.65 13.69 6.26
N GLY A 23 -0.35 13.39 7.51
CA GLY A 23 -1.41 13.08 8.44
C GLY A 23 -1.31 11.68 9.03
N PHE A 24 -0.19 11.00 8.82
CA PHE A 24 -0.05 9.64 9.29
C PHE A 24 1.26 9.42 10.06
N ASN A 25 1.27 8.39 10.89
CA ASN A 25 2.47 8.02 11.63
C ASN A 25 3.03 6.71 11.10
N LEU A 26 4.29 6.73 10.72
CA LEU A 26 4.97 5.53 10.26
C LEU A 26 5.68 4.86 11.42
N HIS A 27 5.41 3.58 11.60
CA HIS A 27 6.03 2.80 12.66
C HIS A 27 6.54 1.49 12.11
N SER A 28 7.66 1.04 12.63
CA SER A 28 8.23 -0.23 12.22
C SER A 28 8.61 -1.06 13.45
N ASP A 29 8.33 -2.35 13.37
CA ASP A 29 8.74 -3.28 14.42
C ASP A 29 9.78 -4.23 13.84
N LYS A 30 10.64 -4.74 14.69
CA LYS A 30 11.76 -5.56 14.22
C LYS A 30 11.28 -6.98 13.90
N SER A 31 10.06 -7.29 14.32
CA SER A 31 9.45 -8.57 13.99
C SER A 31 8.54 -8.45 12.77
N LYS A 32 8.38 -7.22 12.29
CA LYS A 32 7.53 -6.95 11.14
C LYS A 32 8.37 -6.62 9.91
N PRO A 33 7.93 -7.04 8.72
CA PRO A 33 8.65 -6.78 7.48
C PRO A 33 8.22 -5.47 6.81
N GLY A 34 9.07 -4.47 6.92
CA GLY A 34 8.82 -3.21 6.24
C GLY A 34 8.21 -2.17 7.15
N GLN A 35 7.61 -1.15 6.54
CA GLN A 35 6.99 -0.07 7.29
C GLN A 35 5.48 -0.08 7.09
N PHE A 36 4.76 0.25 8.15
CA PHE A 36 3.31 0.21 8.17
C PHE A 36 2.76 1.43 8.90
N ILE A 37 1.52 1.78 8.61
CA ILE A 37 0.89 2.93 9.23
C ILE A 37 0.52 2.61 10.68
N ARG A 38 1.09 3.37 11.60
CA ARG A 38 0.83 3.21 13.02
C ARG A 38 -0.58 3.67 13.33
N SER A 39 -0.90 4.87 12.89
CA SER A 39 -2.20 5.48 13.12
C SER A 39 -2.39 6.66 12.19
N VAL A 40 -3.64 6.95 11.88
CA VAL A 40 -3.98 8.10 11.05
C VAL A 40 -4.84 9.06 11.86
N ASP A 41 -4.63 10.34 11.66
CA ASP A 41 -5.37 11.35 12.40
C ASP A 41 -6.65 11.69 11.66
N PRO A 42 -7.79 11.68 12.37
CA PRO A 42 -9.11 11.94 11.79
C PRO A 42 -9.17 13.22 10.96
N ASP A 43 -8.29 14.16 11.31
CA ASP A 43 -8.18 15.40 10.57
C ASP A 43 -6.90 15.39 9.72
N SER A 44 -6.91 14.58 8.67
CA SER A 44 -5.77 14.50 7.77
C SER A 44 -6.23 14.06 6.38
N PRO A 45 -5.49 14.53 5.35
CA PRO A 45 -5.71 14.09 3.97
C PRO A 45 -5.47 12.59 3.80
N ALA A 46 -4.62 12.03 4.66
CA ALA A 46 -4.37 10.59 4.66
C ALA A 46 -5.64 9.83 5.04
N GLU A 47 -6.25 10.26 6.13
CA GLU A 47 -7.51 9.69 6.59
C GLU A 47 -8.59 9.85 5.52
N ALA A 48 -8.61 11.02 4.89
CA ALA A 48 -9.59 11.33 3.85
C ALA A 48 -9.44 10.41 2.63
N SER A 49 -8.20 10.02 2.33
CA SER A 49 -7.93 9.18 1.17
C SER A 49 -8.20 7.71 1.46
N GLY A 50 -8.62 7.42 2.69
CA GLY A 50 -8.98 6.05 3.04
C GLY A 50 -7.82 5.26 3.61
N LEU A 51 -6.84 5.95 4.17
CA LEU A 51 -5.72 5.29 4.81
C LEU A 51 -6.08 4.99 6.26
N ARG A 52 -5.67 3.84 6.76
CA ARG A 52 -5.98 3.47 8.12
C ARG A 52 -4.74 2.92 8.83
N ALA A 53 -4.90 2.59 10.10
CA ALA A 53 -3.84 2.01 10.89
C ALA A 53 -3.66 0.54 10.55
N GLN A 54 -2.40 0.09 10.60
CA GLN A 54 -2.03 -1.30 10.34
C GLN A 54 -2.12 -1.67 8.87
N ASP A 55 -2.34 -0.67 8.02
CA ASP A 55 -2.21 -0.87 6.58
C ASP A 55 -0.74 -0.83 6.18
N ARG A 56 -0.33 -1.73 5.30
CA ARG A 56 1.05 -1.78 4.85
C ARG A 56 1.18 -1.19 3.47
N ILE A 57 2.29 -0.50 3.25
CA ILE A 57 2.53 0.19 2.00
C ILE A 57 3.43 -0.62 1.09
N VAL A 58 3.01 -0.77 -0.16
CA VAL A 58 3.78 -1.50 -1.14
C VAL A 58 4.57 -0.55 -2.04
N GLU A 59 3.91 0.54 -2.45
CA GLU A 59 4.54 1.52 -3.31
C GLU A 59 4.28 2.93 -2.81
N VAL A 60 5.29 3.77 -2.89
CA VAL A 60 5.17 5.17 -2.52
C VAL A 60 5.61 6.05 -3.68
N ASN A 61 4.67 6.79 -4.26
CA ASN A 61 4.99 7.74 -5.33
C ASN A 61 5.65 7.06 -6.53
N GLY A 62 5.41 5.77 -6.67
CA GLY A 62 5.99 5.01 -7.76
C GLY A 62 7.23 4.25 -7.35
N VAL A 63 7.67 4.50 -6.12
CA VAL A 63 8.82 3.82 -5.56
C VAL A 63 8.36 2.59 -4.80
N CYS A 64 9.08 1.50 -4.95
CA CYS A 64 8.67 0.23 -4.39
C CYS A 64 9.27 0.04 -3.00
N MET A 65 8.46 -0.40 -2.05
CA MET A 65 8.90 -0.61 -0.68
C MET A 65 9.40 -2.04 -0.49
N GLU A 66 10.23 -2.49 -1.42
CA GLU A 66 10.76 -3.85 -1.38
C GLU A 66 11.93 -3.93 -0.41
N GLY A 67 11.63 -4.22 0.84
CA GLY A 67 12.67 -4.31 1.86
C GLY A 67 13.28 -2.96 2.15
N LYS A 68 12.50 -1.92 1.93
CA LYS A 68 12.96 -0.55 2.12
C LYS A 68 13.21 -0.24 3.59
N GLN A 69 14.30 0.45 3.84
CA GLN A 69 14.69 0.86 5.18
C GLN A 69 13.73 1.91 5.70
N HIS A 70 13.83 2.24 6.99
CA HIS A 70 12.94 3.24 7.57
C HIS A 70 13.13 4.59 6.89
N GLY A 71 14.38 4.93 6.61
CA GLY A 71 14.67 6.18 5.92
C GLY A 71 14.23 6.15 4.48
N ASP A 72 14.29 4.97 3.86
CA ASP A 72 13.94 4.81 2.45
C ASP A 72 12.48 5.11 2.20
N VAL A 73 11.60 4.58 3.04
CA VAL A 73 10.17 4.80 2.88
C VAL A 73 9.85 6.29 3.06
N VAL A 74 10.50 6.93 4.04
CA VAL A 74 10.30 8.34 4.30
C VAL A 74 10.86 9.16 3.14
N SER A 75 11.96 8.69 2.56
CA SER A 75 12.58 9.34 1.43
C SER A 75 11.65 9.31 0.22
N ALA A 76 11.05 8.15 -0.03
CA ALA A 76 10.09 8.00 -1.13
C ALA A 76 8.93 8.99 -0.99
N ILE A 77 8.46 9.15 0.25
CA ILE A 77 7.35 10.03 0.56
C ILE A 77 7.75 11.50 0.42
N ARG A 78 8.90 11.86 0.98
CA ARG A 78 9.39 13.24 0.90
C ARG A 78 9.77 13.60 -0.54
N ALA A 79 10.26 12.62 -1.29
CA ALA A 79 10.65 12.83 -2.69
C ALA A 79 9.43 13.05 -3.58
N GLY A 80 8.25 12.80 -3.04
CA GLY A 80 7.02 13.03 -3.79
C GLY A 80 6.79 14.51 -4.04
N GLY A 81 7.39 15.34 -3.21
CA GLY A 81 7.26 16.78 -3.36
C GLY A 81 6.43 17.39 -2.26
N ASP A 82 5.12 17.46 -2.49
CA ASP A 82 4.21 18.04 -1.53
C ASP A 82 3.05 17.10 -1.36
N GLU A 83 3.22 15.93 -1.92
CA GLU A 83 2.19 14.93 -2.00
C GLU A 83 2.82 13.56 -1.98
N THR A 84 2.09 12.58 -1.50
CA THR A 84 2.56 11.22 -1.50
C THR A 84 1.44 10.26 -1.87
N LYS A 85 1.74 9.38 -2.82
CA LYS A 85 0.81 8.32 -3.18
C LYS A 85 1.23 7.05 -2.47
N LEU A 86 0.36 6.56 -1.61
CA LEU A 86 0.66 5.38 -0.83
C LEU A 86 -0.20 4.22 -1.32
N LEU A 87 0.44 3.17 -1.77
CA LEU A 87 -0.26 2.00 -2.22
C LEU A 87 -0.34 1.00 -1.09
N VAL A 88 -1.54 0.70 -0.64
CA VAL A 88 -1.73 -0.19 0.49
C VAL A 88 -2.64 -1.34 0.11
N VAL A 89 -2.47 -2.46 0.79
CA VAL A 89 -3.29 -3.63 0.52
C VAL A 89 -4.03 -4.06 1.78
N ASP A 90 -5.32 -4.29 1.65
CA ASP A 90 -6.12 -4.82 2.73
C ASP A 90 -5.83 -6.30 2.89
N ARG A 91 -6.25 -6.88 4.01
CA ARG A 91 -5.92 -8.26 4.34
C ARG A 91 -6.28 -9.22 3.19
N GLU A 92 -7.47 -9.05 2.63
CA GLU A 92 -7.98 -9.95 1.60
C GLU A 92 -7.24 -9.76 0.28
N THR A 93 -6.98 -8.50 -0.07
CA THR A 93 -6.22 -8.18 -1.27
C THR A 93 -4.76 -8.63 -1.14
N ASP A 94 -4.17 -8.40 0.03
CA ASP A 94 -2.79 -8.80 0.30
C ASP A 94 -2.61 -10.29 0.09
N GLU A 95 -3.51 -11.06 0.69
CA GLU A 95 -3.49 -12.51 0.56
C GLU A 95 -3.69 -12.94 -0.88
N PHE A 96 -4.46 -12.16 -1.64
CA PHE A 96 -4.70 -12.48 -3.04
C PHE A 96 -3.43 -12.37 -3.87
N PHE A 97 -2.71 -11.28 -3.71
CA PHE A 97 -1.45 -11.10 -4.43
C PHE A 97 -0.39 -12.07 -3.93
N LYS A 98 -0.31 -12.24 -2.62
CA LYS A 98 0.72 -13.07 -2.02
C LYS A 98 0.52 -14.55 -2.36
N LYS A 99 -0.73 -14.95 -2.61
CA LYS A 99 -1.02 -16.34 -2.97
C LYS A 99 -0.49 -16.65 -4.36
N CYS A 100 -0.33 -15.60 -5.16
CA CYS A 100 0.21 -15.75 -6.51
C CYS A 100 1.71 -15.47 -6.48
N ARG A 101 2.21 -15.20 -5.29
CA ARG A 101 3.63 -14.93 -5.05
C ARG A 101 4.11 -13.75 -5.87
N VAL A 102 3.22 -12.80 -6.07
CA VAL A 102 3.49 -11.64 -6.92
C VAL A 102 3.46 -10.36 -6.10
N ILE A 103 4.06 -9.31 -6.64
CA ILE A 103 4.15 -8.03 -5.97
C ILE A 103 3.08 -7.08 -6.51
N PRO A 104 2.24 -6.52 -5.62
CA PRO A 104 1.21 -5.56 -6.01
C PRO A 104 1.82 -4.25 -6.48
N SER A 105 1.21 -3.63 -7.48
CA SER A 105 1.68 -2.36 -8.00
C SER A 105 0.50 -1.52 -8.50
N GLN A 106 0.74 -0.23 -8.65
CA GLN A 106 -0.29 0.69 -9.12
C GLN A 106 -0.80 0.29 -10.50
N GLU A 107 0.10 -0.24 -11.31
CA GLU A 107 -0.24 -0.64 -12.67
C GLU A 107 -1.22 -1.81 -12.67
N HIS A 108 -1.19 -2.62 -11.62
CA HIS A 108 -2.04 -3.80 -11.55
C HIS A 108 -3.50 -3.42 -11.27
N LEU A 109 -3.71 -2.39 -10.46
CA LEU A 109 -5.06 -1.91 -10.20
C LEU A 109 -5.55 -1.11 -11.41
N ASN A 110 -4.60 -0.48 -12.10
CA ASN A 110 -4.91 0.29 -13.30
C ASN A 110 -5.32 -0.62 -14.45
N GLY A 111 -4.51 -1.64 -14.70
CA GLY A 111 -4.75 -2.49 -15.85
C GLY A 111 -4.78 -3.97 -15.53
N PRO A 112 -3.74 -4.72 -15.94
CA PRO A 112 -3.74 -6.19 -15.86
C PRO A 112 -3.31 -6.73 -14.49
N LEU A 113 -3.70 -7.98 -14.24
CA LEU A 113 -3.36 -8.67 -13.01
C LEU A 113 -2.51 -9.91 -13.32
N PRO A 114 -2.00 -10.60 -12.29
CA PRO A 114 -1.28 -11.87 -12.49
C PRO A 114 -2.15 -12.92 -13.15
N VAL A 115 -1.52 -13.90 -13.80
CA VAL A 115 -2.23 -14.90 -14.57
C VAL A 115 -3.01 -14.27 -15.72
N PRO A 116 -2.31 -14.00 -16.82
CA PRO A 116 -2.87 -13.27 -17.96
C PRO A 116 -4.00 -14.02 -18.65
N PHE A 117 -5.05 -13.27 -18.99
CA PHE A 117 -6.16 -13.82 -19.76
C PHE A 117 -6.30 -13.06 -21.07
N THR A 118 -5.33 -12.20 -21.31
CA THR A 118 -5.34 -11.32 -22.46
C THR A 118 -4.47 -11.87 -23.58
N ASN A 119 -5.11 -12.36 -24.64
CA ASN A 119 -4.41 -12.73 -25.86
C ASN A 119 -3.87 -11.45 -26.50
N GLY A 120 -4.68 -10.41 -26.39
CA GLY A 120 -4.26 -9.09 -26.78
C GLY A 120 -3.50 -8.42 -25.65
N GLU A 121 -2.25 -8.82 -25.49
CA GLU A 121 -1.41 -8.36 -24.39
C GLU A 121 -1.30 -6.83 -24.40
N ILE A 122 -1.28 -6.24 -23.20
CA ILE A 122 -1.25 -4.80 -23.07
C ILE A 122 0.15 -4.28 -23.37
N GLN A 123 0.39 -4.02 -24.64
CA GLN A 123 1.63 -3.41 -25.09
C GLN A 123 1.61 -1.93 -24.76
N LYS A 124 2.79 -1.32 -24.69
CA LYS A 124 2.89 0.11 -24.43
C LYS A 124 2.47 0.90 -25.66
N GLU A 125 1.16 1.10 -25.77
CA GLU A 125 0.57 1.75 -26.92
C GLU A 125 1.06 3.20 -27.07
N ASN A 126 1.93 3.41 -28.03
CA ASN A 126 2.39 4.76 -28.36
C ASN A 126 1.48 5.32 -29.44
N SER A 127 1.24 6.61 -29.39
CA SER A 127 0.33 7.23 -30.34
C SER A 127 1.03 8.32 -31.13
N ARG A 128 1.18 8.09 -32.42
CA ARG A 128 1.79 9.05 -33.32
C ARG A 128 0.80 10.17 -33.61
N GLN B 1 4.95 6.34 17.06
CA GLN B 1 5.83 7.34 17.70
C GLN B 1 7.13 7.50 16.92
N ASP B 2 7.37 6.61 15.95
CA ASP B 2 8.59 6.65 15.14
C ASP B 2 8.68 7.94 14.35
N THR B 3 8.00 7.96 13.21
CA THR B 3 8.07 9.08 12.31
C THR B 3 6.69 9.65 12.01
N ARG B 4 6.49 10.91 12.36
CA ARG B 4 5.23 11.58 12.11
C ARG B 4 5.26 12.32 10.78
N LEU B 5 4.44 11.87 9.84
CA LEU B 5 4.29 12.54 8.57
C LEU B 5 2.86 12.99 8.43
N GLY A 1 -18.48 -18.90 -2.67
CA GLY A 1 -17.48 -19.73 -3.38
C GLY A 1 -16.18 -18.96 -3.62
N ILE A 2 -15.60 -19.15 -4.79
CA ILE A 2 -14.39 -18.43 -5.16
C ILE A 2 -14.77 -17.10 -5.79
N ASP A 3 -14.48 -16.00 -5.10
CA ASP A 3 -14.87 -14.67 -5.56
C ASP A 3 -13.82 -14.09 -6.51
N PRO A 4 -14.13 -14.03 -7.82
CA PRO A 4 -13.25 -13.40 -8.81
C PRO A 4 -13.48 -11.90 -8.90
N PHE A 5 -14.75 -11.51 -8.92
CA PHE A 5 -15.13 -10.12 -9.10
C PHE A 5 -15.17 -9.38 -7.77
N THR A 6 -14.43 -9.87 -6.80
CA THR A 6 -14.24 -9.16 -5.54
C THR A 6 -13.13 -8.15 -5.73
N MET A 7 -12.32 -8.40 -6.77
CA MET A 7 -11.26 -7.51 -7.20
C MET A 7 -10.48 -6.91 -6.04
N LEU A 8 -9.73 -7.75 -5.35
CA LEU A 8 -8.90 -7.30 -4.25
C LEU A 8 -7.68 -6.59 -4.79
N ARG A 9 -7.86 -5.31 -5.01
CA ARG A 9 -6.83 -4.47 -5.59
C ARG A 9 -6.28 -3.51 -4.54
N PRO A 10 -4.99 -3.16 -4.63
CA PRO A 10 -4.36 -2.22 -3.71
C PRO A 10 -4.89 -0.80 -3.93
N ARG A 11 -5.21 -0.12 -2.86
CA ARG A 11 -5.75 1.23 -2.96
C ARG A 11 -4.63 2.26 -2.96
N LEU A 12 -4.70 3.19 -3.90
CA LEU A 12 -3.73 4.27 -3.97
C LEU A 12 -4.27 5.50 -3.27
N CYS A 13 -3.73 5.78 -2.11
CA CYS A 13 -4.14 6.93 -1.32
C CYS A 13 -3.24 8.10 -1.64
N THR A 14 -3.81 9.21 -2.02
CA THR A 14 -3.02 10.36 -2.44
C THR A 14 -3.30 11.56 -1.55
N MET A 15 -2.28 11.97 -0.81
CA MET A 15 -2.41 13.07 0.13
C MET A 15 -1.26 14.05 -0.03
N LYS A 16 -1.50 15.29 0.33
CA LYS A 16 -0.46 16.31 0.32
C LYS A 16 -0.43 17.01 1.67
N LYS A 17 0.72 17.58 1.99
CA LYS A 17 0.93 18.23 3.27
C LYS A 17 -0.11 19.29 3.56
N GLY A 18 -0.75 19.17 4.70
CA GLY A 18 -1.68 20.18 5.16
C GLY A 18 -1.01 21.14 6.12
N PRO A 19 -0.82 20.71 7.38
CA PRO A 19 -0.07 21.49 8.37
C PRO A 19 1.43 21.43 8.10
N SER A 20 2.03 20.29 8.42
CA SER A 20 3.43 20.07 8.12
C SER A 20 3.62 18.65 7.58
N GLY A 21 2.52 17.96 7.37
CA GLY A 21 2.58 16.58 6.93
C GLY A 21 1.28 16.13 6.30
N TYR A 22 1.10 14.82 6.24
CA TYR A 22 -0.01 14.21 5.53
C TYR A 22 -1.03 13.67 6.53
N GLY A 23 -0.59 13.43 7.75
CA GLY A 23 -1.51 13.08 8.81
C GLY A 23 -1.43 11.61 9.25
N PHE A 24 -0.35 10.92 8.92
CA PHE A 24 -0.23 9.51 9.29
C PHE A 24 1.10 9.22 9.96
N ASN A 25 1.16 8.12 10.71
CA ASN A 25 2.37 7.72 11.39
C ASN A 25 2.78 6.31 10.99
N LEU A 26 4.03 6.16 10.57
CA LEU A 26 4.58 4.86 10.20
C LEU A 26 5.32 4.28 11.39
N HIS A 27 4.92 3.08 11.80
CA HIS A 27 5.57 2.43 12.93
C HIS A 27 6.46 1.31 12.43
N SER A 28 7.59 1.18 13.10
CA SER A 28 8.54 0.12 12.80
C SER A 28 9.13 -0.37 14.12
N ASP A 29 9.34 -1.67 14.24
CA ASP A 29 9.93 -2.22 15.44
C ASP A 29 11.34 -2.70 15.14
N LYS A 30 12.11 -2.95 16.18
CA LYS A 30 13.52 -3.33 16.03
C LYS A 30 13.62 -4.76 15.50
N SER A 31 12.48 -5.43 15.43
CA SER A 31 12.41 -6.76 14.84
C SER A 31 11.41 -6.77 13.68
N LYS A 32 11.08 -5.59 13.18
CA LYS A 32 10.10 -5.45 12.10
C LYS A 32 10.66 -4.60 10.96
N PRO A 33 11.11 -5.25 9.88
CA PRO A 33 11.63 -4.55 8.71
C PRO A 33 10.53 -3.88 7.88
N GLY A 34 9.37 -4.52 7.85
CA GLY A 34 8.25 -4.00 7.08
C GLY A 34 7.61 -2.80 7.75
N GLN A 35 7.07 -1.90 6.94
CA GLN A 35 6.50 -0.66 7.46
C GLN A 35 4.99 -0.66 7.31
N PHE A 36 4.31 -0.16 8.34
CA PHE A 36 2.86 -0.16 8.40
C PHE A 36 2.35 1.15 9.00
N ILE A 37 1.14 1.52 8.63
CA ILE A 37 0.51 2.71 9.20
C ILE A 37 0.05 2.40 10.62
N ARG A 38 0.59 3.12 11.59
CA ARG A 38 0.26 2.88 12.98
C ARG A 38 -1.08 3.53 13.32
N SER A 39 -1.23 4.78 12.90
CA SER A 39 -2.46 5.52 13.17
C SER A 39 -2.72 6.55 12.09
N VAL A 40 -3.99 6.84 11.89
CA VAL A 40 -4.43 7.93 11.04
C VAL A 40 -5.46 8.73 11.83
N ASP A 41 -5.38 10.04 11.76
CA ASP A 41 -6.27 10.89 12.54
C ASP A 41 -7.46 11.32 11.71
N PRO A 42 -8.67 11.30 12.31
CA PRO A 42 -9.92 11.72 11.66
C PRO A 42 -9.81 13.05 10.93
N ASP A 43 -8.93 13.91 11.40
CA ASP A 43 -8.70 15.19 10.76
C ASP A 43 -7.31 15.22 10.13
N SER A 44 -7.15 14.45 9.05
CA SER A 44 -5.89 14.39 8.35
C SER A 44 -6.12 14.19 6.86
N PRO A 45 -5.26 14.80 6.04
CA PRO A 45 -5.22 14.58 4.59
C PRO A 45 -5.22 13.10 4.23
N ALA A 46 -4.43 12.33 4.98
CA ALA A 46 -4.33 10.88 4.80
C ALA A 46 -5.69 10.20 4.96
N GLU A 47 -6.39 10.52 6.04
CA GLU A 47 -7.72 9.97 6.28
C GLU A 47 -8.67 10.41 5.19
N ALA A 48 -8.51 11.67 4.77
CA ALA A 48 -9.31 12.24 3.69
C ALA A 48 -9.13 11.48 2.38
N SER A 49 -7.91 11.00 2.13
CA SER A 49 -7.63 10.27 0.90
C SER A 49 -8.04 8.81 1.01
N GLY A 50 -8.33 8.36 2.23
CA GLY A 50 -8.76 7.00 2.43
C GLY A 50 -7.65 6.09 2.89
N LEU A 51 -6.75 6.61 3.71
CA LEU A 51 -5.72 5.78 4.32
C LEU A 51 -6.17 5.33 5.70
N ARG A 52 -5.75 4.15 6.12
CA ARG A 52 -6.11 3.66 7.43
C ARG A 52 -4.93 3.04 8.15
N ALA A 53 -5.17 2.64 9.39
CA ALA A 53 -4.15 2.02 10.23
C ALA A 53 -4.11 0.51 9.98
N GLN A 54 -2.96 -0.08 10.27
CA GLN A 54 -2.72 -1.53 10.10
C GLN A 54 -2.50 -1.88 8.64
N ASP A 55 -2.69 -0.91 7.76
CA ASP A 55 -2.39 -1.09 6.35
C ASP A 55 -0.90 -0.92 6.09
N ARG A 56 -0.35 -1.74 5.23
CA ARG A 56 1.05 -1.65 4.87
C ARG A 56 1.17 -0.98 3.50
N ILE A 57 2.25 -0.25 3.31
CA ILE A 57 2.49 0.42 2.04
C ILE A 57 3.43 -0.43 1.19
N VAL A 58 3.02 -0.68 -0.05
CA VAL A 58 3.83 -1.48 -0.96
C VAL A 58 4.62 -0.58 -1.91
N GLU A 59 4.01 0.52 -2.34
CA GLU A 59 4.69 1.46 -3.23
C GLU A 59 4.35 2.90 -2.85
N VAL A 60 5.34 3.77 -2.97
CA VAL A 60 5.16 5.20 -2.73
C VAL A 60 5.80 6.00 -3.86
N ASN A 61 4.99 6.81 -4.54
CA ASN A 61 5.50 7.70 -5.60
C ASN A 61 6.28 6.92 -6.65
N GLY A 62 5.90 5.67 -6.85
CA GLY A 62 6.54 4.85 -7.86
C GLY A 62 7.63 3.96 -7.28
N VAL A 63 7.99 4.21 -6.03
CA VAL A 63 9.03 3.43 -5.37
C VAL A 63 8.42 2.26 -4.61
N CYS A 64 9.00 1.10 -4.78
CA CYS A 64 8.52 -0.12 -4.14
C CYS A 64 9.23 -0.33 -2.81
N MET A 65 8.48 -0.65 -1.77
CA MET A 65 9.06 -0.86 -0.46
C MET A 65 8.77 -2.26 0.07
N GLU A 66 8.37 -3.15 -0.82
CA GLU A 66 8.22 -4.57 -0.48
C GLU A 66 9.59 -5.20 -0.28
N GLY A 67 10.12 -5.06 0.94
CA GLY A 67 11.45 -5.57 1.23
C GLY A 67 12.42 -4.45 1.60
N LYS A 68 11.89 -3.24 1.68
CA LYS A 68 12.69 -2.06 2.01
C LYS A 68 12.50 -1.70 3.48
N GLN A 69 13.36 -0.85 4.01
CA GLN A 69 13.32 -0.51 5.42
C GLN A 69 12.69 0.85 5.67
N HIS A 70 12.69 1.29 6.92
CA HIS A 70 12.02 2.52 7.32
C HIS A 70 12.58 3.72 6.57
N GLY A 71 13.90 3.83 6.52
CA GLY A 71 14.52 4.94 5.84
C GLY A 71 14.16 4.97 4.35
N ASP A 72 14.00 3.79 3.78
CA ASP A 72 13.68 3.66 2.36
C ASP A 72 12.27 4.16 2.08
N VAL A 73 11.31 3.75 2.91
CA VAL A 73 9.92 4.14 2.70
C VAL A 73 9.74 5.65 2.90
N VAL A 74 10.45 6.21 3.87
CA VAL A 74 10.41 7.64 4.13
C VAL A 74 11.00 8.41 2.97
N SER A 75 12.11 7.90 2.43
CA SER A 75 12.76 8.51 1.27
C SER A 75 11.82 8.53 0.08
N ALA A 76 11.05 7.47 -0.09
CA ALA A 76 10.07 7.38 -1.18
C ALA A 76 9.03 8.50 -1.05
N ILE A 77 8.54 8.68 0.17
CA ILE A 77 7.53 9.70 0.45
C ILE A 77 8.11 11.11 0.35
N ARG A 78 9.30 11.27 0.91
CA ARG A 78 10.01 12.56 0.86
C ARG A 78 10.26 13.00 -0.57
N ALA A 79 10.48 12.03 -1.46
CA ALA A 79 10.74 12.31 -2.87
C ALA A 79 9.52 12.91 -3.56
N GLY A 80 8.37 12.88 -2.89
CA GLY A 80 7.16 13.44 -3.45
C GLY A 80 7.06 14.94 -3.17
N GLY A 81 8.04 15.45 -2.44
CA GLY A 81 8.07 16.85 -2.12
C GLY A 81 7.15 17.19 -0.97
N ASP A 82 5.97 17.65 -1.31
CA ASP A 82 4.96 17.99 -0.31
C ASP A 82 3.68 17.26 -0.61
N GLU A 83 3.81 16.25 -1.47
CA GLU A 83 2.71 15.35 -1.83
C GLU A 83 3.22 13.92 -1.77
N THR A 84 2.31 12.96 -1.74
CA THR A 84 2.72 11.57 -1.78
C THR A 84 1.58 10.65 -2.21
N LYS A 85 1.94 9.63 -2.98
CA LYS A 85 1.02 8.58 -3.38
C LYS A 85 1.37 7.30 -2.63
N LEU A 86 0.45 6.83 -1.79
CA LEU A 86 0.72 5.65 -0.98
C LEU A 86 -0.14 4.48 -1.45
N LEU A 87 0.50 3.37 -1.78
CA LEU A 87 -0.21 2.15 -2.12
C LEU A 87 -0.30 1.24 -0.92
N VAL A 88 -1.52 0.96 -0.49
CA VAL A 88 -1.72 0.08 0.64
C VAL A 88 -2.51 -1.16 0.24
N VAL A 89 -2.23 -2.27 0.91
CA VAL A 89 -2.91 -3.51 0.61
C VAL A 89 -3.61 -4.04 1.85
N ASP A 90 -4.87 -4.41 1.68
CA ASP A 90 -5.65 -5.02 2.75
C ASP A 90 -5.12 -6.42 3.02
N ARG A 91 -5.42 -6.98 4.18
CA ARG A 91 -4.92 -8.30 4.52
C ARG A 91 -5.35 -9.33 3.47
N GLU A 92 -6.59 -9.22 3.01
CA GLU A 92 -7.12 -10.12 1.98
C GLU A 92 -6.51 -9.82 0.62
N THR A 93 -6.17 -8.55 0.41
CA THR A 93 -5.57 -8.12 -0.84
C THR A 93 -4.19 -8.75 -1.03
N ASP A 94 -3.39 -8.69 0.02
CA ASP A 94 -2.04 -9.25 -0.01
C ASP A 94 -2.05 -10.73 -0.34
N GLU A 95 -2.89 -11.47 0.38
CA GLU A 95 -2.96 -12.92 0.20
C GLU A 95 -3.42 -13.27 -1.22
N PHE A 96 -4.30 -12.46 -1.78
CA PHE A 96 -4.80 -12.68 -3.13
C PHE A 96 -3.67 -12.53 -4.15
N PHE A 97 -2.88 -11.49 -4.02
CA PHE A 97 -1.74 -11.28 -4.90
C PHE A 97 -0.65 -12.32 -4.65
N LYS A 98 -0.41 -12.64 -3.38
CA LYS A 98 0.70 -13.52 -3.03
C LYS A 98 0.47 -14.95 -3.54
N LYS A 99 -0.81 -15.33 -3.73
CA LYS A 99 -1.11 -16.67 -4.23
C LYS A 99 -0.55 -16.87 -5.64
N CYS A 100 -0.34 -15.77 -6.36
CA CYS A 100 0.30 -15.82 -7.67
C CYS A 100 1.70 -15.24 -7.59
N ARG A 101 2.11 -14.89 -6.38
CA ARG A 101 3.42 -14.30 -6.09
C ARG A 101 3.70 -13.08 -6.97
N VAL A 102 2.68 -12.27 -7.17
CA VAL A 102 2.83 -11.10 -8.02
C VAL A 102 2.77 -9.82 -7.19
N ILE A 103 3.66 -8.88 -7.50
CA ILE A 103 3.71 -7.59 -6.83
C ILE A 103 2.53 -6.72 -7.26
N PRO A 104 1.71 -6.28 -6.29
CA PRO A 104 0.52 -5.48 -6.59
C PRO A 104 0.84 -4.01 -6.84
N SER A 105 1.61 -3.75 -7.89
CA SER A 105 1.95 -2.39 -8.27
C SER A 105 0.74 -1.63 -8.83
N GLN A 106 0.88 -0.33 -9.04
CA GLN A 106 -0.23 0.52 -9.48
C GLN A 106 -0.95 -0.02 -10.71
N GLU A 107 -0.22 -0.73 -11.56
CA GLU A 107 -0.76 -1.22 -12.83
C GLU A 107 -1.89 -2.22 -12.61
N HIS A 108 -1.86 -2.94 -11.50
CA HIS A 108 -2.82 -4.01 -11.26
C HIS A 108 -4.14 -3.47 -10.70
N LEU A 109 -4.08 -2.37 -9.96
CA LEU A 109 -5.28 -1.80 -9.39
C LEU A 109 -6.11 -1.11 -10.48
N ASN A 110 -5.42 -0.60 -11.48
CA ASN A 110 -6.04 0.16 -12.55
C ASN A 110 -6.36 -0.75 -13.73
N GLY A 111 -5.39 -1.59 -14.10
CA GLY A 111 -5.56 -2.44 -15.26
C GLY A 111 -6.04 -3.83 -14.92
N PRO A 112 -5.33 -4.87 -15.39
CA PRO A 112 -5.75 -6.26 -15.23
C PRO A 112 -5.30 -6.89 -13.91
N LEU A 113 -6.04 -7.91 -13.50
CA LEU A 113 -5.74 -8.66 -12.29
C LEU A 113 -5.14 -10.01 -12.68
N PRO A 114 -4.18 -10.53 -11.89
CA PRO A 114 -3.44 -11.76 -12.21
C PRO A 114 -4.32 -12.97 -12.52
N VAL A 115 -3.72 -13.88 -13.26
CA VAL A 115 -4.39 -15.02 -13.82
C VAL A 115 -3.76 -16.32 -13.33
N PRO A 116 -4.58 -17.33 -12.98
CA PRO A 116 -4.09 -18.64 -12.53
C PRO A 116 -3.44 -19.44 -13.66
N PHE A 117 -2.96 -20.64 -13.32
CA PHE A 117 -2.29 -21.53 -14.28
C PHE A 117 -1.07 -20.88 -14.91
N THR A 118 -0.45 -19.96 -14.20
CA THR A 118 0.73 -19.26 -14.71
C THR A 118 2.00 -19.74 -14.04
N ASN A 119 2.14 -21.06 -13.92
CA ASN A 119 3.34 -21.65 -13.37
C ASN A 119 4.33 -21.95 -14.49
N GLY A 120 3.84 -21.81 -15.71
CA GLY A 120 4.64 -22.14 -16.86
C GLY A 120 4.91 -20.94 -17.75
N GLU A 121 6.18 -20.58 -17.88
CA GLU A 121 6.60 -19.53 -18.79
C GLU A 121 6.74 -20.10 -20.20
N ILE A 122 6.27 -19.35 -21.19
CA ILE A 122 6.36 -19.78 -22.58
C ILE A 122 7.82 -19.91 -23.00
N GLN A 123 8.19 -21.08 -23.47
CA GLN A 123 9.56 -21.35 -23.84
C GLN A 123 9.89 -20.78 -25.21
N LYS A 124 10.39 -19.54 -25.20
CA LYS A 124 10.88 -18.92 -26.41
C LYS A 124 12.12 -19.64 -26.89
N GLU A 125 12.11 -20.08 -28.13
CA GLU A 125 13.19 -20.89 -28.67
C GLU A 125 14.35 -19.99 -29.09
N ASN A 126 15.42 -20.02 -28.33
CA ASN A 126 16.60 -19.23 -28.62
C ASN A 126 17.68 -20.09 -29.24
N SER A 127 17.92 -19.89 -30.53
CA SER A 127 18.98 -20.60 -31.22
C SER A 127 20.26 -19.79 -31.21
N ARG A 128 21.39 -20.46 -31.30
CA ARG A 128 22.69 -19.80 -31.29
C ARG A 128 23.37 -19.93 -32.63
N GLN B 1 12.21 6.33 16.19
CA GLN B 1 11.05 6.55 17.09
C GLN B 1 9.80 6.80 16.26
N ASP B 2 9.59 5.95 15.26
CA ASP B 2 8.48 6.07 14.31
C ASP B 2 8.68 7.29 13.42
N THR B 3 7.73 7.51 12.54
CA THR B 3 7.71 8.71 11.72
C THR B 3 6.28 9.11 11.41
N ARG B 4 5.90 10.27 11.88
CA ARG B 4 4.55 10.77 11.62
C ARG B 4 4.60 11.93 10.66
N LEU B 5 4.26 11.64 9.42
CA LEU B 5 4.24 12.62 8.36
C LEU B 5 2.88 13.32 8.34
N GLY A 1 -19.00 5.21 -1.36
CA GLY A 1 -19.91 4.05 -1.15
C GLY A 1 -19.34 2.79 -1.76
N ILE A 2 -20.11 2.15 -2.63
CA ILE A 2 -19.64 0.96 -3.32
C ILE A 2 -18.73 1.35 -4.48
N ASP A 3 -17.63 0.63 -4.63
CA ASP A 3 -16.65 0.91 -5.67
C ASP A 3 -15.95 -0.38 -6.07
N PRO A 4 -15.91 -0.68 -7.38
CA PRO A 4 -15.34 -1.93 -7.88
C PRO A 4 -13.82 -2.01 -7.75
N PHE A 5 -13.18 -0.88 -7.47
CA PHE A 5 -11.72 -0.83 -7.45
C PHE A 5 -11.15 -1.01 -6.05
N THR A 6 -11.98 -1.47 -5.14
CA THR A 6 -11.50 -1.92 -3.84
C THR A 6 -11.62 -3.43 -3.77
N MET A 7 -12.17 -4.00 -4.84
CA MET A 7 -12.36 -5.44 -4.95
C MET A 7 -11.05 -6.12 -5.30
N LEU A 8 -10.23 -6.37 -4.28
CA LEU A 8 -8.91 -7.02 -4.43
C LEU A 8 -7.94 -6.15 -5.21
N ARG A 9 -8.41 -4.97 -5.58
CA ARG A 9 -7.56 -3.96 -6.18
C ARG A 9 -7.02 -3.05 -5.09
N PRO A 10 -5.69 -2.95 -4.97
CA PRO A 10 -5.04 -2.11 -3.95
C PRO A 10 -5.51 -0.67 -4.04
N ARG A 11 -5.96 -0.12 -2.93
CA ARG A 11 -6.43 1.26 -2.91
C ARG A 11 -5.26 2.21 -2.74
N LEU A 12 -5.30 3.30 -3.48
CA LEU A 12 -4.21 4.26 -3.49
C LEU A 12 -4.60 5.50 -2.72
N CYS A 13 -3.91 5.74 -1.63
CA CYS A 13 -4.17 6.89 -0.80
C CYS A 13 -3.33 8.07 -1.25
N THR A 14 -3.96 8.99 -1.95
CA THR A 14 -3.27 10.15 -2.50
C THR A 14 -3.47 11.34 -1.59
N MET A 15 -2.38 11.78 -0.98
CA MET A 15 -2.45 12.84 0.01
C MET A 15 -1.33 13.84 -0.19
N LYS A 16 -1.52 15.03 0.32
CA LYS A 16 -0.50 16.05 0.27
C LYS A 16 -0.36 16.72 1.63
N LYS A 17 0.83 17.20 1.93
CA LYS A 17 1.10 17.78 3.22
C LYS A 17 0.48 19.18 3.31
N GLY A 18 -0.32 19.37 4.34
CA GLY A 18 -1.00 20.64 4.54
C GLY A 18 -0.11 21.63 5.23
N PRO A 19 -0.07 21.62 6.58
CA PRO A 19 0.85 22.47 7.33
C PRO A 19 2.30 22.03 7.17
N SER A 20 2.57 20.79 7.62
CA SER A 20 3.90 20.21 7.48
C SER A 20 3.80 18.70 7.64
N GLY A 21 2.64 18.14 7.29
CA GLY A 21 2.42 16.72 7.48
C GLY A 21 1.31 16.19 6.59
N TYR A 22 1.27 14.88 6.44
CA TYR A 22 0.28 14.22 5.61
C TYR A 22 -0.83 13.63 6.47
N GLY A 23 -0.50 13.33 7.71
CA GLY A 23 -1.51 12.95 8.67
C GLY A 23 -1.42 11.51 9.13
N PHE A 24 -0.29 10.87 8.88
CA PHE A 24 -0.11 9.47 9.30
C PHE A 24 1.20 9.29 10.04
N ASN A 25 1.40 8.10 10.60
CA ASN A 25 2.58 7.82 11.37
C ASN A 25 3.13 6.44 11.03
N LEU A 26 4.39 6.39 10.61
CA LEU A 26 5.03 5.13 10.26
C LEU A 26 5.81 4.59 11.44
N HIS A 27 5.46 3.40 11.90
CA HIS A 27 6.15 2.79 13.03
C HIS A 27 7.04 1.66 12.53
N SER A 28 8.18 1.52 13.16
CA SER A 28 9.13 0.49 12.79
C SER A 28 9.60 -0.21 14.06
N ASP A 29 9.76 -1.51 14.00
CA ASP A 29 10.13 -2.28 15.17
C ASP A 29 11.35 -3.14 14.90
N LYS A 30 11.99 -3.57 15.98
CA LYS A 30 13.17 -4.42 15.91
C LYS A 30 12.77 -5.85 15.53
N SER A 31 11.47 -6.06 15.41
CA SER A 31 10.92 -7.35 15.05
C SER A 31 10.04 -7.21 13.80
N LYS A 32 10.13 -6.04 13.16
CA LYS A 32 9.29 -5.76 11.99
C LYS A 32 10.14 -5.28 10.81
N PRO A 33 10.29 -6.14 9.79
CA PRO A 33 10.98 -5.79 8.55
C PRO A 33 10.07 -5.04 7.60
N GLY A 34 8.79 -5.01 7.90
CA GLY A 34 7.83 -4.31 7.09
C GLY A 34 7.29 -3.07 7.78
N GLN A 35 6.98 -2.04 7.00
CA GLN A 35 6.49 -0.79 7.56
C GLN A 35 4.97 -0.75 7.49
N PHE A 36 4.37 -0.20 8.53
CA PHE A 36 2.93 -0.20 8.70
C PHE A 36 2.44 1.15 9.21
N ILE A 37 1.22 1.51 8.84
CA ILE A 37 0.61 2.74 9.33
C ILE A 37 0.16 2.54 10.78
N ARG A 38 0.82 3.24 11.69
CA ARG A 38 0.56 3.08 13.10
C ARG A 38 -0.67 3.89 13.49
N SER A 39 -0.75 5.12 13.01
CA SER A 39 -1.83 6.01 13.38
C SER A 39 -2.20 6.93 12.22
N VAL A 40 -3.47 7.32 12.19
CA VAL A 40 -3.98 8.30 11.25
C VAL A 40 -4.85 9.29 12.01
N ASP A 41 -4.78 10.56 11.65
CA ASP A 41 -5.55 11.58 12.34
C ASP A 41 -6.83 11.86 11.58
N PRO A 42 -7.97 11.95 12.31
CA PRO A 42 -9.29 12.24 11.72
C PRO A 42 -9.28 13.49 10.84
N ASP A 43 -8.38 14.42 11.15
CA ASP A 43 -8.24 15.64 10.37
C ASP A 43 -6.94 15.59 9.57
N SER A 44 -6.87 14.66 8.64
CA SER A 44 -5.68 14.51 7.82
C SER A 44 -6.05 14.16 6.38
N PRO A 45 -5.25 14.65 5.43
CA PRO A 45 -5.36 14.27 4.02
C PRO A 45 -5.12 12.77 3.81
N ALA A 46 -4.40 12.15 4.75
CA ALA A 46 -4.21 10.71 4.75
C ALA A 46 -5.54 10.00 4.97
N GLU A 47 -6.25 10.42 6.01
CA GLU A 47 -7.56 9.88 6.32
C GLU A 47 -8.56 10.27 5.23
N ALA A 48 -8.40 11.48 4.71
CA ALA A 48 -9.26 11.99 3.66
C ALA A 48 -9.13 11.19 2.36
N SER A 49 -7.94 10.65 2.09
CA SER A 49 -7.72 9.89 0.87
C SER A 49 -8.14 8.44 1.04
N GLY A 50 -8.25 7.98 2.29
CA GLY A 50 -8.67 6.63 2.55
C GLY A 50 -7.59 5.77 3.18
N LEU A 51 -6.58 6.40 3.75
CA LEU A 51 -5.54 5.67 4.47
C LEU A 51 -6.00 5.39 5.88
N ARG A 52 -5.63 4.24 6.41
CA ARG A 52 -6.05 3.87 7.74
C ARG A 52 -4.91 3.18 8.48
N ALA A 53 -4.99 3.15 9.80
CA ALA A 53 -4.02 2.45 10.61
C ALA A 53 -4.15 0.95 10.40
N GLN A 54 -3.05 0.23 10.60
CA GLN A 54 -2.99 -1.24 10.45
C GLN A 54 -2.92 -1.62 8.97
N ASP A 55 -2.98 -0.63 8.09
CA ASP A 55 -2.82 -0.88 6.66
C ASP A 55 -1.33 -0.97 6.31
N ARG A 56 -1.02 -1.81 5.35
CA ARG A 56 0.37 -2.01 4.94
C ARG A 56 0.60 -1.45 3.55
N ILE A 57 1.77 -0.87 3.35
CA ILE A 57 2.08 -0.17 2.11
C ILE A 57 2.90 -1.06 1.17
N VAL A 58 2.53 -1.07 -0.10
CA VAL A 58 3.28 -1.81 -1.11
C VAL A 58 4.09 -0.85 -1.99
N GLU A 59 3.49 0.30 -2.33
CA GLU A 59 4.17 1.30 -3.15
C GLU A 59 3.90 2.70 -2.62
N VAL A 60 4.89 3.58 -2.76
CA VAL A 60 4.73 4.99 -2.43
C VAL A 60 5.23 5.85 -3.60
N ASN A 61 4.32 6.59 -4.21
CA ASN A 61 4.65 7.49 -5.33
C ASN A 61 5.24 6.74 -6.51
N GLY A 62 5.00 5.44 -6.58
CA GLY A 62 5.54 4.64 -7.65
C GLY A 62 6.82 3.95 -7.26
N VAL A 63 7.27 4.21 -6.04
CA VAL A 63 8.44 3.55 -5.49
C VAL A 63 8.01 2.32 -4.70
N CYS A 64 8.72 1.25 -4.89
CA CYS A 64 8.35 -0.02 -4.29
C CYS A 64 8.91 -0.13 -2.87
N MET A 65 8.07 -0.58 -1.95
CA MET A 65 8.47 -0.70 -0.56
C MET A 65 9.26 -1.99 -0.33
N GLU A 66 10.00 -2.42 -1.35
CA GLU A 66 10.82 -3.62 -1.24
C GLU A 66 12.13 -3.34 -0.55
N GLY A 67 12.36 -2.07 -0.22
CA GLY A 67 13.49 -1.71 0.60
C GLY A 67 13.32 -2.22 2.01
N LYS A 68 12.04 -2.39 2.41
CA LYS A 68 11.65 -2.88 3.73
C LYS A 68 12.04 -1.94 4.88
N GLN A 69 13.30 -1.52 4.92
CA GLN A 69 13.80 -0.71 6.00
C GLN A 69 13.13 0.66 6.01
N HIS A 70 13.01 1.20 7.21
CA HIS A 70 12.20 2.39 7.48
C HIS A 70 12.69 3.61 6.70
N GLY A 71 13.99 3.69 6.47
CA GLY A 71 14.54 4.82 5.74
C GLY A 71 14.03 4.88 4.32
N ASP A 72 13.90 3.72 3.69
CA ASP A 72 13.50 3.64 2.29
C ASP A 72 12.07 4.15 2.08
N VAL A 73 11.16 3.70 2.94
CA VAL A 73 9.75 4.07 2.82
C VAL A 73 9.57 5.58 3.03
N VAL A 74 10.34 6.15 3.95
CA VAL A 74 10.29 7.59 4.21
C VAL A 74 10.82 8.36 3.02
N SER A 75 11.91 7.86 2.43
CA SER A 75 12.53 8.49 1.27
C SER A 75 11.54 8.58 0.11
N ALA A 76 10.76 7.52 -0.08
CA ALA A 76 9.76 7.48 -1.14
C ALA A 76 8.74 8.60 -0.97
N ILE A 77 8.30 8.79 0.27
CA ILE A 77 7.32 9.82 0.59
C ILE A 77 7.92 11.22 0.50
N ARG A 78 9.12 11.37 1.02
CA ARG A 78 9.82 12.65 0.99
C ARG A 78 10.09 13.09 -0.45
N ALA A 79 10.35 12.12 -1.32
CA ALA A 79 10.65 12.39 -2.72
C ALA A 79 9.46 13.04 -3.44
N GLY A 80 8.27 12.87 -2.88
CA GLY A 80 7.08 13.43 -3.49
C GLY A 80 6.96 14.93 -3.24
N GLY A 81 7.82 15.44 -2.37
CA GLY A 81 7.83 16.86 -2.07
C GLY A 81 6.75 17.25 -1.08
N ASP A 82 5.61 17.64 -1.60
CA ASP A 82 4.48 18.05 -0.77
C ASP A 82 3.32 17.09 -0.95
N GLU A 83 3.53 16.05 -1.74
CA GLU A 83 2.49 15.09 -2.04
C GLU A 83 3.04 13.68 -1.96
N THR A 84 2.15 12.72 -1.72
CA THR A 84 2.58 11.34 -1.68
C THR A 84 1.38 10.40 -1.88
N LYS A 85 1.61 9.38 -2.69
CA LYS A 85 0.62 8.35 -2.93
C LYS A 85 1.03 7.10 -2.17
N LEU A 86 0.19 6.66 -1.25
CA LEU A 86 0.48 5.47 -0.48
C LEU A 86 -0.45 4.36 -0.92
N LEU A 87 0.13 3.31 -1.46
CA LEU A 87 -0.65 2.19 -1.95
C LEU A 87 -0.70 1.12 -0.88
N VAL A 88 -1.90 0.82 -0.40
CA VAL A 88 -2.06 -0.12 0.68
C VAL A 88 -2.90 -1.31 0.23
N VAL A 89 -2.61 -2.46 0.82
CA VAL A 89 -3.33 -3.68 0.49
C VAL A 89 -3.93 -4.29 1.74
N ASP A 90 -5.15 -4.79 1.61
CA ASP A 90 -5.81 -5.49 2.69
C ASP A 90 -5.25 -6.90 2.80
N ARG A 91 -5.45 -7.56 3.93
CA ARG A 91 -4.96 -8.91 4.12
C ARG A 91 -5.40 -9.84 2.97
N GLU A 92 -6.66 -9.74 2.57
CA GLU A 92 -7.20 -10.54 1.48
C GLU A 92 -6.64 -10.11 0.13
N THR A 93 -6.28 -8.84 0.01
CA THR A 93 -5.68 -8.34 -1.22
C THR A 93 -4.26 -8.87 -1.37
N ASP A 94 -3.51 -8.77 -0.29
CA ASP A 94 -2.12 -9.22 -0.24
C ASP A 94 -2.01 -10.72 -0.54
N GLU A 95 -2.85 -11.51 0.13
CA GLU A 95 -2.83 -12.95 -0.05
C GLU A 95 -3.16 -13.33 -1.49
N PHE A 96 -4.05 -12.57 -2.12
CA PHE A 96 -4.45 -12.85 -3.49
C PHE A 96 -3.28 -12.69 -4.46
N PHE A 97 -2.56 -11.59 -4.33
CA PHE A 97 -1.41 -11.33 -5.18
C PHE A 97 -0.27 -12.30 -4.88
N LYS A 98 -0.10 -12.66 -3.61
CA LYS A 98 0.97 -13.57 -3.21
C LYS A 98 0.76 -14.95 -3.83
N LYS A 99 -0.49 -15.29 -4.16
CA LYS A 99 -0.78 -16.56 -4.81
C LYS A 99 -0.07 -16.64 -6.15
N CYS A 100 0.06 -15.49 -6.79
CA CYS A 100 0.66 -15.41 -8.12
C CYS A 100 2.13 -15.01 -8.01
N ARG A 101 2.58 -14.81 -6.77
CA ARG A 101 3.93 -14.35 -6.48
C ARG A 101 4.22 -13.03 -7.18
N VAL A 102 3.26 -12.13 -7.17
CA VAL A 102 3.39 -10.85 -7.83
C VAL A 102 3.11 -9.70 -6.87
N ILE A 103 3.87 -8.64 -7.04
CA ILE A 103 3.74 -7.46 -6.20
C ILE A 103 2.50 -6.66 -6.62
N PRO A 104 1.64 -6.30 -5.66
CA PRO A 104 0.40 -5.55 -5.92
C PRO A 104 0.67 -4.09 -6.28
N SER A 105 1.44 -3.89 -7.34
CA SER A 105 1.77 -2.56 -7.83
C SER A 105 0.55 -1.85 -8.42
N GLN A 106 0.65 -0.52 -8.53
CA GLN A 106 -0.40 0.35 -9.05
C GLN A 106 -0.89 -0.09 -10.43
N GLU A 107 -0.03 -0.80 -11.14
CA GLU A 107 -0.36 -1.26 -12.50
C GLU A 107 -1.55 -2.21 -12.47
N HIS A 108 -1.74 -2.88 -11.35
CA HIS A 108 -2.76 -3.91 -11.24
C HIS A 108 -4.11 -3.31 -10.87
N LEU A 109 -4.11 -2.21 -10.14
CA LEU A 109 -5.36 -1.58 -9.72
C LEU A 109 -6.00 -0.87 -10.90
N ASN A 110 -5.18 -0.28 -11.74
CA ASN A 110 -5.67 0.46 -12.90
C ASN A 110 -5.67 -0.43 -14.14
N GLY A 111 -4.92 -1.52 -14.07
CA GLY A 111 -4.82 -2.42 -15.19
C GLY A 111 -5.49 -3.75 -14.92
N PRO A 112 -4.85 -4.87 -15.29
CA PRO A 112 -5.40 -6.20 -15.14
C PRO A 112 -4.92 -6.91 -13.88
N LEU A 113 -5.63 -7.98 -13.52
CA LEU A 113 -5.21 -8.83 -12.43
C LEU A 113 -4.51 -10.06 -12.99
N PRO A 114 -3.49 -10.56 -12.28
CA PRO A 114 -2.64 -11.66 -12.74
C PRO A 114 -3.40 -12.97 -12.93
N VAL A 115 -3.96 -13.13 -14.10
CA VAL A 115 -4.65 -14.34 -14.49
C VAL A 115 -4.32 -14.67 -15.94
N PRO A 116 -3.30 -15.52 -16.16
CA PRO A 116 -2.84 -15.85 -17.51
C PRO A 116 -3.91 -16.52 -18.37
N PHE A 117 -4.21 -15.89 -19.49
CA PHE A 117 -5.17 -16.44 -20.43
C PHE A 117 -4.46 -17.13 -21.58
N THR A 118 -3.14 -17.06 -21.52
CA THR A 118 -2.30 -17.74 -22.50
C THR A 118 -1.65 -18.96 -21.84
N ASN A 119 -2.42 -20.02 -21.73
CA ASN A 119 -1.98 -21.23 -21.06
C ASN A 119 -1.53 -22.26 -22.09
N GLY A 120 -2.05 -22.13 -23.31
CA GLY A 120 -1.70 -23.05 -24.37
C GLY A 120 -0.28 -22.80 -24.86
N GLU A 121 0.02 -21.57 -25.18
CA GLU A 121 1.35 -21.17 -25.56
C GLU A 121 2.01 -20.41 -24.41
N ILE A 122 3.32 -20.59 -24.24
CA ILE A 122 4.03 -19.94 -23.14
C ILE A 122 4.37 -18.50 -23.51
N GLN A 123 3.33 -17.69 -23.64
CA GLN A 123 3.49 -16.29 -23.99
C GLN A 123 3.26 -15.42 -22.76
N LYS A 124 4.31 -15.26 -21.96
CA LYS A 124 4.23 -14.49 -20.72
C LYS A 124 5.27 -13.38 -20.71
N GLU A 125 5.05 -12.37 -21.56
CA GLU A 125 5.95 -11.23 -21.69
C GLU A 125 7.26 -11.62 -22.36
N ASN A 126 7.67 -10.80 -23.34
CA ASN A 126 8.86 -11.04 -24.15
C ASN A 126 8.63 -12.22 -25.08
N SER A 127 8.53 -13.41 -24.49
CA SER A 127 8.26 -14.64 -25.21
C SER A 127 9.23 -14.84 -26.37
N ARG A 128 10.43 -15.32 -26.05
CA ARG A 128 11.47 -15.51 -27.03
C ARG A 128 11.28 -16.85 -27.75
N GLN B 1 13.67 5.77 15.25
CA GLN B 1 13.25 4.59 14.46
C GLN B 1 11.96 4.88 13.71
N ASP B 2 11.04 5.57 14.35
CA ASP B 2 9.73 5.85 13.76
C ASP B 2 9.73 7.19 13.04
N THR B 3 8.66 7.44 12.31
CA THR B 3 8.49 8.71 11.61
C THR B 3 7.03 9.03 11.43
N ARG B 4 6.59 10.14 11.98
CA ARG B 4 5.26 10.62 11.71
C ARG B 4 5.32 11.58 10.53
N LEU B 5 4.30 11.56 9.70
CA LEU B 5 4.27 12.39 8.51
C LEU B 5 2.89 12.99 8.35
N GLY A 1 -21.81 -18.93 -9.04
CA GLY A 1 -20.69 -18.25 -8.35
C GLY A 1 -20.44 -16.86 -8.91
N ILE A 2 -21.16 -15.88 -8.38
CA ILE A 2 -21.04 -14.50 -8.85
C ILE A 2 -20.36 -13.64 -7.79
N ASP A 3 -19.09 -13.33 -8.00
CA ASP A 3 -18.35 -12.50 -7.05
C ASP A 3 -17.85 -11.23 -7.73
N PRO A 4 -18.46 -10.08 -7.39
CA PRO A 4 -18.02 -8.78 -7.90
C PRO A 4 -16.72 -8.33 -7.23
N PHE A 5 -16.37 -9.02 -6.14
CA PHE A 5 -15.18 -8.68 -5.37
C PHE A 5 -13.99 -9.51 -5.83
N THR A 6 -14.11 -10.11 -7.01
CA THR A 6 -13.05 -10.96 -7.54
C THR A 6 -11.88 -10.08 -8.01
N MET A 7 -12.16 -8.81 -8.29
CA MET A 7 -11.14 -7.87 -8.71
C MET A 7 -10.46 -7.24 -7.49
N LEU A 8 -9.85 -8.09 -6.69
CA LEU A 8 -9.25 -7.69 -5.44
C LEU A 8 -7.88 -7.06 -5.67
N ARG A 9 -7.88 -5.76 -5.89
CA ARG A 9 -6.66 -5.01 -6.10
C ARG A 9 -6.46 -4.03 -4.93
N PRO A 10 -5.23 -3.54 -4.72
CA PRO A 10 -4.92 -2.63 -3.61
C PRO A 10 -5.57 -1.26 -3.74
N ARG A 11 -5.61 -0.51 -2.64
CA ARG A 11 -6.17 0.82 -2.64
C ARG A 11 -5.06 1.85 -2.57
N LEU A 12 -5.14 2.86 -3.44
CA LEU A 12 -4.13 3.90 -3.49
C LEU A 12 -4.61 5.15 -2.76
N CYS A 13 -3.95 5.44 -1.66
CA CYS A 13 -4.29 6.61 -0.86
C CYS A 13 -3.31 7.72 -1.18
N THR A 14 -3.81 8.81 -1.75
CA THR A 14 -2.94 9.91 -2.14
C THR A 14 -3.24 11.15 -1.31
N MET A 15 -2.28 11.51 -0.48
CA MET A 15 -2.42 12.67 0.38
C MET A 15 -1.28 13.63 0.14
N LYS A 16 -1.50 14.89 0.49
CA LYS A 16 -0.49 15.91 0.35
C LYS A 16 -0.37 16.71 1.63
N LYS A 17 0.86 17.12 1.94
CA LYS A 17 1.13 17.77 3.22
C LYS A 17 0.68 19.22 3.19
N GLY A 18 -0.04 19.60 4.22
CA GLY A 18 -0.61 20.93 4.30
C GLY A 18 0.11 21.80 5.32
N PRO A 19 -0.16 21.60 6.62
CA PRO A 19 0.52 22.35 7.68
C PRO A 19 2.03 22.09 7.68
N SER A 20 2.43 20.91 8.13
CA SER A 20 3.83 20.51 8.11
C SER A 20 3.92 18.99 8.06
N GLY A 21 2.97 18.37 7.38
CA GLY A 21 2.89 16.93 7.32
C GLY A 21 1.66 16.46 6.58
N TYR A 22 1.54 15.14 6.42
CA TYR A 22 0.44 14.56 5.67
C TYR A 22 -0.67 14.13 6.61
N GLY A 23 -0.31 13.74 7.82
CA GLY A 23 -1.30 13.43 8.83
C GLY A 23 -1.28 11.98 9.27
N PHE A 24 -0.19 11.27 9.00
CA PHE A 24 -0.08 9.88 9.43
C PHE A 24 1.24 9.63 10.14
N ASN A 25 1.23 8.68 11.05
CA ASN A 25 2.43 8.33 11.80
C ASN A 25 2.88 6.94 11.38
N LEU A 26 4.11 6.82 10.92
CA LEU A 26 4.64 5.52 10.51
C LEU A 26 5.43 4.90 11.64
N HIS A 27 5.14 3.63 11.91
CA HIS A 27 5.90 2.88 12.90
C HIS A 27 6.65 1.74 12.21
N SER A 28 7.86 1.50 12.67
CA SER A 28 8.65 0.39 12.18
C SER A 28 9.22 -0.33 13.38
N ASP A 29 9.36 -1.64 13.28
CA ASP A 29 9.79 -2.41 14.44
C ASP A 29 10.80 -3.47 14.03
N LYS A 30 11.33 -4.14 15.04
CA LYS A 30 12.51 -4.99 14.91
C LYS A 30 12.20 -6.29 14.17
N SER A 31 10.93 -6.58 13.97
CA SER A 31 10.54 -7.80 13.27
C SER A 31 9.42 -7.50 12.28
N LYS A 32 9.40 -6.28 11.77
CA LYS A 32 8.40 -5.86 10.80
C LYS A 32 9.06 -5.40 9.50
N PRO A 33 9.14 -6.31 8.51
CA PRO A 33 9.73 -5.99 7.21
C PRO A 33 8.81 -5.13 6.35
N GLY A 34 7.55 -5.09 6.72
CA GLY A 34 6.58 -4.28 6.03
C GLY A 34 6.23 -3.04 6.82
N GLN A 35 5.97 -1.94 6.14
CA GLN A 35 5.63 -0.70 6.83
C GLN A 35 4.12 -0.59 6.98
N PHE A 36 3.70 -0.06 8.12
CA PHE A 36 2.29 0.00 8.47
C PHE A 36 2.00 1.36 9.11
N ILE A 37 0.73 1.76 9.04
CA ILE A 37 0.33 3.04 9.62
C ILE A 37 0.06 2.88 11.10
N ARG A 38 0.80 3.64 11.90
CA ARG A 38 0.66 3.61 13.35
C ARG A 38 -0.63 4.30 13.76
N SER A 39 -0.85 5.49 13.23
CA SER A 39 -2.05 6.24 13.52
C SER A 39 -2.27 7.31 12.46
N VAL A 40 -3.53 7.67 12.24
CA VAL A 40 -3.88 8.71 11.29
C VAL A 40 -4.74 9.75 11.99
N ASP A 41 -4.56 11.01 11.62
CA ASP A 41 -5.34 12.09 12.19
C ASP A 41 -6.75 12.06 11.61
N PRO A 42 -7.76 12.05 12.49
CA PRO A 42 -9.17 11.86 12.12
C PRO A 42 -9.66 12.73 10.97
N ASP A 43 -9.10 13.92 10.85
CA ASP A 43 -9.52 14.85 9.80
C ASP A 43 -8.33 15.32 8.98
N SER A 44 -7.33 14.46 8.88
CA SER A 44 -6.14 14.76 8.09
C SER A 44 -6.36 14.44 6.63
N PRO A 45 -5.56 15.04 5.74
CA PRO A 45 -5.59 14.74 4.31
C PRO A 45 -5.26 13.26 4.04
N ALA A 46 -4.38 12.68 4.87
CA ALA A 46 -4.07 11.26 4.78
C ALA A 46 -5.33 10.42 4.99
N GLU A 47 -6.05 10.72 6.06
CA GLU A 47 -7.29 10.04 6.39
C GLU A 47 -8.33 10.27 5.28
N ALA A 48 -8.35 11.48 4.75
CA ALA A 48 -9.30 11.86 3.71
C ALA A 48 -9.08 11.09 2.42
N SER A 49 -7.85 10.66 2.16
CA SER A 49 -7.55 9.95 0.91
C SER A 49 -7.93 8.47 1.01
N GLY A 50 -8.44 8.07 2.17
CA GLY A 50 -8.86 6.70 2.36
C GLY A 50 -7.79 5.85 3.01
N LEU A 51 -6.90 6.50 3.75
CA LEU A 51 -5.88 5.79 4.51
C LEU A 51 -6.42 5.45 5.88
N ARG A 52 -5.88 4.42 6.50
CA ARG A 52 -6.34 4.03 7.82
C ARG A 52 -5.17 3.51 8.65
N ALA A 53 -5.25 3.69 9.97
CA ALA A 53 -4.17 3.30 10.87
C ALA A 53 -4.19 1.79 11.17
N GLN A 54 -4.74 1.03 10.24
CA GLN A 54 -4.85 -0.41 10.41
C GLN A 54 -4.27 -1.12 9.19
N ASP A 55 -3.72 -0.35 8.27
CA ASP A 55 -3.34 -0.87 6.96
C ASP A 55 -1.83 -0.92 6.78
N ARG A 56 -1.39 -1.81 5.88
CA ARG A 56 0.02 -1.99 5.58
C ARG A 56 0.35 -1.45 4.19
N ILE A 57 1.52 -0.86 4.04
CA ILE A 57 1.91 -0.22 2.78
C ILE A 57 2.81 -1.16 1.96
N VAL A 58 2.45 -1.38 0.70
CA VAL A 58 3.23 -2.24 -0.17
C VAL A 58 4.04 -1.44 -1.18
N GLU A 59 3.57 -0.23 -1.50
CA GLU A 59 4.22 0.62 -2.50
C GLU A 59 4.01 2.08 -2.14
N VAL A 60 5.03 2.90 -2.37
CA VAL A 60 4.94 4.33 -2.10
C VAL A 60 5.36 5.14 -3.32
N ASN A 61 4.42 5.88 -3.90
CA ASN A 61 4.70 6.76 -5.04
C ASN A 61 5.20 5.99 -6.26
N GLY A 62 5.05 4.67 -6.22
CA GLY A 62 5.55 3.83 -7.29
C GLY A 62 6.94 3.31 -7.00
N VAL A 63 7.40 3.56 -5.78
CA VAL A 63 8.70 3.07 -5.34
C VAL A 63 8.52 1.73 -4.67
N CYS A 64 9.41 0.82 -4.97
CA CYS A 64 9.25 -0.58 -4.60
C CYS A 64 9.57 -0.79 -3.12
N MET A 65 8.58 -1.23 -2.37
CA MET A 65 8.76 -1.45 -0.95
C MET A 65 9.13 -2.90 -0.65
N GLU A 66 10.05 -3.43 -1.44
CA GLU A 66 10.51 -4.80 -1.27
C GLU A 66 11.61 -4.86 -0.20
N GLY A 67 12.86 -4.78 -0.65
CA GLY A 67 13.99 -4.85 0.27
C GLY A 67 14.36 -3.48 0.79
N LYS A 68 13.37 -2.77 1.31
CA LYS A 68 13.56 -1.41 1.77
C LYS A 68 13.77 -1.35 3.27
N GLN A 69 14.29 -0.23 3.73
CA GLN A 69 14.40 0.05 5.15
C GLN A 69 13.49 1.22 5.46
N HIS A 70 13.26 1.52 6.73
CA HIS A 70 12.40 2.63 7.11
C HIS A 70 12.89 3.93 6.46
N GLY A 71 14.19 4.11 6.42
CA GLY A 71 14.76 5.29 5.78
C GLY A 71 14.36 5.39 4.31
N ASP A 72 14.35 4.26 3.62
CA ASP A 72 14.03 4.24 2.19
C ASP A 72 12.56 4.58 1.95
N VAL A 73 11.68 4.05 2.80
CA VAL A 73 10.25 4.31 2.64
C VAL A 73 9.94 5.78 2.88
N VAL A 74 10.61 6.37 3.86
CA VAL A 74 10.47 7.80 4.14
C VAL A 74 11.07 8.61 2.98
N SER A 75 12.15 8.10 2.42
CA SER A 75 12.79 8.72 1.27
C SER A 75 11.82 8.76 0.08
N ALA A 76 11.11 7.64 -0.12
CA ALA A 76 10.12 7.53 -1.20
C ALA A 76 8.99 8.53 -1.01
N ILE A 77 8.53 8.65 0.23
CA ILE A 77 7.43 9.56 0.56
C ILE A 77 7.83 11.02 0.38
N ARG A 78 9.00 11.36 0.90
CA ARG A 78 9.52 12.72 0.77
C ARG A 78 9.79 13.08 -0.68
N ALA A 79 10.19 12.07 -1.46
CA ALA A 79 10.47 12.25 -2.89
C ALA A 79 9.22 12.65 -3.67
N GLY A 80 8.06 12.48 -3.05
CA GLY A 80 6.81 12.82 -3.72
C GLY A 80 6.69 14.30 -4.01
N GLY A 81 7.27 15.13 -3.15
CA GLY A 81 7.20 16.57 -3.34
C GLY A 81 5.97 17.18 -2.71
N ASP A 82 5.91 17.10 -1.38
CA ASP A 82 4.78 17.62 -0.60
C ASP A 82 3.50 16.86 -0.92
N GLU A 83 3.68 15.72 -1.57
CA GLU A 83 2.60 14.81 -1.89
C GLU A 83 3.11 13.39 -1.75
N THR A 84 2.21 12.46 -1.58
CA THR A 84 2.59 11.06 -1.50
C THR A 84 1.43 10.13 -1.82
N LYS A 85 1.73 9.04 -2.49
CA LYS A 85 0.75 8.05 -2.85
C LYS A 85 1.08 6.74 -2.17
N LEU A 86 0.23 6.31 -1.25
CA LEU A 86 0.50 5.13 -0.45
C LEU A 86 -0.44 3.99 -0.87
N LEU A 87 0.15 2.85 -1.20
CA LEU A 87 -0.64 1.68 -1.56
C LEU A 87 -0.77 0.74 -0.38
N VAL A 88 -2.01 0.50 0.03
CA VAL A 88 -2.27 -0.36 1.17
C VAL A 88 -3.07 -1.59 0.74
N VAL A 89 -2.83 -2.68 1.43
CA VAL A 89 -3.52 -3.93 1.16
C VAL A 89 -4.02 -4.57 2.45
N ASP A 90 -5.15 -5.24 2.36
CA ASP A 90 -5.67 -6.01 3.47
C ASP A 90 -5.20 -7.45 3.35
N ARG A 91 -5.31 -8.26 4.41
CA ARG A 91 -4.72 -9.59 4.41
C ARG A 91 -5.22 -10.43 3.22
N GLU A 92 -6.48 -10.23 2.85
CA GLU A 92 -7.07 -10.94 1.71
C GLU A 92 -6.40 -10.53 0.40
N THR A 93 -6.09 -9.24 0.27
CA THR A 93 -5.39 -8.73 -0.89
C THR A 93 -3.95 -9.24 -0.89
N ASP A 94 -3.36 -9.23 0.30
CA ASP A 94 -1.98 -9.67 0.49
C ASP A 94 -1.81 -11.13 0.08
N GLU A 95 -2.75 -11.98 0.51
CA GLU A 95 -2.69 -13.40 0.21
C GLU A 95 -2.95 -13.67 -1.28
N PHE A 96 -3.80 -12.86 -1.89
CA PHE A 96 -4.14 -13.04 -3.29
C PHE A 96 -2.93 -12.74 -4.19
N PHE A 97 -2.27 -11.62 -3.95
CA PHE A 97 -1.11 -11.23 -4.75
C PHE A 97 0.09 -12.14 -4.49
N LYS A 98 0.26 -12.57 -3.25
CA LYS A 98 1.42 -13.38 -2.88
C LYS A 98 1.42 -14.71 -3.62
N LYS A 99 0.24 -15.19 -3.98
CA LYS A 99 0.12 -16.50 -4.63
C LYS A 99 0.64 -16.44 -6.07
N CYS A 100 0.74 -15.22 -6.60
CA CYS A 100 1.31 -15.01 -7.92
C CYS A 100 2.69 -14.38 -7.83
N ARG A 101 3.16 -14.21 -6.59
CA ARG A 101 4.46 -13.59 -6.30
C ARG A 101 4.58 -12.21 -6.94
N VAL A 102 3.47 -11.53 -7.09
CA VAL A 102 3.45 -10.26 -7.79
C VAL A 102 3.08 -9.13 -6.83
N ILE A 103 3.75 -8.01 -7.01
CA ILE A 103 3.57 -6.85 -6.15
C ILE A 103 2.32 -6.07 -6.56
N PRO A 104 1.43 -5.80 -5.59
CA PRO A 104 0.23 -5.00 -5.83
C PRO A 104 0.55 -3.51 -6.00
N SER A 105 1.36 -3.20 -7.00
CA SER A 105 1.75 -1.83 -7.27
C SER A 105 0.66 -1.08 -8.04
N GLN A 106 0.95 0.17 -8.40
CA GLN A 106 -0.03 1.05 -9.05
C GLN A 106 -0.50 0.50 -10.39
N GLU A 107 0.32 -0.37 -11.00
CA GLU A 107 0.02 -0.92 -12.31
C GLU A 107 -1.27 -1.74 -12.28
N HIS A 108 -1.59 -2.29 -11.12
CA HIS A 108 -2.75 -3.17 -11.00
C HIS A 108 -4.02 -2.38 -10.74
N LEU A 109 -3.91 -1.23 -10.10
CA LEU A 109 -5.08 -0.38 -9.87
C LEU A 109 -5.44 0.36 -11.16
N ASN A 110 -4.43 0.67 -11.96
CA ASN A 110 -4.64 1.40 -13.21
C ASN A 110 -5.02 0.43 -14.34
N GLY A 111 -4.34 -0.70 -14.39
CA GLY A 111 -4.61 -1.68 -15.42
C GLY A 111 -5.38 -2.87 -14.90
N PRO A 112 -5.07 -4.07 -15.40
CA PRO A 112 -5.74 -5.30 -15.03
C PRO A 112 -5.02 -6.06 -13.91
N LEU A 113 -5.53 -7.26 -13.62
CA LEU A 113 -4.96 -8.11 -12.59
C LEU A 113 -4.50 -9.44 -13.20
N PRO A 114 -3.58 -10.14 -12.53
CA PRO A 114 -3.03 -11.40 -13.03
C PRO A 114 -4.03 -12.54 -12.96
N VAL A 115 -3.87 -13.52 -13.87
CA VAL A 115 -4.71 -14.71 -13.97
C VAL A 115 -6.18 -14.38 -14.28
N PRO A 116 -6.93 -15.35 -14.82
CA PRO A 116 -8.36 -15.18 -15.08
C PRO A 116 -9.18 -15.36 -13.83
N PHE A 117 -10.24 -14.57 -13.70
CA PHE A 117 -11.09 -14.62 -12.53
C PHE A 117 -12.10 -15.76 -12.67
N THR A 118 -11.61 -16.99 -12.61
CA THR A 118 -12.44 -18.16 -12.76
C THR A 118 -12.97 -18.63 -11.41
N ASN A 119 -13.19 -17.68 -10.51
CA ASN A 119 -13.69 -17.99 -9.18
C ASN A 119 -15.14 -18.48 -9.24
N GLY A 120 -15.75 -18.31 -10.41
CA GLY A 120 -17.14 -18.66 -10.59
C GLY A 120 -17.33 -20.11 -10.99
N GLU A 121 -16.58 -20.99 -10.36
CA GLU A 121 -16.74 -22.43 -10.55
C GLU A 121 -17.75 -22.95 -9.54
N ILE A 122 -17.69 -24.25 -9.25
CA ILE A 122 -18.55 -24.83 -8.23
C ILE A 122 -18.15 -24.33 -6.85
N GLN A 123 -18.85 -23.31 -6.37
CA GLN A 123 -18.59 -22.74 -5.06
C GLN A 123 -19.32 -23.56 -4.01
N LYS A 124 -18.84 -24.76 -3.79
CA LYS A 124 -19.41 -25.66 -2.82
C LYS A 124 -18.40 -25.92 -1.70
N GLU A 125 -18.34 -25.01 -0.74
CA GLU A 125 -17.46 -25.18 0.40
C GLU A 125 -18.18 -26.00 1.46
N ASN A 126 -17.67 -27.20 1.72
CA ASN A 126 -18.33 -28.12 2.63
C ASN A 126 -17.88 -27.90 4.07
N SER A 127 -16.98 -26.95 4.26
CA SER A 127 -16.47 -26.63 5.59
C SER A 127 -16.73 -25.17 5.93
N ARG A 128 -18.00 -24.80 6.00
CA ARG A 128 -18.43 -23.46 6.40
C ARG A 128 -17.96 -22.40 5.41
N GLN B 1 11.58 2.55 16.16
CA GLN B 1 11.80 3.69 15.23
C GLN B 1 10.48 4.11 14.58
N ASP B 2 10.19 5.40 14.63
CA ASP B 2 8.95 5.93 14.09
C ASP B 2 9.19 7.19 13.29
N THR B 3 8.18 7.61 12.55
CA THR B 3 8.22 8.88 11.83
C THR B 3 6.80 9.37 11.58
N ARG B 4 6.47 10.54 12.09
CA ARG B 4 5.14 11.09 11.83
C ARG B 4 5.18 12.06 10.67
N LEU B 5 4.48 11.70 9.62
CA LEU B 5 4.42 12.48 8.41
C LEU B 5 3.03 13.07 8.26
N GLY A 1 -24.82 -17.30 -5.78
CA GLY A 1 -24.32 -16.22 -6.66
C GLY A 1 -22.82 -16.05 -6.53
N ILE A 2 -22.11 -16.23 -7.64
CA ILE A 2 -20.67 -16.08 -7.66
C ILE A 2 -20.24 -15.06 -8.71
N ASP A 3 -19.83 -13.89 -8.25
CA ASP A 3 -19.38 -12.83 -9.16
C ASP A 3 -17.87 -12.70 -9.15
N PRO A 4 -17.23 -13.05 -10.27
CA PRO A 4 -15.78 -12.94 -10.41
C PRO A 4 -15.31 -11.49 -10.57
N PHE A 5 -16.25 -10.60 -10.88
CA PHE A 5 -15.92 -9.21 -11.11
C PHE A 5 -16.04 -8.39 -9.82
N THR A 6 -15.64 -8.99 -8.72
CA THR A 6 -15.62 -8.30 -7.44
C THR A 6 -14.40 -7.40 -7.36
N MET A 7 -13.35 -7.79 -8.10
CA MET A 7 -12.13 -7.02 -8.27
C MET A 7 -11.60 -6.39 -6.97
N LEU A 8 -10.69 -7.10 -6.33
CA LEU A 8 -10.08 -6.64 -5.08
C LEU A 8 -9.19 -5.43 -5.34
N ARG A 9 -7.96 -5.66 -5.77
CA ARG A 9 -6.98 -4.61 -6.05
C ARG A 9 -6.59 -3.82 -4.79
N PRO A 10 -5.34 -3.32 -4.73
CA PRO A 10 -4.85 -2.57 -3.58
C PRO A 10 -5.45 -1.18 -3.51
N ARG A 11 -5.49 -0.62 -2.31
CA ARG A 11 -6.05 0.71 -2.11
C ARG A 11 -4.99 1.76 -2.39
N LEU A 12 -5.36 2.74 -3.21
CA LEU A 12 -4.44 3.80 -3.58
C LEU A 12 -4.84 5.09 -2.86
N CYS A 13 -4.08 5.43 -1.84
CA CYS A 13 -4.34 6.63 -1.07
C CYS A 13 -3.35 7.72 -1.44
N THR A 14 -3.85 8.91 -1.75
CA THR A 14 -2.98 10.01 -2.11
C THR A 14 -3.30 11.24 -1.25
N MET A 15 -2.32 11.68 -0.49
CA MET A 15 -2.49 12.79 0.41
C MET A 15 -1.44 13.86 0.17
N LYS A 16 -1.82 15.11 0.35
CA LYS A 16 -0.90 16.24 0.25
C LYS A 16 -0.48 16.65 1.66
N LYS A 17 0.67 17.28 1.81
CA LYS A 17 1.12 17.68 3.14
C LYS A 17 0.80 19.16 3.39
N GLY A 18 -0.02 19.40 4.40
CA GLY A 18 -0.50 20.75 4.66
C GLY A 18 0.30 21.45 5.73
N PRO A 19 -0.11 21.33 7.01
CA PRO A 19 0.55 22.02 8.13
C PRO A 19 2.02 21.65 8.25
N SER A 20 2.30 20.42 8.62
CA SER A 20 3.67 19.95 8.78
C SER A 20 3.77 18.47 8.42
N GLY A 21 2.81 17.98 7.66
CA GLY A 21 2.79 16.57 7.32
C GLY A 21 1.56 16.18 6.54
N TYR A 22 1.39 14.88 6.33
CA TYR A 22 0.32 14.34 5.52
C TYR A 22 -0.85 13.88 6.38
N GLY A 23 -0.57 13.46 7.60
CA GLY A 23 -1.64 13.17 8.54
C GLY A 23 -1.52 11.82 9.21
N PHE A 24 -0.46 11.08 8.94
CA PHE A 24 -0.31 9.74 9.47
C PHE A 24 1.04 9.55 10.16
N ASN A 25 1.27 8.36 10.70
CA ASN A 25 2.49 8.09 11.45
C ASN A 25 3.01 6.71 11.07
N LEU A 26 4.27 6.67 10.64
CA LEU A 26 4.92 5.41 10.33
C LEU A 26 5.71 4.92 11.54
N HIS A 27 5.42 3.70 11.97
CA HIS A 27 6.12 3.13 13.12
C HIS A 27 7.03 2.00 12.66
N SER A 28 8.17 1.88 13.30
CA SER A 28 9.12 0.84 12.98
C SER A 28 9.64 0.18 14.25
N ASP A 29 9.80 -1.13 14.19
CA ASP A 29 10.34 -1.89 15.31
C ASP A 29 11.40 -2.85 14.80
N LYS A 30 12.30 -3.24 15.67
CA LYS A 30 13.36 -4.16 15.30
C LYS A 30 12.85 -5.61 15.31
N SER A 31 11.53 -5.73 15.38
CA SER A 31 10.87 -7.02 15.33
C SER A 31 9.78 -7.03 14.25
N LYS A 32 9.79 -6.01 13.40
CA LYS A 32 8.79 -5.89 12.35
C LYS A 32 9.44 -6.00 10.97
N PRO A 33 8.78 -6.68 10.03
CA PRO A 33 9.32 -6.93 8.70
C PRO A 33 9.32 -5.69 7.80
N GLY A 34 8.49 -4.71 8.13
CA GLY A 34 8.39 -3.53 7.29
C GLY A 34 7.74 -2.36 8.01
N GLN A 35 7.41 -1.33 7.26
CA GLN A 35 6.79 -0.13 7.81
C GLN A 35 5.27 -0.22 7.73
N PHE A 36 4.61 0.28 8.76
CA PHE A 36 3.16 0.19 8.87
C PHE A 36 2.59 1.51 9.40
N ILE A 37 1.35 1.79 9.04
CA ILE A 37 0.66 2.99 9.52
C ILE A 37 0.24 2.78 10.97
N ARG A 38 0.87 3.51 11.88
CA ARG A 38 0.56 3.39 13.29
C ARG A 38 -0.80 4.01 13.56
N SER A 39 -0.98 5.25 13.12
CA SER A 39 -2.25 5.94 13.25
C SER A 39 -2.30 7.13 12.30
N VAL A 40 -3.51 7.47 11.86
CA VAL A 40 -3.76 8.68 11.10
C VAL A 40 -4.99 9.37 11.69
N ASP A 41 -4.97 10.69 11.76
CA ASP A 41 -5.95 11.43 12.51
C ASP A 41 -7.06 11.98 11.61
N PRO A 42 -8.32 11.92 12.06
CA PRO A 42 -9.48 12.39 11.28
C PRO A 42 -9.21 13.66 10.47
N ASP A 43 -8.57 14.64 11.11
CA ASP A 43 -8.31 15.92 10.47
C ASP A 43 -6.99 15.86 9.70
N SER A 44 -6.97 15.05 8.66
CA SER A 44 -5.81 14.96 7.80
C SER A 44 -6.20 14.48 6.40
N PRO A 45 -5.46 14.95 5.39
CA PRO A 45 -5.64 14.53 4.00
C PRO A 45 -5.36 13.04 3.80
N ALA A 46 -4.56 12.45 4.69
CA ALA A 46 -4.33 11.01 4.67
C ALA A 46 -5.62 10.27 4.98
N GLU A 47 -6.29 10.71 6.03
CA GLU A 47 -7.58 10.18 6.42
C GLU A 47 -8.61 10.42 5.30
N ALA A 48 -8.56 11.62 4.74
CA ALA A 48 -9.47 12.00 3.66
C ALA A 48 -9.31 11.10 2.43
N SER A 49 -8.09 10.62 2.19
CA SER A 49 -7.83 9.78 1.03
C SER A 49 -8.19 8.32 1.31
N GLY A 50 -8.57 8.03 2.55
CA GLY A 50 -9.01 6.69 2.89
C GLY A 50 -7.89 5.81 3.39
N LEU A 51 -6.89 6.41 4.01
CA LEU A 51 -5.82 5.66 4.63
C LEU A 51 -6.26 5.15 5.99
N ARG A 52 -5.76 4.01 6.40
CA ARG A 52 -6.17 3.44 7.66
C ARG A 52 -4.96 3.01 8.48
N ALA A 53 -5.11 3.08 9.79
CA ALA A 53 -4.08 2.65 10.71
C ALA A 53 -4.07 1.12 10.79
N GLN A 54 -2.91 0.57 11.13
CA GLN A 54 -2.71 -0.88 11.26
C GLN A 54 -2.61 -1.54 9.89
N ASP A 55 -2.63 -0.74 8.84
CA ASP A 55 -2.44 -1.26 7.49
C ASP A 55 -0.99 -1.15 7.07
N ARG A 56 -0.56 -2.08 6.24
CA ARG A 56 0.81 -2.11 5.76
C ARG A 56 0.90 -1.62 4.34
N ILE A 57 2.03 -1.02 4.03
CA ILE A 57 2.26 -0.40 2.74
C ILE A 57 3.10 -1.30 1.85
N VAL A 58 2.70 -1.40 0.58
CA VAL A 58 3.45 -2.22 -0.37
C VAL A 58 4.29 -1.34 -1.28
N GLU A 59 3.75 -0.19 -1.64
CA GLU A 59 4.43 0.71 -2.57
C GLU A 59 4.14 2.16 -2.19
N VAL A 60 5.10 3.05 -2.44
CA VAL A 60 4.92 4.48 -2.25
C VAL A 60 5.44 5.24 -3.45
N ASN A 61 4.55 5.98 -4.12
CA ASN A 61 4.93 6.84 -5.25
C ASN A 61 5.61 6.06 -6.37
N GLY A 62 5.31 4.77 -6.46
CA GLY A 62 5.92 3.95 -7.49
C GLY A 62 7.19 3.29 -7.00
N VAL A 63 7.42 3.36 -5.69
CA VAL A 63 8.60 2.78 -5.08
C VAL A 63 8.19 1.64 -4.17
N CYS A 64 8.85 0.51 -4.33
CA CYS A 64 8.47 -0.70 -3.62
C CYS A 64 8.97 -0.63 -2.19
N MET A 65 8.12 -0.99 -1.23
CA MET A 65 8.49 -0.96 0.17
C MET A 65 9.09 -2.29 0.61
N GLU A 66 8.97 -3.29 -0.26
CA GLU A 66 9.41 -4.65 0.05
C GLU A 66 10.91 -4.79 -0.18
N GLY A 67 11.68 -4.78 0.91
CA GLY A 67 13.12 -4.93 0.81
C GLY A 67 13.84 -3.61 1.01
N LYS A 68 13.14 -2.64 1.58
CA LYS A 68 13.70 -1.32 1.80
C LYS A 68 13.85 -1.03 3.28
N GLN A 69 14.73 -0.11 3.61
CA GLN A 69 14.99 0.27 4.98
C GLN A 69 14.17 1.49 5.37
N HIS A 70 14.33 1.96 6.61
CA HIS A 70 13.53 3.06 7.11
C HIS A 70 13.76 4.33 6.28
N GLY A 71 15.02 4.62 5.98
CA GLY A 71 15.34 5.80 5.20
C GLY A 71 14.77 5.71 3.79
N ASP A 72 14.67 4.49 3.28
CA ASP A 72 14.16 4.27 1.92
C ASP A 72 12.69 4.60 1.81
N VAL A 73 11.89 4.12 2.78
CA VAL A 73 10.45 4.33 2.73
C VAL A 73 10.10 5.81 2.91
N VAL A 74 10.87 6.49 3.76
CA VAL A 74 10.66 7.92 3.98
C VAL A 74 11.04 8.70 2.72
N SER A 75 12.11 8.27 2.07
CA SER A 75 12.57 8.92 0.85
C SER A 75 11.54 8.78 -0.27
N ALA A 76 10.90 7.61 -0.35
CA ALA A 76 9.87 7.37 -1.34
C ALA A 76 8.74 8.38 -1.21
N ILE A 77 8.32 8.61 0.03
CA ILE A 77 7.23 9.54 0.32
C ILE A 77 7.65 10.99 0.09
N ARG A 78 8.81 11.35 0.60
CA ARG A 78 9.32 12.71 0.48
C ARG A 78 9.59 13.08 -0.98
N ALA A 79 10.00 12.09 -1.77
CA ALA A 79 10.28 12.31 -3.19
C ALA A 79 9.04 12.79 -3.96
N GLY A 80 7.88 12.65 -3.33
CA GLY A 80 6.65 13.15 -3.93
C GLY A 80 6.61 14.66 -3.98
N GLY A 81 7.27 15.29 -3.00
CA GLY A 81 7.31 16.73 -2.96
C GLY A 81 6.38 17.30 -1.90
N ASP A 82 5.09 17.31 -2.19
CA ASP A 82 4.12 17.88 -1.26
C ASP A 82 2.92 16.95 -1.18
N GLU A 83 3.06 15.82 -1.85
CA GLU A 83 2.00 14.86 -1.98
C GLU A 83 2.63 13.48 -2.11
N THR A 84 1.89 12.44 -1.72
CA THR A 84 2.42 11.09 -1.80
C THR A 84 1.32 10.07 -2.07
N LYS A 85 1.69 9.02 -2.78
CA LYS A 85 0.79 7.92 -3.11
C LYS A 85 1.17 6.69 -2.28
N LEU A 86 0.27 6.25 -1.41
CA LEU A 86 0.51 5.07 -0.58
C LEU A 86 -0.38 3.92 -1.00
N LEU A 87 0.22 2.76 -1.18
CA LEU A 87 -0.52 1.55 -1.50
C LEU A 87 -0.62 0.62 -0.31
N VAL A 88 -1.84 0.36 0.11
CA VAL A 88 -2.09 -0.63 1.16
C VAL A 88 -3.00 -1.71 0.60
N VAL A 89 -2.89 -2.92 1.13
CA VAL A 89 -3.61 -4.04 0.57
C VAL A 89 -4.53 -4.70 1.60
N ASP A 90 -5.72 -5.04 1.16
CA ASP A 90 -6.62 -5.86 1.95
C ASP A 90 -5.98 -7.22 2.13
N ARG A 91 -6.27 -7.89 3.24
CA ARG A 91 -5.74 -9.23 3.46
C ARG A 91 -6.25 -10.19 2.39
N GLU A 92 -7.42 -9.90 1.85
CA GLU A 92 -7.95 -10.68 0.73
C GLU A 92 -7.15 -10.38 -0.54
N THR A 93 -6.89 -9.10 -0.75
CA THR A 93 -6.19 -8.62 -1.92
C THR A 93 -4.74 -9.12 -1.94
N ASP A 94 -4.09 -9.05 -0.79
CA ASP A 94 -2.69 -9.48 -0.67
C ASP A 94 -2.55 -10.95 -1.02
N GLU A 95 -3.47 -11.77 -0.51
CA GLU A 95 -3.49 -13.19 -0.83
C GLU A 95 -3.62 -13.42 -2.33
N PHE A 96 -4.48 -12.62 -2.96
CA PHE A 96 -4.75 -12.77 -4.38
C PHE A 96 -3.51 -12.49 -5.23
N PHE A 97 -2.81 -11.41 -4.92
CA PHE A 97 -1.56 -11.08 -5.60
C PHE A 97 -0.45 -12.06 -5.24
N LYS A 98 -0.31 -12.34 -3.96
CA LYS A 98 0.81 -13.14 -3.46
C LYS A 98 0.71 -14.59 -3.92
N LYS A 99 -0.51 -15.05 -4.21
CA LYS A 99 -0.71 -16.41 -4.71
C LYS A 99 -0.02 -16.58 -6.08
N CYS A 100 0.15 -15.47 -6.78
CA CYS A 100 0.83 -15.48 -8.06
C CYS A 100 2.26 -14.96 -7.90
N ARG A 101 2.59 -14.59 -6.66
CA ARG A 101 3.90 -14.05 -6.32
C ARG A 101 4.18 -12.77 -7.08
N VAL A 102 3.15 -11.98 -7.30
CA VAL A 102 3.30 -10.70 -7.96
C VAL A 102 3.02 -9.57 -6.98
N ILE A 103 3.96 -8.63 -6.92
CA ILE A 103 3.90 -7.54 -5.98
C ILE A 103 2.85 -6.52 -6.41
N PRO A 104 1.91 -6.19 -5.50
CA PRO A 104 0.88 -5.17 -5.76
C PRO A 104 1.49 -3.82 -6.10
N SER A 105 0.90 -3.15 -7.09
CA SER A 105 1.43 -1.88 -7.57
C SER A 105 0.31 -1.10 -8.26
N GLN A 106 0.55 0.19 -8.49
CA GLN A 106 -0.46 1.06 -9.10
C GLN A 106 -0.76 0.61 -10.53
N GLU A 107 0.25 0.05 -11.17
CA GLU A 107 0.13 -0.38 -12.57
C GLU A 107 -0.93 -1.47 -12.70
N HIS A 108 -1.16 -2.20 -11.63
CA HIS A 108 -2.11 -3.31 -11.65
C HIS A 108 -3.53 -2.81 -11.47
N LEU A 109 -3.72 -1.93 -10.49
CA LEU A 109 -5.05 -1.42 -10.17
C LEU A 109 -5.54 -0.43 -11.23
N ASN A 110 -4.60 0.29 -11.82
CA ASN A 110 -4.95 1.26 -12.85
C ASN A 110 -4.95 0.61 -14.23
N GLY A 111 -4.16 -0.44 -14.38
CA GLY A 111 -4.05 -1.13 -15.65
C GLY A 111 -4.48 -2.57 -15.58
N PRO A 112 -3.60 -3.50 -15.98
CA PRO A 112 -3.93 -4.91 -16.04
C PRO A 112 -3.62 -5.67 -14.75
N LEU A 113 -4.50 -6.58 -14.41
CA LEU A 113 -4.32 -7.47 -13.28
C LEU A 113 -3.68 -8.77 -13.76
N PRO A 114 -3.19 -9.61 -12.83
CA PRO A 114 -2.65 -10.92 -13.18
C PRO A 114 -3.75 -11.93 -13.50
N VAL A 115 -3.44 -13.21 -13.34
CA VAL A 115 -4.44 -14.25 -13.55
C VAL A 115 -5.50 -14.23 -12.45
N PRO A 116 -6.72 -14.68 -12.76
CA PRO A 116 -7.85 -14.66 -11.81
C PRO A 116 -7.62 -15.58 -10.60
N PHE A 117 -8.71 -15.89 -9.91
CA PHE A 117 -8.64 -16.75 -8.73
C PHE A 117 -9.07 -18.16 -9.07
N THR A 118 -9.33 -18.38 -10.35
CA THR A 118 -9.77 -19.67 -10.84
C THR A 118 -8.64 -20.70 -10.70
N ASN A 119 -9.03 -21.95 -10.44
CA ASN A 119 -8.10 -23.06 -10.19
C ASN A 119 -7.58 -23.00 -8.76
N GLY A 120 -7.97 -21.96 -8.05
CA GLY A 120 -7.64 -21.85 -6.64
C GLY A 120 -8.71 -22.48 -5.78
N GLU A 121 -9.74 -23.01 -6.45
CA GLU A 121 -10.81 -23.73 -5.77
C GLU A 121 -10.28 -25.04 -5.22
N ILE A 122 -10.67 -25.38 -4.00
CA ILE A 122 -10.26 -26.63 -3.39
C ILE A 122 -11.06 -27.77 -4.01
N GLN A 123 -10.47 -28.39 -5.02
CA GLN A 123 -11.13 -29.44 -5.77
C GLN A 123 -11.30 -30.71 -4.94
N LYS A 124 -12.49 -31.29 -5.02
CA LYS A 124 -12.76 -32.56 -4.36
C LYS A 124 -12.77 -33.67 -5.41
N GLU A 125 -12.20 -33.38 -6.56
CA GLU A 125 -12.18 -34.30 -7.67
C GLU A 125 -10.98 -35.23 -7.57
N ASN A 126 -11.19 -36.50 -7.87
CA ASN A 126 -10.14 -37.49 -7.75
C ASN A 126 -10.23 -38.53 -8.86
N SER A 127 -9.66 -38.21 -10.01
CA SER A 127 -9.68 -39.11 -11.14
C SER A 127 -8.52 -38.82 -12.08
N ARG A 128 -7.65 -39.80 -12.25
CA ARG A 128 -6.56 -39.68 -13.20
C ARG A 128 -6.87 -40.51 -14.42
N GLN B 1 13.70 7.73 15.72
CA GLN B 1 12.65 6.79 16.15
C GLN B 1 11.35 7.09 15.42
N ASP B 2 10.98 6.19 14.52
CA ASP B 2 9.73 6.30 13.74
C ASP B 2 9.76 7.51 12.83
N THR B 3 8.65 7.74 12.14
CA THR B 3 8.50 8.89 11.28
C THR B 3 7.06 9.36 11.26
N ARG B 4 6.86 10.61 11.66
CA ARG B 4 5.54 11.21 11.61
C ARG B 4 5.40 12.01 10.33
N LEU B 5 4.29 11.80 9.63
CA LEU B 5 4.04 12.49 8.37
C LEU B 5 2.57 12.89 8.32
N GLY A 1 -24.68 -10.78 2.16
CA GLY A 1 -25.15 -9.58 1.42
C GLY A 1 -24.45 -9.43 0.09
N ILE A 2 -24.20 -8.20 -0.33
CA ILE A 2 -23.45 -7.96 -1.54
C ILE A 2 -21.96 -8.01 -1.24
N ASP A 3 -21.16 -8.39 -2.24
CA ASP A 3 -19.73 -8.58 -2.04
C ASP A 3 -18.94 -7.52 -2.79
N PRO A 4 -18.58 -6.42 -2.12
CA PRO A 4 -17.72 -5.40 -2.70
C PRO A 4 -16.24 -5.74 -2.54
N PHE A 5 -15.93 -6.58 -1.56
CA PHE A 5 -14.54 -6.89 -1.24
C PHE A 5 -14.02 -8.06 -2.06
N THR A 6 -14.88 -8.62 -2.90
CA THR A 6 -14.44 -9.63 -3.86
C THR A 6 -13.58 -8.98 -4.93
N MET A 7 -13.70 -7.66 -5.04
CA MET A 7 -12.84 -6.88 -5.91
C MET A 7 -11.52 -6.63 -5.20
N LEU A 8 -10.72 -7.68 -5.09
CA LEU A 8 -9.50 -7.64 -4.31
C LEU A 8 -8.42 -6.85 -5.04
N ARG A 9 -8.52 -5.53 -4.91
CA ARG A 9 -7.59 -4.61 -5.55
C ARG A 9 -7.08 -3.62 -4.52
N PRO A 10 -5.76 -3.32 -4.54
CA PRO A 10 -5.14 -2.38 -3.61
C PRO A 10 -5.74 -0.99 -3.73
N ARG A 11 -5.89 -0.30 -2.61
CA ARG A 11 -6.46 1.03 -2.62
C ARG A 11 -5.35 2.07 -2.72
N LEU A 12 -5.56 3.07 -3.55
CA LEU A 12 -4.62 4.16 -3.69
C LEU A 12 -5.02 5.34 -2.83
N CYS A 13 -4.22 5.61 -1.83
CA CYS A 13 -4.45 6.73 -0.94
C CYS A 13 -3.55 7.89 -1.36
N THR A 14 -4.13 8.86 -2.02
CA THR A 14 -3.36 9.95 -2.58
C THR A 14 -3.51 11.19 -1.71
N MET A 15 -2.42 11.62 -1.12
CA MET A 15 -2.46 12.69 -0.15
C MET A 15 -1.33 13.68 -0.40
N LYS A 16 -1.56 14.93 -0.02
CA LYS A 16 -0.57 15.97 -0.14
C LYS A 16 -0.40 16.68 1.19
N LYS A 17 0.83 17.05 1.49
CA LYS A 17 1.18 17.58 2.79
C LYS A 17 0.58 18.97 3.00
N GLY A 18 0.11 19.21 4.21
CA GLY A 18 -0.38 20.53 4.57
C GLY A 18 0.76 21.44 4.96
N PRO A 19 1.21 21.39 6.23
CA PRO A 19 2.40 22.12 6.65
C PRO A 19 3.68 21.50 6.08
N SER A 20 4.00 20.31 6.55
CA SER A 20 5.10 19.53 6.00
C SER A 20 4.82 18.04 6.18
N GLY A 21 3.58 17.74 6.52
CA GLY A 21 3.19 16.37 6.83
C GLY A 21 1.90 15.97 6.15
N TYR A 22 1.66 14.67 6.07
CA TYR A 22 0.52 14.15 5.33
C TYR A 22 -0.59 13.71 6.28
N GLY A 23 -0.23 13.50 7.54
CA GLY A 23 -1.25 13.25 8.55
C GLY A 23 -1.24 11.82 9.09
N PHE A 24 -0.14 11.10 8.88
CA PHE A 24 -0.07 9.73 9.35
C PHE A 24 1.21 9.46 10.13
N ASN A 25 1.17 8.44 10.96
CA ASN A 25 2.32 8.07 11.77
C ASN A 25 2.85 6.72 11.31
N LEU A 26 4.12 6.68 10.95
CA LEU A 26 4.74 5.44 10.49
C LEU A 26 5.45 4.74 11.64
N HIS A 27 5.25 3.44 11.76
CA HIS A 27 5.91 2.66 12.79
C HIS A 27 6.50 1.41 12.19
N SER A 28 7.65 1.02 12.70
CA SER A 28 8.32 -0.19 12.29
C SER A 28 8.76 -0.96 13.52
N ASP A 29 8.64 -2.26 13.49
CA ASP A 29 8.92 -3.06 14.67
C ASP A 29 10.29 -3.70 14.61
N LYS A 30 10.85 -3.96 15.78
CA LYS A 30 12.14 -4.61 15.88
C LYS A 30 11.95 -6.11 16.05
N SER A 31 10.74 -6.56 15.77
CA SER A 31 10.41 -7.97 15.78
C SER A 31 9.95 -8.39 14.39
N LYS A 32 8.85 -7.82 13.92
CA LYS A 32 8.42 -8.05 12.55
C LYS A 32 8.94 -6.94 11.66
N PRO A 33 9.52 -7.30 10.51
CA PRO A 33 10.12 -6.34 9.61
C PRO A 33 9.10 -5.71 8.67
N GLY A 34 9.21 -4.40 8.50
CA GLY A 34 8.31 -3.70 7.63
C GLY A 34 7.75 -2.45 8.27
N GLN A 35 7.12 -1.61 7.48
CA GLN A 35 6.54 -0.38 7.99
C GLN A 35 5.03 -0.37 7.78
N PHE A 36 4.33 0.14 8.77
CA PHE A 36 2.87 0.15 8.76
C PHE A 36 2.36 1.48 9.31
N ILE A 37 1.14 1.84 8.94
CA ILE A 37 0.52 3.04 9.47
C ILE A 37 0.09 2.81 10.90
N ARG A 38 0.75 3.51 11.81
CA ARG A 38 0.51 3.32 13.23
C ARG A 38 -0.70 4.12 13.68
N SER A 39 -0.89 5.29 13.10
CA SER A 39 -2.02 6.13 13.47
C SER A 39 -2.30 7.15 12.37
N VAL A 40 -3.56 7.54 12.26
CA VAL A 40 -3.99 8.58 11.34
C VAL A 40 -4.91 9.55 12.09
N ASP A 41 -4.82 10.82 11.78
CA ASP A 41 -5.65 11.81 12.43
C ASP A 41 -6.84 12.15 11.55
N PRO A 42 -8.04 12.16 12.14
CA PRO A 42 -9.31 12.36 11.41
C PRO A 42 -9.29 13.60 10.52
N ASP A 43 -8.52 14.59 10.89
CA ASP A 43 -8.34 15.78 10.07
C ASP A 43 -6.99 15.73 9.40
N SER A 44 -6.88 14.88 8.39
CA SER A 44 -5.66 14.75 7.61
C SER A 44 -5.99 14.29 6.20
N PRO A 45 -5.18 14.73 5.23
CA PRO A 45 -5.29 14.29 3.83
C PRO A 45 -5.08 12.78 3.70
N ALA A 46 -4.37 12.21 4.67
CA ALA A 46 -4.19 10.77 4.72
C ALA A 46 -5.52 10.08 5.01
N GLU A 47 -6.21 10.56 6.04
CA GLU A 47 -7.50 10.02 6.42
C GLU A 47 -8.53 10.31 5.33
N ALA A 48 -8.44 11.50 4.74
CA ALA A 48 -9.38 11.95 3.72
C ALA A 48 -9.28 11.13 2.43
N SER A 49 -8.09 10.60 2.13
CA SER A 49 -7.90 9.80 0.93
C SER A 49 -8.35 8.36 1.17
N GLY A 50 -8.42 7.98 2.44
CA GLY A 50 -8.87 6.65 2.78
C GLY A 50 -7.78 5.79 3.38
N LEU A 51 -6.79 6.43 3.98
CA LEU A 51 -5.76 5.70 4.71
C LEU A 51 -6.20 5.50 6.15
N ARG A 52 -5.84 4.37 6.73
CA ARG A 52 -6.22 4.09 8.10
C ARG A 52 -5.06 3.48 8.86
N ALA A 53 -5.13 3.52 10.18
CA ALA A 53 -4.15 2.85 11.00
C ALA A 53 -4.24 1.35 10.80
N GLN A 54 -3.10 0.66 10.99
CA GLN A 54 -3.00 -0.79 10.84
C GLN A 54 -2.90 -1.21 9.38
N ASP A 55 -2.95 -0.23 8.47
CA ASP A 55 -2.74 -0.52 7.05
C ASP A 55 -1.25 -0.61 6.74
N ARG A 56 -0.93 -1.39 5.72
CA ARG A 56 0.47 -1.61 5.34
C ARG A 56 0.71 -1.10 3.92
N ILE A 57 1.89 -0.54 3.70
CA ILE A 57 2.22 0.11 2.43
C ILE A 57 3.18 -0.74 1.61
N VAL A 58 2.91 -0.86 0.31
CA VAL A 58 3.82 -1.58 -0.59
C VAL A 58 4.62 -0.60 -1.46
N GLU A 59 3.98 0.51 -1.85
CA GLU A 59 4.64 1.54 -2.65
C GLU A 59 4.09 2.91 -2.30
N VAL A 60 4.94 3.93 -2.36
CA VAL A 60 4.47 5.31 -2.25
C VAL A 60 4.91 6.11 -3.47
N ASN A 61 3.96 6.83 -4.06
CA ASN A 61 4.19 7.69 -5.25
C ASN A 61 5.02 7.02 -6.35
N GLY A 62 4.99 5.70 -6.38
CA GLY A 62 5.72 4.98 -7.43
C GLY A 62 6.98 4.31 -6.92
N VAL A 63 7.35 4.60 -5.68
CA VAL A 63 8.53 4.01 -5.09
C VAL A 63 8.16 2.76 -4.33
N CYS A 64 8.84 1.68 -4.65
CA CYS A 64 8.53 0.39 -4.08
C CYS A 64 9.27 0.19 -2.76
N MET A 65 8.52 -0.10 -1.71
CA MET A 65 9.12 -0.36 -0.41
C MET A 65 8.90 -1.81 -0.01
N GLU A 66 8.74 -2.65 -1.01
CA GLU A 66 8.65 -4.08 -0.84
C GLU A 66 9.94 -4.61 -0.22
N GLY A 67 9.92 -4.82 1.08
CA GLY A 67 11.08 -5.34 1.78
C GLY A 67 12.14 -4.28 2.04
N LYS A 68 11.70 -3.03 2.13
CA LYS A 68 12.60 -1.92 2.40
C LYS A 68 12.66 -1.59 3.89
N GLN A 69 13.68 -0.84 4.28
CA GLN A 69 13.87 -0.47 5.68
C GLN A 69 13.13 0.81 6.02
N HIS A 70 13.24 1.23 7.28
CA HIS A 70 12.53 2.40 7.78
C HIS A 70 12.86 3.66 6.98
N GLY A 71 14.15 3.91 6.79
CA GLY A 71 14.57 5.13 6.12
C GLY A 71 14.10 5.22 4.69
N ASP A 72 14.00 4.08 4.02
CA ASP A 72 13.63 4.06 2.60
C ASP A 72 12.19 4.50 2.41
N VAL A 73 11.28 3.96 3.22
CA VAL A 73 9.87 4.27 3.09
C VAL A 73 9.61 5.75 3.39
N VAL A 74 10.34 6.29 4.36
CA VAL A 74 10.22 7.70 4.70
C VAL A 74 10.76 8.55 3.56
N SER A 75 11.96 8.21 3.09
CA SER A 75 12.61 8.95 2.01
C SER A 75 11.73 8.91 0.75
N ALA A 76 11.11 7.76 0.51
CA ALA A 76 10.23 7.60 -0.64
C ALA A 76 9.11 8.63 -0.61
N ILE A 77 8.51 8.81 0.56
CA ILE A 77 7.43 9.76 0.75
C ILE A 77 7.94 11.21 0.69
N ARG A 78 9.11 11.44 1.26
CA ARG A 78 9.75 12.75 1.23
C ARG A 78 9.97 13.20 -0.21
N ALA A 79 10.35 12.25 -1.05
CA ALA A 79 10.70 12.52 -2.44
C ALA A 79 9.46 12.80 -3.30
N GLY A 80 8.28 12.52 -2.72
CA GLY A 80 7.03 12.65 -3.46
C GLY A 80 6.81 14.05 -4.02
N GLY A 81 7.34 15.05 -3.33
CA GLY A 81 7.20 16.43 -3.79
C GLY A 81 5.89 17.05 -3.35
N ASP A 82 5.77 17.25 -2.04
CA ASP A 82 4.58 17.83 -1.41
C ASP A 82 3.36 16.92 -1.55
N GLU A 83 3.57 15.76 -2.14
CA GLU A 83 2.49 14.82 -2.43
C GLU A 83 3.01 13.40 -2.37
N THR A 84 2.11 12.46 -2.19
CA THR A 84 2.48 11.05 -2.25
C THR A 84 1.25 10.17 -2.45
N LYS A 85 1.46 9.04 -3.10
CA LYS A 85 0.42 8.04 -3.29
C LYS A 85 0.74 6.83 -2.44
N LEU A 86 -0.18 6.39 -1.62
CA LEU A 86 0.07 5.24 -0.76
C LEU A 86 -0.72 4.04 -1.25
N LEU A 87 0.00 2.97 -1.55
CA LEU A 87 -0.62 1.73 -1.95
C LEU A 87 -0.71 0.80 -0.75
N VAL A 88 -1.92 0.46 -0.37
CA VAL A 88 -2.12 -0.41 0.76
C VAL A 88 -2.88 -1.67 0.36
N VAL A 89 -2.56 -2.76 1.02
CA VAL A 89 -3.20 -4.04 0.77
C VAL A 89 -3.47 -4.75 2.08
N ASP A 90 -4.68 -5.27 2.22
CA ASP A 90 -5.02 -6.06 3.39
C ASP A 90 -4.31 -7.41 3.32
N ARG A 91 -4.21 -8.12 4.43
CA ARG A 91 -3.42 -9.35 4.46
C ARG A 91 -3.88 -10.36 3.39
N GLU A 92 -5.19 -10.50 3.21
CA GLU A 92 -5.72 -11.44 2.23
C GLU A 92 -5.49 -10.92 0.80
N THR A 93 -5.37 -9.61 0.67
CA THR A 93 -5.07 -8.99 -0.62
C THR A 93 -3.62 -9.27 -0.99
N ASP A 94 -2.75 -9.12 -0.01
CA ASP A 94 -1.31 -9.30 -0.20
C ASP A 94 -0.98 -10.70 -0.68
N GLU A 95 -1.55 -11.71 -0.03
CA GLU A 95 -1.27 -13.09 -0.36
C GLU A 95 -1.73 -13.42 -1.78
N PHE A 96 -2.82 -12.80 -2.22
CA PHE A 96 -3.34 -13.02 -3.57
C PHE A 96 -2.34 -12.59 -4.63
N PHE A 97 -1.74 -11.44 -4.44
CA PHE A 97 -0.75 -10.94 -5.40
C PHE A 97 0.53 -11.77 -5.33
N LYS A 98 0.97 -12.09 -4.12
CA LYS A 98 2.23 -12.81 -3.93
C LYS A 98 2.14 -14.24 -4.45
N LYS A 99 0.95 -14.85 -4.39
CA LYS A 99 0.76 -16.20 -4.90
C LYS A 99 0.86 -16.21 -6.43
N CYS A 100 0.65 -15.05 -7.04
CA CYS A 100 0.74 -14.91 -8.48
C CYS A 100 2.08 -14.29 -8.88
N ARG A 101 2.91 -14.05 -7.87
CA ARG A 101 4.25 -13.47 -8.04
C ARG A 101 4.18 -12.12 -8.76
N VAL A 102 3.13 -11.35 -8.50
CA VAL A 102 2.97 -10.05 -9.14
C VAL A 102 2.96 -8.93 -8.10
N ILE A 103 3.48 -7.78 -8.50
CA ILE A 103 3.52 -6.63 -7.61
C ILE A 103 2.16 -5.95 -7.59
N PRO A 104 1.58 -5.74 -6.39
CA PRO A 104 0.27 -5.10 -6.24
C PRO A 104 0.33 -3.60 -6.49
N SER A 105 0.89 -3.23 -7.63
CA SER A 105 1.08 -1.83 -7.96
C SER A 105 -0.20 -1.20 -8.50
N GLN A 106 -0.10 0.05 -8.90
CA GLN A 106 -1.23 0.83 -9.39
C GLN A 106 -1.84 0.20 -10.64
N GLU A 107 -1.03 -0.59 -11.34
CA GLU A 107 -1.42 -1.18 -12.61
C GLU A 107 -2.61 -2.13 -12.45
N HIS A 108 -2.72 -2.74 -11.27
CA HIS A 108 -3.72 -3.77 -11.05
C HIS A 108 -5.04 -3.19 -10.54
N LEU A 109 -4.97 -2.13 -9.75
CA LEU A 109 -6.19 -1.53 -9.23
C LEU A 109 -6.90 -0.73 -10.31
N ASN A 110 -6.12 -0.18 -11.24
CA ASN A 110 -6.67 0.58 -12.35
C ASN A 110 -6.96 -0.34 -13.54
N GLY A 111 -6.00 -1.19 -13.87
CA GLY A 111 -6.13 -2.02 -15.05
C GLY A 111 -6.57 -3.44 -14.74
N PRO A 112 -5.82 -4.44 -15.22
CA PRO A 112 -6.18 -5.85 -15.08
C PRO A 112 -5.72 -6.47 -13.77
N LEU A 113 -6.22 -7.67 -13.52
CA LEU A 113 -5.91 -8.40 -12.31
C LEU A 113 -5.30 -9.76 -12.68
N PRO A 114 -4.40 -10.28 -11.83
CA PRO A 114 -3.79 -11.61 -12.04
C PRO A 114 -4.82 -12.73 -12.03
N VAL A 115 -4.39 -13.93 -12.41
CA VAL A 115 -5.27 -15.08 -12.56
C VAL A 115 -6.21 -14.91 -13.74
N PRO A 116 -5.86 -15.52 -14.88
CA PRO A 116 -6.66 -15.45 -16.11
C PRO A 116 -8.01 -16.17 -15.97
N PHE A 117 -8.89 -15.94 -16.92
CA PHE A 117 -10.23 -16.52 -16.88
C PHE A 117 -10.44 -17.48 -18.04
N THR A 118 -9.35 -18.09 -18.48
CA THR A 118 -9.34 -19.03 -19.60
C THR A 118 -9.51 -18.28 -20.94
N ASN A 119 -9.39 -19.02 -22.05
CA ASN A 119 -9.51 -18.48 -23.42
C ASN A 119 -8.23 -17.76 -23.81
N GLY A 120 -7.38 -17.54 -22.82
CA GLY A 120 -6.12 -16.87 -23.05
C GLY A 120 -5.24 -16.93 -21.83
N GLU A 121 -4.61 -18.08 -21.60
CA GLU A 121 -3.67 -18.23 -20.51
C GLU A 121 -2.44 -17.36 -20.75
N ILE A 122 -2.30 -16.33 -19.93
CA ILE A 122 -1.28 -15.32 -20.14
C ILE A 122 0.11 -15.85 -19.82
N GLN A 123 0.98 -15.81 -20.81
CA GLN A 123 2.38 -16.16 -20.64
C GLN A 123 3.09 -15.03 -19.91
N LYS A 124 3.67 -15.33 -18.77
CA LYS A 124 4.31 -14.32 -17.94
C LYS A 124 5.69 -13.96 -18.47
N GLU A 125 5.98 -12.66 -18.52
CA GLU A 125 7.31 -12.20 -18.86
C GLU A 125 8.04 -11.83 -17.57
N ASN A 126 9.35 -11.95 -17.57
CA ASN A 126 10.13 -11.70 -16.37
C ASN A 126 10.52 -10.23 -16.26
N SER A 127 9.83 -9.39 -17.01
CA SER A 127 10.04 -7.95 -16.96
C SER A 127 9.07 -7.34 -15.95
N ARG A 128 9.62 -6.68 -14.93
CA ARG A 128 8.82 -6.11 -13.87
C ARG A 128 9.15 -4.63 -13.69
N GLN B 1 6.07 7.74 18.28
CA GLN B 1 6.39 6.43 17.70
C GLN B 1 7.05 6.57 16.33
N ASP B 2 8.37 6.43 16.32
CA ASP B 2 9.19 6.48 15.10
C ASP B 2 9.03 7.78 14.32
N THR B 3 8.27 7.72 13.24
CA THR B 3 8.23 8.82 12.29
C THR B 3 6.82 9.35 12.08
N ARG B 4 6.69 10.68 12.16
CA ARG B 4 5.43 11.34 11.95
C ARG B 4 5.43 12.11 10.63
N LEU B 5 4.56 11.71 9.72
CA LEU B 5 4.42 12.40 8.44
C LEU B 5 3.00 12.89 8.28
N GLY A 1 -24.33 -17.81 -8.85
CA GLY A 1 -23.59 -17.18 -7.73
C GLY A 1 -22.43 -16.35 -8.22
N ILE A 2 -22.70 -15.10 -8.57
CA ILE A 2 -21.66 -14.20 -9.07
C ILE A 2 -20.99 -13.48 -7.90
N ASP A 3 -19.70 -13.71 -7.74
CA ASP A 3 -18.93 -13.11 -6.65
C ASP A 3 -18.40 -11.74 -7.04
N PRO A 4 -18.84 -10.69 -6.33
CA PRO A 4 -18.37 -9.33 -6.58
C PRO A 4 -16.99 -9.08 -5.97
N PHE A 5 -16.52 -10.05 -5.20
CA PHE A 5 -15.23 -9.93 -4.50
C PHE A 5 -14.08 -10.42 -5.36
N THR A 6 -14.33 -10.53 -6.66
CA THR A 6 -13.27 -10.87 -7.60
C THR A 6 -12.51 -9.60 -7.98
N MET A 7 -13.12 -8.45 -7.68
CA MET A 7 -12.53 -7.16 -7.97
C MET A 7 -11.97 -6.56 -6.70
N LEU A 8 -10.84 -7.07 -6.25
CA LEU A 8 -10.20 -6.58 -5.04
C LEU A 8 -9.40 -5.31 -5.31
N ARG A 9 -8.16 -5.48 -5.80
CA ARG A 9 -7.27 -4.39 -6.17
C ARG A 9 -6.85 -3.55 -4.97
N PRO A 10 -5.54 -3.23 -4.89
CA PRO A 10 -4.98 -2.44 -3.79
C PRO A 10 -5.53 -1.01 -3.76
N ARG A 11 -5.47 -0.38 -2.60
CA ARG A 11 -5.98 0.97 -2.43
C ARG A 11 -4.86 1.98 -2.57
N LEU A 12 -5.10 3.01 -3.36
CA LEU A 12 -4.11 4.05 -3.57
C LEU A 12 -4.47 5.28 -2.75
N CYS A 13 -3.67 5.57 -1.76
CA CYS A 13 -3.90 6.71 -0.90
C CYS A 13 -3.06 7.89 -1.37
N THR A 14 -3.69 8.82 -2.06
CA THR A 14 -3.00 9.99 -2.56
C THR A 14 -3.33 11.20 -1.70
N MET A 15 -2.33 11.71 -1.00
CA MET A 15 -2.55 12.76 -0.03
C MET A 15 -1.54 13.89 -0.23
N LYS A 16 -1.96 15.10 0.15
CA LYS A 16 -1.11 16.27 0.05
C LYS A 16 -0.89 16.83 1.44
N LYS A 17 0.36 17.11 1.77
CA LYS A 17 0.71 17.59 3.11
C LYS A 17 0.34 19.05 3.27
N GLY A 18 0.04 19.44 4.50
CA GLY A 18 -0.11 20.83 4.83
C GLY A 18 1.24 21.48 5.01
N PRO A 19 1.65 21.73 6.26
CA PRO A 19 3.01 22.20 6.56
C PRO A 19 4.03 21.10 6.28
N SER A 20 4.02 20.09 7.13
CA SER A 20 4.89 18.93 6.94
C SER A 20 4.11 17.65 7.22
N GLY A 21 2.81 17.78 7.39
CA GLY A 21 2.00 16.66 7.80
C GLY A 21 1.07 16.18 6.71
N TYR A 22 1.01 14.88 6.53
CA TYR A 22 0.10 14.26 5.58
C TYR A 22 -1.12 13.74 6.31
N GLY A 23 -0.93 13.39 7.58
CA GLY A 23 -2.05 13.02 8.41
C GLY A 23 -1.92 11.63 9.01
N PHE A 24 -0.70 11.11 9.10
CA PHE A 24 -0.51 9.78 9.65
C PHE A 24 0.84 9.69 10.35
N ASN A 25 1.10 8.55 10.98
CA ASN A 25 2.35 8.34 11.66
C ASN A 25 2.94 7.02 11.24
N LEU A 26 4.22 7.01 10.92
CA LEU A 26 4.89 5.78 10.51
C LEU A 26 5.57 5.13 11.69
N HIS A 27 5.43 3.83 11.80
CA HIS A 27 6.08 3.08 12.86
C HIS A 27 6.76 1.86 12.28
N SER A 28 7.95 1.58 12.77
CA SER A 28 8.69 0.42 12.31
C SER A 28 9.21 -0.35 13.50
N ASP A 29 9.16 -1.67 13.44
CA ASP A 29 9.68 -2.50 14.51
C ASP A 29 11.08 -2.97 14.19
N LYS A 30 11.85 -3.21 15.22
CA LYS A 30 13.28 -3.48 15.07
C LYS A 30 13.57 -4.98 15.00
N SER A 31 12.97 -5.64 14.02
CA SER A 31 13.20 -7.07 13.81
C SER A 31 12.60 -7.53 12.48
N LYS A 32 11.28 -7.47 12.37
CA LYS A 32 10.57 -7.96 11.18
C LYS A 32 10.55 -6.92 10.07
N PRO A 33 10.59 -7.39 8.81
CA PRO A 33 10.55 -6.52 7.64
C PRO A 33 9.12 -6.24 7.19
N GLY A 34 8.76 -4.98 7.16
CA GLY A 34 7.43 -4.58 6.73
C GLY A 34 7.01 -3.27 7.34
N GLN A 35 6.59 -2.33 6.50
CA GLN A 35 6.20 -1.02 6.99
C GLN A 35 4.69 -0.94 7.16
N PHE A 36 4.26 -0.28 8.23
CA PHE A 36 2.85 -0.18 8.57
C PHE A 36 2.51 1.20 9.09
N ILE A 37 1.24 1.56 8.98
CA ILE A 37 0.75 2.85 9.47
C ILE A 37 0.35 2.71 10.94
N ARG A 38 0.86 3.60 11.77
CA ARG A 38 0.61 3.54 13.21
C ARG A 38 -0.72 4.18 13.58
N SER A 39 -0.94 5.40 13.11
CA SER A 39 -2.16 6.13 13.44
C SER A 39 -2.50 7.14 12.34
N VAL A 40 -3.76 7.53 12.27
CA VAL A 40 -4.24 8.49 11.28
C VAL A 40 -5.09 9.56 11.96
N ASP A 41 -4.97 10.79 11.50
CA ASP A 41 -5.67 11.91 12.11
C ASP A 41 -7.10 11.99 11.59
N PRO A 42 -8.06 12.23 12.50
CA PRO A 42 -9.50 12.33 12.18
C PRO A 42 -9.79 13.36 11.11
N ASP A 43 -8.92 14.36 11.03
CA ASP A 43 -9.02 15.38 9.98
C ASP A 43 -7.72 15.45 9.21
N SER A 44 -7.49 14.46 8.35
CA SER A 44 -6.27 14.39 7.58
C SER A 44 -6.56 13.96 6.16
N PRO A 45 -5.80 14.50 5.20
CA PRO A 45 -5.85 14.08 3.81
C PRO A 45 -5.42 12.62 3.65
N ALA A 46 -4.64 12.13 4.61
CA ALA A 46 -4.28 10.73 4.65
C ALA A 46 -5.52 9.86 4.83
N GLU A 47 -6.33 10.21 5.81
CA GLU A 47 -7.54 9.46 6.10
C GLU A 47 -8.49 9.50 4.91
N ALA A 48 -8.66 10.69 4.36
CA ALA A 48 -9.59 10.92 3.26
C ALA A 48 -9.17 10.19 1.98
N SER A 49 -7.88 9.98 1.80
CA SER A 49 -7.40 9.29 0.60
C SER A 49 -7.53 7.78 0.77
N GLY A 50 -7.93 7.36 1.96
CA GLY A 50 -8.13 5.96 2.21
C GLY A 50 -6.95 5.32 2.92
N LEU A 51 -6.16 6.13 3.62
CA LEU A 51 -5.04 5.61 4.38
C LEU A 51 -5.52 5.25 5.77
N ARG A 52 -5.49 3.97 6.09
CA ARG A 52 -5.94 3.51 7.39
C ARG A 52 -4.75 2.98 8.19
N ALA A 53 -4.79 3.17 9.51
CA ALA A 53 -3.69 2.81 10.39
C ALA A 53 -3.64 1.30 10.66
N GLN A 54 -4.26 0.53 9.80
CA GLN A 54 -4.34 -0.91 10.00
C GLN A 54 -3.77 -1.65 8.79
N ASP A 55 -3.21 -0.89 7.87
CA ASP A 55 -2.81 -1.43 6.57
C ASP A 55 -1.31 -1.39 6.37
N ARG A 56 -0.87 -2.09 5.33
CA ARG A 56 0.53 -2.25 5.01
C ARG A 56 0.87 -1.48 3.74
N ILE A 57 2.06 -0.88 3.69
CA ILE A 57 2.47 -0.11 2.52
C ILE A 57 3.35 -0.97 1.62
N VAL A 58 2.96 -1.08 0.35
CA VAL A 58 3.77 -1.81 -0.63
C VAL A 58 4.53 -0.85 -1.56
N GLU A 59 3.88 0.24 -1.96
CA GLU A 59 4.52 1.25 -2.80
C GLU A 59 4.22 2.65 -2.31
N VAL A 60 5.17 3.55 -2.55
CA VAL A 60 5.02 4.96 -2.24
C VAL A 60 5.35 5.81 -3.46
N ASN A 61 4.33 6.48 -4.01
CA ASN A 61 4.43 7.27 -5.25
C ASN A 61 5.21 6.56 -6.35
N GLY A 62 5.09 5.24 -6.41
CA GLY A 62 5.75 4.48 -7.45
C GLY A 62 7.03 3.82 -6.98
N VAL A 63 7.46 4.20 -5.78
CA VAL A 63 8.65 3.63 -5.18
C VAL A 63 8.28 2.39 -4.40
N CYS A 64 9.10 1.37 -4.48
CA CYS A 64 8.78 0.08 -3.92
C CYS A 64 9.28 -0.02 -2.48
N MET A 65 8.43 -0.53 -1.59
CA MET A 65 8.81 -0.67 -0.19
C MET A 65 9.09 -2.13 0.14
N GLU A 66 9.35 -2.91 -0.89
CA GLU A 66 9.65 -4.30 -0.75
C GLU A 66 11.07 -4.50 -0.26
N GLY A 67 11.21 -4.83 1.01
CA GLY A 67 12.52 -5.04 1.60
C GLY A 67 13.25 -3.74 1.86
N LYS A 68 12.50 -2.67 2.08
CA LYS A 68 13.08 -1.36 2.32
C LYS A 68 13.06 -1.01 3.80
N GLN A 69 14.02 -0.20 4.23
CA GLN A 69 14.15 0.16 5.62
C GLN A 69 13.41 1.46 5.93
N HIS A 70 13.43 1.89 7.18
CA HIS A 70 12.67 3.06 7.60
C HIS A 70 13.14 4.32 6.86
N GLY A 71 14.44 4.49 6.71
CA GLY A 71 14.97 5.67 6.04
C GLY A 71 14.55 5.73 4.59
N ASP A 72 14.45 4.57 3.97
CA ASP A 72 14.07 4.47 2.56
C ASP A 72 12.62 4.92 2.35
N VAL A 73 11.73 4.43 3.20
CA VAL A 73 10.31 4.73 3.06
C VAL A 73 10.04 6.21 3.28
N VAL A 74 10.77 6.81 4.22
CA VAL A 74 10.65 8.23 4.50
C VAL A 74 11.16 9.04 3.31
N SER A 75 12.29 8.62 2.75
CA SER A 75 12.88 9.30 1.62
C SER A 75 11.93 9.29 0.41
N ALA A 76 11.24 8.18 0.22
CA ALA A 76 10.27 8.06 -0.87
C ALA A 76 9.14 9.08 -0.70
N ILE A 77 8.61 9.18 0.50
CA ILE A 77 7.50 10.09 0.79
C ILE A 77 7.95 11.55 0.74
N ARG A 78 9.12 11.81 1.30
CA ARG A 78 9.67 13.16 1.32
C ARG A 78 9.99 13.66 -0.09
N ALA A 79 10.38 12.73 -0.95
CA ALA A 79 10.70 13.06 -2.34
C ALA A 79 9.47 13.52 -3.12
N GLY A 80 8.28 13.25 -2.58
CA GLY A 80 7.06 13.69 -3.20
C GLY A 80 6.81 15.17 -2.97
N GLY A 81 7.60 15.75 -2.08
CA GLY A 81 7.48 17.17 -1.78
C GLY A 81 6.30 17.47 -0.89
N ASP A 82 5.18 17.79 -1.51
CA ASP A 82 3.97 18.13 -0.79
C ASP A 82 2.91 17.05 -0.95
N GLU A 83 3.28 15.96 -1.62
CA GLU A 83 2.35 14.88 -1.89
C GLU A 83 3.02 13.53 -1.74
N THR A 84 2.21 12.50 -1.60
CA THR A 84 2.68 11.14 -1.62
C THR A 84 1.54 10.19 -1.93
N LYS A 85 1.84 9.09 -2.60
CA LYS A 85 0.85 8.07 -2.88
C LYS A 85 1.22 6.81 -2.14
N LEU A 86 0.34 6.34 -1.28
CA LEU A 86 0.61 5.16 -0.51
C LEU A 86 -0.26 4.01 -0.99
N LEU A 87 0.36 2.89 -1.30
CA LEU A 87 -0.39 1.70 -1.70
C LEU A 87 -0.58 0.77 -0.53
N VAL A 88 -1.84 0.55 -0.18
CA VAL A 88 -2.17 -0.37 0.89
C VAL A 88 -3.08 -1.48 0.38
N VAL A 89 -2.97 -2.65 0.97
CA VAL A 89 -3.73 -3.79 0.53
C VAL A 89 -4.57 -4.36 1.65
N ASP A 90 -5.85 -4.61 1.35
CA ASP A 90 -6.76 -5.24 2.29
C ASP A 90 -6.39 -6.71 2.47
N ARG A 91 -6.78 -7.31 3.58
CA ARG A 91 -6.38 -8.68 3.89
C ARG A 91 -6.67 -9.65 2.73
N GLU A 92 -7.84 -9.50 2.11
CA GLU A 92 -8.22 -10.38 1.00
C GLU A 92 -7.38 -10.09 -0.23
N THR A 93 -7.15 -8.80 -0.48
CA THR A 93 -6.35 -8.36 -1.62
C THR A 93 -4.90 -8.85 -1.48
N ASP A 94 -4.34 -8.64 -0.30
CA ASP A 94 -2.96 -9.00 0.00
C ASP A 94 -2.71 -10.47 -0.28
N GLU A 95 -3.61 -11.32 0.21
CA GLU A 95 -3.49 -12.76 0.01
C GLU A 95 -3.64 -13.16 -1.46
N PHE A 96 -4.47 -12.45 -2.20
CA PHE A 96 -4.70 -12.77 -3.60
C PHE A 96 -3.40 -12.66 -4.40
N PHE A 97 -2.65 -11.60 -4.14
CA PHE A 97 -1.39 -11.36 -4.83
C PHE A 97 -0.34 -12.42 -4.47
N LYS A 98 -0.40 -12.89 -3.22
CA LYS A 98 0.50 -13.92 -2.73
C LYS A 98 0.44 -15.16 -3.62
N LYS A 99 -0.77 -15.44 -4.10
CA LYS A 99 -1.03 -16.63 -4.89
C LYS A 99 -0.37 -16.56 -6.27
N CYS A 100 0.01 -15.36 -6.68
CA CYS A 100 0.72 -15.18 -7.94
C CYS A 100 2.16 -14.78 -7.67
N ARG A 101 2.47 -14.59 -6.38
CA ARG A 101 3.78 -14.12 -5.92
C ARG A 101 4.22 -12.86 -6.68
N VAL A 102 3.26 -12.01 -6.97
CA VAL A 102 3.51 -10.78 -7.68
C VAL A 102 3.30 -9.58 -6.75
N ILE A 103 4.03 -8.50 -6.99
CA ILE A 103 3.92 -7.30 -6.19
C ILE A 103 2.62 -6.56 -6.53
N PRO A 104 1.83 -6.19 -5.51
CA PRO A 104 0.58 -5.44 -5.70
C PRO A 104 0.84 -3.98 -6.08
N SER A 105 1.59 -3.82 -7.16
CA SER A 105 1.96 -2.50 -7.66
C SER A 105 0.77 -1.73 -8.23
N GLN A 106 0.99 -0.43 -8.43
CA GLN A 106 -0.02 0.50 -8.94
C GLN A 106 -0.63 0.03 -10.27
N GLU A 107 0.11 -0.79 -11.01
CA GLU A 107 -0.37 -1.28 -12.30
C GLU A 107 -1.63 -2.12 -12.13
N HIS A 108 -1.76 -2.74 -10.97
CA HIS A 108 -2.82 -3.71 -10.74
C HIS A 108 -4.10 -3.07 -10.24
N LEU A 109 -4.01 -1.86 -9.69
CA LEU A 109 -5.21 -1.21 -9.16
C LEU A 109 -6.09 -0.69 -10.28
N ASN A 110 -5.48 -0.29 -11.39
CA ASN A 110 -6.22 0.27 -12.50
C ASN A 110 -6.27 -0.72 -13.68
N GLY A 111 -5.18 -1.43 -13.90
CA GLY A 111 -5.09 -2.35 -15.02
C GLY A 111 -5.66 -3.72 -14.69
N PRO A 112 -5.21 -4.76 -15.40
CA PRO A 112 -5.68 -6.13 -15.19
C PRO A 112 -5.01 -6.80 -13.99
N LEU A 113 -5.71 -7.75 -13.39
CA LEU A 113 -5.17 -8.49 -12.26
C LEU A 113 -4.39 -9.70 -12.75
N PRO A 114 -3.27 -10.01 -12.07
CA PRO A 114 -2.30 -11.00 -12.54
C PRO A 114 -2.77 -12.44 -12.43
N VAL A 115 -3.05 -13.04 -13.59
CA VAL A 115 -3.35 -14.45 -13.68
C VAL A 115 -2.88 -15.01 -15.02
N PRO A 116 -2.13 -16.12 -15.01
CA PRO A 116 -1.61 -16.76 -16.22
C PRO A 116 -2.71 -17.22 -17.17
N PHE A 117 -2.85 -16.54 -18.29
CA PHE A 117 -3.84 -16.92 -19.28
C PHE A 117 -3.18 -17.56 -20.50
N THR A 118 -3.30 -18.88 -20.58
CA THR A 118 -2.80 -19.64 -21.72
C THR A 118 -1.28 -19.74 -21.74
N ASN A 119 -0.61 -18.64 -22.11
CA ASN A 119 0.85 -18.59 -22.26
C ASN A 119 1.34 -19.42 -23.45
N GLY A 120 0.53 -20.37 -23.90
CA GLY A 120 0.91 -21.26 -24.98
C GLY A 120 0.75 -20.66 -26.36
N GLU A 121 1.39 -19.53 -26.59
CA GLU A 121 1.43 -18.93 -27.91
C GLU A 121 2.86 -18.87 -28.43
N ILE A 122 3.10 -19.64 -29.48
CA ILE A 122 4.45 -19.76 -30.03
C ILE A 122 4.66 -18.74 -31.15
N GLN A 123 4.83 -17.50 -30.76
CA GLN A 123 5.24 -16.43 -31.68
C GLN A 123 6.40 -15.67 -31.07
N LYS A 124 7.22 -16.39 -30.32
CA LYS A 124 8.37 -15.82 -29.64
C LYS A 124 9.36 -15.29 -30.67
N GLU A 125 9.77 -14.04 -30.49
CA GLU A 125 10.66 -13.36 -31.44
C GLU A 125 11.94 -14.15 -31.68
N ASN A 126 12.06 -14.68 -32.88
CA ASN A 126 13.26 -15.40 -33.29
C ASN A 126 13.89 -14.65 -34.45
N SER A 127 14.51 -13.54 -34.14
CA SER A 127 15.12 -12.68 -35.13
C SER A 127 16.52 -13.19 -35.47
N ARG A 128 16.60 -14.39 -36.01
CA ARG A 128 17.85 -15.00 -36.43
C ARG A 128 17.55 -16.23 -37.28
N GLN B 1 12.68 5.41 16.43
CA GLN B 1 13.11 5.05 15.06
C GLN B 1 11.95 5.24 14.07
N ASP B 2 11.07 6.19 14.37
CA ASP B 2 9.84 6.36 13.60
C ASP B 2 9.78 7.74 12.97
N THR B 3 8.63 8.05 12.40
CA THR B 3 8.43 9.33 11.74
C THR B 3 6.98 9.79 11.81
N ARG B 4 6.78 11.07 12.08
CA ARG B 4 5.44 11.65 12.10
C ARG B 4 5.22 12.46 10.82
N LEU B 5 4.16 12.12 10.09
CA LEU B 5 3.82 12.84 8.88
C LEU B 5 2.41 13.40 9.01
N GLY A 1 -24.99 -4.82 1.02
CA GLY A 1 -25.01 -3.58 0.21
C GLY A 1 -24.38 -3.80 -1.15
N ILE A 2 -24.51 -2.81 -2.03
CA ILE A 2 -23.87 -2.89 -3.34
C ILE A 2 -22.44 -2.35 -3.22
N ASP A 3 -21.57 -3.21 -2.74
CA ASP A 3 -20.19 -2.83 -2.42
C ASP A 3 -19.39 -2.44 -3.65
N PRO A 4 -18.92 -1.20 -3.70
CA PRO A 4 -17.97 -0.75 -4.70
C PRO A 4 -16.55 -1.11 -4.30
N PHE A 5 -16.36 -1.36 -3.00
CA PHE A 5 -15.05 -1.67 -2.46
C PHE A 5 -14.95 -3.13 -2.07
N THR A 6 -15.61 -3.98 -2.85
CA THR A 6 -15.57 -5.42 -2.59
C THR A 6 -14.50 -6.07 -3.48
N MET A 7 -13.96 -5.27 -4.39
CA MET A 7 -12.92 -5.75 -5.31
C MET A 7 -11.58 -5.79 -4.61
N LEU A 8 -10.87 -6.90 -4.75
CA LEU A 8 -9.55 -7.04 -4.19
C LEU A 8 -8.54 -6.31 -5.05
N ARG A 9 -8.37 -5.05 -4.75
CA ARG A 9 -7.48 -4.19 -5.50
C ARG A 9 -6.71 -3.29 -4.55
N PRO A 10 -5.39 -3.13 -4.76
CA PRO A 10 -4.59 -2.19 -3.97
C PRO A 10 -5.04 -0.76 -4.19
N ARG A 11 -5.39 -0.08 -3.12
CA ARG A 11 -5.94 1.26 -3.20
C ARG A 11 -4.83 2.29 -3.26
N LEU A 12 -4.95 3.24 -4.18
CA LEU A 12 -3.98 4.31 -4.30
C LEU A 12 -4.47 5.52 -3.51
N CYS A 13 -3.90 5.71 -2.35
CA CYS A 13 -4.26 6.82 -1.48
C CYS A 13 -3.33 7.99 -1.71
N THR A 14 -3.90 9.17 -1.90
CA THR A 14 -3.11 10.35 -2.17
C THR A 14 -3.46 11.45 -1.19
N MET A 15 -2.50 11.80 -0.36
CA MET A 15 -2.69 12.85 0.62
C MET A 15 -1.64 13.92 0.44
N LYS A 16 -2.05 15.17 0.59
CA LYS A 16 -1.16 16.29 0.40
C LYS A 16 -0.76 16.87 1.74
N LYS A 17 0.53 17.11 1.91
CA LYS A 17 1.06 17.58 3.19
C LYS A 17 0.53 18.97 3.52
N GLY A 18 0.29 19.20 4.79
CA GLY A 18 -0.05 20.51 5.25
C GLY A 18 1.16 21.21 5.82
N PRO A 19 1.07 21.66 7.08
CA PRO A 19 2.16 22.38 7.74
C PRO A 19 3.45 21.55 7.81
N SER A 20 3.37 20.40 8.44
CA SER A 20 4.56 19.62 8.71
C SER A 20 4.30 18.11 8.53
N GLY A 21 3.33 17.77 7.67
CA GLY A 21 3.02 16.37 7.47
C GLY A 21 1.79 16.15 6.63
N TYR A 22 1.55 14.88 6.31
CA TYR A 22 0.44 14.48 5.47
C TYR A 22 -0.71 14.00 6.33
N GLY A 23 -0.40 13.43 7.48
CA GLY A 23 -1.43 13.05 8.41
C GLY A 23 -1.29 11.64 8.96
N PHE A 24 -0.14 11.01 8.71
CA PHE A 24 0.05 9.64 9.19
C PHE A 24 1.38 9.49 9.94
N ASN A 25 1.39 8.58 10.89
CA ASN A 25 2.58 8.33 11.70
C ASN A 25 3.21 7.01 11.29
N LEU A 26 4.51 7.04 11.00
CA LEU A 26 5.21 5.85 10.54
C LEU A 26 6.02 5.22 11.66
N HIS A 27 5.82 3.93 11.86
CA HIS A 27 6.60 3.17 12.84
C HIS A 27 7.07 1.87 12.20
N SER A 28 8.28 1.46 12.54
CA SER A 28 8.80 0.18 12.09
C SER A 28 9.19 -0.64 13.31
N ASP A 29 9.00 -1.96 13.23
CA ASP A 29 9.24 -2.83 14.36
C ASP A 29 10.16 -3.98 13.97
N LYS A 30 10.65 -4.71 14.96
CA LYS A 30 11.55 -5.81 14.70
C LYS A 30 10.78 -7.04 14.22
N SER A 31 9.61 -7.25 14.79
CA SER A 31 8.75 -8.36 14.40
C SER A 31 7.92 -7.99 13.18
N LYS A 32 7.84 -6.69 12.91
CA LYS A 32 7.15 -6.18 11.74
C LYS A 32 8.12 -5.39 10.86
N PRO A 33 8.92 -6.08 10.04
CA PRO A 33 9.91 -5.45 9.17
C PRO A 33 9.26 -4.66 8.04
N GLY A 34 8.11 -5.16 7.58
CA GLY A 34 7.36 -4.47 6.56
C GLY A 34 6.70 -3.23 7.12
N GLN A 35 6.83 -2.11 6.42
CA GLN A 35 6.36 -0.83 6.93
C GLN A 35 4.83 -0.81 7.01
N PHE A 36 4.34 -0.20 8.07
CA PHE A 36 2.92 -0.14 8.36
C PHE A 36 2.55 1.24 8.87
N ILE A 37 1.31 1.62 8.67
CA ILE A 37 0.80 2.87 9.21
C ILE A 37 0.45 2.67 10.67
N ARG A 38 1.14 3.40 11.54
CA ARG A 38 0.95 3.27 12.97
C ARG A 38 -0.36 3.90 13.41
N SER A 39 -0.58 5.12 12.97
CA SER A 39 -1.77 5.87 13.34
C SER A 39 -2.07 6.95 12.30
N VAL A 40 -3.34 7.28 12.17
CA VAL A 40 -3.78 8.30 11.23
C VAL A 40 -4.56 9.38 11.96
N ASP A 41 -4.41 10.62 11.52
CA ASP A 41 -5.09 11.74 12.16
C ASP A 41 -6.49 11.89 11.56
N PRO A 42 -7.52 11.92 12.41
CA PRO A 42 -8.92 11.99 11.99
C PRO A 42 -9.23 13.12 11.02
N ASP A 43 -8.46 14.20 11.11
CA ASP A 43 -8.68 15.37 10.27
C ASP A 43 -7.57 15.52 9.25
N SER A 44 -6.89 14.41 8.97
CA SER A 44 -5.79 14.43 8.02
C SER A 44 -6.26 14.02 6.64
N PRO A 45 -5.61 14.56 5.61
CA PRO A 45 -5.86 14.17 4.22
C PRO A 45 -5.55 12.69 3.98
N ALA A 46 -4.67 12.12 4.82
CA ALA A 46 -4.40 10.69 4.78
C ALA A 46 -5.65 9.91 5.15
N GLU A 47 -6.28 10.32 6.24
CA GLU A 47 -7.51 9.73 6.70
C GLU A 47 -8.61 9.91 5.66
N ALA A 48 -8.61 11.09 5.02
CA ALA A 48 -9.59 11.41 3.99
C ALA A 48 -9.42 10.55 2.75
N SER A 49 -8.18 10.15 2.45
CA SER A 49 -7.91 9.33 1.28
C SER A 49 -8.22 7.86 1.58
N GLY A 50 -8.65 7.58 2.80
CA GLY A 50 -9.07 6.23 3.15
C GLY A 50 -7.94 5.38 3.70
N LEU A 51 -6.91 6.03 4.23
CA LEU A 51 -5.81 5.30 4.82
C LEU A 51 -6.13 4.93 6.25
N ARG A 52 -5.77 3.72 6.65
CA ARG A 52 -6.04 3.29 8.01
C ARG A 52 -4.77 2.90 8.74
N ALA A 53 -4.89 2.80 10.06
CA ALA A 53 -3.74 2.58 10.93
C ALA A 53 -3.41 1.10 11.08
N GLN A 54 -3.80 0.32 10.08
CA GLN A 54 -3.47 -1.10 10.06
C GLN A 54 -3.00 -1.51 8.67
N ASP A 55 -2.80 -0.52 7.80
CA ASP A 55 -2.45 -0.79 6.42
C ASP A 55 -0.94 -0.79 6.21
N ARG A 56 -0.51 -1.59 5.23
CA ARG A 56 0.89 -1.68 4.88
C ARG A 56 1.11 -1.12 3.48
N ILE A 57 2.25 -0.51 3.27
CA ILE A 57 2.52 0.20 2.03
C ILE A 57 3.34 -0.64 1.06
N VAL A 58 2.83 -0.76 -0.16
CA VAL A 58 3.51 -1.49 -1.22
C VAL A 58 4.42 -0.56 -2.02
N GLU A 59 3.88 0.60 -2.40
CA GLU A 59 4.62 1.57 -3.19
C GLU A 59 4.32 2.98 -2.72
N VAL A 60 5.32 3.85 -2.83
CA VAL A 60 5.18 5.25 -2.48
C VAL A 60 5.68 6.13 -3.63
N ASN A 61 4.78 6.89 -4.25
CA ASN A 61 5.15 7.86 -5.28
C ASN A 61 5.89 7.22 -6.45
N GLY A 62 5.69 5.92 -6.64
CA GLY A 62 6.36 5.23 -7.71
C GLY A 62 7.51 4.39 -7.23
N VAL A 63 7.86 4.53 -5.96
CA VAL A 63 8.94 3.78 -5.36
C VAL A 63 8.38 2.56 -4.66
N CYS A 64 9.04 1.44 -4.83
CA CYS A 64 8.57 0.18 -4.29
C CYS A 64 9.16 -0.04 -2.92
N MET A 65 8.34 -0.48 -1.97
CA MET A 65 8.76 -0.57 -0.57
C MET A 65 9.26 -1.97 -0.21
N GLU A 66 9.34 -2.87 -1.19
CA GLU A 66 9.67 -4.26 -0.90
C GLU A 66 11.13 -4.43 -0.48
N GLY A 67 11.95 -3.46 -0.85
CA GLY A 67 13.34 -3.49 -0.45
C GLY A 67 13.79 -2.17 0.15
N LYS A 68 12.88 -1.53 0.86
CA LYS A 68 13.16 -0.24 1.46
C LYS A 68 13.23 -0.32 2.98
N GLN A 69 14.08 0.52 3.55
CA GLN A 69 14.22 0.61 5.00
C GLN A 69 13.49 1.84 5.51
N HIS A 70 13.59 2.09 6.82
CA HIS A 70 12.89 3.19 7.44
C HIS A 70 13.20 4.52 6.73
N GLY A 71 14.47 4.75 6.43
CA GLY A 71 14.85 5.97 5.77
C GLY A 71 14.36 6.04 4.33
N ASP A 72 14.44 4.91 3.63
CA ASP A 72 14.06 4.86 2.21
C ASP A 72 12.57 5.06 2.01
N VAL A 73 11.75 4.49 2.89
CA VAL A 73 10.30 4.61 2.77
C VAL A 73 9.88 6.06 3.02
N VAL A 74 10.51 6.70 4.00
CA VAL A 74 10.25 8.10 4.30
C VAL A 74 10.75 8.97 3.16
N SER A 75 11.91 8.60 2.62
CA SER A 75 12.51 9.33 1.51
C SER A 75 11.62 9.27 0.27
N ALA A 76 10.99 8.10 0.04
CA ALA A 76 10.06 7.94 -1.07
C ALA A 76 8.92 8.93 -0.97
N ILE A 77 8.44 9.13 0.25
CA ILE A 77 7.35 10.06 0.52
C ILE A 77 7.82 11.49 0.36
N ARG A 78 8.98 11.80 0.94
CA ARG A 78 9.56 13.14 0.83
C ARG A 78 9.87 13.49 -0.62
N ALA A 79 10.21 12.48 -1.41
CA ALA A 79 10.44 12.65 -2.84
C ALA A 79 9.18 13.13 -3.57
N GLY A 80 8.03 12.96 -2.92
CA GLY A 80 6.79 13.47 -3.46
C GLY A 80 6.61 14.95 -3.15
N GLY A 81 7.34 15.41 -2.14
CA GLY A 81 7.32 16.81 -1.78
C GLY A 81 6.11 17.18 -0.96
N ASP A 82 5.08 17.65 -1.63
CA ASP A 82 3.88 18.14 -0.96
C ASP A 82 2.76 17.11 -1.06
N GLU A 83 3.03 16.04 -1.77
CA GLU A 83 2.07 14.96 -1.95
C GLU A 83 2.74 13.61 -1.80
N THR A 84 1.94 12.59 -1.66
CA THR A 84 2.44 11.24 -1.63
C THR A 84 1.34 10.26 -2.02
N LYS A 85 1.70 9.34 -2.91
CA LYS A 85 0.79 8.29 -3.35
C LYS A 85 1.17 6.99 -2.67
N LEU A 86 0.29 6.49 -1.83
CA LEU A 86 0.56 5.28 -1.07
C LEU A 86 -0.31 4.14 -1.58
N LEU A 87 0.31 3.00 -1.84
CA LEU A 87 -0.44 1.80 -2.21
C LEU A 87 -0.63 0.90 -1.01
N VAL A 88 -1.87 0.66 -0.65
CA VAL A 88 -2.18 -0.20 0.48
C VAL A 88 -3.02 -1.39 0.05
N VAL A 89 -2.83 -2.51 0.73
CA VAL A 89 -3.58 -3.73 0.45
C VAL A 89 -4.13 -4.32 1.74
N ASP A 90 -5.39 -4.71 1.71
CA ASP A 90 -6.02 -5.38 2.84
C ASP A 90 -5.58 -6.84 2.86
N ARG A 91 -5.76 -7.54 3.98
CA ARG A 91 -5.24 -8.89 4.13
C ARG A 91 -5.78 -9.82 3.04
N GLU A 92 -7.06 -9.68 2.69
CA GLU A 92 -7.70 -10.54 1.70
C GLU A 92 -7.08 -10.30 0.33
N THR A 93 -6.91 -9.03 0.00
CA THR A 93 -6.28 -8.63 -1.25
C THR A 93 -4.84 -9.11 -1.29
N ASP A 94 -4.12 -8.88 -0.20
CA ASP A 94 -2.70 -9.21 -0.10
C ASP A 94 -2.45 -10.69 -0.36
N GLU A 95 -3.21 -11.53 0.31
CA GLU A 95 -3.01 -12.98 0.21
C GLU A 95 -3.36 -13.48 -1.19
N PHE A 96 -4.35 -12.88 -1.84
CA PHE A 96 -4.72 -13.28 -3.18
C PHE A 96 -3.55 -13.05 -4.14
N PHE A 97 -2.86 -11.93 -3.97
CA PHE A 97 -1.64 -11.66 -4.73
C PHE A 97 -0.53 -12.63 -4.31
N LYS A 98 -0.44 -12.91 -3.01
CA LYS A 98 0.67 -13.68 -2.46
C LYS A 98 0.65 -15.13 -2.95
N LYS A 99 -0.53 -15.64 -3.26
CA LYS A 99 -0.65 -17.01 -3.78
C LYS A 99 -0.14 -17.04 -5.22
N CYS A 100 -0.09 -15.88 -5.85
CA CYS A 100 0.42 -15.75 -7.20
C CYS A 100 1.88 -15.32 -7.16
N ARG A 101 2.31 -14.96 -5.95
CA ARG A 101 3.67 -14.52 -5.67
C ARG A 101 4.06 -13.32 -6.52
N VAL A 102 3.15 -12.36 -6.60
CA VAL A 102 3.41 -11.12 -7.31
C VAL A 102 3.21 -9.93 -6.38
N ILE A 103 3.93 -8.86 -6.65
CA ILE A 103 3.82 -7.65 -5.83
C ILE A 103 2.66 -6.80 -6.33
N PRO A 104 1.73 -6.41 -5.44
CA PRO A 104 0.55 -5.61 -5.81
C PRO A 104 0.91 -4.16 -6.13
N SER A 105 1.71 -4.00 -7.18
CA SER A 105 2.16 -2.69 -7.63
C SER A 105 1.07 -1.91 -8.36
N GLN A 106 1.40 -0.69 -8.76
CA GLN A 106 0.47 0.21 -9.48
C GLN A 106 -0.15 -0.47 -10.69
N GLU A 107 0.60 -1.37 -11.31
CA GLU A 107 0.14 -2.05 -12.51
C GLU A 107 -1.12 -2.87 -12.23
N HIS A 108 -1.27 -3.31 -10.98
CA HIS A 108 -2.35 -4.22 -10.62
C HIS A 108 -3.63 -3.48 -10.25
N LEU A 109 -3.52 -2.23 -9.86
CA LEU A 109 -4.72 -1.44 -9.58
C LEU A 109 -5.38 -1.03 -10.89
N ASN A 110 -4.57 -0.87 -11.91
CA ASN A 110 -5.03 -0.47 -13.23
C ASN A 110 -5.41 -1.69 -14.07
N GLY A 111 -4.57 -2.72 -14.01
CA GLY A 111 -4.82 -3.92 -14.76
C GLY A 111 -5.29 -5.06 -13.89
N PRO A 112 -4.78 -6.29 -14.12
CA PRO A 112 -5.15 -7.49 -13.36
C PRO A 112 -4.41 -7.56 -12.03
N LEU A 113 -4.57 -8.68 -11.33
CA LEU A 113 -3.92 -8.86 -10.03
C LEU A 113 -2.79 -9.89 -10.12
N PRO A 114 -3.04 -11.07 -10.71
CA PRO A 114 -2.01 -12.06 -10.98
C PRO A 114 -1.45 -11.90 -12.40
N VAL A 115 -0.67 -12.87 -12.84
CA VAL A 115 -0.09 -12.85 -14.16
C VAL A 115 -0.45 -14.12 -14.92
N PRO A 116 -1.11 -13.98 -16.09
CA PRO A 116 -1.46 -15.12 -16.93
C PRO A 116 -0.23 -15.83 -17.47
N PHE A 117 -0.37 -17.13 -17.74
CA PHE A 117 0.76 -17.92 -18.21
C PHE A 117 0.93 -17.82 -19.72
N THR A 118 0.18 -16.90 -20.31
CA THR A 118 0.26 -16.63 -21.73
C THR A 118 -0.19 -15.20 -22.00
N ASN A 119 0.73 -14.37 -22.45
CA ASN A 119 0.41 -12.99 -22.79
C ASN A 119 0.06 -12.90 -24.27
N GLY A 120 0.43 -13.94 -25.01
CA GLY A 120 0.11 -14.00 -26.43
C GLY A 120 1.15 -13.31 -27.27
N GLU A 121 1.28 -12.01 -27.07
CA GLU A 121 2.29 -11.23 -27.74
C GLU A 121 3.38 -10.84 -26.77
N ILE A 122 4.58 -10.63 -27.28
CA ILE A 122 5.71 -10.26 -26.43
C ILE A 122 5.83 -8.74 -26.36
N GLN A 123 5.86 -8.21 -25.14
CA GLN A 123 5.98 -6.78 -24.92
C GLN A 123 7.27 -6.26 -25.55
N LYS A 124 7.14 -5.36 -26.51
CA LYS A 124 8.29 -4.86 -27.24
C LYS A 124 8.71 -3.49 -26.72
N GLU A 125 9.88 -3.44 -26.15
CA GLU A 125 10.46 -2.18 -25.69
C GLU A 125 11.63 -1.82 -26.59
N ASN A 126 11.61 -0.60 -27.12
CA ASN A 126 12.53 -0.19 -28.17
C ASN A 126 13.98 -0.16 -27.67
N SER A 127 14.16 0.14 -26.40
CA SER A 127 15.48 0.14 -25.80
C SER A 127 15.51 -0.80 -24.59
N ARG A 128 15.36 -2.08 -24.86
CA ARG A 128 15.39 -3.10 -23.83
C ARG A 128 16.36 -4.20 -24.22
N GLN B 1 6.73 9.62 18.43
CA GLN B 1 7.39 8.44 17.83
C GLN B 1 8.52 8.87 16.90
N ASP B 2 8.95 7.94 16.04
CA ASP B 2 10.06 8.20 15.13
C ASP B 2 9.68 9.21 14.06
N THR B 3 8.92 8.75 13.07
CA THR B 3 8.63 9.57 11.92
C THR B 3 7.17 9.99 11.90
N ARG B 4 6.94 11.29 11.95
CA ARG B 4 5.61 11.84 11.81
C ARG B 4 5.48 12.50 10.45
N LEU B 5 4.45 12.12 9.71
CA LEU B 5 4.18 12.71 8.42
C LEU B 5 2.68 12.95 8.30
N GLY A 1 -23.23 -14.63 -1.20
CA GLY A 1 -23.95 -13.75 -2.16
C GLY A 1 -23.02 -13.22 -3.23
N ILE A 2 -23.22 -11.97 -3.63
CA ILE A 2 -22.30 -11.32 -4.54
C ILE A 2 -21.21 -10.64 -3.72
N ASP A 3 -20.20 -11.42 -3.39
CA ASP A 3 -19.12 -10.99 -2.51
C ASP A 3 -18.44 -9.75 -3.05
N PRO A 4 -18.48 -8.65 -2.28
CA PRO A 4 -17.86 -7.38 -2.68
C PRO A 4 -16.35 -7.51 -2.80
N PHE A 5 -15.79 -8.49 -2.12
CA PHE A 5 -14.36 -8.68 -2.10
C PHE A 5 -13.90 -9.65 -3.19
N THR A 6 -14.74 -9.84 -4.20
CA THR A 6 -14.34 -10.62 -5.37
C THR A 6 -13.39 -9.78 -6.23
N MET A 7 -13.31 -8.50 -5.90
CA MET A 7 -12.39 -7.58 -6.53
C MET A 7 -11.18 -7.35 -5.64
N LEU A 8 -10.10 -8.06 -5.93
CA LEU A 8 -8.86 -7.89 -5.16
C LEU A 8 -7.97 -6.86 -5.83
N ARG A 9 -8.18 -5.61 -5.48
CA ARG A 9 -7.45 -4.51 -6.09
C ARG A 9 -6.98 -3.53 -5.02
N PRO A 10 -5.67 -3.22 -5.01
CA PRO A 10 -5.09 -2.30 -4.04
C PRO A 10 -5.66 -0.90 -4.15
N ARG A 11 -5.80 -0.23 -3.02
CA ARG A 11 -6.35 1.12 -3.00
C ARG A 11 -5.23 2.14 -3.03
N LEU A 12 -5.35 3.12 -3.91
CA LEU A 12 -4.35 4.17 -4.01
C LEU A 12 -4.77 5.36 -3.17
N CYS A 13 -4.04 5.59 -2.11
CA CYS A 13 -4.30 6.71 -1.22
C CYS A 13 -3.29 7.81 -1.46
N THR A 14 -3.74 8.91 -2.05
CA THR A 14 -2.86 10.00 -2.40
C THR A 14 -3.14 11.19 -1.51
N MET A 15 -2.17 11.53 -0.67
CA MET A 15 -2.33 12.62 0.27
C MET A 15 -1.22 13.65 0.08
N LYS A 16 -1.61 14.90 0.22
CA LYS A 16 -0.68 16.01 0.14
C LYS A 16 -0.48 16.58 1.53
N LYS A 17 0.69 17.13 1.82
CA LYS A 17 0.94 17.68 3.13
C LYS A 17 0.48 19.13 3.17
N GLY A 18 -0.45 19.41 4.07
CA GLY A 18 -1.07 20.71 4.13
C GLY A 18 -0.58 21.54 5.31
N PRO A 19 -1.22 21.38 6.48
CA PRO A 19 -0.87 22.15 7.68
C PRO A 19 0.60 21.98 8.09
N SER A 20 0.97 20.77 8.50
CA SER A 20 2.34 20.50 8.89
C SER A 20 2.66 19.02 8.69
N GLY A 21 2.04 18.41 7.69
CA GLY A 21 2.28 17.01 7.43
C GLY A 21 1.19 16.37 6.60
N TYR A 22 1.29 15.05 6.44
CA TYR A 22 0.35 14.30 5.62
C TYR A 22 -0.74 13.69 6.50
N GLY A 23 -0.38 13.42 7.74
CA GLY A 23 -1.37 13.00 8.71
C GLY A 23 -1.29 11.51 9.06
N PHE A 24 -0.16 10.88 8.79
CA PHE A 24 0.02 9.49 9.13
C PHE A 24 1.33 9.27 9.86
N ASN A 25 1.33 8.26 10.72
CA ASN A 25 2.50 7.95 11.53
C ASN A 25 3.09 6.62 11.10
N LEU A 26 4.34 6.62 10.69
CA LEU A 26 5.03 5.40 10.34
C LEU A 26 5.79 4.87 11.55
N HIS A 27 5.49 3.65 11.95
CA HIS A 27 6.18 3.04 13.09
C HIS A 27 7.17 2.02 12.56
N SER A 28 8.32 1.96 13.18
CA SER A 28 9.39 1.11 12.72
C SER A 28 9.55 -0.08 13.65
N ASP A 29 9.89 -1.23 13.07
CA ASP A 29 10.10 -2.43 13.85
C ASP A 29 11.54 -2.89 13.70
N LYS A 30 12.02 -3.64 14.67
CA LYS A 30 13.41 -4.05 14.70
C LYS A 30 13.56 -5.50 14.28
N SER A 31 12.48 -6.25 14.38
CA SER A 31 12.49 -7.66 14.04
C SER A 31 12.00 -7.88 12.61
N LYS A 32 10.95 -7.16 12.21
CA LYS A 32 10.43 -7.26 10.87
C LYS A 32 10.73 -5.99 10.07
N PRO A 33 11.11 -6.14 8.79
CA PRO A 33 11.46 -5.01 7.93
C PRO A 33 10.25 -4.35 7.27
N GLY A 34 9.10 -5.02 7.35
CA GLY A 34 7.89 -4.51 6.74
C GLY A 34 7.38 -3.27 7.44
N GLN A 35 6.99 -2.26 6.67
CA GLN A 35 6.53 -1.01 7.26
C GLN A 35 5.01 -0.97 7.33
N PHE A 36 4.51 -0.36 8.39
CA PHE A 36 3.09 -0.35 8.67
C PHE A 36 2.65 1.02 9.17
N ILE A 37 1.44 1.42 8.77
CA ILE A 37 0.88 2.68 9.23
C ILE A 37 0.43 2.53 10.68
N ARG A 38 1.04 3.29 11.57
CA ARG A 38 0.77 3.19 12.99
C ARG A 38 -0.59 3.78 13.31
N SER A 39 -0.83 4.99 12.83
CA SER A 39 -2.11 5.67 13.07
C SER A 39 -2.34 6.77 12.05
N VAL A 40 -3.60 7.07 11.80
CA VAL A 40 -4.00 8.17 10.94
C VAL A 40 -4.84 9.14 11.76
N ASP A 41 -4.68 10.43 11.51
CA ASP A 41 -5.34 11.43 12.33
C ASP A 41 -6.72 11.74 11.78
N PRO A 42 -7.75 11.76 12.65
CA PRO A 42 -9.16 11.91 12.26
C PRO A 42 -9.40 12.91 11.13
N ASP A 43 -8.73 14.06 11.19
CA ASP A 43 -8.88 15.05 10.15
C ASP A 43 -7.55 15.33 9.48
N SER A 44 -7.10 14.38 8.69
CA SER A 44 -5.84 14.51 7.97
C SER A 44 -6.05 14.24 6.49
N PRO A 45 -5.20 14.81 5.63
CA PRO A 45 -5.26 14.58 4.19
C PRO A 45 -5.04 13.10 3.84
N ALA A 46 -4.25 12.41 4.66
CA ALA A 46 -4.09 10.97 4.54
C ALA A 46 -5.43 10.28 4.77
N GLU A 47 -6.11 10.69 5.81
CA GLU A 47 -7.45 10.21 6.13
C GLU A 47 -8.42 10.53 5.00
N ALA A 48 -8.27 11.71 4.40
CA ALA A 48 -9.12 12.15 3.30
C ALA A 48 -8.96 11.26 2.07
N SER A 49 -7.76 10.74 1.85
CA SER A 49 -7.51 9.86 0.70
C SER A 49 -7.97 8.44 0.99
N GLY A 50 -8.28 8.17 2.25
CA GLY A 50 -8.76 6.86 2.63
C GLY A 50 -7.67 5.94 3.12
N LEU A 51 -6.61 6.50 3.68
CA LEU A 51 -5.56 5.70 4.29
C LEU A 51 -5.99 5.29 5.68
N ARG A 52 -5.65 4.07 6.09
CA ARG A 52 -6.01 3.60 7.41
C ARG A 52 -4.78 3.20 8.20
N ALA A 53 -5.00 2.99 9.48
CA ALA A 53 -3.96 2.50 10.36
C ALA A 53 -3.93 0.99 10.31
N GLN A 54 -2.76 0.41 10.57
CA GLN A 54 -2.57 -1.04 10.54
C GLN A 54 -2.63 -1.58 9.11
N ASP A 55 -2.51 -0.68 8.13
CA ASP A 55 -2.41 -1.09 6.74
C ASP A 55 -0.96 -1.22 6.34
N ARG A 56 -0.72 -1.77 5.16
CA ARG A 56 0.64 -2.00 4.68
C ARG A 56 0.85 -1.31 3.34
N ILE A 57 2.07 -0.84 3.11
CA ILE A 57 2.37 -0.05 1.92
C ILE A 57 3.01 -0.93 0.85
N VAL A 58 2.40 -0.93 -0.33
CA VAL A 58 2.91 -1.69 -1.47
C VAL A 58 3.97 -0.87 -2.22
N GLU A 59 3.69 0.42 -2.40
CA GLU A 59 4.65 1.33 -3.00
C GLU A 59 4.27 2.76 -2.66
N VAL A 60 5.26 3.64 -2.71
CA VAL A 60 5.03 5.06 -2.45
C VAL A 60 5.37 5.89 -3.68
N ASN A 61 4.35 6.53 -4.27
CA ASN A 61 4.51 7.44 -5.41
C ASN A 61 4.90 6.70 -6.68
N GLY A 62 6.03 6.02 -6.60
CA GLY A 62 6.56 5.28 -7.72
C GLY A 62 7.81 4.54 -7.31
N VAL A 63 7.90 4.25 -6.02
CA VAL A 63 9.06 3.60 -5.44
C VAL A 63 8.63 2.26 -4.84
N CYS A 64 9.43 1.25 -5.08
CA CYS A 64 9.06 -0.12 -4.72
C CYS A 64 9.18 -0.32 -3.21
N MET A 65 8.06 -0.62 -2.57
CA MET A 65 8.02 -0.72 -1.13
C MET A 65 7.81 -2.16 -0.68
N GLU A 66 8.87 -2.96 -0.80
CA GLU A 66 8.81 -4.37 -0.48
C GLU A 66 8.96 -4.60 1.04
N GLY A 67 8.82 -3.53 1.80
CA GLY A 67 9.00 -3.60 3.24
C GLY A 67 10.42 -4.00 3.60
N LYS A 68 11.36 -3.12 3.35
CA LYS A 68 12.76 -3.42 3.59
C LYS A 68 13.40 -2.51 4.64
N GLN A 69 13.65 -1.26 4.28
CA GLN A 69 14.31 -0.34 5.19
C GLN A 69 13.42 0.86 5.50
N HIS A 70 13.45 1.27 6.77
CA HIS A 70 12.74 2.47 7.22
C HIS A 70 13.22 3.69 6.44
N GLY A 71 14.49 3.68 6.06
CA GLY A 71 15.03 4.78 5.27
C GLY A 71 14.41 4.85 3.90
N ASP A 72 14.16 3.69 3.29
CA ASP A 72 13.56 3.65 1.96
C ASP A 72 12.13 4.17 1.97
N VAL A 73 11.35 3.71 2.95
CA VAL A 73 9.95 4.07 3.03
C VAL A 73 9.78 5.58 3.27
N VAL A 74 10.63 6.13 4.14
CA VAL A 74 10.61 7.55 4.43
C VAL A 74 11.09 8.36 3.22
N SER A 75 12.18 7.91 2.61
CA SER A 75 12.78 8.61 1.47
C SER A 75 11.79 8.69 0.32
N ALA A 76 11.05 7.60 0.08
CA ALA A 76 10.08 7.56 -1.00
C ALA A 76 9.01 8.64 -0.82
N ILE A 77 8.53 8.79 0.40
CA ILE A 77 7.50 9.77 0.72
C ILE A 77 8.05 11.20 0.67
N ARG A 78 9.20 11.40 1.30
CA ARG A 78 9.79 12.73 1.38
C ARG A 78 10.23 13.24 0.01
N ALA A 79 10.65 12.32 -0.85
CA ALA A 79 11.04 12.69 -2.22
C ALA A 79 9.85 13.25 -3.00
N GLY A 80 8.65 13.04 -2.47
CA GLY A 80 7.45 13.58 -3.10
C GLY A 80 7.31 15.07 -2.87
N GLY A 81 8.01 15.58 -1.87
CA GLY A 81 8.02 17.01 -1.61
C GLY A 81 6.80 17.48 -0.84
N ASP A 82 5.65 17.48 -1.51
CA ASP A 82 4.42 17.98 -0.91
C ASP A 82 3.29 16.98 -1.01
N GLU A 83 3.51 15.87 -1.69
CA GLU A 83 2.48 14.88 -1.88
C GLU A 83 3.07 13.48 -1.78
N THR A 84 2.21 12.51 -1.50
CA THR A 84 2.65 11.13 -1.47
C THR A 84 1.51 10.19 -1.83
N LYS A 85 1.83 9.17 -2.62
CA LYS A 85 0.87 8.17 -3.04
C LYS A 85 1.17 6.87 -2.32
N LEU A 86 0.27 6.44 -1.45
CA LEU A 86 0.47 5.22 -0.70
C LEU A 86 -0.48 4.13 -1.16
N LEU A 87 0.07 2.99 -1.53
CA LEU A 87 -0.74 1.85 -1.93
C LEU A 87 -0.94 0.90 -0.77
N VAL A 88 -2.19 0.68 -0.39
CA VAL A 88 -2.51 -0.27 0.66
C VAL A 88 -3.44 -1.36 0.14
N VAL A 89 -3.32 -2.54 0.70
CA VAL A 89 -4.13 -3.67 0.27
C VAL A 89 -4.94 -4.23 1.44
N ASP A 90 -6.17 -4.65 1.13
CA ASP A 90 -7.02 -5.29 2.13
C ASP A 90 -6.49 -6.67 2.44
N ARG A 91 -6.80 -7.21 3.62
CA ARG A 91 -6.14 -8.43 4.11
C ARG A 91 -6.26 -9.60 3.13
N GLU A 92 -7.45 -9.87 2.59
CA GLU A 92 -7.61 -10.97 1.64
C GLU A 92 -7.04 -10.61 0.27
N THR A 93 -6.95 -9.31 0.01
CA THR A 93 -6.35 -8.82 -1.21
C THR A 93 -4.85 -9.08 -1.20
N ASP A 94 -4.24 -8.84 -0.04
CA ASP A 94 -2.82 -9.09 0.19
C ASP A 94 -2.46 -10.53 -0.11
N GLU A 95 -3.24 -11.45 0.46
CA GLU A 95 -2.99 -12.87 0.31
C GLU A 95 -3.09 -13.31 -1.16
N PHE A 96 -4.00 -12.68 -1.89
CA PHE A 96 -4.22 -13.03 -3.29
C PHE A 96 -3.00 -12.74 -4.14
N PHE A 97 -2.43 -11.56 -3.99
CA PHE A 97 -1.25 -11.19 -4.74
C PHE A 97 -0.03 -11.98 -4.31
N LYS A 98 0.17 -12.09 -3.00
CA LYS A 98 1.37 -12.69 -2.46
C LYS A 98 1.44 -14.18 -2.72
N LYS A 99 0.28 -14.84 -2.87
CA LYS A 99 0.25 -16.26 -3.19
C LYS A 99 0.89 -16.52 -4.55
N CYS A 100 0.83 -15.52 -5.42
CA CYS A 100 1.40 -15.65 -6.76
C CYS A 100 2.77 -14.97 -6.81
N ARG A 101 3.18 -14.46 -5.65
CA ARG A 101 4.49 -13.80 -5.48
C ARG A 101 4.59 -12.55 -6.34
N VAL A 102 3.46 -11.96 -6.68
CA VAL A 102 3.43 -10.74 -7.47
C VAL A 102 3.08 -9.56 -6.59
N ILE A 103 3.42 -8.37 -7.05
CA ILE A 103 3.25 -7.17 -6.27
C ILE A 103 2.04 -6.38 -6.77
N PRO A 104 1.10 -6.05 -5.86
CA PRO A 104 -0.09 -5.26 -6.18
C PRO A 104 0.24 -3.79 -6.45
N SER A 105 1.13 -3.56 -7.40
CA SER A 105 1.55 -2.24 -7.77
C SER A 105 0.45 -1.45 -8.48
N GLN A 106 0.72 -0.18 -8.79
CA GLN A 106 -0.25 0.69 -9.45
C GLN A 106 -0.74 0.09 -10.77
N GLU A 107 0.08 -0.78 -11.34
CA GLU A 107 -0.24 -1.43 -12.60
C GLU A 107 -1.51 -2.29 -12.48
N HIS A 108 -1.78 -2.77 -11.27
CA HIS A 108 -2.91 -3.67 -11.06
C HIS A 108 -4.19 -2.92 -10.75
N LEU A 109 -4.08 -1.73 -10.16
CA LEU A 109 -5.24 -0.91 -9.89
C LEU A 109 -5.74 -0.25 -11.17
N ASN A 110 -4.80 0.05 -12.07
CA ASN A 110 -5.11 0.68 -13.34
C ASN A 110 -5.40 -0.38 -14.39
N GLY A 111 -4.53 -1.38 -14.47
CA GLY A 111 -4.66 -2.40 -15.48
C GLY A 111 -5.26 -3.68 -14.95
N PRO A 112 -5.01 -4.81 -15.61
CA PRO A 112 -5.61 -6.10 -15.26
C PRO A 112 -5.02 -6.70 -13.98
N LEU A 113 -5.77 -7.62 -13.39
CA LEU A 113 -5.33 -8.34 -12.22
C LEU A 113 -4.57 -9.59 -12.65
N PRO A 114 -3.74 -10.16 -11.77
CA PRO A 114 -2.88 -11.28 -12.14
C PRO A 114 -3.60 -12.62 -12.11
N VAL A 115 -2.88 -13.65 -12.50
CA VAL A 115 -3.42 -15.00 -12.55
C VAL A 115 -2.60 -15.92 -11.66
N PRO A 116 -3.10 -16.22 -10.46
CA PRO A 116 -2.38 -17.04 -9.49
C PRO A 116 -2.35 -18.52 -9.89
N PHE A 117 -1.18 -19.12 -9.79
CA PHE A 117 -1.04 -20.55 -10.05
C PHE A 117 -1.10 -21.30 -8.73
N THR A 118 -1.33 -20.55 -7.67
CA THR A 118 -1.41 -21.09 -6.33
C THR A 118 -2.86 -21.13 -5.87
N ASN A 119 -3.59 -22.13 -6.35
CA ASN A 119 -5.00 -22.30 -5.97
C ASN A 119 -5.11 -22.56 -4.47
N GLY A 120 -4.12 -23.24 -3.94
CA GLY A 120 -4.07 -23.50 -2.50
C GLY A 120 -2.72 -23.12 -1.93
N GLU A 121 -1.98 -24.11 -1.48
CA GLU A 121 -0.62 -23.90 -1.01
C GLU A 121 0.32 -24.89 -1.68
N ILE A 122 1.53 -24.43 -1.99
CA ILE A 122 2.49 -25.25 -2.72
C ILE A 122 3.54 -25.83 -1.77
N GLN A 123 3.73 -27.14 -1.85
CA GLN A 123 4.71 -27.83 -1.03
C GLN A 123 6.11 -27.67 -1.60
N LYS A 124 6.78 -26.60 -1.18
CA LYS A 124 8.15 -26.34 -1.60
C LYS A 124 9.05 -26.20 -0.39
N GLU A 125 10.02 -27.09 -0.27
CA GLU A 125 10.95 -27.08 0.84
C GLU A 125 12.20 -26.30 0.46
N ASN A 126 11.99 -25.02 0.16
CA ASN A 126 13.06 -24.12 -0.27
C ASN A 126 13.75 -24.68 -1.51
N SER A 127 12.95 -25.14 -2.47
CA SER A 127 13.49 -25.70 -3.69
C SER A 127 14.14 -24.63 -4.55
N ARG A 128 15.43 -24.79 -4.78
CA ARG A 128 16.19 -23.81 -5.55
C ARG A 128 16.52 -24.39 -6.92
N GLN B 1 11.17 6.19 18.17
CA GLN B 1 11.60 7.29 17.26
C GLN B 1 10.63 7.41 16.09
N ASP B 2 10.63 6.42 15.20
CA ASP B 2 9.67 6.35 14.09
C ASP B 2 9.68 7.61 13.25
N THR B 3 8.64 7.77 12.45
CA THR B 3 8.48 8.96 11.64
C THR B 3 7.02 9.36 11.54
N ARG B 4 6.71 10.57 11.98
CA ARG B 4 5.37 11.10 11.84
C ARG B 4 5.31 12.04 10.65
N LEU B 5 4.53 11.68 9.65
CA LEU B 5 4.45 12.44 8.42
C LEU B 5 3.07 13.04 8.24
N GLY A 1 -20.39 -16.88 -8.90
CA GLY A 1 -21.77 -16.34 -8.78
C GLY A 1 -21.82 -14.88 -9.21
N ILE A 2 -22.56 -14.08 -8.46
CA ILE A 2 -22.58 -12.64 -8.69
C ILE A 2 -21.47 -12.01 -7.88
N ASP A 3 -20.29 -11.92 -8.50
CA ASP A 3 -19.11 -11.44 -7.80
C ASP A 3 -18.63 -10.11 -8.39
N PRO A 4 -19.31 -8.99 -8.09
CA PRO A 4 -18.95 -7.68 -8.62
C PRO A 4 -17.70 -7.11 -7.94
N PHE A 5 -17.43 -7.59 -6.73
CA PHE A 5 -16.29 -7.13 -5.96
C PHE A 5 -15.26 -8.25 -5.81
N THR A 6 -15.14 -9.07 -6.84
CA THR A 6 -14.15 -10.14 -6.84
C THR A 6 -12.77 -9.57 -7.15
N MET A 7 -12.76 -8.40 -7.78
CA MET A 7 -11.51 -7.68 -8.05
C MET A 7 -11.06 -6.95 -6.79
N LEU A 8 -10.27 -7.65 -5.97
CA LEU A 8 -9.79 -7.11 -4.71
C LEU A 8 -8.98 -5.84 -4.91
N ARG A 9 -7.72 -5.99 -5.33
CA ARG A 9 -6.83 -4.88 -5.61
C ARG A 9 -6.50 -4.06 -4.36
N PRO A 10 -5.38 -3.31 -4.39
CA PRO A 10 -5.02 -2.37 -3.34
C PRO A 10 -5.72 -1.03 -3.54
N ARG A 11 -5.72 -0.20 -2.52
CA ARG A 11 -6.29 1.13 -2.64
C ARG A 11 -5.19 2.17 -2.69
N LEU A 12 -5.30 3.08 -3.64
CA LEU A 12 -4.32 4.14 -3.78
C LEU A 12 -4.74 5.31 -2.90
N CYS A 13 -3.92 5.59 -1.90
CA CYS A 13 -4.18 6.69 -0.99
C CYS A 13 -3.18 7.81 -1.26
N THR A 14 -3.67 8.90 -1.80
CA THR A 14 -2.80 10.01 -2.17
C THR A 14 -3.05 11.18 -1.24
N MET A 15 -2.06 11.50 -0.44
CA MET A 15 -2.21 12.57 0.53
C MET A 15 -1.17 13.65 0.32
N LYS A 16 -1.61 14.87 0.51
CA LYS A 16 -0.77 16.03 0.36
C LYS A 16 -0.65 16.75 1.69
N LYS A 17 0.57 17.18 2.00
CA LYS A 17 0.87 17.73 3.32
C LYS A 17 0.25 19.12 3.49
N GLY A 18 -0.31 19.33 4.67
CA GLY A 18 -0.88 20.63 5.00
C GLY A 18 0.17 21.56 5.59
N PRO A 19 0.41 21.50 6.90
CA PRO A 19 1.49 22.26 7.55
C PRO A 19 2.85 21.78 7.06
N SER A 20 3.17 20.53 7.40
CA SER A 20 4.34 19.86 6.85
C SER A 20 4.14 18.35 6.99
N GLY A 21 2.88 17.96 7.14
CA GLY A 21 2.56 16.57 7.36
C GLY A 21 1.35 16.14 6.57
N TYR A 22 1.25 14.84 6.32
CA TYR A 22 0.21 14.28 5.49
C TYR A 22 -0.90 13.71 6.37
N GLY A 23 -0.53 13.33 7.58
CA GLY A 23 -1.53 12.94 8.55
C GLY A 23 -1.48 11.49 8.95
N PHE A 24 -0.34 10.83 8.73
CA PHE A 24 -0.20 9.44 9.15
C PHE A 24 1.10 9.24 9.94
N ASN A 25 1.24 8.07 10.54
CA ASN A 25 2.35 7.80 11.44
C ASN A 25 3.08 6.52 11.05
N LEU A 26 4.37 6.64 10.70
CA LEU A 26 5.17 5.48 10.36
C LEU A 26 5.95 5.02 11.59
N HIS A 27 5.71 3.78 11.99
CA HIS A 27 6.32 3.23 13.18
C HIS A 27 7.33 2.16 12.79
N SER A 28 8.43 2.09 13.51
CA SER A 28 9.48 1.14 13.23
C SER A 28 9.36 -0.06 14.16
N ASP A 29 9.68 -1.23 13.64
CA ASP A 29 9.67 -2.45 14.44
C ASP A 29 10.88 -3.30 14.10
N LYS A 30 11.15 -4.28 14.93
CA LYS A 30 12.33 -5.13 14.76
C LYS A 30 11.92 -6.57 14.46
N SER A 31 10.64 -6.88 14.64
CA SER A 31 10.13 -8.21 14.35
C SER A 31 9.42 -8.25 13.00
N LYS A 32 8.98 -7.09 12.55
CA LYS A 32 8.25 -7.00 11.28
C LYS A 32 9.18 -6.50 10.17
N PRO A 33 9.10 -7.12 9.00
CA PRO A 33 9.86 -6.72 7.83
C PRO A 33 9.05 -5.80 6.91
N GLY A 34 9.33 -4.51 6.98
CA GLY A 34 8.63 -3.57 6.14
C GLY A 34 8.06 -2.42 6.93
N GLN A 35 7.29 -1.59 6.25
CA GLN A 35 6.69 -0.42 6.87
C GLN A 35 5.19 -0.56 7.01
N PHE A 36 4.67 -0.06 8.12
CA PHE A 36 3.27 -0.17 8.44
C PHE A 36 2.76 1.15 9.01
N ILE A 37 1.51 1.47 8.73
CA ILE A 37 0.90 2.68 9.23
C ILE A 37 0.42 2.46 10.65
N ARG A 38 1.04 3.17 11.59
CA ARG A 38 0.71 3.01 13.00
C ARG A 38 -0.65 3.62 13.32
N SER A 39 -0.83 4.88 12.93
CA SER A 39 -2.07 5.57 13.24
C SER A 39 -2.30 6.71 12.24
N VAL A 40 -3.56 7.07 12.07
CA VAL A 40 -3.94 8.18 11.21
C VAL A 40 -4.93 9.06 11.95
N ASP A 41 -4.81 10.37 11.77
CA ASP A 41 -5.72 11.30 12.39
C ASP A 41 -6.91 11.53 11.47
N PRO A 42 -8.13 11.47 12.03
CA PRO A 42 -9.39 11.56 11.27
C PRO A 42 -9.51 12.80 10.40
N ASP A 43 -8.83 13.86 10.80
CA ASP A 43 -8.90 15.14 10.10
C ASP A 43 -7.71 15.34 9.16
N SER A 44 -6.96 14.28 8.92
CA SER A 44 -5.80 14.35 8.03
C SER A 44 -6.20 14.11 6.60
N PRO A 45 -5.47 14.73 5.67
CA PRO A 45 -5.61 14.46 4.23
C PRO A 45 -5.28 13.00 3.90
N ALA A 46 -4.45 12.38 4.73
CA ALA A 46 -4.18 10.96 4.60
C ALA A 46 -5.44 10.16 4.88
N GLU A 47 -6.09 10.47 5.99
CA GLU A 47 -7.35 9.84 6.34
C GLU A 47 -8.41 10.12 5.28
N ALA A 48 -8.38 11.35 4.77
CA ALA A 48 -9.32 11.78 3.72
C ALA A 48 -9.15 10.95 2.44
N SER A 49 -7.93 10.53 2.15
CA SER A 49 -7.67 9.74 0.96
C SER A 49 -8.01 8.26 1.20
N GLY A 50 -8.32 7.94 2.45
CA GLY A 50 -8.62 6.57 2.80
C GLY A 50 -7.39 5.78 3.16
N LEU A 51 -6.42 6.44 3.80
CA LEU A 51 -5.24 5.75 4.29
C LEU A 51 -5.59 4.99 5.55
N ARG A 52 -5.61 3.68 5.46
CA ARG A 52 -6.05 2.85 6.55
C ARG A 52 -4.88 2.53 7.49
N ALA A 53 -5.03 2.92 8.75
CA ALA A 53 -4.04 2.61 9.77
C ALA A 53 -4.05 1.11 10.05
N GLN A 54 -2.89 0.59 10.48
CA GLN A 54 -2.70 -0.84 10.77
C GLN A 54 -2.50 -1.65 9.49
N ASP A 55 -2.39 -0.96 8.36
CA ASP A 55 -2.11 -1.60 7.09
C ASP A 55 -0.70 -1.32 6.63
N ARG A 56 -0.22 -2.11 5.69
CA ARG A 56 1.15 -2.01 5.21
C ARG A 56 1.21 -1.43 3.81
N ILE A 57 2.28 -0.71 3.52
CA ILE A 57 2.45 -0.05 2.24
C ILE A 57 3.26 -0.92 1.28
N VAL A 58 2.80 -1.03 0.04
CA VAL A 58 3.53 -1.79 -0.97
C VAL A 58 4.29 -0.88 -1.95
N GLU A 59 3.73 0.30 -2.23
CA GLU A 59 4.38 1.27 -3.10
C GLU A 59 4.18 2.68 -2.57
N VAL A 60 5.23 3.50 -2.67
CA VAL A 60 5.14 4.91 -2.37
C VAL A 60 5.65 5.73 -3.54
N ASN A 61 4.76 6.50 -4.17
CA ASN A 61 5.13 7.42 -5.25
C ASN A 61 5.79 6.69 -6.42
N GLY A 62 5.52 5.40 -6.56
CA GLY A 62 6.08 4.63 -7.64
C GLY A 62 7.50 4.18 -7.35
N VAL A 63 7.91 4.33 -6.10
CA VAL A 63 9.22 3.88 -5.67
C VAL A 63 9.09 2.51 -5.04
N CYS A 64 10.10 1.69 -5.22
CA CYS A 64 10.06 0.33 -4.76
C CYS A 64 10.63 0.20 -3.36
N MET A 65 9.80 -0.21 -2.42
CA MET A 65 10.26 -0.49 -1.07
C MET A 65 10.10 -1.97 -0.77
N GLU A 66 10.49 -2.79 -1.73
CA GLU A 66 10.48 -4.24 -1.59
C GLU A 66 11.54 -4.69 -0.59
N GLY A 67 11.14 -4.80 0.68
CA GLY A 67 12.06 -5.20 1.72
C GLY A 67 12.88 -4.04 2.23
N LYS A 68 12.49 -2.84 1.81
CA LYS A 68 13.18 -1.63 2.21
C LYS A 68 12.66 -1.15 3.56
N GLN A 69 13.44 -0.32 4.24
CA GLN A 69 13.17 -0.02 5.64
C GLN A 69 12.51 1.34 5.84
N HIS A 70 12.42 1.74 7.10
CA HIS A 70 11.77 2.99 7.51
C HIS A 70 12.31 4.19 6.74
N GLY A 71 13.62 4.35 6.73
CA GLY A 71 14.21 5.49 6.06
C GLY A 71 13.99 5.47 4.56
N ASP A 72 13.93 4.26 4.00
CA ASP A 72 13.78 4.10 2.56
C ASP A 72 12.42 4.61 2.09
N VAL A 73 11.37 4.25 2.82
CA VAL A 73 10.02 4.68 2.45
C VAL A 73 9.85 6.18 2.68
N VAL A 74 10.48 6.71 3.72
CA VAL A 74 10.43 8.14 3.99
C VAL A 74 11.11 8.89 2.84
N SER A 75 12.19 8.31 2.33
CA SER A 75 12.88 8.86 1.18
C SER A 75 11.95 8.91 -0.03
N ALA A 76 11.12 7.88 -0.19
CA ALA A 76 10.13 7.82 -1.26
C ALA A 76 9.07 8.92 -1.10
N ILE A 77 8.61 9.10 0.13
CA ILE A 77 7.58 10.08 0.44
C ILE A 77 8.13 11.50 0.32
N ARG A 78 9.30 11.71 0.90
CA ARG A 78 9.98 13.01 0.88
C ARG A 78 10.27 13.45 -0.55
N ALA A 79 10.52 12.48 -1.43
CA ALA A 79 10.76 12.77 -2.84
C ALA A 79 9.56 13.49 -3.48
N GLY A 80 8.36 13.16 -3.02
CA GLY A 80 7.16 13.80 -3.54
C GLY A 80 7.00 15.22 -3.03
N GLY A 81 7.57 15.48 -1.86
CA GLY A 81 7.54 16.82 -1.30
C GLY A 81 6.23 17.12 -0.60
N ASP A 82 5.26 17.63 -1.34
CA ASP A 82 3.99 18.03 -0.77
C ASP A 82 2.93 16.97 -1.00
N GLU A 83 3.24 15.99 -1.82
CA GLU A 83 2.30 14.91 -2.11
C GLU A 83 2.99 13.56 -2.03
N THR A 84 2.24 12.56 -1.61
CA THR A 84 2.74 11.20 -1.60
C THR A 84 1.61 10.21 -1.88
N LYS A 85 1.93 9.16 -2.62
CA LYS A 85 0.95 8.15 -2.98
C LYS A 85 1.29 6.83 -2.30
N LEU A 86 0.41 6.40 -1.40
CA LEU A 86 0.62 5.17 -0.66
C LEU A 86 -0.38 4.10 -1.08
N LEU A 87 0.12 2.91 -1.35
CA LEU A 87 -0.73 1.77 -1.65
C LEU A 87 -0.80 0.80 -0.47
N VAL A 88 -2.00 0.60 0.04
CA VAL A 88 -2.22 -0.43 1.05
C VAL A 88 -3.20 -1.47 0.51
N VAL A 89 -3.23 -2.64 1.14
CA VAL A 89 -4.02 -3.74 0.64
C VAL A 89 -5.02 -4.22 1.68
N ASP A 90 -6.12 -4.78 1.22
CA ASP A 90 -7.10 -5.40 2.11
C ASP A 90 -6.56 -6.74 2.59
N ARG A 91 -7.09 -7.25 3.69
CA ARG A 91 -6.65 -8.53 4.21
C ARG A 91 -6.72 -9.63 3.14
N GLU A 92 -7.83 -9.66 2.40
CA GLU A 92 -8.00 -10.63 1.34
C GLU A 92 -7.10 -10.31 0.15
N THR A 93 -6.85 -9.03 -0.07
CA THR A 93 -5.99 -8.60 -1.17
C THR A 93 -4.58 -9.16 -0.99
N ASP A 94 -4.06 -9.10 0.23
CA ASP A 94 -2.72 -9.60 0.53
C ASP A 94 -2.63 -11.09 0.25
N GLU A 95 -3.59 -11.84 0.79
CA GLU A 95 -3.58 -13.29 0.66
C GLU A 95 -3.66 -13.72 -0.81
N PHE A 96 -4.37 -12.94 -1.61
CA PHE A 96 -4.50 -13.24 -3.03
C PHE A 96 -3.20 -12.94 -3.79
N PHE A 97 -2.62 -11.76 -3.56
CA PHE A 97 -1.42 -11.34 -4.28
C PHE A 97 -0.21 -12.18 -3.90
N LYS A 98 -0.14 -12.58 -2.63
CA LYS A 98 0.99 -13.36 -2.14
C LYS A 98 1.11 -14.70 -2.87
N LYS A 99 0.01 -15.18 -3.42
CA LYS A 99 0.00 -16.44 -4.17
C LYS A 99 0.90 -16.32 -5.40
N CYS A 100 0.97 -15.13 -5.97
CA CYS A 100 1.78 -14.91 -7.16
C CYS A 100 3.09 -14.23 -6.80
N ARG A 101 3.22 -13.90 -5.51
CA ARG A 101 4.43 -13.25 -4.98
C ARG A 101 4.70 -11.94 -5.72
N VAL A 102 3.63 -11.30 -6.16
CA VAL A 102 3.75 -10.07 -6.92
C VAL A 102 3.25 -8.89 -6.09
N ILE A 103 3.93 -7.77 -6.21
CA ILE A 103 3.56 -6.56 -5.48
C ILE A 103 2.33 -5.93 -6.14
N PRO A 104 1.32 -5.57 -5.33
CA PRO A 104 0.12 -4.89 -5.82
C PRO A 104 0.41 -3.47 -6.32
N SER A 105 1.25 -3.40 -7.34
CA SER A 105 1.64 -2.13 -7.94
C SER A 105 0.44 -1.42 -8.56
N GLN A 106 0.62 -0.11 -8.72
CA GLN A 106 -0.43 0.81 -9.21
C GLN A 106 -1.05 0.36 -10.53
N GLU A 107 -0.31 -0.43 -11.30
CA GLU A 107 -0.80 -0.92 -12.58
C GLU A 107 -2.02 -1.81 -12.39
N HIS A 108 -2.11 -2.45 -11.24
CA HIS A 108 -3.13 -3.46 -10.97
C HIS A 108 -4.49 -2.86 -10.68
N LEU A 109 -4.53 -1.55 -10.40
CA LEU A 109 -5.79 -0.89 -10.05
C LEU A 109 -6.77 -0.94 -11.21
N ASN A 110 -6.24 -0.68 -12.39
CA ASN A 110 -7.05 -0.75 -13.61
C ASN A 110 -6.60 -1.94 -14.45
N GLY A 111 -5.43 -2.46 -14.13
CA GLY A 111 -4.89 -3.58 -14.87
C GLY A 111 -5.49 -4.90 -14.44
N PRO A 112 -5.49 -5.90 -15.34
CA PRO A 112 -6.01 -7.23 -15.04
C PRO A 112 -5.26 -7.91 -13.91
N LEU A 113 -6.00 -8.51 -12.99
CA LEU A 113 -5.42 -9.19 -11.85
C LEU A 113 -4.96 -10.59 -12.24
N PRO A 114 -4.13 -11.24 -11.41
CA PRO A 114 -3.72 -12.63 -11.62
C PRO A 114 -4.92 -13.54 -11.83
N VAL A 115 -4.76 -14.52 -12.71
CA VAL A 115 -5.86 -15.41 -13.07
C VAL A 115 -6.36 -16.21 -11.86
N PRO A 116 -7.66 -16.07 -11.57
CA PRO A 116 -8.31 -16.79 -10.48
C PRO A 116 -8.37 -18.29 -10.76
N PHE A 117 -8.24 -19.10 -9.73
CA PHE A 117 -8.22 -20.54 -9.89
C PHE A 117 -9.01 -21.25 -8.79
N THR A 118 -9.76 -20.47 -8.02
CA THR A 118 -10.54 -20.99 -6.91
C THR A 118 -9.62 -21.57 -5.84
N ASN A 119 -9.15 -20.71 -4.94
CA ASN A 119 -8.24 -21.11 -3.89
C ASN A 119 -8.93 -22.01 -2.88
N GLY A 120 -10.22 -21.78 -2.65
CA GLY A 120 -10.91 -22.51 -1.63
C GLY A 120 -12.39 -22.65 -1.89
N GLU A 121 -13.17 -22.53 -0.83
CA GLU A 121 -14.60 -22.75 -0.89
C GLU A 121 -15.35 -21.45 -1.16
N ILE A 122 -16.52 -21.57 -1.76
CA ILE A 122 -17.38 -20.44 -1.97
C ILE A 122 -18.24 -20.23 -0.74
N GLN A 123 -17.68 -19.53 0.23
CA GLN A 123 -18.37 -19.26 1.48
C GLN A 123 -19.37 -18.12 1.30
N LYS A 124 -20.36 -18.07 2.18
CA LYS A 124 -21.43 -17.10 2.08
C LYS A 124 -21.25 -15.99 3.11
N GLU A 125 -20.01 -15.80 3.54
CA GLU A 125 -19.69 -14.77 4.51
C GLU A 125 -19.38 -13.46 3.81
N ASN A 126 -20.09 -12.41 4.16
CA ASN A 126 -19.87 -11.11 3.56
C ASN A 126 -19.16 -10.21 4.55
N SER A 127 -17.85 -10.22 4.51
CA SER A 127 -17.05 -9.40 5.40
C SER A 127 -16.00 -8.63 4.60
N ARG A 128 -16.43 -8.07 3.48
CA ARG A 128 -15.54 -7.32 2.62
C ARG A 128 -16.11 -5.93 2.37
N GLN B 1 12.06 4.78 17.70
CA GLN B 1 12.61 5.60 16.59
C GLN B 1 11.65 5.58 15.41
N ASP B 2 10.73 6.53 15.40
CA ASP B 2 9.67 6.54 14.41
C ASP B 2 9.60 7.86 13.68
N THR B 3 8.60 7.99 12.82
CA THR B 3 8.36 9.22 12.10
C THR B 3 6.88 9.42 11.89
N ARG B 4 6.40 10.61 12.18
CA ARG B 4 5.04 10.94 11.81
C ARG B 4 5.08 11.80 10.55
N LEU B 5 4.11 11.61 9.69
CA LEU B 5 4.05 12.31 8.43
C LEU B 5 2.63 12.75 8.17
N GLY A 1 -21.35 -16.59 -5.14
CA GLY A 1 -22.27 -15.89 -6.06
C GLY A 1 -22.27 -14.40 -5.80
N ILE A 2 -22.28 -13.60 -6.87
CA ILE A 2 -22.07 -12.16 -6.75
C ILE A 2 -20.80 -11.91 -5.94
N ASP A 3 -19.72 -12.52 -6.41
CA ASP A 3 -18.47 -12.55 -5.67
C ASP A 3 -17.77 -11.20 -5.76
N PRO A 4 -17.70 -10.46 -4.64
CA PRO A 4 -17.12 -9.12 -4.62
C PRO A 4 -15.60 -9.15 -4.69
N PHE A 5 -15.01 -10.26 -4.29
CA PHE A 5 -13.56 -10.37 -4.21
C PHE A 5 -13.00 -11.06 -5.45
N THR A 6 -13.69 -10.89 -6.57
CA THR A 6 -13.14 -11.29 -7.86
C THR A 6 -12.29 -10.15 -8.40
N MET A 7 -12.55 -8.95 -7.87
CA MET A 7 -11.83 -7.75 -8.24
C MET A 7 -11.21 -7.14 -6.98
N LEU A 8 -10.04 -7.62 -6.60
CA LEU A 8 -9.37 -7.13 -5.40
C LEU A 8 -8.87 -5.71 -5.59
N ARG A 9 -7.73 -5.57 -6.27
CA ARG A 9 -7.07 -4.28 -6.49
C ARG A 9 -6.61 -3.65 -5.17
N PRO A 10 -5.34 -3.23 -5.11
CA PRO A 10 -4.79 -2.55 -3.93
C PRO A 10 -5.35 -1.15 -3.80
N ARG A 11 -5.22 -0.57 -2.62
CA ARG A 11 -5.74 0.77 -2.39
C ARG A 11 -4.63 1.79 -2.59
N LEU A 12 -4.91 2.82 -3.37
CA LEU A 12 -3.97 3.89 -3.56
C LEU A 12 -4.41 5.10 -2.73
N CYS A 13 -3.59 5.47 -1.79
CA CYS A 13 -3.87 6.59 -0.92
C CYS A 13 -2.89 7.71 -1.20
N THR A 14 -3.36 8.72 -1.91
CA THR A 14 -2.52 9.83 -2.28
C THR A 14 -2.86 11.04 -1.42
N MET A 15 -1.92 11.44 -0.57
CA MET A 15 -2.17 12.53 0.35
C MET A 15 -1.14 13.63 0.19
N LYS A 16 -1.60 14.86 0.35
CA LYS A 16 -0.75 16.03 0.26
C LYS A 16 -0.52 16.61 1.65
N LYS A 17 0.66 17.17 1.87
CA LYS A 17 1.02 17.70 3.17
C LYS A 17 0.45 19.10 3.36
N GLY A 18 -0.23 19.30 4.48
CA GLY A 18 -0.84 20.58 4.78
C GLY A 18 0.14 21.52 5.48
N PRO A 19 0.16 21.51 6.82
CA PRO A 19 1.08 22.35 7.59
C PRO A 19 2.53 21.94 7.36
N SER A 20 2.84 20.70 7.73
CA SER A 20 4.16 20.14 7.52
C SER A 20 4.09 18.62 7.59
N GLY A 21 2.91 18.09 7.29
CA GLY A 21 2.68 16.66 7.42
C GLY A 21 1.51 16.21 6.56
N TYR A 22 1.39 14.90 6.38
CA TYR A 22 0.38 14.33 5.51
C TYR A 22 -0.77 13.74 6.33
N GLY A 23 -0.47 13.37 7.57
CA GLY A 23 -1.52 12.97 8.49
C GLY A 23 -1.46 11.51 8.88
N PHE A 24 -0.30 10.88 8.75
CA PHE A 24 -0.16 9.47 9.11
C PHE A 24 1.12 9.22 9.89
N ASN A 25 1.12 8.15 10.67
CA ASN A 25 2.27 7.77 11.48
C ASN A 25 2.78 6.39 11.06
N LEU A 26 4.05 6.33 10.67
CA LEU A 26 4.69 5.08 10.31
C LEU A 26 5.42 4.51 11.51
N HIS A 27 5.09 3.28 11.87
CA HIS A 27 5.67 2.64 13.05
C HIS A 27 6.55 1.47 12.63
N SER A 28 7.64 1.28 13.36
CA SER A 28 8.56 0.18 13.09
C SER A 28 8.93 -0.54 14.38
N ASP A 29 9.39 -1.78 14.24
CA ASP A 29 9.79 -2.59 15.37
C ASP A 29 10.99 -3.45 14.99
N LYS A 30 11.53 -4.18 15.97
CA LYS A 30 12.75 -4.96 15.75
C LYS A 30 12.44 -6.36 15.24
N SER A 31 11.46 -6.48 14.36
CA SER A 31 11.14 -7.75 13.73
C SER A 31 10.55 -7.53 12.34
N LYS A 32 9.78 -6.46 12.18
CA LYS A 32 9.22 -6.12 10.87
C LYS A 32 9.91 -4.88 10.29
N PRO A 33 10.57 -5.06 9.15
CA PRO A 33 11.23 -3.98 8.43
C PRO A 33 10.25 -3.21 7.55
N GLY A 34 9.22 -3.90 7.07
CA GLY A 34 8.21 -3.28 6.25
C GLY A 34 7.38 -2.31 7.06
N GLN A 35 7.02 -1.19 6.44
CA GLN A 35 6.32 -0.14 7.15
C GLN A 35 4.83 -0.37 7.17
N PHE A 36 4.24 -0.03 8.30
CA PHE A 36 2.81 -0.16 8.51
C PHE A 36 2.30 1.08 9.21
N ILE A 37 1.06 1.45 8.92
CA ILE A 37 0.49 2.68 9.44
C ILE A 37 0.05 2.49 10.89
N ARG A 38 0.71 3.21 11.79
CA ARG A 38 0.42 3.11 13.22
C ARG A 38 -0.97 3.66 13.50
N SER A 39 -1.28 4.80 12.88
CA SER A 39 -2.57 5.43 13.06
C SER A 39 -2.75 6.56 12.05
N VAL A 40 -3.99 6.91 11.80
CA VAL A 40 -4.33 8.02 10.91
C VAL A 40 -5.26 8.97 11.65
N ASP A 41 -5.08 10.25 11.44
CA ASP A 41 -5.84 11.25 12.19
C ASP A 41 -7.10 11.63 11.43
N PRO A 42 -8.26 11.69 12.12
CA PRO A 42 -9.57 11.95 11.49
C PRO A 42 -9.54 13.05 10.43
N ASP A 43 -9.05 14.22 10.82
CA ASP A 43 -8.97 15.35 9.89
C ASP A 43 -7.59 15.44 9.25
N SER A 44 -7.26 14.42 8.47
CA SER A 44 -6.00 14.39 7.74
C SER A 44 -6.25 14.00 6.29
N PRO A 45 -5.46 14.58 5.39
CA PRO A 45 -5.53 14.27 3.95
C PRO A 45 -5.21 12.81 3.67
N ALA A 46 -4.45 12.18 4.56
CA ALA A 46 -4.18 10.75 4.48
C ALA A 46 -5.47 9.96 4.66
N GLU A 47 -6.21 10.31 5.71
CA GLU A 47 -7.49 9.68 6.01
C GLU A 47 -8.46 9.88 4.85
N ALA A 48 -8.41 11.09 4.27
CA ALA A 48 -9.27 11.44 3.14
C ALA A 48 -8.95 10.61 1.90
N SER A 49 -7.68 10.24 1.73
CA SER A 49 -7.27 9.47 0.57
C SER A 49 -7.54 7.98 0.76
N GLY A 50 -8.07 7.62 1.93
CA GLY A 50 -8.40 6.24 2.19
C GLY A 50 -7.27 5.48 2.83
N LEU A 51 -6.36 6.20 3.48
CA LEU A 51 -5.23 5.58 4.17
C LEU A 51 -5.69 5.13 5.55
N ARG A 52 -5.61 3.84 5.80
CA ARG A 52 -6.04 3.27 7.07
C ARG A 52 -4.87 2.84 7.91
N ALA A 53 -5.13 2.72 9.21
CA ALA A 53 -4.12 2.25 10.14
C ALA A 53 -4.11 0.72 10.16
N GLN A 54 -3.00 0.16 10.62
CA GLN A 54 -2.80 -1.29 10.71
C GLN A 54 -2.64 -1.91 9.31
N ASP A 55 -2.56 -1.05 8.29
CA ASP A 55 -2.31 -1.51 6.93
C ASP A 55 -0.83 -1.42 6.60
N ARG A 56 -0.38 -2.27 5.68
CA ARG A 56 1.01 -2.29 5.27
C ARG A 56 1.18 -1.62 3.91
N ILE A 57 2.32 -0.97 3.72
CA ILE A 57 2.60 -0.25 2.49
C ILE A 57 3.46 -1.11 1.56
N VAL A 58 3.05 -1.21 0.30
CA VAL A 58 3.82 -1.98 -0.67
C VAL A 58 4.59 -1.05 -1.62
N GLU A 59 4.07 0.15 -1.82
CA GLU A 59 4.68 1.10 -2.73
C GLU A 59 4.41 2.53 -2.27
N VAL A 60 5.42 3.37 -2.35
CA VAL A 60 5.25 4.79 -2.05
C VAL A 60 5.69 5.65 -3.24
N ASN A 61 4.75 6.42 -3.77
CA ASN A 61 5.03 7.38 -4.86
C ASN A 61 5.57 6.70 -6.10
N GLY A 62 5.28 5.42 -6.25
CA GLY A 62 5.78 4.68 -7.39
C GLY A 62 7.12 4.05 -7.11
N VAL A 63 7.52 4.12 -5.85
CA VAL A 63 8.78 3.54 -5.41
C VAL A 63 8.50 2.26 -4.66
N CYS A 64 9.20 1.21 -5.03
CA CYS A 64 8.91 -0.12 -4.51
C CYS A 64 9.43 -0.23 -3.10
N MET A 65 8.56 -0.57 -2.17
CA MET A 65 8.90 -0.56 -0.76
C MET A 65 9.28 -1.96 -0.28
N GLU A 66 9.26 -2.90 -1.21
CA GLU A 66 9.62 -4.28 -0.93
C GLU A 66 11.13 -4.42 -0.79
N GLY A 67 11.61 -4.46 0.43
CA GLY A 67 13.05 -4.58 0.67
C GLY A 67 13.64 -3.28 1.15
N LYS A 68 12.80 -2.27 1.28
CA LYS A 68 13.20 -0.97 1.79
C LYS A 68 13.07 -0.92 3.31
N GLN A 69 13.87 -0.07 3.95
CA GLN A 69 13.83 0.09 5.39
C GLN A 69 13.13 1.41 5.74
N HIS A 70 13.14 1.74 7.03
CA HIS A 70 12.46 2.94 7.53
C HIS A 70 12.95 4.20 6.81
N GLY A 71 14.27 4.32 6.65
CA GLY A 71 14.83 5.49 6.00
C GLY A 71 14.45 5.56 4.53
N ASP A 72 14.32 4.40 3.90
CA ASP A 72 13.99 4.32 2.48
C ASP A 72 12.56 4.79 2.22
N VAL A 73 11.64 4.35 3.07
CA VAL A 73 10.23 4.70 2.89
C VAL A 73 10.03 6.21 3.05
N VAL A 74 10.76 6.80 4.01
CA VAL A 74 10.69 8.23 4.26
C VAL A 74 11.24 8.99 3.06
N SER A 75 12.27 8.42 2.44
CA SER A 75 12.86 8.99 1.25
C SER A 75 11.87 8.98 0.09
N ALA A 76 11.16 7.86 -0.07
CA ALA A 76 10.16 7.74 -1.13
C ALA A 76 9.05 8.78 -0.96
N ILE A 77 8.64 9.00 0.30
CA ILE A 77 7.58 9.96 0.60
C ILE A 77 8.05 11.40 0.39
N ARG A 78 9.23 11.70 0.91
CA ARG A 78 9.78 13.06 0.80
C ARG A 78 10.08 13.42 -0.64
N ALA A 79 10.45 12.43 -1.44
CA ALA A 79 10.71 12.63 -2.87
C ALA A 79 9.44 13.00 -3.62
N GLY A 80 8.29 12.83 -2.96
CA GLY A 80 7.03 13.22 -3.57
C GLY A 80 6.82 14.72 -3.50
N GLY A 81 7.53 15.36 -2.57
CA GLY A 81 7.44 16.80 -2.43
C GLY A 81 6.37 17.21 -1.45
N ASP A 82 5.21 17.54 -1.96
CA ASP A 82 4.10 17.97 -1.15
C ASP A 82 3.02 16.91 -1.11
N GLU A 83 3.26 15.81 -1.81
CA GLU A 83 2.29 14.73 -1.89
C GLU A 83 3.00 13.39 -1.81
N THR A 84 2.25 12.37 -1.50
CA THR A 84 2.80 11.03 -1.46
C THR A 84 1.72 10.00 -1.72
N LYS A 85 2.08 8.98 -2.48
CA LYS A 85 1.17 7.90 -2.81
C LYS A 85 1.50 6.67 -1.98
N LEU A 86 0.60 6.30 -1.11
CA LEU A 86 0.79 5.12 -0.27
C LEU A 86 -0.17 4.02 -0.69
N LEU A 87 0.37 2.91 -1.13
CA LEU A 87 -0.44 1.76 -1.49
C LEU A 87 -0.51 0.77 -0.36
N VAL A 88 -1.73 0.39 -0.04
CA VAL A 88 -2.00 -0.55 1.02
C VAL A 88 -2.94 -1.64 0.52
N VAL A 89 -2.86 -2.81 1.12
CA VAL A 89 -3.70 -3.92 0.70
C VAL A 89 -4.45 -4.51 1.88
N ASP A 90 -5.75 -4.72 1.70
CA ASP A 90 -6.56 -5.39 2.70
C ASP A 90 -6.19 -6.87 2.73
N ARG A 91 -6.57 -7.56 3.79
CA ARG A 91 -6.16 -8.95 3.98
C ARG A 91 -6.49 -9.82 2.76
N GLU A 92 -7.68 -9.64 2.18
CA GLU A 92 -8.08 -10.40 1.01
C GLU A 92 -7.16 -10.10 -0.18
N THR A 93 -6.87 -8.82 -0.37
CA THR A 93 -5.98 -8.39 -1.44
C THR A 93 -4.55 -8.88 -1.18
N ASP A 94 -4.16 -8.78 0.09
CA ASP A 94 -2.85 -9.21 0.54
C ASP A 94 -2.61 -10.68 0.21
N GLU A 95 -3.57 -11.53 0.56
CA GLU A 95 -3.47 -12.95 0.28
C GLU A 95 -3.45 -13.22 -1.22
N PHE A 96 -4.29 -12.51 -1.95
CA PHE A 96 -4.47 -12.77 -3.38
C PHE A 96 -3.20 -12.51 -4.17
N PHE A 97 -2.58 -11.36 -3.95
CA PHE A 97 -1.37 -11.01 -4.69
C PHE A 97 -0.21 -11.92 -4.30
N LYS A 98 -0.09 -12.21 -3.02
CA LYS A 98 1.01 -13.04 -2.53
C LYS A 98 0.88 -14.48 -3.01
N LYS A 99 -0.37 -14.97 -3.12
CA LYS A 99 -0.60 -16.35 -3.56
C LYS A 99 -0.32 -16.50 -5.05
N CYS A 100 -0.36 -15.38 -5.76
CA CYS A 100 -0.07 -15.38 -7.19
C CYS A 100 1.38 -14.97 -7.45
N ARG A 101 2.07 -14.63 -6.35
CA ARG A 101 3.46 -14.15 -6.40
C ARG A 101 3.58 -12.89 -7.25
N VAL A 102 2.64 -11.97 -7.07
CA VAL A 102 2.63 -10.74 -7.84
C VAL A 102 2.64 -9.52 -6.92
N ILE A 103 3.48 -8.56 -7.24
CA ILE A 103 3.59 -7.33 -6.49
C ILE A 103 2.44 -6.39 -6.85
N PRO A 104 1.63 -5.99 -5.85
CA PRO A 104 0.44 -5.15 -6.07
C PRO A 104 0.78 -3.69 -6.36
N SER A 105 1.43 -3.45 -7.49
CA SER A 105 1.77 -2.11 -7.92
C SER A 105 0.54 -1.31 -8.38
N GLN A 106 0.72 -0.03 -8.63
CA GLN A 106 -0.38 0.88 -9.00
C GLN A 106 -1.07 0.42 -10.27
N GLU A 107 -0.33 -0.27 -11.14
CA GLU A 107 -0.85 -0.69 -12.43
C GLU A 107 -2.03 -1.64 -12.25
N HIS A 108 -2.04 -2.36 -11.15
CA HIS A 108 -3.07 -3.36 -10.91
C HIS A 108 -4.36 -2.71 -10.43
N LEU A 109 -4.25 -1.71 -9.58
CA LEU A 109 -5.42 -1.01 -9.08
C LEU A 109 -5.99 -0.08 -10.16
N ASN A 110 -5.11 0.44 -10.99
CA ASN A 110 -5.50 1.39 -12.02
C ASN A 110 -5.97 0.69 -13.28
N GLY A 111 -5.24 -0.34 -13.70
CA GLY A 111 -5.54 -0.99 -14.96
C GLY A 111 -5.89 -2.46 -14.83
N PRO A 112 -5.00 -3.36 -15.26
CA PRO A 112 -5.27 -4.79 -15.31
C PRO A 112 -4.93 -5.56 -14.03
N LEU A 113 -5.55 -6.72 -13.89
CA LEU A 113 -5.29 -7.62 -12.78
C LEU A 113 -4.74 -8.94 -13.31
N PRO A 114 -4.14 -9.77 -12.43
CA PRO A 114 -3.65 -11.10 -12.82
C PRO A 114 -4.79 -12.04 -13.24
N VAL A 115 -4.43 -13.24 -13.64
CA VAL A 115 -5.40 -14.23 -14.07
C VAL A 115 -6.22 -14.75 -12.89
N PRO A 116 -7.50 -15.10 -13.14
CA PRO A 116 -8.39 -15.65 -12.11
C PRO A 116 -7.87 -16.97 -11.56
N PHE A 117 -8.19 -17.26 -10.31
CA PHE A 117 -7.68 -18.45 -9.66
C PHE A 117 -8.57 -19.67 -9.91
N THR A 118 -9.52 -19.52 -10.83
CA THR A 118 -10.35 -20.65 -11.23
C THR A 118 -9.50 -21.72 -11.91
N ASN A 119 -9.70 -22.97 -11.50
CA ASN A 119 -8.94 -24.12 -12.01
C ASN A 119 -7.54 -24.18 -11.42
N GLY A 120 -7.16 -23.12 -10.71
CA GLY A 120 -5.92 -23.13 -9.98
C GLY A 120 -6.12 -23.65 -8.57
N GLU A 121 -6.69 -24.84 -8.50
CA GLU A 121 -7.09 -25.42 -7.22
C GLU A 121 -5.88 -25.89 -6.43
N ILE A 122 -5.93 -25.68 -5.14
CA ILE A 122 -4.83 -26.06 -4.26
C ILE A 122 -4.89 -27.54 -3.92
N GLN A 123 -3.81 -28.25 -4.20
CA GLN A 123 -3.71 -29.66 -3.88
C GLN A 123 -3.62 -29.86 -2.37
N LYS A 124 -4.40 -30.79 -1.84
CA LYS A 124 -4.36 -31.08 -0.42
C LYS A 124 -3.46 -32.28 -0.16
N GLU A 125 -2.66 -32.18 0.89
CA GLU A 125 -1.71 -33.23 1.29
C GLU A 125 -0.58 -33.39 0.27
N ASN A 126 0.62 -33.67 0.78
CA ASN A 126 1.81 -33.89 -0.05
C ASN A 126 2.18 -32.65 -0.86
N SER A 127 2.07 -31.48 -0.25
CA SER A 127 2.53 -30.25 -0.86
C SER A 127 4.05 -30.12 -0.68
N ARG A 128 4.76 -31.12 -1.19
CA ARG A 128 6.20 -31.21 -1.00
C ARG A 128 6.89 -31.39 -2.35
N GLN B 1 10.85 4.24 17.55
CA GLN B 1 11.56 4.76 16.35
C GLN B 1 10.59 4.84 15.18
N ASP B 2 9.81 5.92 15.15
CA ASP B 2 8.77 6.06 14.16
C ASP B 2 8.88 7.37 13.43
N THR B 3 8.00 7.57 12.45
CA THR B 3 7.92 8.83 11.76
C THR B 3 6.46 9.26 11.65
N ARG B 4 6.16 10.42 12.22
CA ARG B 4 4.82 10.97 12.12
C ARG B 4 4.79 12.08 11.08
N LEU B 5 4.28 11.72 9.91
CA LEU B 5 4.23 12.62 8.78
C LEU B 5 2.82 13.19 8.66
N GLY A 1 -12.38 5.76 -8.81
CA GLY A 1 -12.37 6.19 -7.39
C GLY A 1 -12.52 5.04 -6.44
N ILE A 2 -13.70 4.91 -5.85
CA ILE A 2 -14.02 3.78 -4.99
C ILE A 2 -15.07 2.92 -5.66
N ASP A 3 -14.64 1.83 -6.28
CA ASP A 3 -15.51 1.02 -7.11
C ASP A 3 -15.65 -0.39 -6.53
N PRO A 4 -16.78 -1.05 -6.81
CA PRO A 4 -17.05 -2.40 -6.31
C PRO A 4 -16.40 -3.50 -7.13
N PHE A 5 -15.93 -3.16 -8.33
CA PHE A 5 -15.35 -4.15 -9.23
C PHE A 5 -13.82 -4.09 -9.21
N THR A 6 -13.27 -3.77 -8.05
CA THR A 6 -11.84 -3.68 -7.87
C THR A 6 -11.45 -4.32 -6.54
N MET A 7 -12.13 -5.41 -6.26
CA MET A 7 -12.03 -6.10 -4.97
C MET A 7 -10.60 -6.58 -4.66
N LEU A 8 -9.85 -6.96 -5.69
CA LEU A 8 -8.52 -7.52 -5.49
C LEU A 8 -7.45 -6.60 -6.04
N ARG A 9 -7.77 -5.33 -6.09
CA ARG A 9 -6.81 -4.31 -6.46
C ARG A 9 -6.50 -3.45 -5.25
N PRO A 10 -5.22 -3.07 -5.06
CA PRO A 10 -4.78 -2.29 -3.90
C PRO A 10 -5.45 -0.92 -3.86
N ARG A 11 -5.63 -0.39 -2.66
CA ARG A 11 -6.28 0.89 -2.49
C ARG A 11 -5.27 2.00 -2.67
N LEU A 12 -5.61 2.98 -3.49
CA LEU A 12 -4.69 4.09 -3.77
C LEU A 12 -5.13 5.33 -3.00
N CYS A 13 -4.38 5.63 -1.96
CA CYS A 13 -4.64 6.81 -1.14
C CYS A 13 -3.60 7.89 -1.43
N THR A 14 -4.05 9.06 -1.82
CA THR A 14 -3.15 10.15 -2.14
C THR A 14 -3.36 11.32 -1.20
N MET A 15 -2.35 11.61 -0.41
CA MET A 15 -2.42 12.71 0.54
C MET A 15 -1.29 13.67 0.31
N LYS A 16 -1.55 14.95 0.52
CA LYS A 16 -0.55 15.99 0.36
C LYS A 16 -0.23 16.61 1.71
N LYS A 17 0.97 17.16 1.82
CA LYS A 17 1.39 17.77 3.08
C LYS A 17 0.78 19.15 3.24
N GLY A 18 0.04 19.32 4.31
CA GLY A 18 -0.65 20.57 4.56
C GLY A 18 0.08 21.43 5.57
N PRO A 19 -0.20 21.24 6.86
CA PRO A 19 0.46 22.00 7.93
C PRO A 19 1.97 21.80 7.93
N SER A 20 2.40 20.58 8.22
CA SER A 20 3.82 20.25 8.20
C SER A 20 3.97 18.74 8.05
N GLY A 21 3.10 18.16 7.23
CA GLY A 21 3.08 16.73 7.08
C GLY A 21 1.86 16.26 6.33
N TYR A 22 1.75 14.96 6.13
CA TYR A 22 0.68 14.38 5.32
C TYR A 22 -0.43 13.84 6.21
N GLY A 23 -0.10 13.52 7.45
CA GLY A 23 -1.11 13.17 8.41
C GLY A 23 -1.03 11.73 8.91
N PHE A 24 0.10 11.07 8.69
CA PHE A 24 0.26 9.69 9.16
C PHE A 24 1.57 9.50 9.90
N ASN A 25 1.55 8.60 10.86
CA ASN A 25 2.73 8.28 11.64
C ASN A 25 3.25 6.91 11.22
N LEU A 26 4.50 6.84 10.82
CA LEU A 26 5.11 5.59 10.38
C LEU A 26 5.84 4.92 11.53
N HIS A 27 5.75 3.60 11.59
CA HIS A 27 6.45 2.81 12.59
C HIS A 27 7.16 1.65 11.90
N SER A 28 8.41 1.43 12.26
CA SER A 28 9.18 0.31 11.73
C SER A 28 9.49 -0.68 12.84
N ASP A 29 9.49 -1.97 12.51
CA ASP A 29 9.64 -3.00 13.51
C ASP A 29 10.48 -4.15 12.98
N LYS A 30 11.02 -4.93 13.89
CA LYS A 30 11.93 -6.02 13.54
C LYS A 30 11.18 -7.33 13.30
N SER A 31 9.93 -7.39 13.75
CA SER A 31 9.14 -8.60 13.59
C SER A 31 8.17 -8.42 12.42
N LYS A 32 7.85 -7.17 12.10
CA LYS A 32 6.93 -6.88 11.03
C LYS A 32 7.67 -6.57 9.74
N PRO A 33 7.39 -7.33 8.67
CA PRO A 33 7.99 -7.13 7.36
C PRO A 33 7.29 -6.03 6.57
N GLY A 34 8.07 -5.25 5.84
CA GLY A 34 7.51 -4.17 5.06
C GLY A 34 7.38 -2.89 5.87
N GLN A 35 6.54 -1.98 5.40
CA GLN A 35 6.28 -0.76 6.13
C GLN A 35 4.80 -0.64 6.44
N PHE A 36 4.49 -0.12 7.61
CA PHE A 36 3.11 -0.09 8.08
C PHE A 36 2.79 1.23 8.77
N ILE A 37 1.54 1.65 8.65
CA ILE A 37 1.07 2.87 9.30
C ILE A 37 0.78 2.61 10.76
N ARG A 38 1.34 3.45 11.63
CA ARG A 38 1.12 3.30 13.06
C ARG A 38 -0.14 4.05 13.48
N SER A 39 -0.27 5.28 13.03
CA SER A 39 -1.41 6.10 13.41
C SER A 39 -1.76 7.10 12.32
N VAL A 40 -3.04 7.45 12.23
CA VAL A 40 -3.54 8.44 11.30
C VAL A 40 -4.45 9.41 12.03
N ASP A 41 -4.40 10.68 11.67
CA ASP A 41 -5.18 11.69 12.36
C ASP A 41 -6.52 11.90 11.67
N PRO A 42 -7.63 11.92 12.42
CA PRO A 42 -8.98 11.97 11.87
C PRO A 42 -9.14 13.01 10.75
N ASP A 43 -8.65 14.22 11.00
CA ASP A 43 -8.82 15.31 10.04
C ASP A 43 -7.57 15.50 9.18
N SER A 44 -6.87 14.42 8.90
CA SER A 44 -5.71 14.47 8.02
C SER A 44 -6.10 14.05 6.61
N PRO A 45 -5.38 14.58 5.61
CA PRO A 45 -5.59 14.21 4.20
C PRO A 45 -5.29 12.73 3.96
N ALA A 46 -4.49 12.13 4.84
CA ALA A 46 -4.21 10.71 4.77
C ALA A 46 -5.48 9.92 5.10
N GLU A 47 -6.12 10.28 6.20
CA GLU A 47 -7.37 9.65 6.62
C GLU A 47 -8.47 9.95 5.60
N ALA A 48 -8.46 11.18 5.08
CA ALA A 48 -9.45 11.63 4.11
C ALA A 48 -9.35 10.85 2.79
N SER A 49 -8.14 10.46 2.41
CA SER A 49 -7.93 9.74 1.16
C SER A 49 -8.26 8.25 1.32
N GLY A 50 -8.44 7.81 2.56
CA GLY A 50 -8.86 6.44 2.80
C GLY A 50 -7.79 5.60 3.46
N LEU A 51 -6.73 6.23 3.96
CA LEU A 51 -5.67 5.51 4.64
C LEU A 51 -6.08 5.21 6.07
N ARG A 52 -5.61 4.07 6.59
CA ARG A 52 -5.92 3.70 7.96
C ARG A 52 -4.65 3.49 8.77
N ALA A 53 -4.82 3.32 10.07
CA ALA A 53 -3.70 3.30 11.00
C ALA A 53 -3.28 1.89 11.40
N GLN A 54 -3.61 0.91 10.57
CA GLN A 54 -3.23 -0.47 10.83
C GLN A 54 -2.82 -1.18 9.54
N ASP A 55 -2.72 -0.41 8.47
CA ASP A 55 -2.47 -0.99 7.15
C ASP A 55 -1.01 -0.91 6.76
N ARG A 56 -0.62 -1.77 5.84
CA ARG A 56 0.76 -1.85 5.38
C ARG A 56 0.86 -1.27 3.99
N ILE A 57 1.98 -0.61 3.71
CA ILE A 57 2.17 0.05 2.43
C ILE A 57 3.02 -0.82 1.52
N VAL A 58 2.55 -1.03 0.30
CA VAL A 58 3.32 -1.80 -0.68
C VAL A 58 4.13 -0.88 -1.60
N GLU A 59 3.55 0.26 -1.97
CA GLU A 59 4.24 1.24 -2.79
C GLU A 59 3.92 2.66 -2.33
N VAL A 60 4.90 3.52 -2.47
CA VAL A 60 4.73 4.94 -2.25
C VAL A 60 5.26 5.72 -3.45
N ASN A 61 4.35 6.40 -4.15
CA ASN A 61 4.72 7.22 -5.31
C ASN A 61 5.41 6.38 -6.38
N GLY A 62 5.06 5.10 -6.42
CA GLY A 62 5.63 4.21 -7.41
C GLY A 62 6.84 3.46 -6.89
N VAL A 63 7.34 3.91 -5.75
CA VAL A 63 8.49 3.28 -5.13
C VAL A 63 8.02 2.21 -4.17
N CYS A 64 8.55 1.02 -4.34
CA CYS A 64 8.11 -0.12 -3.57
C CYS A 64 8.65 -0.05 -2.14
N MET A 65 7.79 -0.33 -1.18
CA MET A 65 8.15 -0.22 0.24
C MET A 65 8.88 -1.45 0.73
N GLU A 66 9.40 -2.24 -0.19
CA GLU A 66 10.15 -3.43 0.17
C GLU A 66 11.64 -3.12 0.28
N GLY A 67 11.94 -1.90 0.68
CA GLY A 67 13.32 -1.49 0.91
C GLY A 67 13.77 -1.77 2.32
N LYS A 68 12.84 -2.33 3.11
CA LYS A 68 13.07 -2.72 4.51
C LYS A 68 13.40 -1.54 5.42
N GLN A 69 14.47 -0.83 5.11
CA GLN A 69 15.02 0.19 6.01
C GLN A 69 14.15 1.43 6.04
N HIS A 70 14.15 2.05 7.21
CA HIS A 70 13.27 3.17 7.54
C HIS A 70 13.48 4.36 6.61
N GLY A 71 14.73 4.63 6.25
CA GLY A 71 15.03 5.76 5.41
C GLY A 71 14.49 5.61 4.00
N ASP A 72 14.46 4.37 3.50
CA ASP A 72 14.03 4.10 2.14
C ASP A 72 12.55 4.42 1.92
N VAL A 73 11.72 4.03 2.88
CA VAL A 73 10.29 4.26 2.77
C VAL A 73 9.95 5.73 2.90
N VAL A 74 10.63 6.43 3.80
CA VAL A 74 10.44 7.87 3.98
C VAL A 74 10.95 8.61 2.76
N SER A 75 12.05 8.11 2.19
CA SER A 75 12.65 8.70 1.00
C SER A 75 11.65 8.74 -0.15
N ALA A 76 10.86 7.67 -0.29
CA ALA A 76 9.85 7.59 -1.34
C ALA A 76 8.79 8.68 -1.17
N ILE A 77 8.38 8.88 0.07
CA ILE A 77 7.38 9.89 0.41
C ILE A 77 7.94 11.29 0.26
N ARG A 78 9.16 11.49 0.74
CA ARG A 78 9.82 12.79 0.61
C ARG A 78 10.02 13.15 -0.86
N ALA A 79 10.27 12.13 -1.68
CA ALA A 79 10.46 12.31 -3.11
C ALA A 79 9.19 12.78 -3.81
N GLY A 80 8.06 12.61 -3.14
CA GLY A 80 6.79 13.08 -3.66
C GLY A 80 6.70 14.59 -3.61
N GLY A 81 7.56 15.20 -2.80
CA GLY A 81 7.60 16.64 -2.72
C GLY A 81 6.55 17.21 -1.79
N ASP A 82 5.34 17.34 -2.30
CA ASP A 82 4.26 17.94 -1.55
C ASP A 82 3.07 16.98 -1.45
N GLU A 83 3.19 15.87 -2.14
CA GLU A 83 2.12 14.87 -2.20
C GLU A 83 2.71 13.48 -2.14
N THR A 84 1.89 12.51 -1.81
CA THR A 84 2.35 11.14 -1.78
C THR A 84 1.20 10.15 -2.03
N LYS A 85 1.49 9.12 -2.81
CA LYS A 85 0.53 8.07 -3.12
C LYS A 85 0.88 6.81 -2.34
N LEU A 86 -0.01 6.40 -1.45
CA LEU A 86 0.22 5.21 -0.64
C LEU A 86 -0.71 4.08 -1.05
N LEU A 87 -0.13 2.91 -1.27
CA LEU A 87 -0.91 1.72 -1.61
C LEU A 87 -1.04 0.79 -0.42
N VAL A 88 -2.28 0.48 -0.07
CA VAL A 88 -2.56 -0.48 0.99
C VAL A 88 -3.48 -1.56 0.45
N VAL A 89 -3.41 -2.75 1.03
CA VAL A 89 -4.19 -3.88 0.54
C VAL A 89 -4.95 -4.56 1.66
N ASP A 90 -6.17 -5.00 1.34
CA ASP A 90 -6.98 -5.77 2.28
C ASP A 90 -6.40 -7.15 2.45
N ARG A 91 -6.80 -7.88 3.50
CA ARG A 91 -6.26 -9.21 3.75
C ARG A 91 -6.42 -10.12 2.53
N GLU A 92 -7.59 -10.07 1.88
CA GLU A 92 -7.84 -10.89 0.70
C GLU A 92 -6.90 -10.49 -0.43
N THR A 93 -6.75 -9.19 -0.62
CA THR A 93 -5.90 -8.65 -1.67
C THR A 93 -4.45 -9.03 -1.42
N ASP A 94 -4.03 -8.90 -0.16
CA ASP A 94 -2.65 -9.16 0.24
C ASP A 94 -2.26 -10.60 -0.05
N GLU A 95 -3.10 -11.53 0.38
CA GLU A 95 -2.80 -12.95 0.21
C GLU A 95 -2.83 -13.33 -1.27
N PHE A 96 -3.70 -12.71 -2.03
CA PHE A 96 -3.80 -12.98 -3.46
C PHE A 96 -2.53 -12.61 -4.19
N PHE A 97 -1.99 -11.43 -3.92
CA PHE A 97 -0.75 -11.01 -4.54
C PHE A 97 0.43 -11.85 -4.02
N LYS A 98 0.49 -12.03 -2.72
CA LYS A 98 1.64 -12.68 -2.09
C LYS A 98 1.70 -14.18 -2.44
N LYS A 99 0.55 -14.79 -2.71
CA LYS A 99 0.52 -16.21 -3.08
C LYS A 99 1.21 -16.42 -4.43
N CYS A 100 1.21 -15.37 -5.24
CA CYS A 100 1.87 -15.41 -6.53
C CYS A 100 3.23 -14.75 -6.44
N ARG A 101 3.56 -14.25 -5.24
CA ARG A 101 4.79 -13.52 -4.98
C ARG A 101 4.97 -12.35 -5.95
N VAL A 102 3.84 -11.79 -6.38
CA VAL A 102 3.85 -10.66 -7.28
C VAL A 102 3.61 -9.38 -6.49
N ILE A 103 4.33 -8.32 -6.85
CA ILE A 103 4.22 -7.05 -6.15
C ILE A 103 2.90 -6.37 -6.47
N PRO A 104 2.12 -6.04 -5.43
CA PRO A 104 0.89 -5.27 -5.59
C PRO A 104 1.22 -3.82 -5.91
N SER A 105 0.78 -3.36 -7.06
CA SER A 105 1.25 -2.10 -7.58
C SER A 105 0.15 -1.31 -8.27
N GLN A 106 0.44 -0.06 -8.60
CA GLN A 106 -0.51 0.82 -9.27
C GLN A 106 -0.87 0.28 -10.65
N GLU A 107 0.10 -0.37 -11.29
CA GLU A 107 -0.11 -0.93 -12.62
C GLU A 107 -1.18 -2.01 -12.60
N HIS A 108 -1.36 -2.65 -11.45
CA HIS A 108 -2.37 -3.68 -11.29
C HIS A 108 -3.75 -3.08 -11.05
N LEU A 109 -3.81 -2.03 -10.24
CA LEU A 109 -5.09 -1.42 -9.89
C LEU A 109 -5.63 -0.59 -11.05
N ASN A 110 -4.74 -0.02 -11.84
CA ASN A 110 -5.15 0.80 -12.97
C ASN A 110 -5.01 0.01 -14.27
N GLY A 111 -4.71 -1.28 -14.12
CA GLY A 111 -4.55 -2.15 -15.27
C GLY A 111 -5.11 -3.52 -15.01
N PRO A 112 -4.65 -4.54 -15.74
CA PRO A 112 -5.14 -5.91 -15.60
C PRO A 112 -4.54 -6.63 -14.40
N LEU A 113 -5.31 -7.54 -13.83
CA LEU A 113 -4.85 -8.38 -12.75
C LEU A 113 -4.39 -9.74 -13.29
N PRO A 114 -3.66 -10.54 -12.50
CA PRO A 114 -3.28 -11.89 -12.90
C PRO A 114 -4.50 -12.77 -13.20
N VAL A 115 -4.24 -13.91 -13.83
CA VAL A 115 -5.30 -14.83 -14.23
C VAL A 115 -5.93 -15.50 -13.02
N PRO A 116 -7.23 -15.26 -12.78
CA PRO A 116 -7.95 -15.86 -11.67
C PRO A 116 -8.26 -17.33 -11.91
N PHE A 117 -8.60 -18.04 -10.84
CA PHE A 117 -8.89 -19.47 -10.94
C PHE A 117 -10.36 -19.72 -11.31
N THR A 118 -10.90 -18.85 -12.16
CA THR A 118 -12.27 -18.95 -12.64
C THR A 118 -13.27 -18.96 -11.47
N ASN A 119 -13.18 -17.95 -10.62
CA ASN A 119 -14.13 -17.78 -9.54
C ASN A 119 -15.17 -16.75 -9.92
N GLY A 120 -14.76 -15.83 -10.78
CA GLY A 120 -15.63 -14.75 -11.20
C GLY A 120 -15.86 -13.74 -10.10
N GLU A 121 -16.91 -13.97 -9.32
CA GLU A 121 -17.29 -13.08 -8.24
C GLU A 121 -17.03 -13.76 -6.89
N ILE A 122 -17.35 -13.06 -5.82
CA ILE A 122 -17.35 -13.64 -4.48
C ILE A 122 -18.78 -13.63 -3.97
N GLN A 123 -19.62 -14.37 -4.67
CA GLN A 123 -21.04 -14.37 -4.41
C GLN A 123 -21.40 -15.32 -3.28
N LYS A 124 -21.85 -14.74 -2.18
CA LYS A 124 -22.27 -15.51 -1.03
C LYS A 124 -23.73 -15.93 -1.20
N GLU A 125 -23.94 -17.07 -1.83
CA GLU A 125 -25.28 -17.59 -2.01
C GLU A 125 -25.71 -18.32 -0.75
N ASN A 126 -26.98 -18.15 -0.39
CA ASN A 126 -27.53 -18.69 0.86
C ASN A 126 -26.85 -18.05 2.07
N SER A 127 -27.51 -17.06 2.65
CA SER A 127 -26.99 -16.38 3.81
C SER A 127 -28.13 -16.07 4.78
N ARG A 128 -28.32 -16.96 5.73
CA ARG A 128 -29.37 -16.79 6.71
C ARG A 128 -28.76 -16.77 8.11
N GLN B 1 6.88 6.00 18.49
CA GLN B 1 6.65 7.03 17.44
C GLN B 1 7.93 7.29 16.66
N ASP B 2 8.01 6.73 15.46
CA ASP B 2 9.19 6.84 14.63
C ASP B 2 9.20 8.16 13.89
N THR B 3 8.50 8.17 12.77
CA THR B 3 8.48 9.34 11.91
C THR B 3 7.06 9.82 11.67
N ARG B 4 6.81 11.08 11.99
CA ARG B 4 5.52 11.70 11.75
C ARG B 4 5.56 12.41 10.40
N LEU B 5 4.74 11.95 9.48
CA LEU B 5 4.57 12.60 8.20
C LEU B 5 3.13 13.03 8.04
N GLY A 1 -23.62 -18.31 -6.25
CA GLY A 1 -23.51 -16.84 -6.25
C GLY A 1 -22.26 -16.37 -6.96
N ILE A 2 -22.44 -15.74 -8.12
CA ILE A 2 -21.32 -15.18 -8.86
C ILE A 2 -20.91 -13.87 -8.20
N ASP A 3 -19.92 -13.98 -7.32
CA ASP A 3 -19.51 -12.87 -6.46
C ASP A 3 -19.11 -11.63 -7.26
N PRO A 4 -19.88 -10.56 -7.14
CA PRO A 4 -19.54 -9.26 -7.72
C PRO A 4 -18.66 -8.45 -6.77
N PHE A 5 -18.62 -8.88 -5.52
CA PHE A 5 -17.87 -8.16 -4.49
C PHE A 5 -16.53 -8.84 -4.23
N THR A 6 -16.14 -9.72 -5.13
CA THR A 6 -14.85 -10.39 -5.04
C THR A 6 -13.75 -9.50 -5.60
N MET A 7 -14.16 -8.34 -6.11
CA MET A 7 -13.24 -7.36 -6.64
C MET A 7 -12.38 -6.77 -5.54
N LEU A 8 -11.11 -7.15 -5.53
CA LEU A 8 -10.16 -6.65 -4.54
C LEU A 8 -9.37 -5.47 -5.11
N ARG A 9 -8.17 -5.77 -5.63
CA ARG A 9 -7.25 -4.75 -6.15
C ARG A 9 -6.77 -3.81 -5.03
N PRO A 10 -5.46 -3.55 -4.97
CA PRO A 10 -4.86 -2.72 -3.93
C PRO A 10 -5.34 -1.27 -4.00
N ARG A 11 -5.41 -0.64 -2.84
CA ARG A 11 -5.95 0.70 -2.75
C ARG A 11 -4.82 1.73 -2.85
N LEU A 12 -5.06 2.77 -3.64
CA LEU A 12 -4.07 3.81 -3.83
C LEU A 12 -4.52 5.08 -3.12
N CYS A 13 -3.92 5.35 -1.98
CA CYS A 13 -4.25 6.52 -1.18
C CYS A 13 -3.28 7.64 -1.50
N THR A 14 -3.81 8.82 -1.80
CA THR A 14 -2.98 9.95 -2.15
C THR A 14 -3.25 11.12 -1.22
N MET A 15 -2.26 11.48 -0.44
CA MET A 15 -2.39 12.60 0.48
C MET A 15 -1.29 13.60 0.22
N LYS A 16 -1.63 14.87 0.41
CA LYS A 16 -0.72 15.97 0.19
C LYS A 16 -0.48 16.71 1.49
N LYS A 17 0.74 17.19 1.69
CA LYS A 17 1.08 17.84 2.95
C LYS A 17 0.42 19.22 3.01
N GLY A 18 -0.23 19.49 4.13
CA GLY A 18 -0.91 20.74 4.31
C GLY A 18 -0.25 21.60 5.37
N PRO A 19 -0.91 21.81 6.52
CA PRO A 19 -0.36 22.61 7.62
C PRO A 19 0.96 22.06 8.14
N SER A 20 0.96 20.79 8.52
CA SER A 20 2.17 20.18 9.05
C SER A 20 2.18 18.68 8.74
N GLY A 21 2.35 18.35 7.47
CA GLY A 21 2.50 16.96 7.10
C GLY A 21 1.34 16.42 6.31
N TYR A 22 1.25 15.09 6.25
CA TYR A 22 0.24 14.43 5.45
C TYR A 22 -0.87 13.89 6.35
N GLY A 23 -0.52 13.58 7.59
CA GLY A 23 -1.54 13.26 8.57
C GLY A 23 -1.50 11.83 9.08
N PHE A 24 -0.39 11.13 8.88
CA PHE A 24 -0.27 9.76 9.37
C PHE A 24 1.03 9.57 10.15
N ASN A 25 1.13 8.48 10.89
CA ASN A 25 2.32 8.17 11.65
C ASN A 25 2.78 6.76 11.32
N LEU A 26 4.02 6.62 10.90
CA LEU A 26 4.58 5.33 10.55
C LEU A 26 5.32 4.72 11.71
N HIS A 27 5.04 3.45 11.99
CA HIS A 27 5.73 2.74 13.06
C HIS A 27 6.59 1.65 12.45
N SER A 28 7.76 1.45 13.01
CA SER A 28 8.65 0.39 12.56
C SER A 28 9.21 -0.37 13.75
N ASP A 29 9.33 -1.68 13.62
CA ASP A 29 9.87 -2.51 14.69
C ASP A 29 11.06 -3.28 14.19
N LYS A 30 11.98 -3.61 15.10
CA LYS A 30 13.10 -4.45 14.77
C LYS A 30 12.70 -5.91 14.93
N SER A 31 11.86 -6.37 14.02
CA SER A 31 11.34 -7.73 14.05
C SER A 31 11.02 -8.23 12.65
N LYS A 32 10.47 -7.36 11.80
CA LYS A 32 10.16 -7.73 10.43
C LYS A 32 10.04 -6.51 9.54
N PRO A 33 10.24 -6.69 8.22
CA PRO A 33 10.06 -5.64 7.24
C PRO A 33 8.60 -5.50 6.81
N GLY A 34 8.26 -4.36 6.26
CA GLY A 34 6.89 -4.16 5.80
C GLY A 34 6.21 -3.06 6.59
N GLN A 35 6.32 -1.85 6.11
CA GLN A 35 5.86 -0.67 6.84
C GLN A 35 4.34 -0.66 6.98
N PHE A 36 3.90 -0.20 8.13
CA PHE A 36 2.49 -0.21 8.49
C PHE A 36 2.10 1.13 9.11
N ILE A 37 0.88 1.57 8.83
CA ILE A 37 0.37 2.82 9.38
C ILE A 37 -0.03 2.61 10.83
N ARG A 38 0.60 3.36 11.72
CA ARG A 38 0.34 3.22 13.15
C ARG A 38 -0.88 4.04 13.56
N SER A 39 -0.91 5.28 13.11
CA SER A 39 -1.99 6.17 13.49
C SER A 39 -2.28 7.13 12.34
N VAL A 40 -3.53 7.56 12.25
CA VAL A 40 -3.94 8.59 11.30
C VAL A 40 -4.79 9.62 12.02
N ASP A 41 -4.52 10.89 11.77
CA ASP A 41 -5.27 11.96 12.39
C ASP A 41 -6.59 12.16 11.69
N PRO A 42 -7.68 12.35 12.46
CA PRO A 42 -9.02 12.56 11.92
C PRO A 42 -9.09 13.80 11.04
N ASP A 43 -8.25 14.75 11.36
CA ASP A 43 -8.13 15.97 10.58
C ASP A 43 -6.85 15.91 9.75
N SER A 44 -6.83 15.01 8.78
CA SER A 44 -5.68 14.87 7.90
C SER A 44 -6.12 14.50 6.49
N PRO A 45 -5.37 15.00 5.50
CA PRO A 45 -5.55 14.59 4.10
C PRO A 45 -5.30 13.09 3.90
N ALA A 46 -4.49 12.51 4.78
CA ALA A 46 -4.23 11.09 4.76
C ALA A 46 -5.49 10.29 5.04
N GLU A 47 -6.19 10.67 6.10
CA GLU A 47 -7.41 9.98 6.51
C GLU A 47 -8.49 10.16 5.43
N ALA A 48 -8.51 11.34 4.84
CA ALA A 48 -9.49 11.66 3.81
C ALA A 48 -9.29 10.84 2.54
N SER A 49 -8.07 10.33 2.33
CA SER A 49 -7.78 9.55 1.13
C SER A 49 -8.13 8.07 1.33
N GLY A 50 -8.62 7.74 2.52
CA GLY A 50 -9.05 6.38 2.79
C GLY A 50 -8.00 5.57 3.52
N LEU A 51 -6.94 6.23 3.95
CA LEU A 51 -5.88 5.57 4.69
C LEU A 51 -6.25 5.46 6.16
N ARG A 52 -6.00 4.31 6.76
CA ARG A 52 -6.27 4.11 8.17
C ARG A 52 -5.10 3.42 8.84
N ALA A 53 -5.28 3.03 10.08
CA ALA A 53 -4.26 2.29 10.80
C ALA A 53 -4.27 0.83 10.33
N GLN A 54 -3.16 0.14 10.58
CA GLN A 54 -3.05 -1.30 10.31
C GLN A 54 -2.90 -1.61 8.83
N ASP A 55 -3.11 -0.61 7.98
CA ASP A 55 -2.87 -0.76 6.54
C ASP A 55 -1.38 -0.96 6.26
N ARG A 56 -1.07 -1.82 5.30
CA ARG A 56 0.31 -2.06 4.91
C ARG A 56 0.63 -1.35 3.61
N ILE A 57 1.88 -0.94 3.49
CA ILE A 57 2.33 -0.18 2.33
C ILE A 57 3.25 -1.03 1.46
N VAL A 58 2.91 -1.15 0.18
CA VAL A 58 3.75 -1.90 -0.75
C VAL A 58 4.55 -0.98 -1.67
N GLU A 59 3.96 0.15 -2.05
CA GLU A 59 4.66 1.13 -2.89
C GLU A 59 4.39 2.55 -2.39
N VAL A 60 5.37 3.42 -2.56
CA VAL A 60 5.25 4.82 -2.21
C VAL A 60 5.73 5.69 -3.36
N ASN A 61 4.82 6.45 -3.96
CA ASN A 61 5.17 7.39 -5.04
C ASN A 61 5.85 6.69 -6.21
N GLY A 62 5.58 5.40 -6.37
CA GLY A 62 6.18 4.65 -7.45
C GLY A 62 7.44 3.93 -7.03
N VAL A 63 7.81 4.10 -5.76
CA VAL A 63 8.96 3.41 -5.20
C VAL A 63 8.49 2.16 -4.48
N CYS A 64 9.23 1.08 -4.65
CA CYS A 64 8.81 -0.22 -4.14
C CYS A 64 9.37 -0.46 -2.75
N MET A 65 8.52 -0.95 -1.85
CA MET A 65 8.92 -1.14 -0.46
C MET A 65 9.29 -2.59 -0.17
N GLU A 66 9.85 -3.26 -1.17
CA GLU A 66 10.32 -4.62 -0.99
C GLU A 66 11.61 -4.66 -0.17
N GLY A 67 11.44 -4.89 1.12
CA GLY A 67 12.58 -4.98 2.02
C GLY A 67 13.24 -3.64 2.25
N LYS A 68 12.46 -2.57 2.16
CA LYS A 68 12.98 -1.23 2.42
C LYS A 68 13.07 -0.96 3.92
N GLN A 69 14.06 -0.18 4.31
CA GLN A 69 14.28 0.14 5.70
C GLN A 69 13.60 1.46 6.07
N HIS A 70 13.79 1.89 7.31
CA HIS A 70 13.12 3.09 7.82
C HIS A 70 13.44 4.32 6.97
N GLY A 71 14.72 4.53 6.72
CA GLY A 71 15.15 5.70 5.97
C GLY A 71 14.69 5.68 4.52
N ASP A 72 14.58 4.47 3.98
CA ASP A 72 14.22 4.28 2.57
C ASP A 72 12.79 4.74 2.30
N VAL A 73 11.88 4.32 3.17
CA VAL A 73 10.46 4.65 3.00
C VAL A 73 10.22 6.15 3.17
N VAL A 74 10.96 6.77 4.10
CA VAL A 74 10.83 8.19 4.33
C VAL A 74 11.34 8.96 3.11
N SER A 75 12.42 8.47 2.52
CA SER A 75 13.00 9.09 1.34
C SER A 75 12.01 9.02 0.18
N ALA A 76 11.35 7.87 0.02
CA ALA A 76 10.37 7.67 -1.03
C ALA A 76 9.23 8.68 -0.93
N ILE A 77 8.75 8.90 0.30
CA ILE A 77 7.65 9.84 0.54
C ILE A 77 8.10 11.28 0.34
N ARG A 78 9.25 11.63 0.92
CA ARG A 78 9.75 12.99 0.85
C ARG A 78 10.13 13.38 -0.57
N ALA A 79 10.60 12.41 -1.35
CA ALA A 79 10.93 12.63 -2.75
C ALA A 79 9.67 12.95 -3.57
N GLY A 80 8.51 12.63 -3.00
CA GLY A 80 7.25 12.97 -3.66
C GLY A 80 6.95 14.45 -3.57
N GLY A 81 7.66 15.14 -2.69
CA GLY A 81 7.56 16.57 -2.58
C GLY A 81 6.56 16.97 -1.51
N ASP A 82 5.42 17.44 -1.96
CA ASP A 82 4.36 17.87 -1.05
C ASP A 82 3.17 16.95 -1.20
N GLU A 83 3.38 15.88 -1.94
CA GLU A 83 2.36 14.88 -2.16
C GLU A 83 2.96 13.50 -1.99
N THR A 84 2.16 12.56 -1.52
CA THR A 84 2.61 11.19 -1.42
C THR A 84 1.50 10.23 -1.77
N LYS A 85 1.85 9.23 -2.57
CA LYS A 85 0.93 8.21 -2.99
C LYS A 85 1.30 6.89 -2.32
N LEU A 86 0.43 6.40 -1.46
CA LEU A 86 0.71 5.19 -0.71
C LEU A 86 -0.14 4.05 -1.22
N LEU A 87 0.52 2.96 -1.56
CA LEU A 87 -0.17 1.79 -2.05
C LEU A 87 -0.41 0.82 -0.90
N VAL A 88 -1.67 0.56 -0.60
CA VAL A 88 -2.01 -0.31 0.51
C VAL A 88 -2.84 -1.49 0.04
N VAL A 89 -2.73 -2.59 0.76
CA VAL A 89 -3.45 -3.81 0.41
C VAL A 89 -4.34 -4.25 1.57
N ASP A 90 -5.53 -4.73 1.23
CA ASP A 90 -6.43 -5.29 2.22
C ASP A 90 -5.94 -6.68 2.60
N ARG A 91 -6.37 -7.21 3.72
CA ARG A 91 -5.89 -8.50 4.19
C ARG A 91 -6.04 -9.59 3.13
N GLU A 92 -7.22 -9.66 2.53
CA GLU A 92 -7.49 -10.66 1.50
C GLU A 92 -6.79 -10.31 0.19
N THR A 93 -6.64 -9.02 -0.06
CA THR A 93 -5.99 -8.54 -1.26
C THR A 93 -4.50 -8.90 -1.25
N ASP A 94 -3.86 -8.69 -0.12
CA ASP A 94 -2.46 -9.02 0.07
C ASP A 94 -2.23 -10.51 -0.19
N GLU A 95 -3.04 -11.34 0.45
CA GLU A 95 -2.94 -12.79 0.30
C GLU A 95 -3.10 -13.22 -1.15
N PHE A 96 -3.97 -12.53 -1.87
CA PHE A 96 -4.26 -12.87 -3.26
C PHE A 96 -3.04 -12.63 -4.15
N PHE A 97 -2.40 -11.48 -4.00
CA PHE A 97 -1.23 -11.15 -4.82
C PHE A 97 -0.04 -12.04 -4.47
N LYS A 98 0.11 -12.35 -3.18
CA LYS A 98 1.19 -13.23 -2.75
C LYS A 98 1.02 -14.62 -3.34
N LYS A 99 -0.20 -15.12 -3.30
CA LYS A 99 -0.50 -16.45 -3.83
C LYS A 99 -0.38 -16.46 -5.36
N CYS A 100 -0.41 -15.30 -5.97
CA CYS A 100 -0.26 -15.19 -7.42
C CYS A 100 1.20 -14.90 -7.78
N ARG A 101 2.02 -14.78 -6.73
CA ARG A 101 3.46 -14.59 -6.87
C ARG A 101 3.78 -13.31 -7.64
N VAL A 102 3.02 -12.25 -7.37
CA VAL A 102 3.19 -11.00 -8.07
C VAL A 102 3.06 -9.81 -7.12
N ILE A 103 3.91 -8.81 -7.30
CA ILE A 103 3.85 -7.58 -6.52
C ILE A 103 2.68 -6.73 -6.98
N PRO A 104 1.81 -6.32 -6.05
CA PRO A 104 0.61 -5.54 -6.38
C PRO A 104 0.91 -4.08 -6.69
N SER A 105 1.81 -3.85 -7.64
CA SER A 105 2.16 -2.51 -8.09
C SER A 105 0.92 -1.81 -8.65
N GLN A 106 0.98 -0.46 -8.63
CA GLN A 106 -0.15 0.42 -8.96
C GLN A 106 -0.79 0.08 -10.30
N GLU A 107 -0.02 -0.53 -11.18
CA GLU A 107 -0.50 -0.88 -12.51
C GLU A 107 -1.63 -1.91 -12.44
N HIS A 108 -1.64 -2.70 -11.38
CA HIS A 108 -2.61 -3.78 -11.24
C HIS A 108 -3.95 -3.28 -10.72
N LEU A 109 -3.93 -2.20 -9.94
CA LEU A 109 -5.17 -1.71 -9.33
C LEU A 109 -6.05 -1.02 -10.38
N ASN A 110 -5.43 -0.44 -11.38
CA ASN A 110 -6.17 0.25 -12.43
C ASN A 110 -6.18 -0.56 -13.73
N GLY A 111 -5.05 -1.19 -14.04
CA GLY A 111 -4.93 -1.92 -15.29
C GLY A 111 -5.25 -3.39 -15.16
N PRO A 112 -4.30 -4.27 -15.56
CA PRO A 112 -4.52 -5.71 -15.61
C PRO A 112 -4.38 -6.40 -14.26
N LEU A 113 -5.02 -7.55 -14.14
CA LEU A 113 -5.07 -8.30 -12.91
C LEU A 113 -4.66 -9.74 -13.13
N PRO A 114 -3.91 -10.33 -12.19
CA PRO A 114 -3.56 -11.75 -12.23
C PRO A 114 -4.77 -12.64 -11.92
N VAL A 115 -4.77 -13.83 -12.50
CA VAL A 115 -5.90 -14.75 -12.38
C VAL A 115 -7.19 -14.12 -12.89
N PRO A 116 -7.44 -14.22 -14.21
CA PRO A 116 -8.63 -13.64 -14.83
C PRO A 116 -9.90 -14.29 -14.32
N PHE A 117 -10.77 -13.52 -13.71
CA PHE A 117 -12.01 -14.05 -13.18
C PHE A 117 -13.08 -14.14 -14.27
N THR A 118 -12.68 -13.78 -15.48
CA THR A 118 -13.54 -13.88 -16.67
C THR A 118 -14.72 -12.90 -16.59
N ASN A 119 -15.40 -12.71 -17.73
CA ASN A 119 -16.60 -11.88 -17.83
C ASN A 119 -16.25 -10.39 -17.87
N GLY A 120 -15.08 -10.06 -17.35
CA GLY A 120 -14.61 -8.69 -17.35
C GLY A 120 -14.09 -8.25 -18.71
N GLU A 121 -14.96 -8.28 -19.70
CA GLU A 121 -14.62 -7.88 -21.05
C GLU A 121 -15.25 -6.53 -21.34
N ILE A 122 -14.61 -5.74 -22.19
CA ILE A 122 -15.10 -4.42 -22.53
C ILE A 122 -16.16 -4.53 -23.63
N GLN A 123 -17.30 -3.89 -23.40
CA GLN A 123 -18.41 -3.99 -24.33
C GLN A 123 -18.48 -2.76 -25.21
N LYS A 124 -18.73 -2.98 -26.49
CA LYS A 124 -18.84 -1.89 -27.45
C LYS A 124 -20.31 -1.65 -27.79
N GLU A 125 -21.06 -1.21 -26.79
CA GLU A 125 -22.48 -0.96 -26.95
C GLU A 125 -22.72 0.52 -27.22
N ASN A 126 -23.80 0.82 -27.94
CA ASN A 126 -24.16 2.20 -28.21
C ASN A 126 -25.62 2.30 -28.62
N SER A 127 -26.47 2.63 -27.65
CA SER A 127 -27.88 2.85 -27.92
C SER A 127 -28.05 4.07 -28.81
N ARG A 128 -27.10 4.98 -28.72
CA ARG A 128 -27.05 6.14 -29.58
C ARG A 128 -26.08 5.90 -30.73
N GLN B 1 10.61 4.82 17.68
CA GLN B 1 10.77 3.91 16.52
C GLN B 1 9.73 4.24 15.45
N ASP B 2 9.42 5.52 15.29
CA ASP B 2 8.33 5.95 14.43
C ASP B 2 8.72 7.17 13.62
N THR B 3 7.80 7.61 12.77
CA THR B 3 7.95 8.84 12.02
C THR B 3 6.58 9.42 11.67
N ARG B 4 6.35 10.65 12.05
CA ARG B 4 5.08 11.30 11.81
C ARG B 4 5.14 12.11 10.52
N LEU B 5 4.18 11.86 9.65
CA LEU B 5 4.11 12.50 8.35
C LEU B 5 2.67 12.87 8.06
N GLY A 1 -24.23 -17.66 -7.09
CA GLY A 1 -23.69 -16.44 -7.73
C GLY A 1 -23.16 -15.46 -6.71
N ILE A 2 -22.79 -14.27 -7.16
CA ILE A 2 -22.32 -13.19 -6.30
C ILE A 2 -20.96 -13.52 -5.69
N ASP A 3 -19.92 -12.96 -6.27
CA ASP A 3 -18.58 -13.08 -5.74
C ASP A 3 -18.06 -11.71 -5.33
N PRO A 4 -18.18 -11.37 -4.05
CA PRO A 4 -17.82 -10.04 -3.53
C PRO A 4 -16.32 -9.76 -3.56
N PHE A 5 -15.55 -10.67 -2.98
CA PHE A 5 -14.14 -10.41 -2.73
C PHE A 5 -13.25 -10.83 -3.90
N THR A 6 -13.79 -10.73 -5.11
CA THR A 6 -12.98 -10.93 -6.30
C THR A 6 -12.35 -9.60 -6.71
N MET A 7 -13.00 -8.51 -6.30
CA MET A 7 -12.52 -7.18 -6.58
C MET A 7 -11.74 -6.63 -5.40
N LEU A 8 -10.60 -7.23 -5.11
CA LEU A 8 -9.76 -6.79 -4.01
C LEU A 8 -8.96 -5.56 -4.42
N ARG A 9 -7.81 -5.79 -5.08
CA ARG A 9 -6.93 -4.71 -5.56
C ARG A 9 -6.37 -3.86 -4.41
N PRO A 10 -5.19 -3.25 -4.62
CA PRO A 10 -4.60 -2.34 -3.65
C PRO A 10 -5.29 -0.99 -3.64
N ARG A 11 -5.38 -0.39 -2.47
CA ARG A 11 -6.04 0.90 -2.30
C ARG A 11 -5.04 2.02 -2.57
N LEU A 12 -5.41 2.97 -3.40
CA LEU A 12 -4.54 4.09 -3.71
C LEU A 12 -4.92 5.32 -2.91
N CYS A 13 -4.04 5.71 -2.01
CA CYS A 13 -4.24 6.89 -1.19
C CYS A 13 -3.34 8.01 -1.70
N THR A 14 -3.94 9.13 -2.07
CA THR A 14 -3.16 10.23 -2.62
C THR A 14 -3.34 11.47 -1.74
N MET A 15 -2.27 11.87 -1.09
CA MET A 15 -2.31 12.93 -0.10
C MET A 15 -1.16 13.90 -0.31
N LYS A 16 -1.36 15.13 0.10
CA LYS A 16 -0.32 16.16 0.01
C LYS A 16 -0.22 16.92 1.32
N LYS A 17 0.93 17.51 1.58
CA LYS A 17 1.21 18.20 2.83
C LYS A 17 0.18 19.30 3.11
N GLY A 18 -0.40 19.25 4.30
CA GLY A 18 -1.33 20.26 4.74
C GLY A 18 -0.92 20.85 6.07
N PRO A 19 -1.26 20.19 7.19
CA PRO A 19 -0.91 20.67 8.54
C PRO A 19 0.59 20.57 8.84
N SER A 20 1.02 19.42 9.35
CA SER A 20 2.44 19.19 9.60
C SER A 20 2.98 18.21 8.57
N GLY A 21 2.17 17.93 7.57
CA GLY A 21 2.52 16.94 6.58
C GLY A 21 1.28 16.33 5.96
N TYR A 22 1.24 15.02 5.88
CA TYR A 22 0.14 14.33 5.21
C TYR A 22 -0.88 13.86 6.25
N GLY A 23 -0.39 13.58 7.46
CA GLY A 23 -1.28 13.29 8.56
C GLY A 23 -1.21 11.85 9.04
N PHE A 24 -0.12 11.15 8.75
CA PHE A 24 0.02 9.77 9.19
C PHE A 24 1.36 9.54 9.87
N ASN A 25 1.39 8.59 10.78
CA ASN A 25 2.61 8.26 11.51
C ASN A 25 3.12 6.88 11.12
N LEU A 26 4.40 6.79 10.79
CA LEU A 26 5.02 5.54 10.42
C LEU A 26 5.82 4.98 11.59
N HIS A 27 5.49 3.76 11.99
CA HIS A 27 6.18 3.10 13.09
C HIS A 27 7.14 2.08 12.54
N SER A 28 8.28 1.95 13.19
CA SER A 28 9.28 0.98 12.76
C SER A 28 9.80 0.20 13.95
N ASP A 29 10.01 -1.09 13.73
CA ASP A 29 10.44 -1.99 14.79
C ASP A 29 11.81 -2.54 14.47
N LYS A 30 12.38 -3.28 15.42
CA LYS A 30 13.69 -3.89 15.25
C LYS A 30 13.75 -4.66 13.93
N SER A 31 12.79 -5.54 13.73
CA SER A 31 12.68 -6.28 12.49
C SER A 31 11.22 -6.47 12.13
N LYS A 32 10.59 -5.39 11.72
CA LYS A 32 9.18 -5.41 11.32
C LYS A 32 8.98 -6.30 10.09
N PRO A 33 7.83 -6.97 10.02
CA PRO A 33 7.49 -7.87 8.92
C PRO A 33 7.08 -7.11 7.66
N GLY A 34 6.79 -5.82 7.84
CA GLY A 34 6.40 -4.97 6.75
C GLY A 34 6.19 -3.55 7.23
N GLN A 35 5.99 -2.62 6.31
CA GLN A 35 5.72 -1.25 6.69
C GLN A 35 4.23 -1.05 6.87
N PHE A 36 3.88 -0.32 7.91
CA PHE A 36 2.48 -0.17 8.30
C PHE A 36 2.20 1.26 8.76
N ILE A 37 0.95 1.67 8.65
CA ILE A 37 0.52 2.95 9.16
C ILE A 37 0.17 2.82 10.64
N ARG A 38 0.92 3.52 11.47
CA ARG A 38 0.78 3.41 12.92
C ARG A 38 -0.44 4.17 13.40
N SER A 39 -0.55 5.43 12.99
CA SER A 39 -1.62 6.29 13.45
C SER A 39 -2.00 7.29 12.37
N VAL A 40 -3.26 7.72 12.38
CA VAL A 40 -3.74 8.72 11.43
C VAL A 40 -4.53 9.79 12.18
N ASP A 41 -4.37 11.03 11.76
CA ASP A 41 -5.05 12.14 12.42
C ASP A 41 -6.46 12.29 11.88
N PRO A 42 -7.45 12.38 12.78
CA PRO A 42 -8.88 12.49 12.42
C PRO A 42 -9.16 13.64 11.47
N ASP A 43 -8.27 14.62 11.47
CA ASP A 43 -8.39 15.76 10.59
C ASP A 43 -7.13 15.87 9.74
N SER A 44 -6.95 14.91 8.84
CA SER A 44 -5.77 14.86 7.99
C SER A 44 -6.13 14.49 6.56
N PRO A 45 -5.36 15.01 5.60
CA PRO A 45 -5.50 14.65 4.18
C PRO A 45 -5.26 13.15 3.94
N ALA A 46 -4.37 12.56 4.75
CA ALA A 46 -4.12 11.13 4.68
C ALA A 46 -5.40 10.35 4.92
N GLU A 47 -6.10 10.68 6.00
CA GLU A 47 -7.32 9.98 6.36
C GLU A 47 -8.37 10.10 5.28
N ALA A 48 -8.53 11.33 4.79
CA ALA A 48 -9.53 11.64 3.79
C ALA A 48 -9.23 11.00 2.44
N SER A 49 -7.97 10.66 2.19
CA SER A 49 -7.59 10.03 0.93
C SER A 49 -7.80 8.51 0.99
N GLY A 50 -8.25 8.03 2.15
CA GLY A 50 -8.53 6.62 2.31
C GLY A 50 -7.43 5.87 3.03
N LEU A 51 -6.56 6.61 3.70
CA LEU A 51 -5.46 6.01 4.43
C LEU A 51 -5.87 5.77 5.87
N ARG A 52 -5.84 4.51 6.29
CA ARG A 52 -6.24 4.15 7.64
C ARG A 52 -5.06 3.55 8.40
N ALA A 53 -5.29 3.25 9.65
CA ALA A 53 -4.27 2.65 10.49
C ALA A 53 -4.23 1.15 10.26
N GLN A 54 -3.06 0.57 10.51
CA GLN A 54 -2.85 -0.89 10.43
C GLN A 54 -2.80 -1.38 8.99
N ASP A 55 -2.96 -0.46 8.03
CA ASP A 55 -2.78 -0.80 6.62
C ASP A 55 -1.28 -0.95 6.33
N ARG A 56 -0.94 -1.90 5.47
CA ARG A 56 0.45 -2.09 5.07
C ARG A 56 0.67 -1.50 3.69
N ILE A 57 1.87 -1.00 3.46
CA ILE A 57 2.21 -0.30 2.23
C ILE A 57 3.07 -1.18 1.32
N VAL A 58 2.64 -1.32 0.06
CA VAL A 58 3.41 -2.09 -0.91
C VAL A 58 4.22 -1.15 -1.81
N GLU A 59 3.63 -0.01 -2.15
CA GLU A 59 4.33 1.04 -2.88
C GLU A 59 3.97 2.39 -2.27
N VAL A 60 4.95 3.27 -2.16
CA VAL A 60 4.67 4.64 -1.79
C VAL A 60 5.41 5.60 -2.70
N ASN A 61 4.63 6.42 -3.39
CA ASN A 61 5.14 7.50 -4.24
C ASN A 61 5.98 6.94 -5.39
N GLY A 62 5.60 5.78 -5.89
CA GLY A 62 6.26 5.22 -7.07
C GLY A 62 7.40 4.27 -6.71
N VAL A 63 7.71 4.18 -5.42
CA VAL A 63 8.78 3.31 -4.97
C VAL A 63 8.20 2.08 -4.28
N CYS A 64 8.88 0.96 -4.44
CA CYS A 64 8.41 -0.31 -3.92
C CYS A 64 8.93 -0.54 -2.50
N MET A 65 8.04 -0.97 -1.60
CA MET A 65 8.39 -1.15 -0.20
C MET A 65 8.69 -2.61 0.11
N GLU A 66 9.25 -3.32 -0.85
CA GLU A 66 9.55 -4.74 -0.71
C GLU A 66 10.69 -4.97 0.28
N GLY A 67 10.35 -5.16 1.55
CA GLY A 67 11.36 -5.40 2.57
C GLY A 67 12.13 -4.14 2.90
N LYS A 68 11.51 -2.99 2.68
CA LYS A 68 12.14 -1.71 2.90
C LYS A 68 12.17 -1.33 4.38
N GLN A 69 13.15 -0.52 4.74
CA GLN A 69 13.36 -0.09 6.12
C GLN A 69 12.72 1.29 6.34
N HIS A 70 12.97 1.84 7.53
CA HIS A 70 12.44 3.15 7.89
C HIS A 70 12.92 4.22 6.90
N GLY A 71 14.22 4.26 6.66
CA GLY A 71 14.79 5.25 5.77
C GLY A 71 14.26 5.13 4.34
N ASP A 72 14.00 3.91 3.91
CA ASP A 72 13.53 3.65 2.54
C ASP A 72 12.19 4.33 2.29
N VAL A 73 11.25 4.16 3.22
CA VAL A 73 9.91 4.70 3.03
C VAL A 73 9.92 6.23 3.11
N VAL A 74 10.75 6.78 3.99
CA VAL A 74 10.88 8.21 4.13
C VAL A 74 11.49 8.81 2.86
N SER A 75 12.45 8.10 2.30
CA SER A 75 13.09 8.50 1.06
C SER A 75 12.05 8.61 -0.05
N ALA A 76 11.22 7.58 -0.18
CA ALA A 76 10.21 7.53 -1.23
C ALA A 76 9.24 8.69 -1.12
N ILE A 77 8.76 8.93 0.09
CA ILE A 77 7.74 9.93 0.34
C ILE A 77 8.27 11.36 0.20
N ARG A 78 9.40 11.65 0.81
CA ARG A 78 9.95 13.00 0.80
C ARG A 78 10.46 13.40 -0.58
N ALA A 79 10.99 12.44 -1.33
CA ALA A 79 11.51 12.71 -2.66
C ALA A 79 10.39 12.99 -3.65
N GLY A 80 9.17 12.64 -3.25
CA GLY A 80 8.01 12.87 -4.10
C GLY A 80 7.66 14.34 -4.23
N GLY A 81 8.10 15.13 -3.25
CA GLY A 81 7.85 16.56 -3.29
C GLY A 81 7.06 17.03 -2.09
N ASP A 82 5.77 17.26 -2.29
CA ASP A 82 4.90 17.76 -1.24
C ASP A 82 3.64 16.94 -1.23
N GLU A 83 3.70 15.88 -2.00
CA GLU A 83 2.60 14.98 -2.21
C GLU A 83 3.11 13.55 -2.17
N THR A 84 2.27 12.61 -1.82
CA THR A 84 2.67 11.22 -1.78
C THR A 84 1.50 10.29 -2.06
N LYS A 85 1.80 9.20 -2.76
CA LYS A 85 0.78 8.22 -3.15
C LYS A 85 1.06 6.89 -2.44
N LEU A 86 0.15 6.46 -1.59
CA LEU A 86 0.37 5.26 -0.78
C LEU A 86 -0.53 4.13 -1.24
N LEU A 87 0.08 2.99 -1.56
CA LEU A 87 -0.66 1.78 -1.88
C LEU A 87 -0.73 0.87 -0.68
N VAL A 88 -1.94 0.58 -0.25
CA VAL A 88 -2.16 -0.33 0.86
C VAL A 88 -3.06 -1.49 0.45
N VAL A 89 -2.81 -2.65 1.03
CA VAL A 89 -3.58 -3.84 0.71
C VAL A 89 -4.13 -4.51 1.97
N ASP A 90 -5.29 -5.12 1.83
CA ASP A 90 -5.88 -5.92 2.90
C ASP A 90 -5.27 -7.32 2.88
N ARG A 91 -5.40 -8.09 3.96
CA ARG A 91 -4.73 -9.38 4.05
C ARG A 91 -5.14 -10.31 2.90
N GLU A 92 -6.43 -10.32 2.55
CA GLU A 92 -6.92 -11.15 1.46
C GLU A 92 -6.35 -10.67 0.13
N THR A 93 -6.25 -9.35 -0.01
CA THR A 93 -5.70 -8.73 -1.20
C THR A 93 -4.22 -9.12 -1.37
N ASP A 94 -3.47 -9.00 -0.28
CA ASP A 94 -2.04 -9.27 -0.32
C ASP A 94 -1.75 -10.71 -0.70
N GLU A 95 -2.44 -11.64 -0.04
CA GLU A 95 -2.23 -13.06 -0.30
C GLU A 95 -2.65 -13.43 -1.71
N PHE A 96 -3.69 -12.76 -2.21
CA PHE A 96 -4.18 -13.02 -3.56
C PHE A 96 -3.10 -12.69 -4.60
N PHE A 97 -2.47 -11.53 -4.46
CA PHE A 97 -1.37 -11.16 -5.33
C PHE A 97 -0.11 -11.99 -5.06
N LYS A 98 0.12 -12.31 -3.79
CA LYS A 98 1.37 -12.97 -3.38
C LYS A 98 1.44 -14.41 -3.91
N LYS A 99 0.29 -15.03 -4.15
CA LYS A 99 0.27 -16.41 -4.67
C LYS A 99 0.94 -16.49 -6.03
N CYS A 100 1.02 -15.35 -6.73
CA CYS A 100 1.66 -15.31 -8.03
C CYS A 100 2.94 -14.47 -7.96
N ARG A 101 3.20 -13.92 -6.77
CA ARG A 101 4.38 -13.08 -6.53
C ARG A 101 4.43 -11.90 -7.50
N VAL A 102 3.26 -11.46 -7.93
CA VAL A 102 3.17 -10.44 -8.97
C VAL A 102 3.22 -9.03 -8.38
N ILE A 103 3.08 -8.96 -7.06
CA ILE A 103 3.09 -7.69 -6.31
C ILE A 103 1.92 -6.78 -6.71
N PRO A 104 1.14 -6.31 -5.72
CA PRO A 104 -0.01 -5.45 -5.98
C PRO A 104 0.40 -4.01 -6.25
N SER A 105 1.16 -3.81 -7.31
CA SER A 105 1.62 -2.49 -7.71
C SER A 105 0.47 -1.64 -8.28
N GLN A 106 0.74 -0.37 -8.57
CA GLN A 106 -0.27 0.57 -9.07
C GLN A 106 -0.93 0.05 -10.34
N GLU A 107 -0.20 -0.78 -11.08
CA GLU A 107 -0.67 -1.32 -12.35
C GLU A 107 -1.91 -2.18 -12.17
N HIS A 108 -2.07 -2.77 -10.99
CA HIS A 108 -3.11 -3.76 -10.77
C HIS A 108 -4.43 -3.15 -10.29
N LEU A 109 -4.38 -1.94 -9.74
CA LEU A 109 -5.60 -1.31 -9.27
C LEU A 109 -6.43 -0.79 -10.45
N ASN A 110 -5.76 -0.42 -11.53
CA ASN A 110 -6.44 0.02 -12.75
C ASN A 110 -6.39 -1.07 -13.81
N GLY A 111 -5.64 -2.12 -13.56
CA GLY A 111 -5.44 -3.16 -14.55
C GLY A 111 -5.98 -4.51 -14.11
N PRO A 112 -5.44 -5.59 -14.70
CA PRO A 112 -5.91 -6.95 -14.44
C PRO A 112 -5.34 -7.56 -13.15
N LEU A 113 -6.02 -8.59 -12.66
CA LEU A 113 -5.59 -9.31 -11.46
C LEU A 113 -5.18 -10.73 -11.82
N PRO A 114 -4.20 -11.29 -11.10
CA PRO A 114 -3.69 -12.63 -11.35
C PRO A 114 -4.68 -13.73 -11.00
N VAL A 115 -5.01 -14.53 -11.99
CA VAL A 115 -5.98 -15.63 -11.85
C VAL A 115 -5.61 -16.58 -10.71
N PRO A 116 -6.62 -17.11 -10.00
CA PRO A 116 -6.44 -18.13 -8.98
C PRO A 116 -6.25 -19.52 -9.60
N PHE A 117 -5.04 -20.00 -9.57
CA PHE A 117 -4.71 -21.30 -10.15
C PHE A 117 -4.67 -22.37 -9.05
N THR A 118 -5.37 -22.09 -7.96
CA THR A 118 -5.36 -22.96 -6.81
C THR A 118 -6.43 -24.06 -6.96
N ASN A 119 -6.17 -25.01 -7.84
CA ASN A 119 -7.07 -26.14 -8.03
C ASN A 119 -6.93 -27.13 -6.89
N GLY A 120 -5.74 -27.20 -6.33
CA GLY A 120 -5.49 -28.03 -5.18
C GLY A 120 -5.49 -27.24 -3.90
N GLU A 121 -6.66 -26.72 -3.54
CA GLU A 121 -6.82 -25.92 -2.33
C GLU A 121 -6.38 -26.70 -1.10
N ILE A 122 -5.67 -26.03 -0.20
CA ILE A 122 -5.19 -26.66 1.02
C ILE A 122 -6.26 -26.56 2.09
N GLN A 123 -7.15 -27.53 2.11
CA GLN A 123 -8.22 -27.58 3.10
C GLN A 123 -7.81 -28.47 4.27
N LYS A 124 -8.35 -28.18 5.44
CA LYS A 124 -8.04 -28.98 6.62
C LYS A 124 -9.24 -29.84 6.98
N GLU A 125 -9.18 -31.09 6.58
CA GLU A 125 -10.28 -32.02 6.79
C GLU A 125 -10.38 -32.41 8.28
N ASN A 126 -11.59 -32.28 8.82
CA ASN A 126 -11.86 -32.57 10.23
C ASN A 126 -11.07 -31.63 11.13
N SER A 127 -11.26 -30.34 10.89
CA SER A 127 -10.61 -29.30 11.67
C SER A 127 -11.48 -28.05 11.72
N ARG A 128 -12.04 -27.77 12.88
CA ARG A 128 -12.85 -26.57 13.06
C ARG A 128 -12.15 -25.60 14.00
N GLN B 1 11.49 9.24 17.61
CA GLN B 1 10.73 7.98 17.63
C GLN B 1 9.67 7.99 16.55
N ASP B 2 9.76 7.02 15.64
CA ASP B 2 8.86 6.92 14.49
C ASP B 2 9.00 8.15 13.61
N THR B 3 8.08 8.31 12.68
CA THR B 3 8.04 9.49 11.86
C THR B 3 6.62 9.82 11.45
N ARG B 4 6.15 10.97 11.88
CA ARG B 4 4.82 11.44 11.54
C ARG B 4 4.90 12.39 10.36
N LEU B 5 4.33 11.96 9.25
CA LEU B 5 4.35 12.72 8.02
C LEU B 5 2.97 13.32 7.80
N GLY A 1 -27.17 -5.49 -7.06
CA GLY A 1 -26.03 -5.27 -6.15
C GLY A 1 -24.71 -5.35 -6.88
N ILE A 2 -23.95 -4.26 -6.87
CA ILE A 2 -22.62 -4.26 -7.46
C ILE A 2 -21.61 -4.77 -6.45
N ASP A 3 -20.59 -5.46 -6.93
CA ASP A 3 -19.56 -6.00 -6.06
C ASP A 3 -18.24 -5.29 -6.28
N PRO A 4 -17.90 -4.33 -5.43
CA PRO A 4 -16.63 -3.60 -5.52
C PRO A 4 -15.43 -4.48 -5.17
N PHE A 5 -15.71 -5.62 -4.55
CA PHE A 5 -14.66 -6.52 -4.12
C PHE A 5 -14.53 -7.72 -5.05
N THR A 6 -15.05 -7.58 -6.27
CA THR A 6 -14.91 -8.62 -7.27
C THR A 6 -13.51 -8.55 -7.88
N MET A 7 -12.87 -7.40 -7.71
CA MET A 7 -11.52 -7.19 -8.21
C MET A 7 -10.59 -6.95 -7.03
N LEU A 8 -9.60 -7.81 -6.87
CA LEU A 8 -8.62 -7.64 -5.81
C LEU A 8 -7.53 -6.67 -6.27
N ARG A 9 -7.91 -5.42 -6.39
CA ARG A 9 -6.99 -4.37 -6.79
C ARG A 9 -6.51 -3.62 -5.55
N PRO A 10 -5.22 -3.28 -5.49
CA PRO A 10 -4.65 -2.56 -4.36
C PRO A 10 -5.15 -1.12 -4.30
N ARG A 11 -5.26 -0.58 -3.10
CA ARG A 11 -5.87 0.72 -2.92
C ARG A 11 -4.81 1.80 -2.78
N LEU A 12 -5.06 2.94 -3.44
CA LEU A 12 -4.16 4.07 -3.34
C LEU A 12 -4.69 5.10 -2.37
N CYS A 13 -3.85 5.49 -1.44
CA CYS A 13 -4.16 6.56 -0.51
C CYS A 13 -3.24 7.73 -0.80
N THR A 14 -3.80 8.80 -1.36
CA THR A 14 -3.00 9.93 -1.78
C THR A 14 -3.32 11.15 -0.92
N MET A 15 -2.31 11.65 -0.22
CA MET A 15 -2.51 12.78 0.66
C MET A 15 -1.44 13.84 0.43
N LYS A 16 -1.79 15.09 0.70
CA LYS A 16 -0.92 16.22 0.51
C LYS A 16 -0.49 16.78 1.86
N LYS A 17 0.64 17.47 1.92
CA LYS A 17 1.14 17.99 3.18
C LYS A 17 0.39 19.26 3.55
N GLY A 18 -0.22 19.24 4.72
CA GLY A 18 -0.96 20.39 5.21
C GLY A 18 -0.10 21.32 6.04
N PRO A 19 -0.12 21.18 7.37
CA PRO A 19 0.71 21.99 8.25
C PRO A 19 2.20 21.69 8.06
N SER A 20 2.62 20.50 8.48
CA SER A 20 4.00 20.07 8.31
C SER A 20 4.02 18.57 8.15
N GLY A 21 3.03 18.05 7.42
CA GLY A 21 2.87 16.62 7.31
C GLY A 21 1.66 16.26 6.48
N TYR A 22 1.43 14.97 6.32
CA TYR A 22 0.40 14.48 5.42
C TYR A 22 -0.78 13.91 6.21
N GLY A 23 -0.55 13.58 7.47
CA GLY A 23 -1.66 13.21 8.34
C GLY A 23 -1.56 11.80 8.89
N PHE A 24 -0.44 11.11 8.68
CA PHE A 24 -0.28 9.75 9.18
C PHE A 24 1.03 9.59 9.94
N ASN A 25 1.28 8.40 10.47
CA ASN A 25 2.48 8.15 11.24
C ASN A 25 3.03 6.77 10.93
N LEU A 26 4.32 6.69 10.63
CA LEU A 26 4.98 5.43 10.35
C LEU A 26 5.74 4.96 11.57
N HIS A 27 5.39 3.78 12.07
CA HIS A 27 6.03 3.21 13.23
C HIS A 27 6.83 1.99 12.81
N SER A 28 7.98 1.79 13.42
CA SER A 28 8.83 0.67 13.08
C SER A 28 9.09 -0.19 14.31
N ASP A 29 9.49 -1.44 14.09
CA ASP A 29 9.79 -2.35 15.19
C ASP A 29 11.00 -3.20 14.83
N LYS A 30 11.57 -3.84 15.84
CA LYS A 30 12.77 -4.66 15.68
C LYS A 30 12.61 -5.67 14.55
N SER A 31 11.58 -6.50 14.64
CA SER A 31 11.37 -7.59 13.71
C SER A 31 10.31 -7.24 12.67
N LYS A 32 10.26 -5.97 12.29
CA LYS A 32 9.31 -5.52 11.28
C LYS A 32 10.05 -5.07 10.02
N PRO A 33 10.10 -5.94 9.00
CA PRO A 33 10.72 -5.63 7.72
C PRO A 33 9.78 -4.84 6.80
N GLY A 34 8.59 -4.60 7.30
CA GLY A 34 7.60 -3.86 6.57
C GLY A 34 7.11 -2.66 7.35
N GLN A 35 6.86 -1.57 6.65
CA GLN A 35 6.34 -0.36 7.29
C GLN A 35 4.83 -0.40 7.36
N PHE A 36 4.29 0.10 8.45
CA PHE A 36 2.86 0.04 8.70
C PHE A 36 2.38 1.37 9.27
N ILE A 37 1.17 1.77 8.88
CA ILE A 37 0.59 3.01 9.37
C ILE A 37 0.20 2.84 10.84
N ARG A 38 0.76 3.68 11.70
CA ARG A 38 0.48 3.60 13.12
C ARG A 38 -0.81 4.34 13.47
N SER A 39 -1.04 5.47 12.83
CA SER A 39 -2.21 6.28 13.16
C SER A 39 -2.52 7.27 12.05
N VAL A 40 -3.80 7.62 11.92
CA VAL A 40 -4.25 8.66 11.01
C VAL A 40 -5.06 9.68 11.79
N ASP A 41 -4.93 10.95 11.43
CA ASP A 41 -5.60 12.01 12.16
C ASP A 41 -6.98 12.23 11.57
N PRO A 42 -8.02 12.28 12.43
CA PRO A 42 -9.42 12.48 12.02
C PRO A 42 -9.62 13.62 11.04
N ASP A 43 -8.73 14.60 11.10
CA ASP A 43 -8.77 15.71 10.16
C ASP A 43 -7.45 15.79 9.40
N SER A 44 -7.29 14.91 8.42
CA SER A 44 -6.08 14.86 7.62
C SER A 44 -6.42 14.41 6.21
N PRO A 45 -5.59 14.79 5.23
CA PRO A 45 -5.76 14.31 3.86
C PRO A 45 -5.54 12.81 3.75
N ALA A 46 -4.80 12.23 4.69
CA ALA A 46 -4.67 10.78 4.78
C ALA A 46 -6.01 10.16 5.16
N GLU A 47 -6.67 10.80 6.10
CA GLU A 47 -8.01 10.41 6.52
C GLU A 47 -9.02 10.66 5.38
N ALA A 48 -8.83 11.76 4.67
CA ALA A 48 -9.71 12.12 3.56
C ALA A 48 -9.52 11.19 2.36
N SER A 49 -8.31 10.69 2.17
CA SER A 49 -8.01 9.82 1.04
C SER A 49 -8.46 8.39 1.32
N GLY A 50 -8.64 8.07 2.60
CA GLY A 50 -9.12 6.76 2.97
C GLY A 50 -8.01 5.86 3.46
N LEU A 51 -7.04 6.44 4.16
CA LEU A 51 -5.96 5.65 4.75
C LEU A 51 -6.33 5.23 6.17
N ARG A 52 -5.89 4.05 6.57
CA ARG A 52 -6.15 3.56 7.91
C ARG A 52 -4.86 3.09 8.57
N ALA A 53 -4.96 2.78 9.85
CA ALA A 53 -3.83 2.28 10.60
C ALA A 53 -3.75 0.77 10.47
N GLN A 54 -2.53 0.24 10.64
CA GLN A 54 -2.25 -1.19 10.49
C GLN A 54 -2.23 -1.60 9.02
N ASP A 55 -2.41 -0.61 8.13
CA ASP A 55 -2.25 -0.83 6.70
C ASP A 55 -0.79 -0.94 6.34
N ARG A 56 -0.51 -1.75 5.33
CA ARG A 56 0.86 -2.00 4.92
C ARG A 56 1.15 -1.28 3.61
N ILE A 57 2.38 -0.80 3.46
CA ILE A 57 2.78 -0.06 2.28
C ILE A 57 3.55 -0.97 1.32
N VAL A 58 3.00 -1.17 0.13
CA VAL A 58 3.65 -1.98 -0.89
C VAL A 58 4.53 -1.09 -1.77
N GLU A 59 4.00 0.07 -2.10
CA GLU A 59 4.74 1.07 -2.87
C GLU A 59 4.30 2.46 -2.42
N VAL A 60 5.23 3.39 -2.32
CA VAL A 60 4.86 4.75 -2.03
C VAL A 60 5.54 5.72 -3.00
N ASN A 61 4.70 6.53 -3.66
CA ASN A 61 5.16 7.48 -4.69
C ASN A 61 5.84 6.78 -5.86
N GLY A 62 5.41 5.57 -6.15
CA GLY A 62 5.94 4.84 -7.27
C GLY A 62 7.21 4.08 -6.91
N VAL A 63 7.65 4.26 -5.67
CA VAL A 63 8.85 3.59 -5.19
C VAL A 63 8.44 2.27 -4.57
N CYS A 64 9.18 1.23 -4.90
CA CYS A 64 8.81 -0.12 -4.52
C CYS A 64 9.30 -0.44 -3.12
N MET A 65 8.43 -0.97 -2.29
CA MET A 65 8.80 -1.34 -0.94
C MET A 65 9.08 -2.82 -0.85
N GLU A 66 10.18 -3.23 -1.48
CA GLU A 66 10.63 -4.61 -1.43
C GLU A 66 11.55 -4.81 -0.24
N GLY A 67 12.79 -4.35 -0.39
CA GLY A 67 13.72 -4.36 0.72
C GLY A 67 13.71 -3.03 1.42
N LYS A 68 12.51 -2.50 1.61
CA LYS A 68 12.32 -1.18 2.20
C LYS A 68 12.92 -1.08 3.59
N GLN A 69 13.51 0.06 3.84
CA GLN A 69 14.09 0.39 5.13
C GLN A 69 13.38 1.62 5.68
N HIS A 70 13.67 2.01 6.91
CA HIS A 70 13.01 3.17 7.49
C HIS A 70 13.34 4.42 6.67
N GLY A 71 14.61 4.60 6.34
CA GLY A 71 15.02 5.74 5.56
C GLY A 71 14.51 5.70 4.14
N ASP A 72 14.39 4.50 3.59
CA ASP A 72 14.00 4.32 2.20
C ASP A 72 12.55 4.75 1.99
N VAL A 73 11.67 4.31 2.88
CA VAL A 73 10.26 4.65 2.78
C VAL A 73 10.03 6.14 2.98
N VAL A 74 10.80 6.74 3.89
CA VAL A 74 10.74 8.18 4.12
C VAL A 74 11.24 8.93 2.89
N SER A 75 12.33 8.45 2.30
CA SER A 75 12.88 9.05 1.10
C SER A 75 11.86 9.00 -0.05
N ALA A 76 11.17 7.88 -0.18
CA ALA A 76 10.15 7.73 -1.21
C ALA A 76 9.06 8.79 -1.05
N ILE A 77 8.62 9.00 0.18
CA ILE A 77 7.58 10.00 0.46
C ILE A 77 8.12 11.42 0.33
N ARG A 78 9.28 11.67 0.90
CA ARG A 78 9.90 12.99 0.88
C ARG A 78 10.14 13.45 -0.57
N ALA A 79 10.46 12.50 -1.44
CA ALA A 79 10.67 12.79 -2.85
C ALA A 79 9.39 13.30 -3.52
N GLY A 80 8.25 13.04 -2.89
CA GLY A 80 6.99 13.52 -3.41
C GLY A 80 6.76 14.99 -3.08
N GLY A 81 7.49 15.47 -2.08
CA GLY A 81 7.42 16.87 -1.73
C GLY A 81 6.14 17.23 -0.99
N ASP A 82 5.11 17.55 -1.74
CA ASP A 82 3.84 17.99 -1.16
C ASP A 82 2.83 16.86 -1.13
N GLU A 83 3.06 15.84 -1.94
CA GLU A 83 2.13 14.74 -2.07
C GLU A 83 2.82 13.42 -1.90
N THR A 84 2.09 12.47 -1.35
CA THR A 84 2.57 11.12 -1.26
C THR A 84 1.46 10.14 -1.59
N LYS A 85 1.78 9.19 -2.44
CA LYS A 85 0.82 8.17 -2.88
C LYS A 85 1.17 6.84 -2.24
N LEU A 86 0.30 6.35 -1.39
CA LEU A 86 0.57 5.13 -0.66
C LEU A 86 -0.26 3.98 -1.21
N LEU A 87 0.42 2.90 -1.53
CA LEU A 87 -0.23 1.72 -2.05
C LEU A 87 -0.43 0.72 -0.92
N VAL A 88 -1.68 0.41 -0.64
CA VAL A 88 -2.02 -0.50 0.44
C VAL A 88 -2.89 -1.63 -0.08
N VAL A 89 -2.82 -2.77 0.59
CA VAL A 89 -3.61 -3.92 0.20
C VAL A 89 -4.34 -4.49 1.40
N ASP A 90 -5.62 -4.78 1.22
CA ASP A 90 -6.41 -5.42 2.26
C ASP A 90 -5.96 -6.86 2.44
N ARG A 91 -6.24 -7.43 3.61
CA ARG A 91 -5.81 -8.80 3.90
C ARG A 91 -6.24 -9.78 2.81
N GLU A 92 -7.45 -9.63 2.31
CA GLU A 92 -7.98 -10.51 1.27
C GLU A 92 -7.30 -10.25 -0.07
N THR A 93 -6.93 -8.99 -0.30
CA THR A 93 -6.25 -8.60 -1.53
C THR A 93 -4.84 -9.20 -1.56
N ASP A 94 -4.15 -9.09 -0.44
CA ASP A 94 -2.81 -9.65 -0.28
C ASP A 94 -2.83 -11.15 -0.57
N GLU A 95 -3.85 -11.82 -0.06
CA GLU A 95 -4.02 -13.25 -0.25
C GLU A 95 -4.18 -13.61 -1.73
N PHE A 96 -4.81 -12.75 -2.51
CA PHE A 96 -5.01 -13.02 -3.92
C PHE A 96 -3.69 -12.95 -4.69
N PHE A 97 -2.92 -11.89 -4.43
CA PHE A 97 -1.66 -11.68 -5.15
C PHE A 97 -0.64 -12.76 -4.82
N LYS A 98 -0.64 -13.21 -3.57
CA LYS A 98 0.30 -14.24 -3.13
C LYS A 98 0.06 -15.55 -3.88
N LYS A 99 -1.18 -15.76 -4.33
CA LYS A 99 -1.55 -16.97 -5.06
C LYS A 99 -0.76 -17.07 -6.37
N CYS A 100 -0.45 -15.92 -6.96
CA CYS A 100 0.30 -15.88 -8.20
C CYS A 100 1.75 -15.50 -7.93
N ARG A 101 2.07 -15.35 -6.64
CA ARG A 101 3.42 -14.99 -6.20
C ARG A 101 3.89 -13.69 -6.83
N VAL A 102 2.96 -12.77 -7.00
CA VAL A 102 3.23 -11.49 -7.63
C VAL A 102 2.98 -10.36 -6.65
N ILE A 103 3.82 -9.35 -6.72
CA ILE A 103 3.72 -8.19 -5.84
C ILE A 103 2.55 -7.31 -6.25
N PRO A 104 1.67 -6.98 -5.30
CA PRO A 104 0.52 -6.09 -5.55
C PRO A 104 0.94 -4.64 -5.82
N SER A 105 1.74 -4.45 -6.85
CA SER A 105 2.20 -3.12 -7.23
C SER A 105 1.06 -2.27 -7.80
N GLN A 106 1.28 -0.96 -7.77
CA GLN A 106 0.31 0.04 -8.16
C GLN A 106 -0.12 -0.11 -9.62
N GLU A 107 0.72 -0.75 -10.43
CA GLU A 107 0.43 -0.94 -11.84
C GLU A 107 -0.80 -1.81 -12.02
N HIS A 108 -1.07 -2.67 -11.05
CA HIS A 108 -2.16 -3.64 -11.15
C HIS A 108 -3.52 -3.00 -10.92
N LEU A 109 -3.56 -1.94 -10.12
CA LEU A 109 -4.84 -1.31 -9.81
C LEU A 109 -5.36 -0.53 -11.01
N ASN A 110 -4.45 0.07 -11.76
CA ASN A 110 -4.82 0.88 -12.91
C ASN A 110 -4.86 0.03 -14.17
N GLY A 111 -3.90 -0.89 -14.27
CA GLY A 111 -3.81 -1.72 -15.45
C GLY A 111 -4.42 -3.09 -15.25
N PRO A 112 -3.70 -4.16 -15.58
CA PRO A 112 -4.19 -5.52 -15.53
C PRO A 112 -3.92 -6.21 -14.19
N LEU A 113 -4.74 -7.21 -13.90
CA LEU A 113 -4.57 -8.03 -12.71
C LEU A 113 -4.02 -9.40 -13.11
N PRO A 114 -3.59 -10.22 -12.13
CA PRO A 114 -3.13 -11.58 -12.41
C PRO A 114 -4.17 -12.39 -13.18
N VAL A 115 -3.74 -12.89 -14.33
CA VAL A 115 -4.59 -13.72 -15.20
C VAL A 115 -5.23 -14.86 -14.41
N PRO A 116 -6.56 -15.04 -14.57
CA PRO A 116 -7.28 -16.12 -13.92
C PRO A 116 -6.74 -17.49 -14.32
N PHE A 117 -6.04 -18.13 -13.40
CA PHE A 117 -5.42 -19.41 -13.68
C PHE A 117 -6.39 -20.57 -13.47
N THR A 118 -7.62 -20.37 -13.90
CA THR A 118 -8.64 -21.39 -13.82
C THR A 118 -9.09 -21.78 -15.22
N ASN A 119 -8.15 -22.33 -15.99
CA ASN A 119 -8.41 -22.69 -17.37
C ASN A 119 -8.65 -24.19 -17.49
N GLY A 120 -8.27 -24.91 -16.44
CA GLY A 120 -8.54 -26.33 -16.37
C GLY A 120 -10.01 -26.61 -16.11
N GLU A 121 -10.82 -26.41 -17.14
CA GLU A 121 -12.26 -26.56 -17.05
C GLU A 121 -12.62 -28.00 -16.70
N ILE A 122 -13.68 -28.15 -15.92
CA ILE A 122 -14.10 -29.47 -15.46
C ILE A 122 -15.00 -30.12 -16.51
N GLN A 123 -14.40 -30.44 -17.63
CA GLN A 123 -15.11 -31.09 -18.72
C GLN A 123 -14.51 -32.44 -19.00
N LYS A 124 -15.27 -33.49 -18.70
CA LYS A 124 -14.85 -34.84 -18.98
C LYS A 124 -14.84 -35.07 -20.49
N GLU A 125 -13.72 -35.53 -21.01
CA GLU A 125 -13.60 -35.78 -22.43
C GLU A 125 -12.78 -37.05 -22.65
N ASN A 126 -12.92 -37.66 -23.82
CA ASN A 126 -12.26 -38.93 -24.08
C ASN A 126 -11.72 -38.98 -25.50
N SER A 127 -10.93 -40.01 -25.78
CA SER A 127 -10.35 -40.23 -27.10
C SER A 127 -9.40 -39.10 -27.48
N ARG A 128 -8.19 -39.17 -26.94
CA ARG A 128 -7.13 -38.20 -27.25
C ARG A 128 -7.54 -36.78 -26.85
N GLN B 1 13.77 7.38 15.22
CA GLN B 1 13.11 6.13 15.64
C GLN B 1 11.89 5.87 14.76
N ASP B 2 10.86 6.70 14.92
CA ASP B 2 9.68 6.62 14.09
C ASP B 2 9.61 7.84 13.19
N THR B 3 8.55 7.96 12.42
CA THR B 3 8.37 9.13 11.58
C THR B 3 6.89 9.38 11.35
N ARG B 4 6.40 10.52 11.80
CA ARG B 4 5.03 10.89 11.52
C ARG B 4 4.98 11.89 10.38
N LEU B 5 4.21 11.54 9.38
CA LEU B 5 4.09 12.33 8.18
C LEU B 5 2.63 12.74 8.00
N GLY A 1 -24.76 -12.16 0.96
CA GLY A 1 -23.84 -13.31 0.86
C GLY A 1 -22.92 -13.20 -0.33
N ILE A 2 -22.29 -12.04 -0.48
CA ILE A 2 -21.38 -11.80 -1.59
C ILE A 2 -19.96 -11.56 -1.07
N ASP A 3 -19.01 -11.48 -1.99
CA ASP A 3 -17.64 -11.13 -1.64
C ASP A 3 -17.39 -9.67 -1.96
N PRO A 4 -17.44 -8.78 -0.95
CA PRO A 4 -17.15 -7.36 -1.15
C PRO A 4 -15.70 -7.14 -1.54
N PHE A 5 -14.89 -8.12 -1.20
CA PHE A 5 -13.47 -8.11 -1.52
C PHE A 5 -13.16 -9.19 -2.56
N THR A 6 -14.09 -9.41 -3.48
CA THR A 6 -13.87 -10.37 -4.57
C THR A 6 -12.83 -9.82 -5.55
N MET A 7 -12.74 -8.49 -5.61
CA MET A 7 -11.73 -7.84 -6.42
C MET A 7 -10.62 -7.32 -5.52
N LEU A 8 -9.59 -8.14 -5.35
CA LEU A 8 -8.47 -7.79 -4.50
C LEU A 8 -7.58 -6.77 -5.19
N ARG A 9 -8.01 -5.52 -5.16
CA ARG A 9 -7.29 -4.44 -5.78
C ARG A 9 -6.79 -3.46 -4.72
N PRO A 10 -5.46 -3.29 -4.61
CA PRO A 10 -4.84 -2.43 -3.59
C PRO A 10 -5.39 -1.00 -3.61
N ARG A 11 -5.53 -0.42 -2.43
CA ARG A 11 -6.07 0.91 -2.32
C ARG A 11 -4.97 1.95 -2.49
N LEU A 12 -5.21 2.94 -3.33
CA LEU A 12 -4.26 4.02 -3.53
C LEU A 12 -4.69 5.23 -2.72
N CYS A 13 -3.92 5.54 -1.71
CA CYS A 13 -4.19 6.69 -0.86
C CYS A 13 -3.18 7.78 -1.16
N THR A 14 -3.64 8.90 -1.67
CA THR A 14 -2.76 9.99 -2.02
C THR A 14 -3.06 11.21 -1.16
N MET A 15 -2.10 11.56 -0.31
CA MET A 15 -2.29 12.67 0.61
C MET A 15 -1.21 13.72 0.39
N LYS A 16 -1.56 14.97 0.64
CA LYS A 16 -0.67 16.08 0.38
C LYS A 16 -0.33 16.81 1.68
N LYS A 17 0.81 17.48 1.70
CA LYS A 17 1.26 18.22 2.87
C LYS A 17 0.31 19.38 3.18
N GLY A 18 -0.37 19.27 4.30
CA GLY A 18 -1.27 20.31 4.73
C GLY A 18 -0.69 21.15 5.85
N PRO A 19 -1.04 20.87 7.10
CA PRO A 19 -0.56 21.61 8.27
C PRO A 19 0.95 21.48 8.46
N SER A 20 1.39 20.29 8.82
CA SER A 20 2.81 20.03 9.05
C SER A 20 3.26 18.78 8.29
N GLY A 21 2.37 18.24 7.47
CA GLY A 21 2.66 17.02 6.75
C GLY A 21 1.44 16.40 6.11
N TYR A 22 1.43 15.08 6.03
CA TYR A 22 0.39 14.36 5.31
C TYR A 22 -0.71 13.89 6.26
N GLY A 23 -0.35 13.70 7.51
CA GLY A 23 -1.35 13.43 8.51
C GLY A 23 -1.36 11.99 9.01
N PHE A 24 -0.29 11.24 8.78
CA PHE A 24 -0.22 9.88 9.26
C PHE A 24 1.10 9.63 9.99
N ASN A 25 1.12 8.61 10.83
CA ASN A 25 2.28 8.29 11.63
C ASN A 25 2.75 6.88 11.33
N LEU A 26 4.01 6.71 10.97
CA LEU A 26 4.55 5.38 10.70
C LEU A 26 5.24 4.84 11.95
N HIS A 27 4.83 3.66 12.38
CA HIS A 27 5.46 3.00 13.53
C HIS A 27 6.25 1.80 13.04
N SER A 28 7.42 1.61 13.60
CA SER A 28 8.27 0.49 13.25
C SER A 28 8.94 -0.08 14.49
N ASP A 29 9.06 -1.39 14.53
CA ASP A 29 9.77 -2.04 15.62
C ASP A 29 11.06 -2.65 15.09
N LYS A 30 11.94 -3.07 15.97
CA LYS A 30 13.18 -3.69 15.54
C LYS A 30 12.87 -5.04 14.89
N SER A 31 11.78 -5.66 15.33
CA SER A 31 11.36 -6.94 14.77
C SER A 31 10.40 -6.76 13.60
N LYS A 32 9.97 -5.52 13.37
CA LYS A 32 8.99 -5.22 12.33
C LYS A 32 9.56 -4.20 11.33
N PRO A 33 10.28 -4.67 10.30
CA PRO A 33 10.85 -3.82 9.26
C PRO A 33 9.80 -3.38 8.23
N GLY A 34 8.72 -4.14 8.14
CA GLY A 34 7.63 -3.79 7.26
C GLY A 34 6.79 -2.66 7.82
N GLN A 35 6.77 -1.53 7.12
CA GLN A 35 6.12 -0.33 7.64
C GLN A 35 4.61 -0.50 7.72
N PHE A 36 4.03 0.02 8.78
CA PHE A 36 2.60 -0.01 8.99
C PHE A 36 2.12 1.32 9.57
N ILE A 37 0.92 1.72 9.20
CA ILE A 37 0.36 2.99 9.66
C ILE A 37 -0.04 2.88 11.12
N ARG A 38 0.60 3.69 11.95
CA ARG A 38 0.34 3.70 13.39
C ARG A 38 -1.00 4.35 13.68
N SER A 39 -1.19 5.56 13.14
CA SER A 39 -2.40 6.31 13.37
C SER A 39 -2.62 7.30 12.23
N VAL A 40 -3.88 7.63 11.98
CA VAL A 40 -4.23 8.65 11.01
C VAL A 40 -5.04 9.73 11.73
N ASP A 41 -4.78 10.98 11.39
CA ASP A 41 -5.40 12.09 12.09
C ASP A 41 -6.80 12.29 11.54
N PRO A 42 -7.79 12.42 12.45
CA PRO A 42 -9.20 12.62 12.11
C PRO A 42 -9.42 13.71 11.07
N ASP A 43 -8.54 14.71 11.10
CA ASP A 43 -8.57 15.77 10.12
C ASP A 43 -7.24 15.83 9.38
N SER A 44 -7.06 14.91 8.46
CA SER A 44 -5.83 14.83 7.67
C SER A 44 -6.16 14.45 6.24
N PRO A 45 -5.34 14.91 5.29
CA PRO A 45 -5.45 14.50 3.89
C PRO A 45 -5.27 13.01 3.71
N ALA A 46 -4.48 12.40 4.61
CA ALA A 46 -4.34 10.96 4.63
C ALA A 46 -5.67 10.30 4.93
N GLU A 47 -6.33 10.79 5.96
CA GLU A 47 -7.66 10.31 6.34
C GLU A 47 -8.65 10.58 5.22
N ALA A 48 -8.53 11.76 4.60
CA ALA A 48 -9.39 12.14 3.49
C ALA A 48 -9.21 11.23 2.28
N SER A 49 -7.98 10.74 2.07
CA SER A 49 -7.69 9.86 0.94
C SER A 49 -8.08 8.43 1.25
N GLY A 50 -8.53 8.17 2.48
CA GLY A 50 -9.00 6.86 2.84
C GLY A 50 -7.89 5.95 3.33
N LEU A 51 -6.86 6.53 3.93
CA LEU A 51 -5.78 5.76 4.50
C LEU A 51 -6.20 5.23 5.87
N ARG A 52 -5.80 4.01 6.20
CA ARG A 52 -6.22 3.40 7.44
C ARG A 52 -5.02 2.88 8.22
N ALA A 53 -5.14 2.91 9.54
CA ALA A 53 -4.09 2.46 10.43
C ALA A 53 -4.05 0.93 10.50
N GLN A 54 -2.88 0.41 10.85
CA GLN A 54 -2.62 -1.03 10.95
C GLN A 54 -2.49 -1.69 9.57
N ASP A 55 -2.70 -0.90 8.52
CA ASP A 55 -2.48 -1.39 7.17
C ASP A 55 -1.02 -1.18 6.77
N ARG A 56 -0.53 -2.01 5.87
CA ARG A 56 0.88 -1.98 5.49
C ARG A 56 1.04 -1.56 4.04
N ILE A 57 2.11 -0.82 3.81
CA ILE A 57 2.40 -0.23 2.51
C ILE A 57 3.26 -1.18 1.66
N VAL A 58 2.89 -1.32 0.40
CA VAL A 58 3.65 -2.15 -0.54
C VAL A 58 4.48 -1.29 -1.50
N GLU A 59 3.91 -0.15 -1.90
CA GLU A 59 4.61 0.81 -2.75
C GLU A 59 4.31 2.20 -2.26
N VAL A 60 5.29 3.09 -2.27
CA VAL A 60 5.01 4.48 -1.97
C VAL A 60 5.70 5.42 -2.96
N ASN A 61 4.89 6.31 -3.54
CA ASN A 61 5.35 7.30 -4.53
C ASN A 61 6.00 6.66 -5.74
N GLY A 62 5.54 5.48 -6.10
CA GLY A 62 6.05 4.82 -7.30
C GLY A 62 7.48 4.35 -7.13
N VAL A 63 7.89 4.18 -5.90
CA VAL A 63 9.23 3.73 -5.60
C VAL A 63 9.18 2.27 -5.17
N CYS A 64 10.22 1.53 -5.51
CA CYS A 64 10.30 0.13 -5.18
C CYS A 64 10.49 -0.02 -3.68
N MET A 65 9.59 -0.75 -3.06
CA MET A 65 9.54 -0.81 -1.61
C MET A 65 9.56 -2.25 -1.11
N GLU A 66 9.75 -3.17 -2.05
CA GLU A 66 9.75 -4.60 -1.75
C GLU A 66 10.98 -5.00 -0.94
N GLY A 67 10.93 -4.77 0.37
CA GLY A 67 12.03 -5.13 1.23
C GLY A 67 12.88 -3.94 1.61
N LYS A 68 12.28 -2.75 1.55
CA LYS A 68 12.99 -1.53 1.88
C LYS A 68 12.94 -1.25 3.38
N GLN A 69 13.93 -0.52 3.87
CA GLN A 69 14.01 -0.17 5.28
C GLN A 69 13.29 1.13 5.55
N HIS A 70 13.21 1.53 6.81
CA HIS A 70 12.45 2.72 7.20
C HIS A 70 12.95 3.97 6.49
N GLY A 71 14.26 4.11 6.41
CA GLY A 71 14.84 5.27 5.75
C GLY A 71 14.46 5.37 4.30
N ASP A 72 14.39 4.23 3.63
CA ASP A 72 14.10 4.18 2.20
C ASP A 72 12.65 4.62 1.94
N VAL A 73 11.73 4.12 2.76
CA VAL A 73 10.32 4.45 2.59
C VAL A 73 10.07 5.94 2.83
N VAL A 74 10.75 6.52 3.83
CA VAL A 74 10.62 7.93 4.13
C VAL A 74 11.21 8.76 2.99
N SER A 75 12.33 8.30 2.46
CA SER A 75 12.98 8.97 1.34
C SER A 75 12.05 9.00 0.13
N ALA A 76 11.36 7.89 -0.12
CA ALA A 76 10.42 7.80 -1.22
C ALA A 76 9.28 8.81 -1.04
N ILE A 77 8.81 8.94 0.18
CA ILE A 77 7.71 9.84 0.50
C ILE A 77 8.12 11.30 0.40
N ARG A 78 9.25 11.65 0.99
CA ARG A 78 9.73 13.02 1.00
C ARG A 78 10.20 13.45 -0.40
N ALA A 79 10.75 12.52 -1.16
CA ALA A 79 11.21 12.82 -2.53
C ALA A 79 10.04 13.23 -3.42
N GLY A 80 8.85 12.72 -3.11
CA GLY A 80 7.66 13.04 -3.89
C GLY A 80 7.40 14.53 -3.94
N GLY A 81 7.68 15.21 -2.84
CA GLY A 81 7.51 16.64 -2.80
C GLY A 81 6.51 17.06 -1.76
N ASP A 82 5.33 17.45 -2.22
CA ASP A 82 4.27 17.91 -1.32
C ASP A 82 3.14 16.90 -1.31
N GLU A 83 3.41 15.74 -1.90
CA GLU A 83 2.42 14.69 -2.05
C GLU A 83 3.08 13.34 -1.83
N THR A 84 2.26 12.34 -1.58
CA THR A 84 2.76 10.98 -1.49
C THR A 84 1.65 10.00 -1.82
N LYS A 85 1.99 8.99 -2.60
CA LYS A 85 1.05 7.94 -2.99
C LYS A 85 1.34 6.67 -2.22
N LEU A 86 0.41 6.28 -1.37
CA LEU A 86 0.60 5.10 -0.53
C LEU A 86 -0.30 3.96 -0.98
N LEU A 87 0.31 2.81 -1.22
CA LEU A 87 -0.43 1.61 -1.56
C LEU A 87 -0.50 0.67 -0.38
N VAL A 88 -1.70 0.39 0.07
CA VAL A 88 -1.90 -0.57 1.14
C VAL A 88 -2.72 -1.75 0.64
N VAL A 89 -2.44 -2.91 1.19
CA VAL A 89 -3.13 -4.13 0.82
C VAL A 89 -3.62 -4.85 2.06
N ASP A 90 -4.82 -5.39 1.98
CA ASP A 90 -5.38 -6.17 3.06
C ASP A 90 -4.87 -7.60 2.96
N ARG A 91 -5.02 -8.38 4.03
CA ARG A 91 -4.54 -9.77 4.04
C ARG A 91 -5.09 -10.51 2.83
N GLU A 92 -6.39 -10.33 2.64
CA GLU A 92 -7.13 -10.99 1.56
C GLU A 92 -6.53 -10.62 0.20
N THR A 93 -6.08 -9.38 0.09
CA THR A 93 -5.52 -8.87 -1.16
C THR A 93 -4.12 -9.40 -1.39
N ASP A 94 -3.28 -9.31 -0.37
CA ASP A 94 -1.88 -9.70 -0.46
C ASP A 94 -1.75 -11.19 -0.78
N GLU A 95 -2.49 -11.99 -0.04
CA GLU A 95 -2.45 -13.44 -0.19
C GLU A 95 -3.02 -13.88 -1.53
N PHE A 96 -4.02 -13.15 -2.03
CA PHE A 96 -4.60 -13.44 -3.34
C PHE A 96 -3.56 -13.25 -4.46
N PHE A 97 -2.76 -12.19 -4.35
CA PHE A 97 -1.74 -11.89 -5.34
C PHE A 97 -0.67 -12.97 -5.36
N LYS A 98 -0.39 -13.53 -4.19
CA LYS A 98 0.56 -14.62 -4.05
C LYS A 98 0.12 -15.81 -4.91
N LYS A 99 -1.18 -16.03 -5.00
CA LYS A 99 -1.72 -17.10 -5.83
C LYS A 99 -1.39 -16.87 -7.30
N CYS A 100 -1.23 -15.61 -7.66
CA CYS A 100 -0.93 -15.23 -9.04
C CYS A 100 0.57 -15.03 -9.23
N ARG A 101 1.31 -15.21 -8.14
CA ARG A 101 2.77 -15.09 -8.12
C ARG A 101 3.23 -13.72 -8.61
N VAL A 102 2.50 -12.68 -8.21
CA VAL A 102 2.82 -11.33 -8.62
C VAL A 102 2.50 -10.36 -7.49
N ILE A 103 3.23 -9.25 -7.47
CA ILE A 103 3.11 -8.26 -6.41
C ILE A 103 2.09 -7.18 -6.77
N PRO A 104 1.20 -6.84 -5.84
CA PRO A 104 0.23 -5.76 -6.05
C PRO A 104 0.91 -4.41 -6.21
N SER A 105 0.48 -3.66 -7.22
CA SER A 105 1.15 -2.42 -7.58
C SER A 105 0.18 -1.43 -8.21
N GLN A 106 0.64 -0.19 -8.41
CA GLN A 106 -0.19 0.87 -9.00
C GLN A 106 -0.75 0.44 -10.35
N GLU A 107 0.06 -0.28 -11.10
CA GLU A 107 -0.31 -0.69 -12.45
C GLU A 107 -1.53 -1.60 -12.43
N HIS A 108 -1.71 -2.33 -11.34
CA HIS A 108 -2.80 -3.28 -11.21
C HIS A 108 -4.11 -2.58 -10.85
N LEU A 109 -4.01 -1.56 -10.01
CA LEU A 109 -5.20 -0.85 -9.56
C LEU A 109 -5.73 0.06 -10.67
N ASN A 110 -4.82 0.58 -11.48
CA ASN A 110 -5.22 1.40 -12.62
C ASN A 110 -5.80 0.54 -13.72
N GLY A 111 -5.07 -0.52 -14.08
CA GLY A 111 -5.48 -1.37 -15.17
C GLY A 111 -6.21 -2.61 -14.71
N PRO A 112 -5.85 -3.78 -15.24
CA PRO A 112 -6.51 -5.03 -14.92
C PRO A 112 -5.85 -5.79 -13.78
N LEU A 113 -6.63 -6.66 -13.14
CA LEU A 113 -6.10 -7.56 -12.13
C LEU A 113 -5.68 -8.87 -12.78
N PRO A 114 -4.68 -9.55 -12.20
CA PRO A 114 -4.16 -10.81 -12.74
C PRO A 114 -5.22 -11.91 -12.75
N VAL A 115 -4.99 -12.91 -13.60
CA VAL A 115 -5.90 -14.02 -13.73
C VAL A 115 -5.44 -15.20 -12.88
N PRO A 116 -6.29 -15.65 -11.95
CA PRO A 116 -6.00 -16.78 -11.08
C PRO A 116 -5.95 -18.09 -11.86
N PHE A 117 -4.87 -18.83 -11.70
CA PHE A 117 -4.72 -20.11 -12.38
C PHE A 117 -5.25 -21.23 -11.49
N THR A 118 -6.46 -21.04 -11.01
CA THR A 118 -7.12 -21.97 -10.10
C THR A 118 -6.28 -22.20 -8.83
N ASN A 119 -5.48 -23.27 -8.82
CA ASN A 119 -4.71 -23.68 -7.64
C ASN A 119 -5.62 -24.20 -6.54
N GLY A 120 -6.73 -23.51 -6.33
CA GLY A 120 -7.67 -23.89 -5.30
C GLY A 120 -8.51 -22.70 -4.88
N GLU A 121 -9.00 -22.74 -3.66
CA GLU A 121 -9.84 -21.68 -3.14
C GLU A 121 -8.95 -20.55 -2.64
N ILE A 122 -9.55 -19.44 -2.26
CA ILE A 122 -8.80 -18.34 -1.68
C ILE A 122 -8.60 -18.62 -0.21
N GLN A 123 -7.43 -19.16 0.11
CA GLN A 123 -7.09 -19.58 1.47
C GLN A 123 -7.37 -18.47 2.47
N LYS A 124 -8.37 -18.68 3.31
CA LYS A 124 -8.84 -17.67 4.23
C LYS A 124 -8.74 -18.18 5.66
N GLU A 125 -7.58 -18.71 6.01
CA GLU A 125 -7.34 -19.25 7.33
C GLU A 125 -7.11 -18.10 8.31
N ASN A 126 -8.19 -17.49 8.76
CA ASN A 126 -8.09 -16.30 9.60
C ASN A 126 -8.38 -16.65 11.05
N SER A 127 -8.21 -17.91 11.40
CA SER A 127 -8.42 -18.37 12.76
C SER A 127 -7.11 -18.30 13.54
N ARG A 128 -7.03 -17.36 14.47
CA ARG A 128 -5.87 -17.24 15.33
C ARG A 128 -5.93 -18.28 16.43
N GLN B 1 10.51 2.56 17.08
CA GLN B 1 10.96 3.66 16.18
C GLN B 1 9.78 4.19 15.39
N ASP B 2 9.62 5.50 15.33
CA ASP B 2 8.47 6.09 14.66
C ASP B 2 8.87 7.24 13.78
N THR B 3 7.94 7.61 12.89
CA THR B 3 8.07 8.80 12.08
C THR B 3 6.69 9.27 11.67
N ARG B 4 6.32 10.48 12.07
CA ARG B 4 5.03 11.02 11.68
C ARG B 4 5.21 11.98 10.52
N LEU B 5 4.37 11.80 9.51
CA LEU B 5 4.47 12.56 8.27
C LEU B 5 3.23 13.40 8.08
#